data_7LXZ
#
_entry.id   7LXZ
#
loop_
_entity.id
_entity.type
_entity.pdbx_description
1 polymer 'Spike glycoprotein'
2 polymer 'S2M11 Fab Light Chain variable region'
3 polymer 'S2M11 Fab Heavy Chain variable region'
4 polymer 'S2L28 Fab Heavy Chain variable region'
5 polymer 'S2L28 Fab Light Chain variable region'
6 branched beta-D-mannopyranose-(1-4)-2-acetamido-2-deoxy-beta-D-glucopyranose-(1-4)-[alpha-L-fucopyranose-(1-6)]2-acetamido-2-deoxy-beta-D-glucopyranose
7 branched 2-acetamido-2-deoxy-beta-D-glucopyranose-(1-4)-2-acetamido-2-deoxy-beta-D-glucopyranose
8 branched 2-acetamido-2-deoxy-beta-D-glucopyranose-(1-4)-[alpha-L-fucopyranose-(1-6)]2-acetamido-2-deoxy-beta-D-glucopyranose
9 non-polymer 2-acetamido-2-deoxy-beta-D-glucopyranose
#
loop_
_entity_poly.entity_id
_entity_poly.type
_entity_poly.pdbx_seq_one_letter_code
_entity_poly.pdbx_strand_id
1 'polypeptide(L)'
;MFVFLVLLPLVSSQCVNLTTRTQLPPAYTNSFTRGVYYPDKVFRSSVLHSTQDLFLPFFSNVTWFHAIHVSGTNGTKRFD
NPVLPFNDGVYFASTEKSNIIRGWIFGTTLDSKTQSLLIVNNATNVVIKVCEFQFCNDPFLGVYYHKNNKSWMESEFRVY
SSANNCTFEYVSQPFLMDLEGKQGNFKNLREFVFKNIDGYFKIYSKHTPINLVRDLPQGFSALEPLVDLPIGINITRFQT
LLALHRSYLTPGDSSSGWTAGAAAYYVGYLQPRTFLLKYNENGTITDAVDCALDPLSETKCTLKSFTVEKGIYQTSNFRV
QPTESIVRFPNITNLCPFGEVFNATRFASVYAWNRKRISNCVADYSVLYNSASFSTFKCYGVSPTKLNDLCFTNVYADSF
VIRGDEVRQIAPGQTGKIADYNYKLPDDFTGCVIAWNSNNLDSKVGGNYNYLYRLFRKSNLKPFERDISTEIYQAGSTPC
NGVEGFNCYFPLQSYGFQPTNGVGYQPYRVVVLSFELLHAPATVCGPKKSTNLVKNKCVNFNFNGLTGTGVLTESNKKFL
PFQQFGRDIADTTDAVRDPQTLEILDITPCSFGGVSVITPGTNTSNQVAVLYQDVNCTEVPVAIHADQLTPTWRVYSTGS
NVFQTRAGCLIGAEHVNNSYECDIPIGAGICASYQTQTNSPGSASSVASQSIIAYTMSLGAENSVAYSNNSIAIPTNFTI
SVTTEILPVSMTKTSVDCTMYICGDSTECSNLLLQYGSFCTQLNRALTGIAVEQDKNTQEVFAQVKQIYKTPPIKDFGGF
NFSQILPDPSKPSKRSPIEDLLFNKVTLADAGFIKQYGDCLGDIAARDLICAQKFNGLTVLPPLLTDEMIAQYTSALLAG
TITSGWTFGAGPALQIPFPMQMAYRFNGIGVTQNVLYENQKLIANQFNSAIGKIQDSLSSTPSALGKLQDVVNQNAQALN
TLVKQLSSNFGAISSVLNDILSRLDPPEAEVQIDRLITGRLQSLQTYVTQQLIRAAEIRASANLAATKMSECVLGQSKRV
DFCGKGYHLMSFPQSAPHGVVFLHVTYVPAQEKNFTTAPAICHDGKAHFPREGVFVSNGTHWFVTQRNFYEPQIITTDNT
FVSGNCDVVIGIVNNTVYDPLQPELDSFKEELDKYFKNHTSPDVDLGDISGINASVVNIQKEIDRLNEVAKNLNESLIDL
QELGKYEQGSGYIPEAPRDGQAYVRKDGEWVLLSTFLGRSLEVLFQGPGHHHHHHHHSAWSHPQFEKGGGSGGGGSGGSA
WSHPQFEK
;
A,B,K
2 'polypeptide(L)'
;IVMMQSPGTLSLSPGERATLSCRASQSVSSSYLAWYQQKPGQAPRLLIYGASSRATGIPDRFSGSGSGTDFTLTISRLEP
EDFAVYYCQQYGSSAWTFGQGTKV
;
D,C,L
3 'polypeptide(L)'
;VQLVQSGAEVKKPGASVKVSCKASGYTFTGYYMHWVRQAPGQGLEWMGWINPISSGTSYAQTFQGRVTMTSDTSITTAYM
ELSRLRSDDTAVYYCARAAPFYDFWSGYSYFDYWGQGTLVTV
;
E,F,M
4 'polypeptide(L)'
;EVQLVESGGGLVNPGGSLRLSCAASGFTFSDYTIHWVRQAPGKGLEWVSSISSSSNYIYYADSVKGRFTISRDNAKNSLS
LQMNSLRAEDTAVYYCARDGNAYKWLLAENVRFDYWGQGTLVTVSS
;
H,G,N
5 'polypeptide(L)'
;VTQPASVSGSPGQSITISCTGTSSDVGGYNYVSWYQQHPGKAPKLMIYDVSDRPSGVSNRFSGSKSGNTASLTISGLQAE
DEADYYCSSYTSSSTPNWVFGGGTKLT
;
J,I,O
#
loop_
_chem_comp.id
_chem_comp.type
_chem_comp.name
_chem_comp.formula
BMA D-saccharide, beta linking beta-D-mannopyranose 'C6 H12 O6'
FUC L-saccharide, alpha linking alpha-L-fucopyranose 'C6 H12 O5'
NAG D-saccharide, beta linking 2-acetamido-2-deoxy-beta-D-glucopyranose 'C8 H15 N O6'
#
# COMPACT_ATOMS: atom_id res chain seq x y z
N GLN A 14 9.33 -49.38 42.68
CA GLN A 14 9.18 -49.76 41.28
C GLN A 14 7.71 -49.69 40.83
N CYS A 15 7.48 -49.99 39.55
CA CYS A 15 6.12 -49.99 38.97
C CYS A 15 5.40 -51.29 39.27
N VAL A 16 4.13 -51.17 39.64
CA VAL A 16 3.29 -52.35 39.84
C VAL A 16 1.91 -52.14 39.21
N ASN A 17 1.42 -53.16 38.49
CA ASN A 17 0.08 -53.16 37.94
C ASN A 17 -0.95 -53.52 39.01
N LEU A 18 -1.99 -52.71 39.16
CA LEU A 18 -3.05 -52.96 40.14
C LEU A 18 -4.10 -53.91 39.56
N THR A 19 -4.68 -54.72 40.41
CA THR A 19 -5.74 -55.63 40.01
C THR A 19 -6.91 -55.58 40.97
N THR A 20 -7.89 -56.46 40.77
CA THR A 20 -9.12 -56.47 41.55
C THR A 20 -9.91 -55.19 41.37
N ARG A 21 -10.43 -54.97 40.16
CA ARG A 21 -11.26 -53.82 39.88
C ARG A 21 -12.49 -54.22 39.09
N THR A 22 -13.63 -53.63 39.42
CA THR A 22 -14.88 -53.95 38.77
C THR A 22 -14.94 -53.33 37.37
N GLN A 23 -15.30 -54.13 36.39
CA GLN A 23 -15.31 -53.67 35.01
C GLN A 23 -16.59 -52.95 34.64
N LEU A 24 -16.74 -51.75 35.17
CA LEU A 24 -17.90 -50.91 34.89
C LEU A 24 -17.65 -50.02 33.68
N PRO A 25 -18.71 -49.61 32.97
CA PRO A 25 -18.71 -48.61 31.93
C PRO A 25 -18.48 -47.23 32.51
N PRO A 26 -18.03 -46.27 31.68
CA PRO A 26 -17.80 -44.88 32.02
C PRO A 26 -19.11 -44.16 32.27
N ALA A 27 -19.07 -43.17 33.16
CA ALA A 27 -20.24 -42.35 33.42
C ALA A 27 -20.07 -41.01 32.72
N TYR A 28 -21.17 -40.28 32.54
CA TYR A 28 -21.09 -38.97 31.93
C TYR A 28 -21.92 -37.96 32.69
N THR A 29 -21.47 -36.71 32.69
CA THR A 29 -22.19 -35.63 33.34
C THR A 29 -22.32 -34.41 32.46
N ASN A 30 -23.15 -33.48 32.90
CA ASN A 30 -23.38 -32.21 32.23
C ASN A 30 -22.39 -31.16 32.74
N SER A 31 -21.68 -30.51 31.81
CA SER A 31 -20.69 -29.50 32.19
C SER A 31 -21.34 -28.21 32.68
N PHE A 32 -22.62 -28.08 32.41
CA PHE A 32 -23.36 -26.87 32.75
C PHE A 32 -22.62 -25.63 32.27
N THR A 33 -22.25 -24.75 33.19
CA THR A 33 -21.60 -23.50 32.84
C THR A 33 -20.20 -23.43 33.42
N ARG A 34 -19.61 -24.59 33.69
CA ARG A 34 -18.29 -24.68 34.29
C ARG A 34 -17.20 -24.60 33.22
N GLY A 35 -15.97 -24.30 33.63
CA GLY A 35 -14.83 -24.37 32.72
C GLY A 35 -14.45 -23.04 32.10
N VAL A 36 -15.03 -21.96 32.60
CA VAL A 36 -14.70 -20.62 32.13
C VAL A 36 -13.58 -20.04 32.97
N TYR A 37 -12.57 -19.49 32.31
CA TYR A 37 -11.42 -18.91 32.98
C TYR A 37 -11.17 -17.50 32.48
N TYR A 38 -10.19 -16.84 33.08
CA TYR A 38 -9.80 -15.50 32.63
C TYR A 38 -8.86 -15.61 31.44
N PRO A 39 -9.29 -15.16 30.26
CA PRO A 39 -8.63 -15.35 28.98
C PRO A 39 -7.29 -14.63 28.92
N ASP A 40 -7.12 -13.63 29.76
CA ASP A 40 -5.87 -12.89 29.81
C ASP A 40 -5.63 -12.29 31.19
N LYS A 41 -4.66 -11.40 31.28
CA LYS A 41 -4.25 -10.82 32.56
C LYS A 41 -4.59 -9.33 32.62
N VAL A 42 -5.64 -8.96 31.92
CA VAL A 42 -6.07 -7.55 31.87
C VAL A 42 -7.25 -7.31 32.79
N PHE A 43 -7.15 -6.29 33.62
CA PHE A 43 -8.24 -5.94 34.51
C PHE A 43 -9.34 -5.21 33.75
N ARG A 44 -10.56 -5.70 33.90
CA ARG A 44 -11.73 -5.09 33.31
C ARG A 44 -12.81 -5.03 34.37
N SER A 45 -13.69 -4.06 34.30
CA SER A 45 -14.77 -3.98 35.27
C SER A 45 -16.02 -3.37 34.67
N SER A 46 -17.17 -3.77 35.20
CA SER A 46 -18.45 -3.25 34.77
C SER A 46 -18.56 -3.22 33.25
N VAL A 47 -18.22 -4.33 32.62
CA VAL A 47 -18.20 -4.39 31.16
C VAL A 47 -18.47 -5.80 30.64
N LEU A 48 -19.10 -5.88 29.48
CA LEU A 48 -19.26 -7.15 28.80
C LEU A 48 -18.23 -7.26 27.69
N HIS A 49 -17.33 -8.24 27.82
CA HIS A 49 -16.24 -8.37 26.88
C HIS A 49 -16.36 -9.64 26.04
N SER A 50 -16.29 -9.48 24.74
CA SER A 50 -16.36 -10.61 23.82
C SER A 50 -14.97 -11.11 23.48
N THR A 51 -14.72 -12.39 23.72
CA THR A 51 -13.42 -12.98 23.48
C THR A 51 -13.51 -14.33 22.81
N GLN A 52 -12.53 -14.65 21.97
CA GLN A 52 -12.46 -15.97 21.35
C GLN A 52 -11.25 -16.72 21.88
N ASP A 53 -11.49 -17.88 22.48
CA ASP A 53 -10.44 -18.67 23.08
C ASP A 53 -10.90 -20.11 23.23
N LEU A 54 -10.03 -20.96 23.77
CA LEU A 54 -10.39 -22.35 23.99
C LEU A 54 -11.11 -22.51 25.32
N PHE A 55 -12.41 -22.70 25.25
CA PHE A 55 -13.27 -22.80 26.43
C PHE A 55 -14.01 -24.11 26.41
N LEU A 56 -14.45 -24.57 27.57
CA LEU A 56 -15.33 -25.72 27.62
C LEU A 56 -16.72 -25.26 27.22
N PRO A 57 -17.31 -25.82 26.15
CA PRO A 57 -18.63 -25.49 25.66
C PRO A 57 -19.64 -25.70 26.76
N PHE A 58 -20.66 -24.84 26.80
CA PHE A 58 -21.68 -24.98 27.83
C PHE A 58 -22.53 -26.20 27.57
N PHE A 59 -22.91 -26.86 28.66
CA PHE A 59 -23.74 -28.06 28.61
C PHE A 59 -23.15 -29.14 27.72
N SER A 60 -21.83 -29.30 27.80
CA SER A 60 -21.12 -30.33 27.04
C SER A 60 -21.15 -31.67 27.76
N ASN A 61 -20.80 -32.73 27.01
CA ASN A 61 -20.73 -34.10 27.54
C ASN A 61 -19.34 -34.36 28.15
N VAL A 62 -19.30 -34.49 29.47
CA VAL A 62 -18.05 -34.64 30.23
C VAL A 62 -17.91 -36.05 30.79
N THR A 63 -16.76 -36.66 30.54
CA THR A 63 -16.54 -38.03 31.00
C THR A 63 -16.28 -38.05 32.49
N TRP A 64 -16.99 -38.93 33.19
CA TRP A 64 -16.97 -39.00 34.64
C TRP A 64 -16.27 -40.26 35.14
N PHE A 65 -15.16 -40.06 35.86
CA PHE A 65 -14.33 -41.15 36.34
C PHE A 65 -14.47 -41.33 37.85
N HIS A 66 -14.43 -42.58 38.31
CA HIS A 66 -14.63 -42.87 39.72
C HIS A 66 -13.41 -43.49 40.38
N ALA A 67 -13.29 -43.28 41.69
CA ALA A 67 -12.31 -43.98 42.51
C ALA A 67 -12.92 -44.35 43.84
N ILE A 68 -13.88 -45.28 43.81
CA ILE A 68 -14.68 -45.62 44.98
C ILE A 68 -14.59 -47.11 45.32
N HIS A 69 -15.04 -47.48 46.51
CA HIS A 69 -15.07 -48.88 46.95
C HIS A 69 -16.15 -49.07 48.02
N LYS A 77 -15.64 -51.80 43.15
CA LYS A 77 -14.29 -51.33 43.43
C LYS A 77 -13.66 -50.74 42.17
N ARG A 78 -13.46 -49.42 42.17
CA ARG A 78 -12.93 -48.69 41.02
C ARG A 78 -11.73 -47.83 41.40
N PHE A 79 -10.85 -47.62 40.44
CA PHE A 79 -9.70 -46.75 40.59
C PHE A 79 -9.28 -46.28 39.22
N ASP A 80 -10.06 -45.35 38.67
CA ASP A 80 -9.94 -44.98 37.27
C ASP A 80 -8.81 -44.00 37.02
N ASN A 81 -7.79 -44.47 36.32
CA ASN A 81 -6.66 -43.64 35.96
C ASN A 81 -6.15 -43.97 34.54
N PRO A 82 -7.03 -43.96 33.54
CA PRO A 82 -6.76 -44.26 32.14
C PRO A 82 -5.98 -43.15 31.49
N VAL A 83 -5.36 -43.45 30.36
CA VAL A 83 -4.74 -42.40 29.57
C VAL A 83 -5.74 -41.83 28.59
N LEU A 84 -5.96 -40.54 28.71
CA LEU A 84 -6.94 -39.82 27.93
C LEU A 84 -6.22 -38.91 26.93
N PRO A 85 -6.84 -38.57 25.82
CA PRO A 85 -6.36 -37.61 24.85
C PRO A 85 -6.35 -36.22 25.46
N PHE A 86 -5.44 -35.38 24.99
CA PHE A 86 -5.37 -34.00 25.45
C PHE A 86 -6.07 -33.07 24.46
N ASN A 87 -6.09 -33.47 23.20
CA ASN A 87 -6.68 -32.70 22.13
C ASN A 87 -6.16 -31.27 22.09
N ASP A 88 -7.06 -30.29 22.15
CA ASP A 88 -6.65 -28.89 22.05
C ASP A 88 -6.55 -28.23 23.42
N GLY A 89 -6.72 -29.03 24.46
CA GLY A 89 -6.72 -28.52 25.82
C GLY A 89 -7.74 -29.26 26.66
N VAL A 90 -7.52 -29.29 27.96
CA VAL A 90 -8.34 -30.12 28.83
C VAL A 90 -8.97 -29.37 29.98
N TYR A 91 -10.26 -29.62 30.19
CA TYR A 91 -10.92 -29.18 31.39
C TYR A 91 -10.97 -30.33 32.38
N PHE A 92 -10.44 -30.10 33.56
CA PHE A 92 -10.40 -31.14 34.58
C PHE A 92 -11.06 -30.66 35.85
N ALA A 93 -11.88 -31.51 36.44
CA ALA A 93 -12.50 -31.14 37.71
C ALA A 93 -12.48 -32.32 38.65
N SER A 94 -12.28 -32.05 39.92
CA SER A 94 -12.29 -33.11 40.91
C SER A 94 -13.17 -32.78 42.10
N THR A 95 -13.90 -33.77 42.57
CA THR A 95 -14.72 -33.64 43.75
C THR A 95 -14.37 -34.71 44.75
N GLU A 96 -13.85 -34.27 45.91
CA GLU A 96 -13.36 -35.26 46.90
C GLU A 96 -13.13 -34.61 48.26
N LYS A 97 -12.92 -35.44 49.29
CA LYS A 97 -12.68 -34.96 50.64
C LYS A 97 -11.39 -35.52 51.25
N SER A 98 -10.75 -36.48 50.58
CA SER A 98 -9.58 -37.16 51.13
C SER A 98 -8.31 -36.98 50.31
N ASN A 99 -8.33 -36.04 49.37
CA ASN A 99 -7.15 -35.73 48.55
C ASN A 99 -6.56 -36.95 47.84
N ILE A 100 -7.42 -37.72 47.19
CA ILE A 100 -6.99 -38.86 46.38
C ILE A 100 -6.27 -38.40 45.12
N ILE A 101 -6.78 -37.33 44.51
CA ILE A 101 -6.19 -36.84 43.28
C ILE A 101 -5.00 -35.93 43.56
N ARG A 102 -3.84 -36.32 43.05
CA ARG A 102 -2.60 -35.62 43.38
C ARG A 102 -2.01 -34.85 42.21
N GLY A 103 -2.15 -35.39 41.01
CA GLY A 103 -1.46 -34.77 39.90
C GLY A 103 -1.77 -35.40 38.56
N TRP A 104 -1.01 -35.00 37.55
CA TRP A 104 -1.25 -35.44 36.18
C TRP A 104 0.05 -35.70 35.43
N ILE A 105 -0.03 -36.58 34.46
CA ILE A 105 1.05 -36.82 33.52
C ILE A 105 0.66 -36.36 32.14
N PHE A 106 1.50 -35.55 31.50
CA PHE A 106 1.21 -35.05 30.16
C PHE A 106 2.35 -35.40 29.19
N GLY A 107 2.00 -35.82 27.99
CA GLY A 107 3.00 -36.08 26.96
C GLY A 107 2.41 -36.79 25.75
N THR A 108 3.25 -37.47 24.99
CA THR A 108 2.80 -38.19 23.81
C THR A 108 2.85 -39.69 24.03
N THR A 109 4.04 -40.27 23.94
CA THR A 109 4.21 -41.71 24.13
C THR A 109 4.26 -42.05 25.63
N LEU A 110 4.44 -41.04 26.45
CA LEU A 110 4.44 -41.20 27.90
C LEU A 110 5.45 -42.25 28.35
N ASP A 111 6.63 -42.22 27.74
CA ASP A 111 7.72 -43.12 28.09
C ASP A 111 9.05 -42.42 27.89
N SER A 112 10.15 -43.14 28.10
CA SER A 112 11.48 -42.53 28.09
C SER A 112 11.98 -42.20 26.69
N LYS A 113 11.11 -42.31 25.69
CA LYS A 113 11.49 -41.96 24.33
C LYS A 113 11.19 -40.50 24.01
N THR A 114 10.51 -39.81 24.92
CA THR A 114 10.12 -38.42 24.67
C THR A 114 10.06 -37.60 25.94
N GLN A 115 10.17 -36.28 25.80
CA GLN A 115 10.01 -35.38 26.93
C GLN A 115 8.57 -35.36 27.40
N SER A 116 8.36 -35.56 28.69
CA SER A 116 7.01 -35.57 29.26
C SER A 116 6.94 -34.73 30.51
N LEU A 117 5.77 -34.17 30.78
CA LEU A 117 5.55 -33.31 31.92
C LEU A 117 4.84 -34.01 33.07
N LEU A 118 5.46 -33.99 34.24
CA LEU A 118 4.90 -34.60 35.43
C LEU A 118 4.58 -33.55 36.48
N ILE A 119 3.30 -33.44 36.84
CA ILE A 119 2.88 -32.51 37.88
C ILE A 119 2.26 -33.26 39.03
N VAL A 120 2.97 -33.34 40.16
CA VAL A 120 2.46 -34.09 41.29
C VAL A 120 2.47 -33.30 42.59
N ASN A 121 1.31 -33.26 43.24
CA ASN A 121 1.22 -32.69 44.57
C ASN A 121 1.34 -33.80 45.60
N ASN A 122 2.54 -33.99 46.16
CA ASN A 122 2.75 -35.04 47.16
C ASN A 122 2.57 -34.47 48.56
N ALA A 123 2.71 -35.31 49.59
CA ALA A 123 2.38 -34.94 50.96
C ALA A 123 3.13 -33.71 51.48
N THR A 124 4.28 -33.39 50.88
CA THR A 124 5.07 -32.27 51.39
C THR A 124 5.40 -31.19 50.37
N ASN A 125 5.44 -31.53 49.09
CA ASN A 125 5.83 -30.56 48.06
C ASN A 125 5.09 -30.79 46.75
N VAL A 126 4.84 -29.70 46.02
CA VAL A 126 4.33 -29.81 44.66
C VAL A 126 5.50 -29.81 43.68
N VAL A 127 5.58 -30.84 42.87
CA VAL A 127 6.72 -31.01 41.98
C VAL A 127 6.30 -30.98 40.51
N ILE A 128 6.93 -30.09 39.76
CA ILE A 128 6.71 -30.00 38.33
C ILE A 128 8.01 -30.27 37.57
N LYS A 129 8.04 -31.36 36.82
CA LYS A 129 9.26 -31.72 36.11
C LYS A 129 9.00 -32.13 34.67
N VAL A 130 9.93 -31.82 33.79
CA VAL A 130 9.87 -32.30 32.42
C VAL A 130 11.11 -33.11 32.11
N CYS A 131 10.93 -34.41 31.89
CA CYS A 131 12.01 -35.37 31.73
C CYS A 131 11.60 -36.49 30.78
N GLU A 132 12.55 -37.31 30.40
CA GLU A 132 12.22 -38.47 29.59
C GLU A 132 11.84 -39.61 30.53
N PHE A 133 10.70 -39.44 31.17
CA PHE A 133 10.22 -40.35 32.20
C PHE A 133 9.81 -41.68 31.61
N GLN A 134 10.20 -42.75 32.27
CA GLN A 134 9.67 -44.06 31.90
C GLN A 134 8.51 -44.38 32.81
N PHE A 135 7.34 -43.88 32.45
CA PHE A 135 6.19 -43.95 33.33
C PHE A 135 5.67 -45.38 33.45
N CYS A 136 5.08 -45.67 34.61
CA CYS A 136 4.47 -46.97 34.89
C CYS A 136 3.22 -47.15 34.02
N ASN A 137 2.90 -48.39 33.70
CA ASN A 137 1.66 -48.70 32.98
C ASN A 137 0.45 -48.35 33.82
N ASP A 138 0.64 -48.33 35.13
CA ASP A 138 -0.42 -48.04 36.08
C ASP A 138 0.14 -47.27 37.27
N PRO A 139 0.49 -46.00 37.07
CA PRO A 139 1.18 -45.13 38.00
C PRO A 139 0.27 -44.68 39.11
N PHE A 140 0.82 -44.53 40.31
CA PHE A 140 0.04 -44.03 41.43
C PHE A 140 0.91 -43.62 42.62
N LEU A 141 0.27 -42.95 43.56
CA LEU A 141 0.87 -42.65 44.85
C LEU A 141 0.13 -43.46 45.91
N GLY A 142 0.69 -43.57 47.11
CA GLY A 142 -0.01 -44.31 48.15
C GLY A 142 0.22 -43.78 49.56
N VAL A 143 -0.85 -43.87 50.35
CA VAL A 143 -0.83 -43.44 51.75
C VAL A 143 -1.16 -44.61 52.66
N TYR A 144 -0.32 -44.84 53.65
CA TYR A 144 -0.53 -45.96 54.56
C TYR A 144 -1.20 -45.48 55.84
N TYR A 145 -2.14 -46.26 56.34
CA TYR A 145 -2.77 -45.96 57.61
C TYR A 145 -2.20 -46.82 58.71
N HIS A 146 -1.72 -46.17 59.75
CA HIS A 146 -1.12 -46.87 60.86
C HIS A 146 -2.03 -46.84 62.08
N LYS A 147 -2.68 -47.98 62.34
CA LYS A 147 -3.65 -48.09 63.42
C LYS A 147 -2.99 -47.95 64.78
N ASN A 148 -1.66 -48.13 64.80
CA ASN A 148 -0.89 -48.04 66.04
C ASN A 148 -0.87 -46.63 66.62
N ASN A 149 -0.91 -45.62 65.75
CA ASN A 149 -0.90 -44.20 66.17
C ASN A 149 -2.00 -43.40 65.49
N LYS A 150 -2.90 -44.08 64.74
CA LYS A 150 -4.03 -43.46 64.04
C LYS A 150 -3.60 -42.33 63.11
N SER A 151 -2.52 -42.57 62.37
CA SER A 151 -1.99 -41.55 61.48
C SER A 151 -1.90 -42.03 60.03
N TRP A 152 -2.06 -41.09 59.11
CA TRP A 152 -1.94 -41.35 57.70
C TRP A 152 -0.66 -40.74 57.17
N MET A 153 0.13 -41.54 56.46
CA MET A 153 1.41 -41.06 55.94
C MET A 153 1.64 -41.52 54.52
N GLU A 154 2.30 -40.70 53.72
CA GLU A 154 2.60 -41.10 52.35
C GLU A 154 3.81 -42.02 52.32
N SER A 155 3.63 -43.20 51.74
CA SER A 155 4.69 -44.20 51.74
C SER A 155 5.08 -44.64 50.34
N GLU A 156 4.20 -44.43 49.38
CA GLU A 156 4.49 -44.91 48.02
C GLU A 156 4.54 -43.78 47.01
N PHE A 157 5.51 -43.89 46.12
CA PHE A 157 5.59 -43.06 44.93
C PHE A 157 5.99 -43.94 43.75
N ARG A 158 5.00 -44.42 43.03
CA ARG A 158 5.25 -45.38 41.96
C ARG A 158 4.72 -44.85 40.65
N VAL A 159 5.40 -43.84 40.12
CA VAL A 159 4.94 -43.12 38.95
C VAL A 159 5.78 -43.48 37.73
N TYR A 160 7.09 -43.61 37.94
CA TYR A 160 8.02 -43.90 36.87
C TYR A 160 9.19 -44.74 37.35
N SER A 161 9.83 -45.44 36.41
CA SER A 161 11.00 -46.25 36.70
C SER A 161 12.28 -45.42 36.63
N SER A 162 12.28 -44.41 35.78
CA SER A 162 13.43 -43.54 35.59
C SER A 162 13.02 -42.16 35.11
N ALA A 163 13.91 -41.17 35.30
CA ALA A 163 13.63 -39.81 34.89
C ALA A 163 14.89 -39.06 34.47
N ASN A 164 15.42 -39.42 33.31
CA ASN A 164 16.65 -38.80 32.84
C ASN A 164 16.36 -37.66 31.86
N ASN A 165 17.42 -36.95 31.44
CA ASN A 165 17.34 -35.89 30.43
C ASN A 165 16.29 -34.84 30.79
N CYS A 166 16.28 -34.39 32.05
CA CYS A 166 15.35 -33.36 32.52
C CYS A 166 15.70 -31.98 31.96
N THR A 167 14.68 -31.27 31.49
CA THR A 167 14.87 -29.93 30.93
C THR A 167 14.22 -28.85 31.81
N PHE A 168 13.27 -29.25 32.64
CA PHE A 168 12.57 -28.30 33.50
C PHE A 168 12.30 -28.89 34.87
N GLU A 169 12.53 -28.10 35.91
CA GLU A 169 12.21 -28.55 37.26
C GLU A 169 11.79 -27.41 38.17
N TYR A 170 10.70 -27.62 38.87
CA TYR A 170 10.23 -26.69 39.89
C TYR A 170 9.66 -27.43 41.10
N VAL A 171 10.02 -26.98 42.28
CA VAL A 171 9.45 -27.56 43.50
C VAL A 171 8.94 -26.43 44.40
N SER A 172 7.70 -26.59 44.87
CA SER A 172 7.07 -25.58 45.72
C SER A 172 7.59 -25.64 47.15
N GLN A 173 7.21 -24.64 47.93
CA GLN A 173 7.57 -24.59 49.35
C GLN A 173 6.93 -25.76 50.08
N PRO A 174 7.56 -26.24 51.15
CA PRO A 174 7.14 -27.37 51.96
C PRO A 174 5.83 -27.10 52.70
N PHE A 175 5.05 -28.17 52.86
CA PHE A 175 3.77 -28.15 53.55
C PHE A 175 3.46 -29.53 54.10
N LEU A 176 2.36 -29.67 54.82
CA LEU A 176 1.94 -30.97 55.29
C LEU A 176 0.49 -31.25 54.96
N MET A 177 0.25 -32.32 54.19
CA MET A 177 -1.12 -32.76 53.91
C MET A 177 -1.62 -33.62 55.06
N ASP A 178 -2.92 -33.56 55.31
CA ASP A 178 -3.52 -34.39 56.36
C ASP A 178 -3.56 -35.85 55.94
N LEU A 179 -3.84 -36.09 54.67
CA LEU A 179 -3.87 -37.44 54.09
C LEU A 179 -4.90 -38.33 54.76
N GLU A 180 -5.83 -37.74 55.51
CA GLU A 180 -6.82 -38.53 56.23
C GLU A 180 -7.80 -39.18 55.29
N GLY A 181 -8.12 -40.44 55.55
CA GLY A 181 -9.14 -41.14 54.80
C GLY A 181 -10.52 -40.74 55.31
N LYS A 182 -11.52 -40.84 54.44
CA LYS A 182 -12.89 -40.47 54.78
C LYS A 182 -13.86 -41.48 54.17
N PHE A 186 -18.70 -35.16 49.65
CA PHE A 186 -17.56 -34.46 49.01
C PHE A 186 -17.52 -33.02 49.52
N LYS A 187 -16.34 -32.51 49.87
CA LYS A 187 -16.26 -31.18 50.49
C LYS A 187 -15.53 -30.17 49.62
N ASN A 188 -14.56 -30.66 48.83
CA ASN A 188 -13.68 -29.77 48.09
C ASN A 188 -13.79 -29.99 46.58
N LEU A 189 -14.15 -28.92 45.87
CA LEU A 189 -14.19 -28.95 44.41
C LEU A 189 -13.00 -28.20 43.84
N ARG A 190 -12.19 -28.91 43.07
CA ARG A 190 -11.00 -28.30 42.48
C ARG A 190 -11.03 -28.39 40.97
N GLU A 191 -11.19 -27.25 40.32
CA GLU A 191 -11.29 -27.22 38.87
C GLU A 191 -10.01 -26.68 38.25
N PHE A 192 -9.60 -27.27 37.14
CA PHE A 192 -8.39 -26.88 36.44
C PHE A 192 -8.61 -26.79 34.92
N VAL A 193 -7.90 -25.89 34.28
CA VAL A 193 -7.85 -25.86 32.83
C VAL A 193 -6.42 -25.95 32.34
N PHE A 194 -6.17 -26.90 31.46
CA PHE A 194 -4.82 -27.13 30.94
C PHE A 194 -4.72 -26.79 29.46
N LYS A 195 -3.89 -25.80 29.15
CA LYS A 195 -3.68 -25.41 27.76
C LYS A 195 -2.21 -25.58 27.38
N ASN A 196 -1.97 -26.10 26.18
CA ASN A 196 -0.61 -26.23 25.68
C ASN A 196 -0.46 -25.37 24.44
N ILE A 197 0.04 -24.16 24.61
CA ILE A 197 -0.01 -23.18 23.53
C ILE A 197 1.08 -22.10 23.65
N ASP A 198 1.60 -21.67 22.50
CA ASP A 198 2.58 -20.59 22.43
C ASP A 198 3.81 -20.82 23.30
N GLY A 199 4.26 -22.06 23.40
CA GLY A 199 5.47 -22.38 24.13
C GLY A 199 5.24 -22.51 25.63
N TYR A 200 3.99 -22.34 26.07
CA TYR A 200 3.67 -22.42 27.49
C TYR A 200 2.66 -23.51 27.80
N PHE A 201 2.80 -24.11 28.98
CA PHE A 201 1.75 -24.95 29.52
C PHE A 201 1.01 -24.16 30.57
N LYS A 202 -0.19 -23.72 30.23
CA LYS A 202 -0.93 -22.79 31.08
C LYS A 202 -1.92 -23.52 31.95
N ILE A 203 -1.83 -23.28 33.25
CA ILE A 203 -2.73 -23.89 34.20
C ILE A 203 -3.61 -22.83 34.86
N TYR A 204 -4.91 -23.03 34.80
CA TYR A 204 -5.86 -22.20 35.51
C TYR A 204 -6.52 -23.04 36.57
N SER A 205 -6.89 -22.46 37.70
CA SER A 205 -7.53 -23.25 38.73
C SER A 205 -8.44 -22.46 39.65
N LYS A 206 -9.39 -23.15 40.26
CA LYS A 206 -10.25 -22.56 41.28
C LYS A 206 -10.63 -23.60 42.34
N HIS A 207 -10.55 -23.20 43.59
CA HIS A 207 -10.94 -24.06 44.71
C HIS A 207 -12.18 -23.51 45.41
N THR A 208 -13.27 -24.28 45.36
CA THR A 208 -14.52 -23.88 45.98
C THR A 208 -15.05 -25.03 46.84
N PRO A 209 -15.89 -24.74 47.83
CA PRO A 209 -16.64 -25.70 48.62
C PRO A 209 -17.73 -26.37 47.80
N ILE A 210 -18.00 -27.63 48.11
CA ILE A 210 -19.06 -28.39 47.44
C ILE A 210 -19.76 -29.31 48.42
N ASN A 211 -21.08 -29.46 48.25
CA ASN A 211 -21.85 -30.34 49.12
C ASN A 211 -22.58 -31.43 48.34
N LEU A 212 -22.07 -31.74 47.15
CA LEU A 212 -22.68 -32.74 46.29
C LEU A 212 -21.79 -33.98 46.18
N VAL A 213 -22.41 -35.13 46.03
CA VAL A 213 -21.67 -36.37 45.82
C VAL A 213 -22.10 -37.08 44.54
N ARG A 214 -22.85 -36.38 43.70
CA ARG A 214 -23.42 -37.00 42.51
C ARG A 214 -22.90 -36.40 41.20
N ASP A 215 -22.56 -35.12 41.21
CA ASP A 215 -22.14 -34.46 39.98
C ASP A 215 -21.53 -33.09 40.24
N LEU A 216 -21.13 -32.42 39.16
CA LEU A 216 -20.68 -31.04 39.24
C LEU A 216 -21.87 -30.15 39.57
N PRO A 217 -21.65 -29.10 40.38
CA PRO A 217 -22.64 -28.14 40.81
C PRO A 217 -23.09 -27.24 39.67
N GLN A 218 -24.30 -26.73 39.78
CA GLN A 218 -24.82 -25.79 38.81
C GLN A 218 -24.61 -24.37 39.29
N GLY A 219 -23.82 -23.62 38.54
CA GLY A 219 -23.47 -22.26 38.91
C GLY A 219 -22.24 -21.82 38.15
N PHE A 220 -21.92 -20.53 38.22
CA PHE A 220 -20.78 -20.01 37.48
C PHE A 220 -19.63 -19.63 38.40
N SER A 221 -18.43 -20.01 38.01
CA SER A 221 -17.22 -19.63 38.72
C SER A 221 -16.05 -19.55 37.74
N ALA A 222 -15.42 -18.38 37.69
CA ALA A 222 -14.30 -18.19 36.76
C ALA A 222 -13.00 -18.66 37.38
N LEU A 223 -12.19 -19.33 36.57
CA LEU A 223 -10.90 -19.85 37.02
C LEU A 223 -9.76 -18.89 36.73
N GLU A 224 -9.06 -18.50 37.77
CA GLU A 224 -7.91 -17.62 37.64
C GLU A 224 -6.69 -18.44 37.25
N PRO A 225 -5.74 -17.86 36.52
CA PRO A 225 -4.48 -18.46 36.14
C PRO A 225 -3.66 -18.79 37.37
N LEU A 226 -3.04 -19.96 37.35
CA LEU A 226 -2.21 -20.43 38.45
C LEU A 226 -0.74 -20.28 38.11
N VAL A 227 -0.36 -20.80 36.94
CA VAL A 227 1.01 -20.72 36.49
C VAL A 227 1.15 -20.91 34.99
N ASP A 228 2.02 -20.13 34.37
CA ASP A 228 2.37 -20.31 32.97
C ASP A 228 3.76 -20.92 32.88
N LEU A 229 3.83 -22.22 32.60
CA LEU A 229 5.10 -22.93 32.63
C LEU A 229 5.83 -22.82 31.29
N PRO A 230 7.05 -22.28 31.28
CA PRO A 230 7.89 -22.06 30.12
C PRO A 230 8.55 -23.35 29.68
N ILE A 231 7.73 -24.27 29.19
CA ILE A 231 8.21 -25.60 28.85
C ILE A 231 8.35 -25.81 27.34
N GLY A 232 7.23 -25.85 26.63
CA GLY A 232 7.27 -25.97 25.17
C GLY A 232 7.45 -27.42 24.69
N ILE A 233 6.60 -28.33 25.16
CA ILE A 233 6.67 -29.72 24.71
C ILE A 233 5.36 -30.16 24.06
N ASN A 234 5.43 -31.28 23.32
CA ASN A 234 4.31 -31.87 22.60
C ASN A 234 3.47 -32.74 23.54
N ILE A 235 2.21 -32.34 23.77
CA ILE A 235 1.27 -33.07 24.63
C ILE A 235 0.04 -33.49 23.84
N THR A 236 -0.21 -34.80 23.79
CA THR A 236 -1.35 -35.33 23.07
C THR A 236 -2.18 -36.25 23.94
N ARG A 237 -1.58 -36.72 25.02
CA ARG A 237 -2.23 -37.65 25.95
C ARG A 237 -1.88 -37.29 27.39
N PHE A 238 -2.76 -37.63 28.32
CA PHE A 238 -2.47 -37.40 29.73
C PHE A 238 -3.20 -38.40 30.61
N GLN A 239 -2.76 -38.53 31.85
CA GLN A 239 -3.49 -39.35 32.81
C GLN A 239 -3.46 -38.74 34.21
N THR A 240 -4.47 -39.07 35.00
CA THR A 240 -4.59 -38.54 36.35
C THR A 240 -3.97 -39.48 37.37
N LEU A 241 -3.15 -38.92 38.25
CA LEU A 241 -2.50 -39.69 39.31
C LEU A 241 -3.31 -39.66 40.58
N LEU A 242 -3.73 -40.84 41.02
CA LEU A 242 -4.54 -41.03 42.20
C LEU A 242 -3.73 -41.68 43.32
N ALA A 243 -4.11 -41.42 44.57
CA ALA A 243 -3.46 -42.05 45.69
C ALA A 243 -4.27 -43.24 46.21
N LEU A 244 -3.58 -44.34 46.49
CA LEU A 244 -4.18 -45.52 47.10
C LEU A 244 -4.15 -45.42 48.61
N HIS A 245 -5.10 -46.07 49.26
CA HIS A 245 -5.05 -46.21 50.70
C HIS A 245 -4.78 -47.66 51.09
N ARG A 246 -3.77 -47.87 51.92
CA ARG A 246 -3.46 -49.21 52.41
C ARG A 246 -3.52 -49.23 53.92
N SER A 247 -4.18 -50.24 54.46
CA SER A 247 -4.39 -50.37 55.88
C SER A 247 -4.47 -51.83 56.28
N TYR A 248 -4.68 -52.07 57.57
CA TYR A 248 -4.84 -53.42 58.08
C TYR A 248 -6.08 -54.09 57.47
N LEU A 249 -6.97 -53.27 56.93
CA LEU A 249 -8.20 -53.76 56.31
C LEU A 249 -8.02 -54.11 54.85
N THR A 250 -6.80 -53.93 54.34
CA THR A 250 -6.51 -54.22 52.94
C THR A 250 -5.32 -55.17 52.80
N PRO A 251 -5.51 -56.46 53.13
CA PRO A 251 -4.52 -57.51 53.06
C PRO A 251 -4.25 -57.87 51.61
N GLY A 252 -3.07 -58.41 51.36
CA GLY A 252 -2.69 -58.81 50.01
C GLY A 252 -1.31 -58.28 49.67
N ASP A 253 -1.02 -58.21 48.37
CA ASP A 253 0.26 -57.71 47.88
C ASP A 253 0.10 -56.32 47.28
N SER A 254 1.19 -55.78 46.75
CA SER A 254 1.16 -54.41 46.24
C SER A 254 0.19 -54.20 45.08
N SER A 255 -0.25 -55.30 44.46
CA SER A 255 -1.18 -55.21 43.35
C SER A 255 -2.65 -55.29 43.76
N SER A 256 -2.94 -55.91 44.91
CA SER A 256 -4.33 -56.15 45.29
C SER A 256 -4.68 -55.66 46.70
N GLY A 257 -3.68 -55.48 47.53
CA GLY A 257 -3.88 -55.10 48.92
C GLY A 257 -4.08 -53.60 49.08
N TRP A 258 -5.17 -53.09 48.51
CA TRP A 258 -5.45 -51.67 48.56
C TRP A 258 -6.93 -51.35 48.47
N THR A 259 -7.28 -50.15 48.92
CA THR A 259 -8.59 -49.57 48.73
C THR A 259 -8.43 -48.13 48.27
N ALA A 260 -9.54 -47.41 48.17
CA ALA A 260 -9.49 -46.02 47.78
C ALA A 260 -10.57 -45.23 48.51
N GLY A 261 -10.22 -44.01 48.91
CA GLY A 261 -11.21 -43.13 49.53
C GLY A 261 -12.13 -42.63 48.44
N ALA A 262 -13.41 -42.46 48.76
CA ALA A 262 -14.34 -42.02 47.75
C ALA A 262 -13.87 -40.73 47.11
N ALA A 263 -13.83 -40.72 45.78
CA ALA A 263 -13.41 -39.56 45.01
C ALA A 263 -13.87 -39.72 43.57
N ALA A 264 -13.97 -38.62 42.86
CA ALA A 264 -14.28 -38.67 41.44
C ALA A 264 -13.72 -37.46 40.70
N TYR A 265 -13.57 -37.60 39.39
CA TYR A 265 -13.13 -36.48 38.58
C TYR A 265 -13.76 -36.50 37.20
N TYR A 266 -13.76 -35.34 36.56
CA TYR A 266 -14.44 -35.17 35.29
C TYR A 266 -13.47 -34.61 34.25
N VAL A 267 -13.57 -35.09 33.03
CA VAL A 267 -12.72 -34.57 31.96
C VAL A 267 -13.52 -34.12 30.75
N GLY A 268 -13.33 -32.85 30.38
CA GLY A 268 -13.95 -32.29 29.20
C GLY A 268 -12.88 -31.74 28.27
N TYR A 269 -13.27 -31.26 27.11
CA TYR A 269 -12.29 -30.72 26.18
C TYR A 269 -12.65 -29.33 25.70
N LEU A 270 -11.62 -28.53 25.49
CA LEU A 270 -11.81 -27.14 25.11
C LEU A 270 -12.00 -27.00 23.61
N GLN A 271 -12.77 -26.00 23.22
CA GLN A 271 -13.03 -25.72 21.82
C GLN A 271 -12.85 -24.23 21.52
N PRO A 272 -12.49 -23.91 20.25
CA PRO A 272 -12.38 -22.52 19.78
C PRO A 272 -13.80 -21.97 19.76
N ARG A 273 -14.22 -21.39 20.87
CA ARG A 273 -15.55 -20.85 21.07
C ARG A 273 -15.51 -19.36 21.37
N THR A 274 -16.55 -18.65 20.98
CA THR A 274 -16.66 -17.24 21.32
C THR A 274 -17.55 -17.07 22.54
N PHE A 275 -17.02 -16.40 23.55
CA PHE A 275 -17.74 -16.16 24.78
C PHE A 275 -17.93 -14.68 25.06
N LEU A 276 -19.08 -14.34 25.62
CA LEU A 276 -19.29 -12.99 26.14
C LEU A 276 -19.15 -13.05 27.65
N LEU A 277 -18.13 -12.39 28.19
CA LEU A 277 -17.85 -12.48 29.60
C LEU A 277 -18.28 -11.23 30.34
N LYS A 278 -18.99 -11.42 31.45
CA LYS A 278 -19.49 -10.30 32.24
C LYS A 278 -18.62 -10.03 33.46
N TYR A 279 -17.98 -8.86 33.47
CA TYR A 279 -17.14 -8.43 34.57
C TYR A 279 -17.91 -7.48 35.48
N ASN A 280 -17.89 -7.76 36.77
CA ASN A 280 -18.57 -6.91 37.74
C ASN A 280 -17.68 -5.75 38.16
N GLU A 281 -18.12 -4.98 39.15
CA GLU A 281 -17.38 -3.80 39.62
C GLU A 281 -15.99 -4.15 40.15
N ASN A 282 -15.86 -5.33 40.76
CA ASN A 282 -14.59 -5.80 41.35
C ASN A 282 -13.68 -6.44 40.30
N GLY A 283 -14.12 -6.47 39.03
CA GLY A 283 -13.36 -7.03 37.93
C GLY A 283 -13.42 -8.55 37.89
N THR A 284 -14.36 -9.11 38.62
CA THR A 284 -14.55 -10.55 38.65
C THR A 284 -15.55 -10.97 37.60
N ILE A 285 -15.25 -12.04 36.87
CA ILE A 285 -16.21 -12.54 35.90
C ILE A 285 -17.30 -13.27 36.66
N THR A 286 -18.53 -12.81 36.53
CA THR A 286 -19.64 -13.36 37.30
C THR A 286 -20.59 -14.14 36.41
N ASP A 287 -20.49 -13.95 35.12
CA ASP A 287 -21.35 -14.68 34.19
C ASP A 287 -20.68 -14.80 32.83
N ALA A 288 -21.30 -15.57 31.94
CA ALA A 288 -20.79 -15.73 30.59
C ALA A 288 -21.84 -16.29 29.64
N VAL A 289 -21.71 -15.99 28.37
CA VAL A 289 -22.55 -16.58 27.34
C VAL A 289 -21.75 -17.34 26.30
N ASP A 290 -22.11 -18.59 26.08
CA ASP A 290 -21.52 -19.40 25.02
C ASP A 290 -22.26 -19.10 23.72
N CYS A 291 -21.63 -18.34 22.84
CA CYS A 291 -22.28 -17.74 21.68
C CYS A 291 -22.73 -18.78 20.67
N ALA A 292 -22.30 -20.02 20.82
CA ALA A 292 -22.67 -21.06 19.88
C ALA A 292 -23.46 -22.18 20.56
N LEU A 293 -23.98 -21.91 21.75
CA LEU A 293 -24.79 -22.90 22.45
C LEU A 293 -26.17 -23.09 21.83
N ASP A 294 -26.86 -21.97 21.60
CA ASP A 294 -28.21 -22.00 21.03
C ASP A 294 -28.51 -20.62 20.43
N PRO A 295 -29.61 -20.44 19.70
CA PRO A 295 -30.01 -19.21 19.02
C PRO A 295 -30.23 -18.03 19.95
N LEU A 296 -30.51 -18.30 21.23
CA LEU A 296 -30.75 -17.21 22.16
C LEU A 296 -29.44 -16.65 22.64
N SER A 297 -28.51 -17.54 22.93
CA SER A 297 -27.17 -17.14 23.34
C SER A 297 -26.49 -16.42 22.19
N GLU A 298 -26.75 -16.86 20.98
CA GLU A 298 -26.21 -16.23 19.79
C GLU A 298 -26.73 -14.80 19.68
N THR A 299 -28.02 -14.62 19.96
CA THR A 299 -28.63 -13.29 19.95
C THR A 299 -28.01 -12.40 21.03
N LYS A 300 -27.84 -12.96 22.23
CA LYS A 300 -27.25 -12.21 23.33
C LYS A 300 -25.85 -11.70 22.98
N CYS A 301 -25.03 -12.55 22.35
CA CYS A 301 -23.68 -12.17 21.93
C CYS A 301 -23.73 -11.13 20.82
N THR A 302 -24.66 -11.29 19.89
CA THR A 302 -24.82 -10.35 18.79
C THR A 302 -25.11 -8.94 19.30
N LEU A 303 -25.98 -8.86 20.30
CA LEU A 303 -26.40 -7.59 20.87
C LEU A 303 -25.47 -7.13 21.99
N LYS A 304 -24.45 -7.93 22.29
CA LYS A 304 -23.52 -7.63 23.37
C LYS A 304 -24.27 -7.35 24.66
N SER A 305 -25.21 -8.22 25.00
CA SER A 305 -26.01 -8.06 26.21
C SER A 305 -26.45 -9.40 26.76
N PHE A 306 -26.67 -9.47 28.07
CA PHE A 306 -27.15 -10.70 28.69
C PHE A 306 -28.66 -10.75 28.72
N THR A 307 -29.29 -9.72 28.19
CA THR A 307 -30.74 -9.69 28.05
C THR A 307 -31.13 -9.36 26.62
N VAL A 308 -32.27 -9.84 26.19
CA VAL A 308 -32.77 -9.54 24.86
C VAL A 308 -34.19 -9.00 24.94
N GLU A 309 -34.44 -7.91 24.23
CA GLU A 309 -35.77 -7.32 24.19
C GLU A 309 -36.65 -8.04 23.20
N LYS A 310 -37.96 -7.92 23.36
CA LYS A 310 -38.88 -8.51 22.41
C LYS A 310 -38.62 -8.02 21.00
N GLY A 311 -38.51 -8.94 20.07
CA GLY A 311 -38.29 -8.55 18.68
C GLY A 311 -37.62 -9.64 17.86
N ILE A 312 -37.24 -9.28 16.64
CA ILE A 312 -36.56 -10.19 15.72
C ILE A 312 -35.19 -9.64 15.39
N TYR A 313 -34.17 -10.46 15.50
CA TYR A 313 -32.80 -10.01 15.28
C TYR A 313 -32.07 -10.90 14.30
N GLN A 314 -31.31 -10.31 13.39
CA GLN A 314 -30.45 -11.11 12.53
C GLN A 314 -29.12 -11.33 13.22
N THR A 315 -28.81 -12.58 13.50
CA THR A 315 -27.65 -12.90 14.34
C THR A 315 -26.56 -13.65 13.58
N SER A 316 -26.94 -14.32 12.51
CA SER A 316 -25.98 -15.13 11.78
C SER A 316 -26.43 -15.37 10.36
N ASN A 317 -25.63 -16.11 9.61
CA ASN A 317 -25.98 -16.49 8.26
C ASN A 317 -25.95 -18.00 8.09
N PHE A 318 -26.91 -18.50 7.33
CA PHE A 318 -27.01 -19.91 7.01
C PHE A 318 -26.32 -20.21 5.70
N ARG A 319 -25.54 -21.28 5.67
CA ARG A 319 -24.88 -21.68 4.44
C ARG A 319 -24.70 -23.19 4.40
N VAL A 320 -25.17 -23.79 3.32
CA VAL A 320 -24.98 -25.21 3.10
C VAL A 320 -23.55 -25.50 2.72
N GLN A 321 -22.94 -26.46 3.40
CA GLN A 321 -21.54 -26.79 3.16
C GLN A 321 -21.44 -27.88 2.10
N PRO A 322 -20.36 -27.89 1.32
CA PRO A 322 -20.02 -28.89 0.34
C PRO A 322 -19.65 -30.21 1.01
N THR A 323 -20.04 -31.31 0.39
CA THR A 323 -19.77 -32.63 0.95
C THR A 323 -18.73 -33.41 0.15
N GLU A 324 -18.44 -32.95 -1.06
CA GLU A 324 -17.49 -33.63 -1.94
C GLU A 324 -16.61 -32.62 -2.66
N SER A 325 -15.46 -33.08 -3.14
CA SER A 325 -14.58 -32.24 -3.95
C SER A 325 -14.40 -32.85 -5.33
N ILE A 326 -14.87 -32.13 -6.35
CA ILE A 326 -14.90 -32.64 -7.71
C ILE A 326 -13.81 -32.03 -8.57
N VAL A 327 -12.89 -32.85 -9.05
CA VAL A 327 -11.81 -32.36 -9.89
C VAL A 327 -11.92 -32.91 -11.29
N ARG A 328 -11.98 -32.02 -12.26
CA ARG A 328 -12.13 -32.44 -13.65
C ARG A 328 -11.08 -31.78 -14.53
N PHE A 329 -10.01 -32.52 -14.81
CA PHE A 329 -8.94 -32.06 -15.70
C PHE A 329 -9.03 -32.81 -17.02
N PRO A 330 -8.45 -32.27 -18.10
CA PRO A 330 -8.31 -32.89 -19.40
C PRO A 330 -7.68 -34.27 -19.26
N ASN A 331 -8.22 -35.26 -19.98
CA ASN A 331 -7.76 -36.64 -19.89
C ASN A 331 -6.57 -36.91 -20.81
N ILE A 332 -5.42 -36.33 -20.45
CA ILE A 332 -4.17 -36.50 -21.19
C ILE A 332 -3.10 -37.07 -20.28
N THR A 333 -2.20 -37.86 -20.85
CA THR A 333 -1.18 -38.55 -20.05
C THR A 333 0.24 -38.14 -20.43
N ASN A 334 0.42 -37.53 -21.60
CA ASN A 334 1.76 -37.18 -22.04
C ASN A 334 2.33 -36.08 -21.16
N LEU A 335 3.59 -36.25 -20.76
CA LEU A 335 4.24 -35.28 -19.90
C LEU A 335 4.85 -34.14 -20.73
N CYS A 336 4.90 -32.95 -20.13
CA CYS A 336 5.52 -31.78 -20.75
C CYS A 336 7.02 -31.94 -20.88
N PRO A 337 7.59 -31.61 -22.03
CA PRO A 337 8.99 -31.73 -22.39
C PRO A 337 9.84 -30.65 -21.72
N PHE A 338 9.86 -30.67 -20.39
CA PHE A 338 10.72 -29.76 -19.66
C PHE A 338 12.15 -30.26 -19.67
N GLY A 339 12.31 -31.57 -19.53
CA GLY A 339 13.63 -32.15 -19.42
C GLY A 339 14.51 -31.84 -20.61
N GLU A 340 13.93 -31.81 -21.80
CA GLU A 340 14.71 -31.54 -23.01
C GLU A 340 15.18 -30.10 -23.07
N VAL A 341 14.62 -29.25 -22.20
CA VAL A 341 15.06 -27.87 -22.10
C VAL A 341 16.20 -27.78 -21.11
N PHE A 342 16.05 -28.48 -20.00
CA PHE A 342 17.03 -28.47 -18.93
C PHE A 342 18.30 -29.26 -19.25
N ASN A 343 18.18 -30.35 -19.99
CA ASN A 343 19.32 -31.21 -20.32
C ASN A 343 19.77 -31.07 -21.78
N ALA A 344 19.48 -29.91 -22.39
CA ALA A 344 19.93 -29.60 -23.73
C ALA A 344 21.45 -29.58 -23.79
N THR A 345 22.02 -30.09 -24.86
CA THR A 345 23.47 -30.11 -24.99
C THR A 345 24.03 -28.70 -24.99
N ARG A 346 23.37 -27.82 -25.72
CA ARG A 346 23.83 -26.44 -25.82
C ARG A 346 22.72 -25.46 -25.44
N PHE A 347 23.11 -24.41 -24.74
CA PHE A 347 22.20 -23.32 -24.43
C PHE A 347 22.50 -22.12 -25.30
N ALA A 348 21.49 -21.29 -25.50
CA ALA A 348 21.62 -20.09 -26.29
C ALA A 348 22.36 -19.02 -25.52
N SER A 349 22.94 -18.08 -26.26
CA SER A 349 23.50 -16.88 -25.66
C SER A 349 22.36 -16.02 -25.15
N VAL A 350 22.61 -15.25 -24.12
CA VAL A 350 21.55 -14.45 -23.52
C VAL A 350 21.01 -13.38 -24.46
N TYR A 351 21.83 -12.90 -25.38
CA TYR A 351 21.38 -11.89 -26.33
C TYR A 351 20.46 -12.51 -27.37
N ALA A 352 20.56 -13.83 -27.52
CA ALA A 352 19.79 -14.55 -28.52
C ALA A 352 19.14 -15.77 -27.90
N TRP A 353 18.45 -15.54 -26.79
CA TRP A 353 17.88 -16.60 -25.97
C TRP A 353 16.89 -17.47 -26.76
N ASN A 354 16.77 -18.72 -26.35
CA ASN A 354 15.93 -19.68 -27.06
C ASN A 354 14.60 -19.92 -26.38
N ARG A 355 13.52 -19.67 -27.09
CA ARG A 355 12.18 -19.88 -26.57
C ARG A 355 11.54 -21.18 -27.02
N LYS A 356 11.19 -22.02 -26.06
CA LYS A 356 10.49 -23.27 -26.31
C LYS A 356 9.03 -23.16 -25.89
N ARG A 357 8.12 -23.40 -26.83
CA ARG A 357 6.69 -23.35 -26.53
C ARG A 357 6.18 -24.70 -26.07
N ILE A 358 5.56 -24.73 -24.90
CA ILE A 358 5.03 -25.95 -24.31
C ILE A 358 3.50 -25.92 -24.22
N SER A 359 2.86 -26.94 -24.78
CA SER A 359 1.40 -27.02 -24.78
C SER A 359 0.89 -28.45 -24.84
N ASN A 360 -0.39 -28.62 -24.51
CA ASN A 360 -1.09 -29.90 -24.63
C ASN A 360 -0.36 -31.03 -23.94
N CYS A 361 -0.12 -30.88 -22.64
CA CYS A 361 0.68 -31.84 -21.86
C CYS A 361 0.44 -31.72 -20.37
N VAL A 362 0.98 -32.67 -19.62
CA VAL A 362 0.91 -32.66 -18.16
C VAL A 362 2.20 -32.13 -17.58
N ALA A 363 2.10 -31.05 -16.80
CA ALA A 363 3.28 -30.37 -16.30
C ALA A 363 3.51 -30.66 -14.83
N ASP A 364 4.47 -31.53 -14.54
CA ASP A 364 4.82 -31.82 -13.16
C ASP A 364 5.99 -30.94 -12.74
N TYR A 365 5.71 -29.96 -11.90
CA TYR A 365 6.70 -28.96 -11.53
C TYR A 365 7.41 -29.35 -10.24
N SER A 366 7.01 -30.48 -9.65
CA SER A 366 7.61 -30.93 -8.41
C SER A 366 8.92 -31.63 -8.69
N VAL A 367 9.03 -32.19 -9.88
CA VAL A 367 10.26 -32.83 -10.31
C VAL A 367 11.38 -31.79 -10.36
N LEU A 368 11.03 -30.60 -10.82
CA LEU A 368 12.00 -29.53 -10.93
C LEU A 368 12.20 -28.85 -9.58
N TYR A 369 11.11 -28.52 -8.91
CA TYR A 369 11.19 -27.77 -7.66
C TYR A 369 11.87 -28.53 -6.54
N ASN A 370 11.63 -29.82 -6.46
CA ASN A 370 12.19 -30.62 -5.37
C ASN A 370 13.57 -31.16 -5.73
N SER A 371 14.10 -30.73 -6.87
CA SER A 371 15.43 -31.14 -7.29
C SER A 371 16.49 -30.49 -6.42
N ALA A 372 17.57 -31.23 -6.20
CA ALA A 372 18.71 -30.70 -5.45
C ALA A 372 19.73 -30.06 -6.37
N SER A 373 19.46 -30.11 -7.67
CA SER A 373 20.45 -29.72 -8.67
C SER A 373 20.38 -28.27 -9.11
N PHE A 374 19.41 -27.51 -8.60
CA PHE A 374 19.28 -26.12 -9.01
C PHE A 374 19.66 -25.19 -7.86
N SER A 375 20.36 -24.11 -8.18
CA SER A 375 20.79 -23.17 -7.15
C SER A 375 19.77 -22.06 -6.97
N THR A 376 19.02 -21.78 -8.03
CA THR A 376 17.99 -20.77 -8.00
C THR A 376 16.68 -21.34 -8.49
N PHE A 377 15.60 -21.08 -7.76
CA PHE A 377 14.27 -21.46 -8.20
C PHE A 377 13.27 -20.48 -7.64
N LYS A 378 13.11 -19.35 -8.30
CA LYS A 378 12.27 -18.28 -7.79
C LYS A 378 11.02 -18.12 -8.64
N CYS A 379 9.84 -18.24 -8.01
CA CYS A 379 8.57 -18.09 -8.70
C CYS A 379 7.93 -16.75 -8.39
N TYR A 380 7.33 -16.16 -9.42
CA TYR A 380 6.68 -14.87 -9.31
C TYR A 380 5.24 -14.98 -9.76
N GLY A 381 4.34 -14.41 -8.99
CA GLY A 381 2.92 -14.41 -9.36
C GLY A 381 2.28 -15.75 -9.06
N VAL A 382 3.06 -16.66 -8.51
CA VAL A 382 2.59 -18.01 -8.22
C VAL A 382 3.49 -18.69 -7.20
N SER A 383 2.88 -19.50 -6.34
CA SER A 383 3.61 -20.29 -5.37
C SER A 383 4.21 -21.53 -6.02
N PRO A 384 5.47 -21.85 -5.73
CA PRO A 384 6.21 -22.98 -6.26
C PRO A 384 5.63 -24.30 -5.81
N THR A 385 4.79 -24.28 -4.78
CA THR A 385 4.20 -25.50 -4.24
C THR A 385 2.74 -25.65 -4.64
N LYS A 386 2.23 -24.70 -5.41
CA LYS A 386 0.85 -24.79 -5.88
C LYS A 386 0.78 -24.99 -7.38
N LEU A 387 1.95 -25.12 -8.01
CA LEU A 387 2.03 -25.19 -9.46
C LEU A 387 1.30 -26.41 -10.02
N ASN A 388 1.35 -27.52 -9.29
CA ASN A 388 0.72 -28.75 -9.79
C ASN A 388 -0.79 -28.72 -9.66
N ASP A 389 -1.33 -27.69 -9.03
CA ASP A 389 -2.77 -27.54 -8.90
C ASP A 389 -3.34 -26.61 -9.96
N LEU A 390 -2.47 -26.03 -10.77
CA LEU A 390 -2.87 -25.03 -11.74
C LEU A 390 -2.89 -25.56 -13.16
N CYS A 391 -3.68 -24.89 -14.02
CA CYS A 391 -3.70 -25.13 -15.45
C CYS A 391 -3.42 -23.84 -16.20
N PHE A 392 -2.59 -23.93 -17.24
CA PHE A 392 -2.20 -22.78 -18.03
C PHE A 392 -2.57 -22.95 -19.49
N THR A 393 -2.68 -21.84 -20.21
CA THR A 393 -3.01 -21.89 -21.63
C THR A 393 -1.77 -22.11 -22.46
N ASN A 394 -0.62 -21.92 -21.84
CA ASN A 394 0.67 -22.13 -22.49
C ASN A 394 1.80 -21.91 -21.50
N VAL A 395 2.90 -22.60 -21.72
CA VAL A 395 4.11 -22.36 -20.95
C VAL A 395 5.29 -22.12 -21.88
N TYR A 396 6.04 -21.06 -21.63
CA TYR A 396 7.20 -20.80 -22.46
C TYR A 396 8.48 -20.99 -21.66
N ALA A 397 9.36 -21.84 -22.15
CA ALA A 397 10.60 -22.11 -21.48
C ALA A 397 11.75 -21.41 -22.21
N ASP A 398 12.22 -20.32 -21.64
CA ASP A 398 13.28 -19.53 -22.25
C ASP A 398 14.64 -19.89 -21.65
N SER A 399 15.53 -20.43 -22.47
CA SER A 399 16.82 -20.89 -21.97
C SER A 399 17.99 -20.07 -22.51
N PHE A 400 18.94 -19.78 -21.63
CA PHE A 400 20.15 -19.03 -21.99
C PHE A 400 21.26 -19.13 -20.95
N VAL A 401 22.45 -18.68 -21.31
CA VAL A 401 23.58 -18.63 -20.36
C VAL A 401 24.05 -17.22 -20.04
N ILE A 402 24.17 -16.96 -18.74
CA ILE A 402 24.70 -15.71 -18.20
C ILE A 402 25.73 -16.02 -17.12
N ARG A 403 26.44 -15.01 -16.63
CA ARG A 403 27.38 -15.28 -15.54
C ARG A 403 26.69 -15.12 -14.18
N GLY A 404 27.23 -15.80 -13.18
CA GLY A 404 26.63 -15.87 -11.84
C GLY A 404 26.07 -14.56 -11.31
N ASP A 405 26.85 -13.49 -11.35
CA ASP A 405 26.42 -12.21 -10.78
C ASP A 405 25.18 -11.64 -11.46
N GLU A 406 24.92 -12.09 -12.68
CA GLU A 406 23.82 -11.55 -13.47
C GLU A 406 22.53 -12.31 -13.26
N VAL A 407 22.56 -13.39 -12.48
CA VAL A 407 21.37 -14.19 -12.27
C VAL A 407 20.29 -13.37 -11.58
N ARG A 408 20.70 -12.44 -10.73
CA ARG A 408 19.76 -11.58 -10.03
C ARG A 408 18.98 -10.68 -10.98
N GLN A 409 19.52 -10.45 -12.19
CA GLN A 409 18.88 -9.58 -13.15
C GLN A 409 17.72 -10.26 -13.85
N ILE A 410 17.65 -11.59 -13.74
CA ILE A 410 16.55 -12.30 -14.38
C ILE A 410 15.39 -12.33 -13.41
N ALA A 411 14.72 -11.19 -13.30
CA ALA A 411 13.62 -11.02 -12.39
C ALA A 411 12.86 -9.76 -12.80
N PRO A 412 11.60 -9.61 -12.37
CA PRO A 412 10.79 -8.41 -12.48
C PRO A 412 11.44 -7.24 -11.76
N GLY A 413 11.39 -6.06 -12.39
CA GLY A 413 11.85 -4.82 -11.77
C GLY A 413 13.37 -4.70 -11.67
N GLN A 414 14.09 -5.41 -12.53
CA GLN A 414 15.55 -5.34 -12.49
C GLN A 414 16.11 -4.49 -13.61
N THR A 415 17.30 -3.95 -13.39
CA THR A 415 18.02 -3.20 -14.40
C THR A 415 19.43 -3.76 -14.54
N GLY A 416 20.11 -3.39 -15.62
CA GLY A 416 21.46 -3.85 -15.86
C GLY A 416 21.62 -4.28 -17.30
N LYS A 417 22.81 -4.72 -17.67
CA LYS A 417 23.08 -5.03 -19.07
C LYS A 417 22.22 -6.17 -19.56
N ILE A 418 21.89 -7.11 -18.69
CA ILE A 418 21.09 -8.24 -19.11
C ILE A 418 19.62 -7.89 -19.08
N ALA A 419 19.19 -7.30 -17.97
CA ALA A 419 17.80 -6.93 -17.82
C ALA A 419 17.36 -5.95 -18.90
N ASP A 420 18.26 -5.05 -19.30
CA ASP A 420 17.91 -4.00 -20.24
C ASP A 420 18.19 -4.32 -21.70
N TYR A 421 19.28 -5.04 -21.99
CA TYR A 421 19.66 -5.21 -23.39
C TYR A 421 19.60 -6.63 -23.91
N ASN A 422 19.32 -7.60 -23.04
CA ASN A 422 19.36 -8.99 -23.46
C ASN A 422 18.05 -9.72 -23.21
N TYR A 423 17.68 -9.84 -21.95
CA TYR A 423 16.48 -10.57 -21.58
C TYR A 423 15.68 -9.85 -20.52
N LYS A 424 14.55 -9.30 -20.94
CA LYS A 424 13.71 -8.50 -20.05
C LYS A 424 12.46 -9.24 -19.62
N LEU A 425 12.22 -9.27 -18.32
CA LEU A 425 10.96 -9.80 -17.79
C LEU A 425 10.05 -8.65 -17.37
N PRO A 426 8.74 -8.77 -17.64
CA PRO A 426 7.71 -7.81 -17.32
C PRO A 426 7.49 -7.70 -15.83
N ASP A 427 7.02 -6.54 -15.38
CA ASP A 427 6.79 -6.30 -13.97
C ASP A 427 5.67 -7.19 -13.43
N ASP A 428 4.75 -7.58 -14.30
CA ASP A 428 3.64 -8.45 -13.94
C ASP A 428 3.91 -9.90 -14.36
N PHE A 429 5.18 -10.23 -14.49
CA PHE A 429 5.58 -11.58 -14.89
C PHE A 429 5.03 -12.65 -13.96
N THR A 430 4.50 -13.70 -14.57
CA THR A 430 4.09 -14.89 -13.85
C THR A 430 4.87 -16.05 -14.39
N GLY A 431 5.58 -16.74 -13.51
CA GLY A 431 6.45 -17.82 -13.94
C GLY A 431 7.56 -18.09 -12.93
N CYS A 432 8.48 -18.97 -13.29
CA CYS A 432 9.58 -19.35 -12.41
C CYS A 432 10.93 -19.22 -13.11
N VAL A 433 11.89 -18.65 -12.41
CA VAL A 433 13.25 -18.51 -12.91
C VAL A 433 14.16 -19.51 -12.26
N ILE A 434 14.66 -20.44 -13.06
CA ILE A 434 15.46 -21.55 -12.57
C ILE A 434 16.88 -21.46 -13.10
N ALA A 435 17.86 -21.55 -12.22
CA ALA A 435 19.24 -21.44 -12.67
C ALA A 435 20.14 -22.40 -11.91
N TRP A 436 21.20 -22.82 -12.58
CA TRP A 436 22.20 -23.67 -11.94
C TRP A 436 23.59 -23.41 -12.48
N ASN A 437 24.58 -23.69 -11.66
CA ASN A 437 25.97 -23.54 -12.06
C ASN A 437 26.33 -24.56 -13.11
N SER A 438 26.91 -24.10 -14.20
CA SER A 438 27.31 -24.97 -15.29
C SER A 438 28.77 -24.78 -15.63
N ASN A 439 29.60 -24.57 -14.61
CA ASN A 439 31.03 -24.35 -14.78
C ASN A 439 31.72 -25.56 -15.40
N ASN A 440 31.14 -26.73 -15.21
CA ASN A 440 31.71 -27.96 -15.74
C ASN A 440 31.29 -28.24 -17.17
N LEU A 441 30.44 -27.38 -17.72
CA LEU A 441 29.95 -27.60 -19.07
C LEU A 441 30.30 -26.44 -20.00
N ASP A 442 30.10 -25.23 -19.53
CA ASP A 442 30.18 -24.04 -20.36
C ASP A 442 31.48 -23.27 -20.19
N SER A 443 32.45 -23.85 -19.52
CA SER A 443 33.75 -23.21 -19.36
C SER A 443 34.84 -24.09 -19.95
N LYS A 444 35.89 -23.47 -20.46
CA LYS A 444 37.01 -24.24 -20.95
C LYS A 444 38.32 -23.55 -20.64
N VAL A 445 39.41 -24.29 -20.73
CA VAL A 445 40.72 -23.71 -20.54
C VAL A 445 41.07 -22.80 -21.70
N GLY A 446 41.43 -21.57 -21.38
CA GLY A 446 41.70 -20.55 -22.40
C GLY A 446 40.52 -19.61 -22.54
N GLY A 447 39.35 -20.03 -22.06
CA GLY A 447 38.15 -19.20 -22.10
C GLY A 447 37.16 -19.65 -23.17
N ASN A 448 35.90 -19.75 -22.79
CA ASN A 448 34.82 -20.10 -23.70
C ASN A 448 34.17 -18.83 -24.24
N TYR A 449 34.39 -18.55 -25.52
CA TYR A 449 33.94 -17.30 -26.11
C TYR A 449 32.73 -17.50 -27.00
N ASN A 450 32.02 -18.60 -26.79
CA ASN A 450 30.82 -18.89 -27.57
C ASN A 450 29.57 -18.32 -26.94
N TYR A 451 29.71 -17.71 -25.77
CA TYR A 451 28.56 -17.12 -25.10
C TYR A 451 28.65 -15.60 -25.08
N LEU A 452 27.73 -14.97 -25.80
CA LEU A 452 27.76 -13.53 -25.97
C LEU A 452 26.61 -12.86 -25.25
N TYR A 453 26.79 -11.59 -24.94
CA TYR A 453 25.72 -10.76 -24.42
C TYR A 453 25.80 -9.38 -25.05
N ARG A 454 24.67 -8.69 -25.06
CA ARG A 454 24.62 -7.34 -25.59
C ARG A 454 25.05 -6.35 -24.54
N LEU A 455 26.03 -5.54 -24.89
CA LEU A 455 26.63 -4.58 -23.98
C LEU A 455 26.10 -3.18 -24.25
N PHE A 456 25.81 -2.88 -25.52
CA PHE A 456 25.29 -1.57 -25.88
C PHE A 456 24.01 -1.68 -26.70
N ARG A 457 23.08 -0.78 -26.42
CA ARG A 457 21.86 -0.67 -27.22
C ARG A 457 21.30 0.73 -27.14
N LYS A 458 20.60 1.16 -28.18
CA LYS A 458 20.01 2.50 -28.22
C LYS A 458 18.99 2.69 -27.11
N SER A 459 18.25 1.65 -26.80
CA SER A 459 17.21 1.71 -25.78
C SER A 459 17.00 0.37 -25.11
N ASN A 460 16.24 0.37 -24.03
CA ASN A 460 15.95 -0.86 -23.32
C ASN A 460 14.99 -1.74 -24.11
N LEU A 461 15.09 -3.05 -23.88
CA LEU A 461 14.18 -4.01 -24.49
C LEU A 461 12.81 -4.00 -23.85
N LYS A 462 11.80 -4.32 -24.64
CA LYS A 462 10.49 -4.61 -24.11
C LYS A 462 10.52 -6.03 -23.55
N PRO A 463 9.62 -6.38 -22.64
CA PRO A 463 9.48 -7.71 -22.08
C PRO A 463 9.42 -8.75 -23.19
N PHE A 464 10.26 -9.77 -23.06
CA PHE A 464 10.35 -10.88 -24.01
C PHE A 464 10.71 -10.45 -25.43
N GLU A 465 11.36 -9.31 -25.57
CA GLU A 465 11.90 -8.89 -26.87
C GLU A 465 13.26 -9.52 -27.10
N ARG A 466 13.51 -9.97 -28.32
CA ARG A 466 14.75 -10.65 -28.65
C ARG A 466 15.51 -9.95 -29.77
N ASP A 467 16.51 -9.17 -29.40
CA ASP A 467 17.30 -8.41 -30.37
C ASP A 467 18.62 -9.10 -30.68
N ILE A 468 18.76 -9.58 -31.91
CA ILE A 468 19.95 -10.33 -32.30
C ILE A 468 20.75 -9.64 -33.39
N SER A 469 20.56 -8.33 -33.54
CA SER A 469 21.30 -7.57 -34.53
C SER A 469 22.74 -7.33 -34.07
N THR A 470 23.63 -7.06 -35.02
CA THR A 470 25.03 -6.79 -34.70
C THR A 470 25.49 -5.46 -35.26
N GLU A 471 24.55 -4.54 -35.45
CA GLU A 471 24.86 -3.24 -36.02
C GLU A 471 25.68 -2.41 -35.05
N ILE A 472 26.64 -1.66 -35.58
CA ILE A 472 27.53 -0.87 -34.76
C ILE A 472 26.77 0.20 -33.98
N TYR A 473 27.07 0.27 -32.69
CA TYR A 473 26.41 1.20 -31.78
C TYR A 473 27.07 2.56 -31.81
N GLN A 474 26.26 3.59 -32.02
CA GLN A 474 26.75 4.95 -32.05
C GLN A 474 26.70 5.57 -30.67
N ALA A 475 27.86 5.79 -30.08
CA ALA A 475 27.94 6.35 -28.74
C ALA A 475 28.03 7.86 -28.80
N GLY A 476 28.60 8.37 -29.88
CA GLY A 476 28.79 9.80 -30.05
C GLY A 476 27.71 10.41 -30.92
N SER A 477 28.02 11.56 -31.52
CA SER A 477 27.07 12.27 -32.37
C SER A 477 27.38 12.04 -33.85
N THR A 478 28.47 11.35 -34.12
CA THR A 478 28.91 11.10 -35.48
C THR A 478 28.49 9.69 -35.93
N PRO A 479 27.81 9.57 -37.06
CA PRO A 479 27.41 8.32 -37.70
C PRO A 479 28.60 7.40 -37.89
N CYS A 480 28.40 6.11 -37.60
CA CYS A 480 29.47 5.11 -37.68
C CYS A 480 29.60 4.54 -39.07
N ASN A 481 28.48 4.50 -39.80
CA ASN A 481 28.45 3.96 -41.15
C ASN A 481 28.96 2.52 -41.20
N GLY A 482 28.67 1.75 -40.16
CA GLY A 482 29.01 0.33 -40.13
C GLY A 482 30.44 0.06 -39.69
N VAL A 483 31.22 1.10 -39.44
CA VAL A 483 32.62 0.92 -39.07
C VAL A 483 32.87 1.28 -37.61
N GLU A 484 33.35 0.31 -36.85
CA GLU A 484 33.65 0.55 -35.44
C GLU A 484 34.94 1.34 -35.28
N GLY A 485 35.05 2.03 -34.15
CA GLY A 485 36.17 2.91 -33.88
C GLY A 485 35.82 3.83 -32.71
N PHE A 486 36.33 5.05 -32.75
CA PHE A 486 36.07 5.97 -31.66
C PHE A 486 34.58 6.32 -31.63
N ASN A 487 33.97 6.14 -30.47
CA ASN A 487 32.53 6.36 -30.28
C ASN A 487 31.64 5.48 -31.17
N CYS A 488 32.19 4.36 -31.66
CA CYS A 488 31.47 3.39 -32.49
C CYS A 488 31.82 1.98 -32.03
N TYR A 489 30.88 1.33 -31.36
CA TYR A 489 31.20 0.10 -30.66
C TYR A 489 30.52 -1.11 -31.27
N PHE A 490 31.18 -2.25 -31.20
CA PHE A 490 30.52 -3.50 -31.52
C PHE A 490 29.66 -3.89 -30.32
N PRO A 491 28.35 -4.03 -30.50
CA PRO A 491 27.33 -4.12 -29.47
C PRO A 491 27.43 -5.35 -28.59
N LEU A 492 28.10 -6.41 -29.06
CA LEU A 492 28.17 -7.64 -28.30
C LEU A 492 29.53 -7.83 -27.63
N GLN A 493 29.55 -8.63 -26.59
CA GLN A 493 30.78 -9.00 -25.91
C GLN A 493 30.67 -10.44 -25.38
N SER A 494 31.80 -11.10 -25.21
CA SER A 494 31.82 -12.47 -24.73
C SER A 494 32.05 -12.52 -23.24
N TYR A 495 31.56 -13.59 -22.61
CA TYR A 495 31.87 -13.81 -21.20
C TYR A 495 33.27 -14.37 -21.03
N GLY A 496 33.69 -15.21 -21.96
CA GLY A 496 35.02 -15.81 -21.91
C GLY A 496 35.13 -16.72 -20.69
N PHE A 497 34.15 -17.58 -20.50
CA PHE A 497 34.06 -18.37 -19.28
C PHE A 497 35.26 -19.29 -19.11
N GLN A 498 35.84 -19.26 -17.92
CA GLN A 498 37.00 -20.08 -17.56
C GLN A 498 36.70 -20.84 -16.27
N PRO A 499 37.19 -22.07 -16.15
CA PRO A 499 36.96 -22.98 -15.05
C PRO A 499 37.55 -22.47 -13.74
N THR A 500 38.45 -21.49 -13.84
CA THR A 500 39.13 -20.94 -12.68
C THR A 500 38.53 -19.63 -12.20
N ASN A 501 37.44 -19.20 -12.83
CA ASN A 501 36.77 -17.96 -12.44
C ASN A 501 36.10 -18.10 -11.08
N GLY A 502 35.92 -16.98 -10.40
CA GLY A 502 35.14 -16.97 -9.17
C GLY A 502 33.67 -17.19 -9.51
N VAL A 503 32.86 -17.49 -8.50
CA VAL A 503 31.47 -17.88 -8.76
C VAL A 503 30.71 -16.85 -9.58
N GLY A 504 30.93 -15.58 -9.29
CA GLY A 504 30.21 -14.51 -9.96
C GLY A 504 30.50 -14.47 -11.46
N TYR A 505 31.61 -15.08 -11.86
CA TYR A 505 32.02 -15.08 -13.26
C TYR A 505 31.94 -16.47 -13.88
N GLN A 506 31.34 -17.41 -13.17
CA GLN A 506 31.10 -18.73 -13.71
C GLN A 506 29.78 -18.70 -14.47
N PRO A 507 29.63 -19.53 -15.49
CA PRO A 507 28.44 -19.65 -16.29
C PRO A 507 27.30 -20.28 -15.51
N TYR A 508 26.11 -19.74 -15.69
CA TYR A 508 24.89 -20.32 -15.16
C TYR A 508 23.90 -20.54 -16.27
N ARG A 509 23.32 -21.73 -16.28
CA ARG A 509 22.29 -22.03 -17.24
C ARG A 509 20.95 -21.68 -16.65
N VAL A 510 20.24 -20.80 -17.34
CA VAL A 510 18.99 -20.27 -16.84
C VAL A 510 17.83 -20.70 -17.70
N VAL A 511 16.80 -21.22 -17.07
CA VAL A 511 15.55 -21.54 -17.74
C VAL A 511 14.43 -20.77 -17.09
N VAL A 512 13.74 -19.96 -17.87
CA VAL A 512 12.62 -19.20 -17.35
C VAL A 512 11.31 -19.76 -17.87
N LEU A 513 10.47 -20.22 -16.96
CA LEU A 513 9.18 -20.76 -17.35
C LEU A 513 8.10 -19.72 -17.13
N SER A 514 7.63 -19.12 -18.22
CA SER A 514 6.56 -18.14 -18.11
C SER A 514 5.22 -18.84 -18.23
N PHE A 515 4.29 -18.48 -17.37
CA PHE A 515 2.98 -19.12 -17.36
C PHE A 515 1.94 -18.21 -17.95
N GLU A 516 1.35 -18.65 -19.05
CA GLU A 516 0.36 -17.85 -19.76
C GLU A 516 -1.04 -18.13 -19.24
N LEU A 517 -1.77 -17.07 -18.93
CA LEU A 517 -3.12 -17.20 -18.40
C LEU A 517 -4.12 -16.38 -19.20
N LEU A 518 -4.51 -16.89 -20.36
CA LEU A 518 -5.50 -16.22 -21.21
C LEU A 518 -6.90 -16.76 -20.93
N HIS A 519 -7.92 -16.01 -21.34
CA HIS A 519 -9.29 -16.51 -21.24
C HIS A 519 -9.52 -17.50 -22.37
N ALA A 520 -8.90 -18.66 -22.24
CA ALA A 520 -8.85 -19.67 -23.28
C ALA A 520 -8.74 -21.04 -22.63
N PRO A 521 -9.03 -22.13 -23.35
CA PRO A 521 -8.88 -23.49 -22.89
C PRO A 521 -7.48 -23.70 -22.36
N ALA A 522 -7.37 -24.23 -21.15
CA ALA A 522 -6.05 -24.50 -20.60
C ALA A 522 -5.56 -25.82 -21.15
N THR A 523 -4.30 -25.84 -21.57
CA THR A 523 -3.73 -27.01 -22.22
C THR A 523 -2.59 -27.63 -21.43
N VAL A 524 -2.05 -26.89 -20.46
CA VAL A 524 -0.95 -27.38 -19.66
C VAL A 524 -1.35 -27.48 -18.18
N CYS A 525 -1.67 -28.69 -17.73
CA CYS A 525 -2.17 -28.91 -16.37
C CYS A 525 -1.23 -29.78 -15.56
N GLY A 526 -1.20 -29.56 -14.26
CA GLY A 526 -0.42 -30.41 -13.38
C GLY A 526 -1.02 -31.81 -13.33
N PRO A 527 -0.28 -32.76 -12.77
CA PRO A 527 -0.58 -34.17 -12.66
C PRO A 527 -1.58 -34.46 -11.56
N LYS A 528 -2.76 -33.88 -11.66
CA LYS A 528 -3.79 -34.11 -10.67
C LYS A 528 -4.80 -35.13 -11.17
N LYS A 529 -5.20 -36.03 -10.28
CA LYS A 529 -6.13 -37.08 -10.65
C LYS A 529 -7.56 -36.56 -10.58
N SER A 530 -8.30 -36.78 -11.65
CA SER A 530 -9.69 -36.33 -11.71
C SER A 530 -10.61 -37.27 -10.96
N THR A 531 -11.74 -36.74 -10.52
CA THR A 531 -12.74 -37.51 -9.83
C THR A 531 -14.00 -37.64 -10.67
N ASN A 532 -14.95 -38.43 -10.21
CA ASN A 532 -16.22 -38.56 -10.91
C ASN A 532 -17.00 -37.27 -10.80
N LEU A 533 -17.78 -36.96 -11.84
CA LEU A 533 -18.61 -35.78 -11.83
C LEU A 533 -19.86 -35.99 -10.99
N VAL A 534 -20.11 -35.06 -10.07
CA VAL A 534 -21.26 -35.16 -9.19
C VAL A 534 -22.23 -34.00 -9.41
N LYS A 535 -23.49 -34.34 -9.63
CA LYS A 535 -24.52 -33.33 -9.89
C LYS A 535 -25.61 -33.34 -8.84
N ASN A 536 -26.30 -32.21 -8.72
CA ASN A 536 -27.44 -32.03 -7.83
C ASN A 536 -27.05 -32.11 -6.36
N LYS A 537 -25.80 -31.82 -6.07
CA LYS A 537 -25.31 -31.74 -4.69
C LYS A 537 -24.42 -30.52 -4.53
N CYS A 538 -24.28 -30.03 -3.29
CA CYS A 538 -23.33 -28.96 -2.98
C CYS A 538 -21.93 -29.53 -2.88
N VAL A 539 -21.07 -29.12 -3.79
CA VAL A 539 -19.71 -29.63 -3.84
C VAL A 539 -18.69 -28.53 -4.05
N ASN A 540 -17.43 -28.84 -3.76
CA ASN A 540 -16.33 -28.02 -4.22
C ASN A 540 -15.99 -28.51 -5.61
N PHE A 541 -15.46 -27.65 -6.46
CA PHE A 541 -15.09 -28.11 -7.77
C PHE A 541 -13.87 -27.41 -8.36
N ASN A 542 -13.24 -28.08 -9.31
CA ASN A 542 -12.14 -27.53 -10.09
C ASN A 542 -12.24 -28.02 -11.53
N PHE A 543 -12.70 -27.15 -12.42
CA PHE A 543 -12.85 -27.52 -13.83
C PHE A 543 -11.72 -26.94 -14.66
N ASN A 544 -10.73 -27.76 -14.97
CA ASN A 544 -9.59 -27.34 -15.75
C ASN A 544 -8.97 -26.06 -15.21
N GLY A 545 -8.85 -25.97 -13.89
CA GLY A 545 -8.24 -24.80 -13.25
C GLY A 545 -9.27 -23.81 -12.69
N LEU A 546 -10.53 -23.95 -13.08
CA LEU A 546 -11.57 -23.05 -12.60
C LEU A 546 -12.20 -23.58 -11.32
N THR A 547 -11.86 -22.96 -10.20
CA THR A 547 -12.30 -23.45 -8.90
C THR A 547 -13.48 -22.67 -8.34
N GLY A 548 -14.21 -23.29 -7.43
CA GLY A 548 -15.30 -22.64 -6.73
C GLY A 548 -16.15 -23.65 -5.97
N THR A 549 -17.22 -23.16 -5.35
CA THR A 549 -18.14 -24.01 -4.60
C THR A 549 -19.56 -23.76 -5.08
N GLY A 550 -20.33 -24.82 -5.26
CA GLY A 550 -21.70 -24.67 -5.72
C GLY A 550 -22.33 -25.98 -6.09
N VAL A 551 -23.49 -25.90 -6.73
CA VAL A 551 -24.24 -27.07 -7.13
C VAL A 551 -24.20 -27.19 -8.64
N LEU A 552 -23.77 -28.35 -9.12
CA LEU A 552 -23.63 -28.59 -10.55
C LEU A 552 -24.87 -29.30 -11.09
N THR A 553 -25.48 -28.71 -12.12
CA THR A 553 -26.65 -29.32 -12.71
C THR A 553 -26.52 -29.36 -14.23
N GLU A 554 -27.31 -30.22 -14.88
CA GLU A 554 -27.32 -30.26 -16.34
C GLU A 554 -27.80 -28.93 -16.89
N SER A 555 -27.05 -28.36 -17.83
CA SER A 555 -27.37 -27.06 -18.38
C SER A 555 -28.22 -27.18 -19.64
N ASN A 556 -29.10 -26.22 -19.83
CA ASN A 556 -29.87 -26.12 -21.06
C ASN A 556 -29.40 -24.93 -21.89
N LYS A 557 -28.21 -24.44 -21.58
CA LYS A 557 -27.62 -23.33 -22.30
C LYS A 557 -26.91 -23.82 -23.55
N LYS A 558 -27.26 -23.23 -24.68
CA LYS A 558 -26.69 -23.68 -25.94
C LYS A 558 -25.35 -23.02 -26.20
N PHE A 559 -24.30 -23.61 -25.66
CA PHE A 559 -22.96 -23.09 -25.87
C PHE A 559 -22.52 -23.31 -27.30
N LEU A 560 -21.77 -22.36 -27.84
CA LEU A 560 -21.17 -22.54 -29.14
C LEU A 560 -19.97 -23.48 -28.99
N PRO A 561 -19.55 -24.17 -30.05
CA PRO A 561 -18.52 -25.20 -30.07
C PRO A 561 -17.19 -24.73 -29.48
N PHE A 562 -16.97 -23.44 -29.41
CA PHE A 562 -15.70 -22.91 -28.93
C PHE A 562 -15.76 -22.36 -27.50
N GLN A 563 -16.96 -22.25 -26.95
CA GLN A 563 -17.13 -21.62 -25.64
C GLN A 563 -16.91 -22.62 -24.52
N GLN A 564 -16.11 -22.24 -23.53
CA GLN A 564 -15.70 -23.16 -22.47
C GLN A 564 -16.48 -22.95 -21.18
N PHE A 565 -16.96 -21.74 -20.97
CA PHE A 565 -17.71 -21.40 -19.78
C PHE A 565 -18.56 -20.18 -20.07
N GLY A 566 -19.56 -19.94 -19.25
CA GLY A 566 -20.40 -18.77 -19.41
C GLY A 566 -20.40 -17.90 -18.19
N ARG A 567 -20.95 -16.71 -18.33
CA ARG A 567 -21.05 -15.78 -17.22
C ARG A 567 -22.41 -15.11 -17.19
N ASP A 568 -22.81 -14.69 -15.99
CA ASP A 568 -24.06 -13.96 -15.80
C ASP A 568 -23.83 -12.46 -15.92
N ILE A 569 -24.86 -11.69 -15.57
CA ILE A 569 -24.79 -10.23 -15.69
C ILE A 569 -23.82 -9.61 -14.67
N ALA A 570 -23.38 -10.41 -13.70
CA ALA A 570 -22.44 -9.98 -12.69
C ALA A 570 -21.01 -10.20 -13.16
N ASP A 571 -20.89 -10.79 -14.34
CA ASP A 571 -19.60 -11.18 -14.90
C ASP A 571 -18.91 -12.22 -14.05
N THR A 572 -19.69 -13.16 -13.51
CA THR A 572 -19.11 -14.29 -12.78
C THR A 572 -19.52 -15.59 -13.44
N THR A 573 -18.69 -16.62 -13.31
CA THR A 573 -18.97 -17.89 -13.96
C THR A 573 -20.26 -18.50 -13.44
N ASP A 574 -21.13 -18.90 -14.36
CA ASP A 574 -22.39 -19.54 -13.97
C ASP A 574 -22.63 -20.81 -14.76
N ALA A 575 -21.63 -21.20 -15.54
CA ALA A 575 -21.71 -22.42 -16.34
C ALA A 575 -20.33 -22.79 -16.84
N VAL A 576 -20.06 -24.08 -16.92
CA VAL A 576 -18.79 -24.57 -17.44
C VAL A 576 -18.97 -25.74 -18.40
N ARG A 577 -17.99 -25.93 -19.27
CA ARG A 577 -17.93 -27.10 -20.11
C ARG A 577 -17.00 -28.14 -19.50
N ASP A 578 -17.53 -29.30 -19.19
CA ASP A 578 -16.73 -30.35 -18.58
C ASP A 578 -15.66 -30.80 -19.57
N PRO A 579 -14.39 -30.72 -19.20
CA PRO A 579 -13.21 -30.93 -20.03
C PRO A 579 -13.07 -32.37 -20.51
N GLN A 580 -13.84 -33.29 -19.95
CA GLN A 580 -13.74 -34.69 -20.36
C GLN A 580 -14.94 -35.14 -21.17
N THR A 581 -16.13 -34.70 -20.76
CA THR A 581 -17.35 -35.15 -21.42
C THR A 581 -17.91 -34.10 -22.36
N LEU A 582 -17.43 -32.87 -22.22
CA LEU A 582 -17.91 -31.73 -22.99
C LEU A 582 -19.37 -31.42 -22.67
N GLU A 583 -19.85 -31.95 -21.54
CA GLU A 583 -21.17 -31.64 -21.04
C GLU A 583 -21.21 -30.23 -20.49
N ILE A 584 -22.29 -29.51 -20.75
CA ILE A 584 -22.42 -28.18 -20.19
C ILE A 584 -23.15 -28.24 -18.86
N LEU A 585 -22.52 -27.67 -17.84
CA LEU A 585 -23.06 -27.70 -16.49
C LEU A 585 -23.35 -26.31 -15.99
N ASP A 586 -24.50 -26.13 -15.37
CA ASP A 586 -24.85 -24.87 -14.74
C ASP A 586 -24.31 -24.84 -13.32
N ILE A 587 -23.82 -23.70 -12.89
CA ILE A 587 -23.34 -23.56 -11.53
C ILE A 587 -24.18 -22.59 -10.74
N THR A 588 -24.77 -23.07 -9.67
CA THR A 588 -25.50 -22.19 -8.76
C THR A 588 -24.83 -22.26 -7.40
N PRO A 589 -24.90 -21.22 -6.60
CA PRO A 589 -24.39 -21.17 -5.25
C PRO A 589 -25.19 -22.11 -4.38
N CYS A 590 -24.55 -22.64 -3.33
CA CYS A 590 -25.21 -23.51 -2.36
C CYS A 590 -26.15 -22.68 -1.50
N SER A 591 -27.28 -23.26 -1.12
CA SER A 591 -28.31 -22.51 -0.42
C SER A 591 -27.74 -21.71 0.73
N PHE A 592 -28.12 -20.44 0.79
CA PHE A 592 -27.68 -19.55 1.84
C PHE A 592 -28.74 -18.50 2.12
N GLY A 593 -28.61 -17.83 3.26
CA GLY A 593 -29.53 -16.74 3.60
C GLY A 593 -29.31 -16.30 5.04
N GLY A 594 -29.90 -15.18 5.41
CA GLY A 594 -29.74 -14.67 6.76
C GLY A 594 -30.51 -15.52 7.77
N VAL A 595 -30.03 -15.53 9.00
CA VAL A 595 -30.73 -16.23 10.07
C VAL A 595 -31.12 -15.27 11.17
N SER A 596 -32.41 -15.17 11.43
CA SER A 596 -32.88 -14.26 12.45
C SER A 596 -33.62 -15.00 13.56
N VAL A 597 -33.48 -14.48 14.77
CA VAL A 597 -34.07 -15.08 15.94
C VAL A 597 -35.24 -14.27 16.45
N ILE A 598 -36.37 -14.93 16.55
CA ILE A 598 -37.61 -14.34 17.03
C ILE A 598 -37.81 -14.69 18.48
N THR A 599 -37.94 -13.69 19.32
CA THR A 599 -38.08 -13.98 20.74
C THR A 599 -38.86 -12.89 21.44
N PRO A 600 -39.61 -13.23 22.49
CA PRO A 600 -40.13 -12.35 23.50
C PRO A 600 -38.96 -11.90 24.35
N GLY A 601 -39.14 -10.89 25.17
CA GLY A 601 -38.02 -10.47 25.98
C GLY A 601 -37.61 -11.60 26.91
N THR A 602 -36.33 -11.66 27.23
CA THR A 602 -35.81 -12.69 28.15
C THR A 602 -36.34 -12.51 29.58
N ASN A 603 -36.99 -11.37 29.83
CA ASN A 603 -37.70 -11.10 31.07
C ASN A 603 -38.96 -11.97 31.19
N THR A 604 -39.46 -12.46 30.05
CA THR A 604 -40.68 -13.26 29.97
C THR A 604 -40.38 -14.73 29.68
N SER A 605 -39.57 -14.98 28.66
CA SER A 605 -39.30 -16.34 28.23
C SER A 605 -38.00 -16.49 27.46
N ASN A 606 -37.39 -17.67 27.57
CA ASN A 606 -36.17 -17.97 26.84
C ASN A 606 -36.47 -18.79 25.59
N GLN A 607 -37.74 -18.90 25.23
CA GLN A 607 -38.13 -19.60 24.01
C GLN A 607 -37.81 -18.77 22.79
N VAL A 608 -37.37 -19.42 21.73
CA VAL A 608 -37.09 -18.72 20.49
C VAL A 608 -37.67 -19.46 19.29
N ALA A 609 -37.82 -18.73 18.20
CA ALA A 609 -38.10 -19.30 16.89
C ALA A 609 -37.07 -18.77 15.92
N VAL A 610 -36.66 -19.58 14.96
CA VAL A 610 -35.63 -19.15 14.04
C VAL A 610 -36.11 -19.08 12.62
N LEU A 611 -35.92 -17.92 12.00
CA LEU A 611 -36.28 -17.73 10.61
C LEU A 611 -35.07 -17.81 9.70
N TYR A 612 -35.11 -18.76 8.77
CA TYR A 612 -34.05 -18.89 7.79
C TYR A 612 -34.47 -18.15 6.53
N GLN A 613 -33.95 -16.93 6.40
CA GLN A 613 -34.47 -15.97 5.45
C GLN A 613 -34.22 -16.38 4.02
N ASP A 614 -35.29 -16.42 3.24
CA ASP A 614 -35.22 -16.80 1.83
C ASP A 614 -34.74 -18.24 1.64
N VAL A 615 -34.82 -19.04 2.69
CA VAL A 615 -34.41 -20.44 2.64
C VAL A 615 -35.61 -21.38 2.69
N ASN A 616 -35.56 -22.45 1.89
CA ASN A 616 -36.57 -23.51 1.89
C ASN A 616 -36.44 -24.39 3.12
N CYS A 617 -37.58 -24.86 3.65
CA CYS A 617 -37.60 -25.72 4.83
C CYS A 617 -36.98 -27.09 4.54
N THR A 618 -36.83 -27.42 3.26
CA THR A 618 -36.22 -28.66 2.86
C THR A 618 -34.71 -28.52 2.72
N GLU A 619 -34.22 -27.29 2.82
CA GLU A 619 -32.80 -27.00 2.68
C GLU A 619 -32.13 -26.78 4.02
N VAL A 620 -32.89 -26.23 4.97
CA VAL A 620 -32.34 -25.91 6.28
C VAL A 620 -31.63 -27.08 7.00
N PRO A 621 -32.22 -28.30 7.09
CA PRO A 621 -31.64 -29.46 7.77
C PRO A 621 -30.65 -30.18 6.87
N ASN A 641 -42.60 -27.92 14.54
CA ASN A 641 -43.07 -26.58 14.24
C ASN A 641 -42.29 -25.96 13.08
N VAL A 642 -42.50 -26.50 11.87
CA VAL A 642 -41.84 -25.99 10.66
C VAL A 642 -42.85 -25.33 9.72
N PHE A 643 -42.76 -24.01 9.60
CA PHE A 643 -43.71 -23.23 8.83
C PHE A 643 -43.03 -22.45 7.71
N GLN A 644 -43.39 -22.76 6.47
CA GLN A 644 -42.79 -22.09 5.33
C GLN A 644 -43.55 -20.82 4.99
N THR A 645 -42.86 -19.68 5.00
CA THR A 645 -43.46 -18.41 4.64
C THR A 645 -42.68 -17.80 3.48
N ARG A 646 -43.18 -16.69 2.95
CA ARG A 646 -42.49 -16.02 1.85
C ARG A 646 -41.22 -15.34 2.33
N ALA A 647 -41.07 -15.24 3.65
CA ALA A 647 -39.91 -14.62 4.25
C ALA A 647 -38.79 -15.62 4.48
N GLY A 648 -39.08 -16.91 4.29
CA GLY A 648 -38.13 -17.96 4.62
C GLY A 648 -38.79 -19.04 5.44
N CYS A 649 -38.00 -19.94 6.03
CA CYS A 649 -38.51 -21.05 6.83
C CYS A 649 -38.47 -20.70 8.30
N LEU A 650 -39.64 -20.69 8.93
CA LEU A 650 -39.75 -20.33 10.34
C LEU A 650 -39.90 -21.58 11.19
N ILE A 651 -38.90 -21.84 12.02
CA ILE A 651 -38.88 -23.05 12.82
C ILE A 651 -38.92 -22.75 14.31
N GLY A 652 -39.87 -23.36 15.01
CA GLY A 652 -40.01 -23.17 16.44
C GLY A 652 -41.30 -22.43 16.80
N ALA A 653 -41.89 -21.76 15.82
CA ALA A 653 -43.15 -21.06 16.02
C ALA A 653 -44.30 -21.93 15.55
N GLU A 654 -45.36 -21.99 16.35
CA GLU A 654 -46.54 -22.74 15.99
C GLU A 654 -47.50 -21.89 15.18
N HIS A 655 -47.77 -22.31 13.96
CA HIS A 655 -48.68 -21.56 13.11
C HIS A 655 -50.13 -21.78 13.53
N VAL A 656 -50.89 -20.70 13.58
CA VAL A 656 -52.31 -20.78 13.92
C VAL A 656 -53.14 -20.05 12.87
N ASN A 657 -54.43 -20.39 12.79
CA ASN A 657 -55.36 -19.75 11.85
C ASN A 657 -55.84 -18.40 12.36
N ASN A 658 -55.92 -18.24 13.69
CA ASN A 658 -56.43 -17.01 14.30
C ASN A 658 -55.54 -15.82 14.00
N SER A 659 -56.16 -14.74 13.54
CA SER A 659 -55.43 -13.52 13.21
C SER A 659 -55.44 -12.54 14.39
N TYR A 660 -54.29 -11.94 14.66
CA TYR A 660 -54.15 -11.00 15.75
C TYR A 660 -53.41 -9.76 15.28
N GLU A 661 -53.37 -8.74 16.12
CA GLU A 661 -52.55 -7.57 15.84
C GLU A 661 -51.10 -8.01 15.77
N CYS A 662 -50.31 -7.37 14.92
CA CYS A 662 -48.91 -7.75 14.73
C CYS A 662 -48.08 -7.39 15.96
N ASP A 663 -47.27 -8.34 16.41
CA ASP A 663 -46.37 -8.12 17.54
C ASP A 663 -44.94 -8.07 17.03
N ILE A 664 -44.37 -9.24 16.72
CA ILE A 664 -43.06 -9.30 16.08
C ILE A 664 -43.22 -9.63 14.61
N PRO A 665 -42.90 -8.71 13.71
CA PRO A 665 -43.07 -8.84 12.28
C PRO A 665 -42.11 -9.88 11.71
N ILE A 666 -42.63 -10.76 10.86
CA ILE A 666 -41.81 -11.73 10.17
C ILE A 666 -41.62 -11.29 8.73
N GLY A 667 -42.72 -10.91 8.10
CA GLY A 667 -42.71 -10.45 6.72
C GLY A 667 -43.81 -11.10 5.91
N ALA A 668 -44.22 -10.44 4.83
CA ALA A 668 -45.23 -10.97 3.93
C ALA A 668 -46.55 -11.27 4.66
N GLY A 669 -46.92 -10.40 5.58
CA GLY A 669 -48.21 -10.52 6.26
C GLY A 669 -48.15 -11.41 7.50
N ILE A 670 -47.00 -12.03 7.74
CA ILE A 670 -46.84 -12.91 8.88
C ILE A 670 -46.16 -12.21 10.05
N CYS A 671 -46.74 -12.40 11.24
CA CYS A 671 -46.19 -11.90 12.51
C CYS A 671 -46.13 -13.04 13.51
N ALA A 672 -45.32 -12.86 14.54
CA ALA A 672 -45.21 -13.86 15.60
C ALA A 672 -45.42 -13.21 16.96
N SER A 673 -45.90 -14.00 17.90
CA SER A 673 -46.12 -13.50 19.25
C SER A 673 -45.98 -14.62 20.28
N TYR A 674 -45.83 -14.23 21.53
CA TYR A 674 -45.75 -15.21 22.61
C TYR A 674 -47.11 -15.31 23.32
N GLN A 675 -47.73 -16.49 23.23
CA GLN A 675 -49.07 -16.74 23.77
C GLN A 675 -49.12 -18.07 24.49
N GLN A 690 -47.29 -21.31 27.72
CA GLN A 690 -47.22 -20.37 26.61
C GLN A 690 -46.10 -20.77 25.64
N SER A 691 -46.26 -20.40 24.37
CA SER A 691 -45.28 -20.67 23.31
C SER A 691 -45.33 -19.60 22.22
N ILE A 692 -44.33 -19.61 21.36
CA ILE A 692 -44.30 -18.68 20.24
C ILE A 692 -45.17 -19.19 19.10
N ILE A 693 -46.04 -18.32 18.58
CA ILE A 693 -46.93 -18.68 17.50
C ILE A 693 -46.72 -17.77 16.30
N ALA A 694 -47.13 -18.25 15.14
CA ALA A 694 -47.09 -17.47 13.91
C ALA A 694 -48.49 -17.33 13.34
N TYR A 695 -48.80 -16.16 12.80
CA TYR A 695 -50.13 -15.91 12.27
C TYR A 695 -50.11 -14.83 11.20
N THR A 696 -51.18 -14.79 10.42
CA THR A 696 -51.37 -13.68 9.49
C THR A 696 -51.97 -12.51 10.26
N MET A 697 -51.34 -11.36 10.17
CA MET A 697 -51.72 -10.21 10.98
C MET A 697 -53.08 -9.66 10.58
N SER A 698 -53.79 -9.17 11.58
CA SER A 698 -55.06 -8.48 11.39
C SER A 698 -54.80 -7.02 11.06
N LEU A 699 -55.62 -6.45 10.21
CA LEU A 699 -55.49 -5.04 9.87
C LEU A 699 -56.45 -4.21 10.69
N GLY A 700 -57.17 -4.86 11.58
CA GLY A 700 -58.19 -4.21 12.39
C GLY A 700 -59.51 -4.95 12.29
N ALA A 701 -60.44 -4.61 13.18
CA ALA A 701 -61.75 -5.25 13.17
C ALA A 701 -62.56 -4.76 11.98
N GLU A 702 -63.38 -5.64 11.41
CA GLU A 702 -64.27 -5.23 10.33
C GLU A 702 -65.43 -4.44 10.88
N ASN A 703 -65.84 -3.41 10.15
CA ASN A 703 -66.93 -2.55 10.59
C ASN A 703 -67.75 -2.05 9.41
N SER A 704 -68.93 -2.61 9.21
CA SER A 704 -69.79 -2.14 8.14
C SER A 704 -70.52 -0.89 8.60
N VAL A 705 -70.69 0.06 7.71
CA VAL A 705 -71.43 1.27 8.02
C VAL A 705 -72.87 1.12 7.56
N ALA A 706 -73.80 1.51 8.42
CA ALA A 706 -75.22 1.38 8.11
C ALA A 706 -75.64 2.47 7.14
N TYR A 707 -75.08 2.42 5.94
CA TYR A 707 -75.32 3.42 4.92
C TYR A 707 -76.65 3.23 4.24
N SER A 708 -77.34 4.35 4.02
CA SER A 708 -78.53 4.39 3.20
C SER A 708 -78.67 5.82 2.69
N ASN A 709 -79.57 6.03 1.73
CA ASN A 709 -79.70 7.32 1.08
C ASN A 709 -80.44 8.36 1.93
N ASN A 710 -80.96 7.96 3.10
CA ASN A 710 -81.69 8.86 3.99
C ASN A 710 -81.38 8.62 5.47
N SER A 711 -80.23 8.03 5.78
CA SER A 711 -79.91 7.77 7.18
C SER A 711 -78.64 8.49 7.61
N ILE A 712 -78.74 9.23 8.70
CA ILE A 712 -77.59 9.95 9.24
C ILE A 712 -77.38 9.62 10.70
N ALA A 713 -76.13 9.51 11.13
CA ALA A 713 -75.85 9.34 12.55
C ALA A 713 -75.31 10.64 13.13
N ILE A 714 -75.85 11.02 14.28
CA ILE A 714 -75.41 12.24 14.95
C ILE A 714 -75.11 11.98 16.41
N PRO A 715 -73.90 12.31 16.87
CA PRO A 715 -73.42 12.24 18.24
C PRO A 715 -74.34 12.99 19.18
N THR A 716 -74.82 12.31 20.21
CA THR A 716 -75.63 12.98 21.24
C THR A 716 -74.77 13.38 22.44
N ASN A 717 -73.50 12.96 22.42
CA ASN A 717 -72.53 13.21 23.48
C ASN A 717 -71.14 13.35 22.86
N PHE A 718 -70.14 13.61 23.70
CA PHE A 718 -68.75 13.71 23.27
C PHE A 718 -67.84 13.49 24.46
N THR A 719 -66.57 13.23 24.17
CA THR A 719 -65.56 13.16 25.21
C THR A 719 -64.40 14.08 24.89
N ILE A 720 -63.66 14.46 25.92
CA ILE A 720 -62.44 15.22 25.74
C ILE A 720 -61.26 14.30 25.88
N SER A 721 -60.52 14.13 24.80
CA SER A 721 -59.40 13.22 24.78
C SER A 721 -58.10 13.98 24.76
N VAL A 722 -57.13 13.51 25.50
CA VAL A 722 -55.81 14.10 25.43
C VAL A 722 -54.80 13.05 25.00
N THR A 723 -54.10 13.33 23.91
CA THR A 723 -53.13 12.38 23.40
C THR A 723 -51.74 12.98 23.47
N THR A 724 -50.73 12.12 23.47
CA THR A 724 -49.36 12.60 23.59
C THR A 724 -48.58 12.37 22.31
N GLU A 725 -47.97 13.42 21.80
CA GLU A 725 -47.07 13.28 20.66
C GLU A 725 -45.66 13.68 21.04
N ILE A 726 -44.73 12.77 20.83
CA ILE A 726 -43.35 13.00 21.25
C ILE A 726 -42.43 13.15 20.05
N LEU A 727 -41.74 14.29 19.98
CA LEU A 727 -40.84 14.55 18.87
C LEU A 727 -39.45 14.92 19.35
N PRO A 728 -38.40 14.36 18.75
CA PRO A 728 -37.03 14.80 18.82
C PRO A 728 -36.88 16.21 18.29
N VAL A 729 -36.11 17.01 18.97
CA VAL A 729 -35.84 18.37 18.53
C VAL A 729 -34.36 18.56 18.29
N SER A 730 -33.55 18.03 19.19
CA SER A 730 -32.12 18.26 19.11
C SER A 730 -31.35 16.98 19.30
N MET A 731 -30.07 17.04 18.96
CA MET A 731 -29.16 15.91 19.05
C MET A 731 -27.95 16.31 19.86
N THR A 732 -27.34 15.35 20.54
CA THR A 732 -26.16 15.66 21.33
C THR A 732 -25.10 16.33 20.47
N LYS A 733 -24.60 17.46 20.94
CA LYS A 733 -23.62 18.23 20.16
C LYS A 733 -22.22 17.67 20.35
N THR A 734 -21.93 16.58 19.64
CA THR A 734 -20.63 15.96 19.77
C THR A 734 -19.61 16.75 18.97
N SER A 735 -18.35 16.64 19.38
CA SER A 735 -17.25 17.26 18.67
C SER A 735 -16.03 16.37 18.71
N VAL A 736 -15.47 16.09 17.54
CA VAL A 736 -14.31 15.21 17.48
C VAL A 736 -13.11 15.93 16.92
N ASP A 737 -12.03 15.92 17.67
CA ASP A 737 -10.76 16.48 17.23
C ASP A 737 -10.07 15.48 16.30
N CYS A 738 -10.15 15.73 14.99
CA CYS A 738 -9.67 14.80 13.98
C CYS A 738 -8.22 14.39 14.22
N THR A 739 -7.34 15.37 14.39
CA THR A 739 -5.93 15.07 14.57
C THR A 739 -5.68 14.23 15.81
N MET A 740 -6.32 14.59 16.93
CA MET A 740 -6.10 13.83 18.15
C MET A 740 -6.68 12.43 18.06
N TYR A 741 -7.85 12.29 17.46
CA TYR A 741 -8.47 10.99 17.31
C TYR A 741 -7.55 10.05 16.54
N ILE A 742 -7.00 10.53 15.43
CA ILE A 742 -6.17 9.72 14.57
C ILE A 742 -4.75 9.50 15.12
N CYS A 743 -4.11 10.58 15.57
CA CYS A 743 -2.68 10.58 15.88
C CYS A 743 -2.40 10.73 17.37
N GLY A 744 -3.42 11.04 18.17
CA GLY A 744 -3.16 11.30 19.57
C GLY A 744 -2.22 12.49 19.70
N ASP A 745 -1.14 12.31 20.45
CA ASP A 745 -0.16 13.35 20.65
C ASP A 745 1.13 13.08 19.89
N SER A 746 1.06 12.22 18.88
CA SER A 746 2.22 11.87 18.08
C SER A 746 2.51 12.90 16.99
N THR A 747 3.71 13.47 17.04
CA THR A 747 4.14 14.44 16.05
C THR A 747 4.41 13.76 14.71
N GLU A 748 4.96 12.55 14.78
CA GLU A 748 5.31 11.80 13.57
C GLU A 748 4.06 11.48 12.74
N CYS A 749 2.99 11.05 13.43
CA CYS A 749 1.71 10.79 12.78
C CYS A 749 1.10 12.07 12.25
N SER A 750 1.14 13.13 13.06
CA SER A 750 0.55 14.40 12.66
C SER A 750 1.16 14.90 11.36
N ASN A 751 2.46 14.77 11.23
CA ASN A 751 3.14 15.21 10.01
C ASN A 751 2.72 14.39 8.79
N LEU A 752 2.44 13.11 9.00
CA LEU A 752 1.97 12.25 7.92
C LEU A 752 0.52 12.56 7.58
N LEU A 753 -0.25 12.94 8.60
CA LEU A 753 -1.65 13.27 8.42
C LEU A 753 -1.80 14.47 7.49
N LEU A 754 -0.85 15.38 7.54
CA LEU A 754 -0.86 16.58 6.70
C LEU A 754 -0.75 16.26 5.22
N GLN A 755 -0.28 15.06 4.89
CA GLN A 755 -0.11 14.67 3.50
C GLN A 755 -1.45 14.41 2.85
N TYR A 756 -2.50 14.33 3.67
CA TYR A 756 -3.83 14.05 3.18
C TYR A 756 -4.62 15.32 2.93
N GLY A 757 -3.98 16.46 3.09
CA GLY A 757 -4.63 17.74 2.83
C GLY A 757 -5.51 18.18 3.98
N SER A 758 -6.71 18.62 3.65
CA SER A 758 -7.59 19.27 4.63
C SER A 758 -8.76 18.39 5.04
N PHE A 759 -8.62 17.07 4.91
CA PHE A 759 -9.71 16.17 5.31
C PHE A 759 -10.17 16.44 6.74
N CYS A 760 -9.23 16.66 7.66
CA CYS A 760 -9.54 16.93 9.06
C CYS A 760 -10.28 18.25 9.24
N THR A 761 -9.99 19.22 8.38
CA THR A 761 -10.69 20.49 8.45
C THR A 761 -12.13 20.31 8.06
N GLN A 762 -12.37 19.52 7.01
CA GLN A 762 -13.71 19.23 6.55
C GLN A 762 -14.52 18.49 7.60
N LEU A 763 -13.87 17.56 8.29
CA LEU A 763 -14.54 16.75 9.30
C LEU A 763 -14.85 17.57 10.54
N ASN A 764 -13.90 18.41 10.95
CA ASN A 764 -14.12 19.26 12.11
C ASN A 764 -15.22 20.27 11.79
N ARG A 765 -15.23 20.75 10.55
CA ARG A 765 -16.21 21.71 10.09
C ARG A 765 -17.61 21.12 10.02
N ALA A 766 -17.71 19.89 9.50
CA ALA A 766 -18.99 19.23 9.37
C ALA A 766 -19.64 19.01 10.72
N LEU A 767 -18.85 18.60 11.71
CA LEU A 767 -19.37 18.38 13.05
C LEU A 767 -19.74 19.68 13.72
N THR A 768 -18.97 20.73 13.44
CA THR A 768 -19.29 22.05 13.98
C THR A 768 -20.62 22.53 13.43
N GLY A 769 -20.82 22.32 12.13
CA GLY A 769 -22.06 22.71 11.47
C GLY A 769 -23.26 22.04 12.12
N ILE A 770 -23.11 20.75 12.43
CA ILE A 770 -24.18 20.03 13.10
C ILE A 770 -24.44 20.61 14.48
N ALA A 771 -23.37 20.84 15.24
CA ALA A 771 -23.52 21.36 16.59
C ALA A 771 -24.28 22.67 16.60
N VAL A 772 -24.00 23.54 15.63
CA VAL A 772 -24.70 24.80 15.54
C VAL A 772 -26.17 24.59 15.22
N GLU A 773 -26.45 23.69 14.28
CA GLU A 773 -27.83 23.37 13.90
C GLU A 773 -28.66 22.95 15.10
N GLN A 774 -28.05 22.22 16.03
CA GLN A 774 -28.80 21.68 17.16
C GLN A 774 -29.35 22.78 18.05
N ASP A 775 -28.67 23.91 18.13
CA ASP A 775 -29.17 25.02 18.91
C ASP A 775 -30.25 25.75 18.14
N LYS A 776 -30.07 25.80 16.83
CA LYS A 776 -31.07 26.40 15.96
C LYS A 776 -32.37 25.61 16.05
N ASN A 777 -32.26 24.29 16.08
CA ASN A 777 -33.44 23.43 16.16
C ASN A 777 -34.21 23.69 17.43
N THR A 778 -33.50 23.80 18.55
CA THR A 778 -34.14 24.07 19.83
C THR A 778 -34.82 25.43 19.82
N GLN A 779 -34.12 26.43 19.29
CA GLN A 779 -34.66 27.78 19.25
C GLN A 779 -35.92 27.86 18.41
N GLU A 780 -35.92 27.20 17.26
CA GLU A 780 -37.07 27.24 16.35
C GLU A 780 -38.32 26.65 16.98
N VAL A 781 -38.15 25.63 17.81
CA VAL A 781 -39.29 24.98 18.44
C VAL A 781 -39.79 25.73 19.67
N PHE A 782 -38.88 26.14 20.56
CA PHE A 782 -39.30 26.67 21.85
C PHE A 782 -39.36 28.19 21.92
N ALA A 783 -38.44 28.87 21.25
CA ALA A 783 -38.38 30.33 21.36
C ALA A 783 -39.32 30.99 20.36
N GLN A 784 -40.60 30.70 20.48
CA GLN A 784 -41.60 31.24 19.56
C GLN A 784 -42.41 32.36 20.19
N VAL A 785 -42.08 32.69 21.43
CA VAL A 785 -42.80 33.75 22.12
C VAL A 785 -41.82 34.84 22.55
N LYS A 786 -42.18 36.09 22.24
CA LYS A 786 -41.31 37.22 22.54
C LYS A 786 -41.26 37.56 24.02
N GLN A 787 -42.37 37.36 24.70
CA GLN A 787 -42.47 37.65 26.13
C GLN A 787 -42.56 36.39 26.95
N ILE A 788 -42.12 36.47 28.18
CA ILE A 788 -42.27 35.35 29.09
C ILE A 788 -43.51 35.55 29.93
N TYR A 789 -44.57 34.86 29.55
CA TYR A 789 -45.86 35.05 30.16
C TYR A 789 -45.97 34.30 31.46
N LYS A 790 -46.64 34.91 32.43
CA LYS A 790 -46.85 34.28 33.71
C LYS A 790 -48.33 34.06 33.97
N THR A 791 -48.65 32.96 34.64
CA THR A 791 -50.01 32.69 35.05
C THR A 791 -50.33 33.51 36.30
N PRO A 792 -51.61 33.76 36.59
CA PRO A 792 -52.09 34.44 37.77
C PRO A 792 -51.84 33.59 39.01
N PRO A 793 -51.67 34.23 40.17
CA PRO A 793 -51.62 33.65 41.50
C PRO A 793 -52.82 32.75 41.79
N ILE A 794 -53.99 33.13 41.28
CA ILE A 794 -55.20 32.35 41.49
C ILE A 794 -55.61 31.62 40.24
N LYS A 795 -55.49 30.30 40.26
CA LYS A 795 -55.74 29.48 39.08
C LYS A 795 -57.21 29.17 38.91
N ASP A 796 -58.01 30.19 38.62
CA ASP A 796 -59.43 29.98 38.38
C ASP A 796 -59.73 30.00 36.88
N PHE A 797 -59.87 28.82 36.31
CA PHE A 797 -60.09 28.69 34.88
C PHE A 797 -61.43 28.05 34.60
N GLY A 798 -62.35 28.18 35.54
CA GLY A 798 -63.71 27.70 35.36
C GLY A 798 -63.84 26.20 35.57
N GLY A 799 -62.95 25.63 36.38
CA GLY A 799 -63.00 24.20 36.67
C GLY A 799 -61.91 23.44 35.94
N PHE A 800 -61.22 24.10 35.03
CA PHE A 800 -60.13 23.46 34.29
C PHE A 800 -58.83 23.50 35.09
N ASN A 801 -58.32 22.31 35.41
CA ASN A 801 -57.15 22.12 36.26
C ASN A 801 -55.90 21.86 35.41
N PHE A 802 -54.95 22.79 35.45
CA PHE A 802 -53.72 22.70 34.65
C PHE A 802 -52.49 22.44 35.52
N SER A 803 -52.71 21.95 36.73
CA SER A 803 -51.61 21.79 37.69
C SER A 803 -50.56 20.78 37.24
N GLN A 804 -50.91 19.90 36.31
CA GLN A 804 -49.98 18.88 35.86
C GLN A 804 -49.14 19.31 34.67
N ILE A 805 -49.51 20.43 34.07
CA ILE A 805 -48.78 20.93 32.92
C ILE A 805 -48.05 22.23 33.24
N LEU A 806 -48.51 22.92 34.29
CA LEU A 806 -47.85 24.13 34.75
C LEU A 806 -46.70 23.77 35.69
N PRO A 807 -45.65 24.60 35.77
CA PRO A 807 -44.49 24.44 36.62
C PRO A 807 -44.86 24.22 38.08
N ASP A 808 -44.19 23.27 38.72
CA ASP A 808 -44.38 22.99 40.12
C ASP A 808 -43.40 23.81 40.97
N PRO A 809 -43.87 24.83 41.69
CA PRO A 809 -43.09 25.84 42.38
C PRO A 809 -42.31 25.27 43.55
N SER A 810 -42.65 24.05 43.97
CA SER A 810 -41.99 23.43 45.11
C SER A 810 -40.66 22.78 44.71
N LYS A 811 -40.44 22.65 43.41
CA LYS A 811 -39.22 22.01 42.92
C LYS A 811 -38.28 23.03 42.28
N PRO A 812 -37.00 23.03 42.65
CA PRO A 812 -35.94 23.90 42.15
C PRO A 812 -35.86 23.94 40.62
N SER A 813 -36.22 22.84 39.98
CA SER A 813 -36.15 22.74 38.52
C SER A 813 -37.28 23.50 37.83
N LYS A 814 -38.31 23.85 38.59
CA LYS A 814 -39.46 24.56 38.07
C LYS A 814 -40.09 23.86 36.87
N ARG A 815 -40.20 22.53 36.97
CA ARG A 815 -40.82 21.74 35.92
C ARG A 815 -42.24 21.37 36.34
N SER A 816 -43.09 21.12 35.36
CA SER A 816 -44.42 20.61 35.67
C SER A 816 -44.29 19.17 36.13
N PRO A 817 -45.27 18.62 36.84
CA PRO A 817 -45.38 17.23 37.23
C PRO A 817 -45.18 16.28 36.05
N ILE A 818 -45.71 16.64 34.89
CA ILE A 818 -45.52 15.82 33.69
C ILE A 818 -44.12 15.98 33.13
N GLU A 819 -43.61 17.21 33.07
CA GLU A 819 -42.25 17.42 32.59
C GLU A 819 -41.25 16.70 33.47
N ASP A 820 -41.50 16.70 34.77
CA ASP A 820 -40.62 16.04 35.73
C ASP A 820 -40.57 14.55 35.42
N LEU A 821 -41.73 13.96 35.13
CA LEU A 821 -41.82 12.57 34.76
C LEU A 821 -41.07 12.29 33.45
N LEU A 822 -41.23 13.17 32.47
CA LEU A 822 -40.60 12.97 31.17
C LEU A 822 -39.08 12.95 31.30
N PHE A 823 -38.54 13.85 32.10
CA PHE A 823 -37.10 13.92 32.31
C PHE A 823 -36.58 12.74 33.12
N ASN A 824 -37.39 12.23 34.03
CA ASN A 824 -37.00 11.07 34.81
C ASN A 824 -36.95 9.80 33.96
N LYS A 825 -37.83 9.72 32.96
CA LYS A 825 -37.87 8.57 32.08
C LYS A 825 -36.69 8.52 31.11
N VAL A 826 -36.30 9.68 30.57
CA VAL A 826 -35.16 9.80 29.64
C VAL A 826 -34.25 10.94 30.12
N PHE A 855 -11.66 11.34 26.20
CA PHE A 855 -10.43 10.55 26.28
C PHE A 855 -9.67 10.50 24.96
N ASN A 856 -10.40 10.52 23.84
CA ASN A 856 -9.77 10.32 22.54
C ASN A 856 -10.04 11.49 21.60
N GLY A 857 -10.11 12.69 22.16
CA GLY A 857 -10.39 13.88 21.37
C GLY A 857 -11.89 14.02 21.15
N LEU A 858 -12.65 13.20 21.85
CA LEU A 858 -14.12 13.17 21.73
C LEU A 858 -14.77 13.89 22.89
N THR A 859 -15.39 15.03 22.60
CA THR A 859 -16.02 15.82 23.66
C THR A 859 -17.47 16.14 23.30
N VAL A 860 -18.23 16.57 24.30
CA VAL A 860 -19.61 16.98 24.09
C VAL A 860 -19.84 18.41 24.53
N LEU A 861 -20.40 19.22 23.64
CA LEU A 861 -20.66 20.61 23.93
C LEU A 861 -22.05 20.75 24.54
N PRO A 862 -22.22 21.65 25.52
CA PRO A 862 -23.49 21.97 26.15
C PRO A 862 -24.37 22.75 25.18
N PRO A 863 -25.68 22.53 25.22
CA PRO A 863 -26.72 23.31 24.57
C PRO A 863 -26.66 24.75 25.02
N LEU A 864 -27.02 25.67 24.13
CA LEU A 864 -27.08 27.07 24.49
C LEU A 864 -28.19 27.30 25.51
N LEU A 865 -29.34 26.69 25.27
CA LEU A 865 -30.45 26.79 26.20
C LEU A 865 -30.48 25.61 27.14
N THR A 866 -30.35 25.89 28.42
CA THR A 866 -30.36 24.85 29.44
C THR A 866 -31.77 24.33 29.63
N ASP A 867 -31.89 23.19 30.30
CA ASP A 867 -33.21 22.62 30.53
C ASP A 867 -34.12 23.61 31.23
N GLU A 868 -33.53 24.40 32.13
CA GLU A 868 -34.28 25.41 32.85
C GLU A 868 -34.84 26.46 31.90
N MET A 869 -34.04 26.87 30.91
CA MET A 869 -34.46 27.90 29.96
C MET A 869 -35.52 27.37 29.02
N ILE A 870 -35.41 26.11 28.65
CA ILE A 870 -36.41 25.47 27.80
C ILE A 870 -37.72 25.37 28.57
N ALA A 871 -37.63 25.01 29.85
CA ALA A 871 -38.80 24.94 30.70
C ALA A 871 -39.47 26.31 30.82
N GLN A 872 -38.66 27.38 30.89
CA GLN A 872 -39.22 28.72 30.96
C GLN A 872 -39.96 29.09 29.69
N TYR A 873 -39.40 28.73 28.54
CA TYR A 873 -40.10 28.99 27.28
C TYR A 873 -41.42 28.25 27.25
N THR A 874 -41.40 27.00 27.69
CA THR A 874 -42.59 26.18 27.69
C THR A 874 -43.66 26.78 28.60
N SER A 875 -43.26 27.22 29.79
CA SER A 875 -44.21 27.79 30.73
C SER A 875 -44.80 29.08 30.20
N ALA A 876 -44.01 29.84 29.45
CA ALA A 876 -44.49 31.07 28.83
C ALA A 876 -45.56 30.77 27.80
N LEU A 877 -45.32 29.73 27.01
CA LEU A 877 -46.27 29.30 25.99
C LEU A 877 -47.54 28.79 26.64
N LEU A 878 -47.40 28.09 27.75
CA LEU A 878 -48.56 27.58 28.48
C LEU A 878 -49.36 28.73 29.08
N ALA A 879 -48.67 29.68 29.68
CA ALA A 879 -49.33 30.81 30.30
C ALA A 879 -50.10 31.61 29.27
N GLY A 880 -49.49 31.79 28.11
CA GLY A 880 -50.14 32.52 27.02
C GLY A 880 -51.37 31.76 26.55
N THR A 881 -51.21 30.48 26.29
CA THR A 881 -52.30 29.65 25.79
C THR A 881 -53.48 29.67 26.73
N ILE A 882 -53.21 29.60 28.02
CA ILE A 882 -54.27 29.54 29.02
C ILE A 882 -54.95 30.89 29.27
N THR A 883 -54.17 31.96 29.36
CA THR A 883 -54.74 33.25 29.74
C THR A 883 -55.18 34.13 28.58
N SER A 884 -54.60 33.94 27.39
CA SER A 884 -54.91 34.81 26.27
C SER A 884 -55.19 34.05 24.97
N GLY A 885 -55.48 32.77 25.10
CA GLY A 885 -55.80 31.96 23.92
C GLY A 885 -54.68 31.99 22.90
N TRP A 886 -55.05 32.24 21.64
CA TRP A 886 -54.08 32.28 20.56
C TRP A 886 -53.68 33.70 20.18
N THR A 887 -54.20 34.69 20.90
CA THR A 887 -53.99 36.06 20.48
C THR A 887 -52.53 36.48 20.63
N PHE A 888 -51.87 35.91 21.63
CA PHE A 888 -50.48 36.24 21.89
C PHE A 888 -49.56 35.67 20.82
N GLY A 889 -50.09 34.76 20.02
CA GLY A 889 -49.31 34.16 18.94
C GLY A 889 -49.47 34.93 17.65
N ALA A 890 -50.30 35.99 17.68
CA ALA A 890 -50.54 36.80 16.49
C ALA A 890 -50.10 38.23 16.74
N GLY A 891 -50.46 38.77 17.90
CA GLY A 891 -50.09 40.12 18.28
C GLY A 891 -49.80 40.18 19.77
N PRO A 892 -50.43 41.09 20.50
CA PRO A 892 -50.37 41.23 21.95
C PRO A 892 -51.20 40.15 22.61
N ALA A 893 -50.90 39.84 23.86
CA ALA A 893 -51.70 38.88 24.60
C ALA A 893 -52.97 39.52 25.10
N LEU A 894 -54.10 39.05 24.60
CA LEU A 894 -55.40 39.59 24.99
C LEU A 894 -56.08 38.66 25.98
N GLN A 895 -56.22 39.08 27.22
CA GLN A 895 -56.79 38.19 28.21
C GLN A 895 -58.21 37.80 27.85
N ILE A 896 -58.58 36.58 28.21
CA ILE A 896 -59.92 36.06 28.00
C ILE A 896 -60.17 34.98 29.06
N PRO A 897 -61.37 34.91 29.65
CA PRO A 897 -61.78 33.85 30.56
C PRO A 897 -61.57 32.52 29.89
N PHE A 898 -61.02 31.56 30.60
CA PHE A 898 -60.71 30.29 29.96
C PHE A 898 -61.93 29.61 29.35
N PRO A 899 -63.07 29.51 30.05
CA PRO A 899 -64.30 28.92 29.55
C PRO A 899 -64.73 29.57 28.25
N MET A 900 -64.50 30.87 28.12
CA MET A 900 -64.87 31.61 26.92
C MET A 900 -63.94 31.27 25.79
N GLN A 901 -62.67 31.07 26.12
CA GLN A 901 -61.68 30.63 25.16
C GLN A 901 -62.02 29.25 24.63
N MET A 902 -62.44 28.36 25.52
CA MET A 902 -62.82 27.02 25.13
C MET A 902 -64.07 27.05 24.27
N ALA A 903 -64.96 28.00 24.56
CA ALA A 903 -66.17 28.18 23.77
C ALA A 903 -65.82 28.55 22.34
N TYR A 904 -64.80 29.38 22.16
CA TYR A 904 -64.38 29.79 20.84
C TYR A 904 -63.76 28.61 20.10
N ARG A 905 -63.06 27.76 20.84
CA ARG A 905 -62.44 26.58 20.29
C ARG A 905 -63.50 25.55 19.88
N PHE A 906 -64.62 25.54 20.59
CA PHE A 906 -65.75 24.70 20.19
C PHE A 906 -66.36 25.19 18.88
N ASN A 907 -66.51 26.51 18.76
CA ASN A 907 -67.02 27.08 17.51
C ASN A 907 -66.10 26.70 16.36
N GLY A 908 -64.80 26.66 16.64
CA GLY A 908 -63.80 26.37 15.64
C GLY A 908 -63.89 24.94 15.09
N ILE A 909 -64.63 24.07 15.75
CA ILE A 909 -64.78 22.69 15.30
C ILE A 909 -66.20 22.40 14.87
N GLY A 910 -67.00 23.44 14.69
CA GLY A 910 -68.37 23.26 14.21
C GLY A 910 -69.34 22.88 15.32
N VAL A 911 -69.04 23.27 16.55
CA VAL A 911 -69.92 23.00 17.67
C VAL A 911 -70.29 24.32 18.33
N THR A 912 -71.58 24.54 18.55
CA THR A 912 -72.01 25.84 19.05
C THR A 912 -71.53 26.08 20.48
N GLN A 913 -71.32 27.35 20.81
CA GLN A 913 -70.69 27.75 22.07
C GLN A 913 -71.51 27.39 23.30
N ASN A 914 -72.82 27.26 23.12
CA ASN A 914 -73.68 26.94 24.25
C ASN A 914 -73.43 25.53 24.73
N VAL A 915 -72.84 24.70 23.87
CA VAL A 915 -72.55 23.32 24.25
C VAL A 915 -71.46 23.33 25.32
N LEU A 916 -70.49 24.21 25.14
CA LEU A 916 -69.39 24.35 26.09
C LEU A 916 -69.93 24.82 27.43
N TYR A 917 -70.76 25.84 27.40
CA TYR A 917 -71.23 26.45 28.64
C TYR A 917 -72.21 25.55 29.37
N GLU A 918 -73.12 24.93 28.64
CA GLU A 918 -74.11 24.07 29.25
C GLU A 918 -73.48 22.84 29.89
N ASN A 919 -72.40 22.36 29.27
CA ASN A 919 -71.70 21.20 29.78
C ASN A 919 -70.35 21.58 30.38
N GLN A 920 -70.19 22.83 30.78
CA GLN A 920 -68.88 23.29 31.27
C GLN A 920 -68.32 22.41 32.37
N LYS A 921 -69.17 22.00 33.30
CA LYS A 921 -68.69 21.18 34.41
C LYS A 921 -68.21 19.82 33.91
N LEU A 922 -69.00 19.21 33.04
CA LEU A 922 -68.64 17.92 32.47
C LEU A 922 -67.36 17.99 31.67
N ILE A 923 -67.23 19.04 30.87
CA ILE A 923 -66.08 19.21 30.00
C ILE A 923 -64.82 19.40 30.81
N ALA A 924 -64.91 20.23 31.85
CA ALA A 924 -63.77 20.45 32.72
C ALA A 924 -63.36 19.15 33.40
N ASN A 925 -64.34 18.34 33.79
CA ASN A 925 -64.05 17.06 34.43
C ASN A 925 -63.42 16.07 33.47
N GLN A 926 -63.92 16.01 32.24
CA GLN A 926 -63.36 15.12 31.24
C GLN A 926 -61.93 15.54 30.92
N PHE A 927 -61.71 16.86 30.86
CA PHE A 927 -60.39 17.40 30.61
C PHE A 927 -59.43 17.03 31.73
N ASN A 928 -59.84 17.27 32.97
CA ASN A 928 -58.98 17.04 34.12
C ASN A 928 -58.64 15.57 34.23
N SER A 929 -59.61 14.71 33.93
CA SER A 929 -59.40 13.28 33.97
C SER A 929 -58.39 12.86 32.92
N ALA A 930 -58.55 13.37 31.71
CA ALA A 930 -57.67 13.04 30.60
C ALA A 930 -56.23 13.42 30.91
N ILE A 931 -56.03 14.57 31.53
CA ILE A 931 -54.68 15.00 31.88
C ILE A 931 -54.08 14.05 32.92
N GLY A 932 -54.88 13.66 33.90
CA GLY A 932 -54.42 12.71 34.90
C GLY A 932 -54.00 11.40 34.25
N LYS A 933 -54.76 10.99 33.24
CA LYS A 933 -54.44 9.77 32.50
C LYS A 933 -53.10 9.87 31.79
N ILE A 934 -52.75 11.06 31.31
CA ILE A 934 -51.49 11.25 30.63
C ILE A 934 -50.32 10.92 31.53
N GLN A 935 -50.34 11.44 32.75
CA GLN A 935 -49.24 11.20 33.66
C GLN A 935 -49.14 9.72 34.01
N ASP A 936 -50.29 9.07 34.19
CA ASP A 936 -50.30 7.64 34.52
C ASP A 936 -49.85 6.80 33.34
N SER A 937 -50.24 7.19 32.15
CA SER A 937 -49.89 6.46 30.93
C SER A 937 -48.39 6.50 30.71
N LEU A 938 -47.80 7.68 30.86
CA LEU A 938 -46.36 7.81 30.67
C LEU A 938 -45.60 7.05 31.75
N SER A 939 -46.07 7.16 33.00
CA SER A 939 -45.39 6.52 34.11
C SER A 939 -45.37 5.01 33.96
N SER A 940 -46.48 4.46 33.48
CA SER A 940 -46.64 3.01 33.36
C SER A 940 -46.21 2.46 32.00
N THR A 941 -45.68 3.33 31.13
CA THR A 941 -45.29 2.90 29.79
C THR A 941 -43.85 3.34 29.47
N PRO A 942 -42.84 2.55 29.85
CA PRO A 942 -41.42 2.81 29.71
C PRO A 942 -41.02 3.10 28.26
N SER A 943 -41.80 2.57 27.32
CA SER A 943 -41.52 2.73 25.90
C SER A 943 -42.10 4.02 25.32
N ALA A 944 -42.83 4.76 26.15
CA ALA A 944 -43.54 5.94 25.67
C ALA A 944 -42.61 6.95 25.04
N LEU A 945 -41.40 7.08 25.58
CA LEU A 945 -40.45 8.07 25.09
C LEU A 945 -39.37 7.42 24.24
N GLY A 946 -39.69 6.27 23.66
CA GLY A 946 -38.75 5.56 22.82
C GLY A 946 -38.22 6.43 21.70
N LYS A 947 -39.06 7.33 21.18
CA LYS A 947 -38.64 8.21 20.10
C LYS A 947 -37.46 9.09 20.51
N LEU A 948 -37.39 9.48 21.77
CA LEU A 948 -36.28 10.32 22.23
C LEU A 948 -35.10 9.45 22.62
N GLN A 949 -35.39 8.29 23.18
CA GLN A 949 -34.35 7.37 23.63
C GLN A 949 -33.61 6.80 22.44
N ASP A 950 -34.32 6.58 21.33
CA ASP A 950 -33.72 6.06 20.11
C ASP A 950 -32.64 6.99 19.58
N VAL A 951 -32.87 8.29 19.71
CA VAL A 951 -31.90 9.27 19.25
C VAL A 951 -30.66 9.20 20.10
N VAL A 952 -30.87 9.12 21.42
CA VAL A 952 -29.76 9.00 22.35
C VAL A 952 -28.96 7.74 22.10
N ASN A 953 -29.66 6.63 21.86
CA ASN A 953 -29.02 5.35 21.65
C ASN A 953 -28.21 5.33 20.35
N GLN A 954 -28.74 5.95 19.30
CA GLN A 954 -28.05 5.95 18.01
C GLN A 954 -26.76 6.74 18.08
N ASN A 955 -26.76 7.84 18.81
CA ASN A 955 -25.57 8.68 18.89
C ASN A 955 -24.56 8.05 19.83
N ALA A 956 -25.02 7.45 20.92
CA ALA A 956 -24.11 6.77 21.82
C ALA A 956 -23.46 5.60 21.13
N GLN A 957 -24.24 4.90 20.32
CA GLN A 957 -23.74 3.76 19.56
C GLN A 957 -22.71 4.20 18.54
N ALA A 958 -22.99 5.32 17.87
CA ALA A 958 -22.07 5.84 16.87
C ALA A 958 -20.73 6.22 17.49
N LEU A 959 -20.77 6.84 18.67
CA LEU A 959 -19.54 7.22 19.35
C LEU A 959 -18.77 6.00 19.83
N ASN A 960 -19.49 5.01 20.34
CA ASN A 960 -18.84 3.81 20.84
C ASN A 960 -18.15 3.08 19.71
N THR A 961 -18.79 3.04 18.55
CA THR A 961 -18.18 2.40 17.39
C THR A 961 -16.94 3.15 16.94
N LEU A 962 -17.03 4.48 16.91
CA LEU A 962 -15.89 5.31 16.50
C LEU A 962 -14.70 5.04 17.41
N VAL A 963 -14.95 4.98 18.72
CA VAL A 963 -13.89 4.72 19.68
C VAL A 963 -13.29 3.34 19.53
N LYS A 964 -14.15 2.34 19.35
CA LYS A 964 -13.68 0.96 19.19
C LYS A 964 -12.76 0.80 17.99
N GLN A 965 -12.98 1.58 16.94
CA GLN A 965 -12.16 1.49 15.74
C GLN A 965 -10.70 1.82 16.01
N LEU A 966 -10.41 2.49 17.12
CA LEU A 966 -9.05 2.83 17.46
C LEU A 966 -8.26 1.60 17.87
N SER A 967 -8.97 0.51 18.16
CA SER A 967 -8.36 -0.73 18.59
C SER A 967 -8.05 -1.63 17.39
N SER A 968 -8.42 -1.20 16.20
CA SER A 968 -8.19 -1.98 15.00
C SER A 968 -6.78 -1.74 14.45
N ASN A 969 -6.20 -2.77 13.86
CA ASN A 969 -4.86 -2.66 13.29
C ASN A 969 -4.86 -2.07 11.90
N PHE A 970 -5.91 -2.38 11.14
CA PHE A 970 -6.00 -1.94 9.75
C PHE A 970 -4.80 -2.40 8.93
N GLY A 971 -4.20 -3.52 9.33
CA GLY A 971 -3.06 -4.08 8.62
C GLY A 971 -1.74 -3.76 9.29
N ALA A 972 -1.77 -2.84 10.26
CA ALA A 972 -0.58 -2.46 10.99
C ALA A 972 -0.17 -3.54 11.98
N ILE A 973 1.09 -3.52 12.39
CA ILE A 973 1.59 -4.46 13.39
C ILE A 973 0.93 -4.26 14.74
N SER A 974 0.37 -3.07 14.95
CA SER A 974 -0.27 -2.76 16.21
C SER A 974 -1.30 -1.65 16.04
N SER A 975 -2.36 -1.72 16.84
CA SER A 975 -3.38 -0.68 16.87
C SER A 975 -2.92 0.49 17.71
N VAL A 976 -1.82 0.31 18.43
CA VAL A 976 -1.31 1.33 19.34
C VAL A 976 -0.17 2.08 18.68
N LEU A 977 -0.38 3.38 18.50
CA LEU A 977 0.57 4.22 17.80
C LEU A 977 1.89 4.32 18.56
N ASN A 978 1.81 4.34 19.88
CA ASN A 978 3.00 4.43 20.72
C ASN A 978 3.86 3.18 20.63
N ASP A 979 3.24 2.03 20.41
CA ASP A 979 3.99 0.79 20.32
C ASP A 979 4.77 0.75 19.02
N ILE A 980 4.17 1.26 17.96
CA ILE A 980 4.84 1.34 16.67
C ILE A 980 6.05 2.25 16.75
N LEU A 981 5.87 3.40 17.38
CA LEU A 981 6.93 4.39 17.49
C LEU A 981 8.07 3.94 18.40
N SER A 982 7.75 3.16 19.43
CA SER A 982 8.78 2.69 20.35
C SER A 982 9.61 1.57 19.73
N ARG A 983 9.03 0.84 18.79
CA ARG A 983 9.74 -0.28 18.17
C ARG A 983 10.47 0.10 16.89
N LEU A 984 9.82 0.85 16.02
CA LEU A 984 10.37 1.08 14.68
C LEU A 984 10.98 2.46 14.49
N ASP A 985 11.95 2.55 13.59
CA ASP A 985 12.51 3.80 13.14
C ASP A 985 11.58 4.40 12.08
N PRO A 986 11.59 5.72 11.87
CA PRO A 986 10.73 6.46 10.97
C PRO A 986 10.51 5.81 9.58
N PRO A 987 11.54 5.30 8.89
CA PRO A 987 11.43 4.70 7.56
C PRO A 987 10.50 3.49 7.55
N GLU A 988 10.32 2.85 8.70
CA GLU A 988 9.45 1.69 8.81
C GLU A 988 8.19 2.02 9.59
N ALA A 989 8.32 2.95 10.55
CA ALA A 989 7.20 3.37 11.36
C ALA A 989 6.18 4.06 10.47
N GLU A 990 6.67 4.82 9.50
CA GLU A 990 5.80 5.54 8.59
C GLU A 990 4.81 4.61 7.90
N VAL A 991 5.27 3.43 7.53
CA VAL A 991 4.40 2.48 6.84
C VAL A 991 3.29 1.99 7.75
N GLN A 992 3.67 1.65 8.97
CA GLN A 992 2.69 1.14 9.93
C GLN A 992 1.73 2.24 10.37
N ILE A 993 2.24 3.46 10.48
CA ILE A 993 1.44 4.60 10.87
C ILE A 993 0.47 4.97 9.77
N ASP A 994 0.95 4.95 8.53
CA ASP A 994 0.12 5.27 7.39
C ASP A 994 -1.10 4.36 7.35
N ARG A 995 -0.91 3.09 7.69
CA ARG A 995 -2.01 2.14 7.72
C ARG A 995 -3.04 2.52 8.77
N LEU A 996 -2.57 2.97 9.94
CA LEU A 996 -3.48 3.41 10.99
C LEU A 996 -4.18 4.69 10.62
N ILE A 997 -3.47 5.60 9.95
CA ILE A 997 -4.09 6.85 9.53
C ILE A 997 -5.19 6.60 8.54
N THR A 998 -4.94 5.76 7.55
CA THR A 998 -5.94 5.48 6.55
C THR A 998 -7.18 4.89 7.19
N GLY A 999 -6.99 3.91 8.07
CA GLY A 999 -8.10 3.24 8.74
C GLY A 999 -8.86 4.16 9.67
N ARG A 1000 -8.14 4.96 10.45
CA ARG A 1000 -8.77 5.84 11.43
C ARG A 1000 -9.44 7.03 10.75
N LEU A 1001 -8.83 7.53 9.69
CA LEU A 1001 -9.41 8.61 8.94
C LEU A 1001 -10.70 8.15 8.29
N GLN A 1002 -10.67 6.95 7.71
CA GLN A 1002 -11.84 6.35 7.11
C GLN A 1002 -12.95 6.14 8.14
N SER A 1003 -12.56 5.71 9.34
CA SER A 1003 -13.53 5.48 10.41
C SER A 1003 -14.19 6.78 10.83
N LEU A 1004 -13.40 7.85 10.90
CA LEU A 1004 -13.93 9.14 11.28
C LEU A 1004 -14.83 9.71 10.19
N GLN A 1005 -14.46 9.51 8.93
CA GLN A 1005 -15.30 9.98 7.83
C GLN A 1005 -16.64 9.27 7.85
N THR A 1006 -16.63 7.98 8.18
CA THR A 1006 -17.85 7.21 8.27
C THR A 1006 -18.75 7.79 9.35
N TYR A 1007 -18.17 8.07 10.51
CA TYR A 1007 -18.91 8.64 11.62
C TYR A 1007 -19.56 9.97 11.24
N VAL A 1008 -18.78 10.86 10.66
CA VAL A 1008 -19.28 12.18 10.33
C VAL A 1008 -20.39 12.11 9.29
N THR A 1009 -20.23 11.26 8.28
CA THR A 1009 -21.25 11.12 7.26
C THR A 1009 -22.57 10.69 7.88
N GLN A 1010 -22.51 9.72 8.79
CA GLN A 1010 -23.71 9.24 9.46
C GLN A 1010 -24.34 10.31 10.31
N GLN A 1011 -23.52 11.16 10.94
CA GLN A 1011 -24.04 12.22 11.78
C GLN A 1011 -24.72 13.29 10.95
N LEU A 1012 -24.22 13.54 9.74
CA LEU A 1012 -24.83 14.52 8.86
C LEU A 1012 -26.18 14.05 8.37
N ILE A 1013 -26.27 12.77 8.03
CA ILE A 1013 -27.53 12.20 7.59
C ILE A 1013 -28.52 12.16 8.73
N ARG A 1014 -28.05 11.75 9.91
CA ARG A 1014 -28.88 11.70 11.09
C ARG A 1014 -29.31 13.10 11.51
N ALA A 1015 -28.41 14.07 11.37
CA ALA A 1015 -28.73 15.44 11.72
C ALA A 1015 -29.87 15.94 10.85
N ALA A 1016 -29.87 15.54 9.58
CA ALA A 1016 -30.93 15.95 8.67
C ALA A 1016 -32.28 15.44 9.13
N GLU A 1017 -32.30 14.22 9.67
CA GLU A 1017 -33.55 13.65 10.18
C GLU A 1017 -34.03 14.41 11.40
N ILE A 1018 -33.10 14.75 12.28
CA ILE A 1018 -33.44 15.53 13.48
C ILE A 1018 -33.94 16.91 13.09
N ARG A 1019 -33.30 17.51 12.10
CA ARG A 1019 -33.72 18.83 11.64
C ARG A 1019 -35.15 18.79 11.13
N ALA A 1020 -35.47 17.76 10.35
CA ALA A 1020 -36.82 17.60 9.83
C ALA A 1020 -37.82 17.45 10.96
N SER A 1021 -37.45 16.69 11.98
CA SER A 1021 -38.31 16.50 13.15
C SER A 1021 -38.49 17.81 13.89
N ALA A 1022 -37.41 18.56 14.05
CA ALA A 1022 -37.47 19.86 14.73
C ALA A 1022 -38.35 20.82 13.97
N ASN A 1023 -38.29 20.76 12.64
CA ASN A 1023 -39.12 21.63 11.81
C ASN A 1023 -40.59 21.27 11.96
N LEU A 1024 -40.87 19.98 12.08
CA LEU A 1024 -42.23 19.52 12.30
C LEU A 1024 -42.71 19.98 13.67
N ALA A 1025 -41.84 19.85 14.67
CA ALA A 1025 -42.17 20.26 16.03
C ALA A 1025 -42.44 21.75 16.09
N ALA A 1026 -41.64 22.53 15.35
CA ALA A 1026 -41.82 23.97 15.31
C ALA A 1026 -43.14 24.33 14.66
N THR A 1027 -43.51 23.59 13.62
CA THR A 1027 -44.77 23.83 12.94
C THR A 1027 -45.94 23.54 13.86
N LYS A 1028 -45.84 22.44 14.60
CA LYS A 1028 -46.88 22.07 15.55
C LYS A 1028 -46.96 23.07 16.68
N MET A 1029 -45.82 23.58 17.13
CA MET A 1029 -45.84 24.59 18.16
C MET A 1029 -46.65 25.80 17.68
N SER A 1030 -46.43 26.20 16.44
CA SER A 1030 -47.16 27.34 15.90
C SER A 1030 -48.64 27.06 15.65
N GLU A 1031 -48.94 25.89 15.10
CA GLU A 1031 -50.30 25.61 14.63
C GLU A 1031 -51.18 24.87 15.64
N CYS A 1032 -50.58 24.12 16.56
CA CYS A 1032 -51.32 23.33 17.55
C CYS A 1032 -51.38 24.07 18.88
N VAL A 1033 -50.32 24.81 19.21
CA VAL A 1033 -50.25 25.50 20.48
C VAL A 1033 -50.59 26.98 20.36
N LEU A 1034 -50.00 27.66 19.39
CA LEU A 1034 -50.24 29.09 19.23
C LEU A 1034 -51.48 29.37 18.38
N GLY A 1035 -52.26 28.33 18.13
CA GLY A 1035 -53.49 28.45 17.38
C GLY A 1035 -54.28 27.15 17.39
N GLN A 1036 -55.39 27.14 16.65
CA GLN A 1036 -56.22 25.96 16.54
C GLN A 1036 -56.15 25.45 15.12
N SER A 1037 -55.79 24.19 14.97
CA SER A 1037 -55.57 23.62 13.64
C SER A 1037 -56.83 23.00 13.06
N LYS A 1038 -56.98 23.11 11.75
CA LYS A 1038 -58.05 22.44 11.02
C LYS A 1038 -57.49 21.33 10.16
N ARG A 1039 -56.23 21.00 10.39
CA ARG A 1039 -55.56 19.94 9.66
C ARG A 1039 -55.77 18.61 10.37
N VAL A 1040 -56.38 17.67 9.67
CA VAL A 1040 -56.73 16.39 10.26
C VAL A 1040 -55.50 15.59 10.66
N ASP A 1041 -55.53 15.07 11.88
CA ASP A 1041 -54.45 14.26 12.44
C ASP A 1041 -53.15 15.04 12.61
N PHE A 1042 -53.20 16.35 12.46
CA PHE A 1042 -52.00 17.14 12.66
C PHE A 1042 -51.74 17.43 14.14
N CYS A 1043 -52.82 17.67 14.89
CA CYS A 1043 -52.74 18.00 16.32
C CYS A 1043 -53.55 17.00 17.13
N GLY A 1044 -53.26 15.72 16.93
CA GLY A 1044 -53.97 14.67 17.64
C GLY A 1044 -55.13 14.11 16.81
N LYS A 1045 -55.66 12.98 17.25
CA LYS A 1045 -56.77 12.33 16.55
C LYS A 1045 -58.10 12.78 17.13
N GLY A 1046 -58.92 13.41 16.30
CA GLY A 1046 -60.17 14.00 16.74
C GLY A 1046 -60.23 15.43 16.24
N TYR A 1047 -61.16 16.22 16.78
CA TYR A 1047 -61.24 17.62 16.38
C TYR A 1047 -60.41 18.47 17.31
N HIS A 1048 -59.35 19.05 16.79
CA HIS A 1048 -58.41 19.77 17.63
C HIS A 1048 -59.05 20.94 18.33
N LEU A 1049 -58.87 21.02 19.64
CA LEU A 1049 -59.30 22.16 20.42
C LEU A 1049 -58.11 23.02 20.76
N MET A 1050 -57.09 22.41 21.36
CA MET A 1050 -55.90 23.11 21.78
C MET A 1050 -54.79 22.13 22.12
N SER A 1051 -53.57 22.63 22.28
CA SER A 1051 -52.47 21.79 22.69
C SER A 1051 -51.60 22.48 23.72
N PHE A 1052 -50.94 21.66 24.53
CA PHE A 1052 -50.01 22.16 25.53
C PHE A 1052 -48.65 21.50 25.37
N PRO A 1053 -47.59 22.27 25.16
CA PRO A 1053 -46.22 21.81 25.03
C PRO A 1053 -45.66 21.43 26.39
N GLN A 1054 -44.79 20.43 26.39
CA GLN A 1054 -44.04 20.04 27.58
C GLN A 1054 -42.58 19.81 27.19
N SER A 1055 -41.66 20.30 27.99
CA SER A 1055 -40.25 20.09 27.72
C SER A 1055 -39.85 18.64 27.96
N ALA A 1056 -38.96 18.12 27.12
CA ALA A 1056 -38.45 16.77 27.29
C ALA A 1056 -36.97 16.75 26.90
N PRO A 1057 -36.21 15.75 27.36
CA PRO A 1057 -34.82 15.53 27.02
C PRO A 1057 -34.61 15.52 25.51
N HIS A 1058 -33.92 16.54 25.02
CA HIS A 1058 -33.61 16.67 23.60
C HIS A 1058 -34.85 16.62 22.72
N GLY A 1059 -35.98 17.08 23.22
CA GLY A 1059 -37.20 17.02 22.44
C GLY A 1059 -38.36 17.73 23.10
N VAL A 1060 -39.52 17.64 22.46
CA VAL A 1060 -40.72 18.30 22.94
C VAL A 1060 -41.88 17.31 22.94
N VAL A 1061 -42.74 17.43 23.94
CA VAL A 1061 -43.91 16.61 24.02
C VAL A 1061 -45.18 17.46 23.94
N PHE A 1062 -46.07 17.11 23.02
CA PHE A 1062 -47.28 17.86 22.86
C PHE A 1062 -48.48 17.10 23.39
N LEU A 1063 -49.22 17.75 24.28
CA LEU A 1063 -50.46 17.17 24.77
C LEU A 1063 -51.61 17.76 23.98
N HIS A 1064 -52.19 16.96 23.12
CA HIS A 1064 -53.20 17.42 22.19
C HIS A 1064 -54.58 17.19 22.76
N VAL A 1065 -55.33 18.27 22.93
CA VAL A 1065 -56.67 18.18 23.48
C VAL A 1065 -57.66 18.19 22.32
N THR A 1066 -58.39 17.11 22.15
CA THR A 1066 -59.30 16.99 21.03
C THR A 1066 -60.71 16.68 21.46
N TYR A 1067 -61.66 17.14 20.66
CA TYR A 1067 -63.06 16.84 20.83
C TYR A 1067 -63.40 15.59 20.04
N VAL A 1068 -63.91 14.57 20.73
CA VAL A 1068 -64.25 13.33 20.08
C VAL A 1068 -65.73 13.02 20.26
N PRO A 1069 -66.49 12.97 19.16
CA PRO A 1069 -67.90 12.66 19.13
C PRO A 1069 -68.17 11.32 19.79
N ALA A 1070 -69.29 11.22 20.50
CA ALA A 1070 -69.61 9.99 21.20
C ALA A 1070 -71.12 9.75 21.26
N GLN A 1071 -71.49 8.48 21.40
CA GLN A 1071 -72.89 8.12 21.60
C GLN A 1071 -73.79 8.65 20.50
N GLU A 1072 -73.47 8.31 19.27
CA GLU A 1072 -74.30 8.70 18.14
C GLU A 1072 -75.54 7.83 18.06
N LYS A 1073 -76.58 8.35 17.42
CA LYS A 1073 -77.77 7.55 17.15
C LYS A 1073 -78.31 7.83 15.75
N ASN A 1074 -79.10 6.89 15.24
CA ASN A 1074 -79.68 6.97 13.89
C ASN A 1074 -80.83 7.96 13.80
N PHE A 1075 -80.83 8.79 12.75
CA PHE A 1075 -81.95 9.65 12.40
C PHE A 1075 -82.25 9.54 10.92
N THR A 1076 -83.48 9.82 10.54
CA THR A 1076 -83.82 9.92 9.12
C THR A 1076 -83.57 11.34 8.66
N THR A 1077 -82.91 11.50 7.53
CA THR A 1077 -82.54 12.83 7.09
C THR A 1077 -83.09 13.17 5.73
N ALA A 1078 -83.03 14.45 5.39
CA ALA A 1078 -83.46 14.94 4.09
C ALA A 1078 -82.62 16.15 3.69
N PRO A 1079 -82.33 16.30 2.40
CA PRO A 1079 -81.58 17.39 1.81
C PRO A 1079 -82.31 18.72 1.89
N ALA A 1080 -83.63 18.66 2.00
CA ALA A 1080 -84.43 19.87 2.02
C ALA A 1080 -85.84 19.59 2.55
N ILE A 1081 -86.50 20.64 3.00
CA ILE A 1081 -87.90 20.58 3.39
C ILE A 1081 -88.75 21.33 2.36
N CYS A 1082 -89.86 20.70 1.95
CA CYS A 1082 -90.80 21.32 1.04
C CYS A 1082 -91.94 21.98 1.81
N HIS A 1083 -92.10 23.29 1.60
CA HIS A 1083 -93.13 24.04 2.30
C HIS A 1083 -93.62 25.20 1.45
N ASP A 1084 -94.93 25.25 1.24
CA ASP A 1084 -95.56 26.26 0.39
C ASP A 1084 -94.94 26.31 -0.99
N GLY A 1085 -94.55 25.15 -1.51
CA GLY A 1085 -94.02 25.04 -2.86
C GLY A 1085 -92.54 25.42 -2.96
N LYS A 1086 -91.94 25.78 -1.82
CA LYS A 1086 -90.56 26.23 -1.80
C LYS A 1086 -89.63 25.19 -1.20
N ALA A 1087 -88.39 25.14 -1.67
CA ALA A 1087 -87.39 24.24 -1.12
C ALA A 1087 -86.54 24.94 -0.06
N HIS A 1088 -86.64 24.47 1.17
CA HIS A 1088 -85.92 25.05 2.29
C HIS A 1088 -84.72 24.21 2.68
N PHE A 1089 -83.56 24.85 2.76
CA PHE A 1089 -82.32 24.19 3.13
C PHE A 1089 -81.86 24.74 4.47
N PRO A 1090 -81.19 23.95 5.30
CA PRO A 1090 -80.70 24.33 6.60
C PRO A 1090 -79.55 25.33 6.45
N ARG A 1091 -79.56 26.37 7.25
CA ARG A 1091 -78.51 27.38 7.15
C ARG A 1091 -77.17 26.90 7.70
N GLU A 1092 -77.23 26.11 8.76
CA GLU A 1092 -76.00 25.66 9.40
C GLU A 1092 -75.97 24.14 9.60
N GLY A 1093 -77.12 23.57 9.94
CA GLY A 1093 -77.18 22.19 10.37
C GLY A 1093 -77.75 21.26 9.32
N VAL A 1094 -78.37 20.18 9.80
CA VAL A 1094 -78.95 19.16 8.95
C VAL A 1094 -80.37 18.82 9.41
N PHE A 1095 -81.25 18.54 8.45
CA PHE A 1095 -82.62 18.16 8.78
C PHE A 1095 -82.70 16.71 9.18
N VAL A 1096 -83.24 16.46 10.35
CA VAL A 1096 -83.35 15.09 10.86
C VAL A 1096 -84.73 14.80 11.42
N SER A 1097 -85.14 13.55 11.37
CA SER A 1097 -86.39 13.12 11.96
C SER A 1097 -86.17 12.05 13.01
N ASN A 1098 -86.93 12.15 14.10
CA ASN A 1098 -86.91 11.15 15.17
C ASN A 1098 -87.98 10.08 14.96
N GLY A 1099 -88.61 10.08 13.77
CA GLY A 1099 -89.63 9.11 13.38
C GLY A 1099 -91.00 9.73 13.25
N THR A 1100 -91.22 10.86 13.92
CA THR A 1100 -92.51 11.54 13.83
C THR A 1100 -92.38 13.02 13.50
N HIS A 1101 -91.31 13.65 13.96
CA HIS A 1101 -91.14 15.08 13.77
C HIS A 1101 -89.78 15.42 13.18
N TRP A 1102 -89.77 16.44 12.32
CA TRP A 1102 -88.54 16.93 11.72
C TRP A 1102 -87.96 18.11 12.48
N PHE A 1103 -86.65 18.07 12.67
CA PHE A 1103 -85.90 19.10 13.37
C PHE A 1103 -84.67 19.48 12.57
N VAL A 1104 -84.11 20.63 12.87
CA VAL A 1104 -82.83 21.00 12.29
C VAL A 1104 -81.80 21.08 13.40
N THR A 1105 -80.65 20.45 13.20
CA THR A 1105 -79.64 20.43 14.25
C THR A 1105 -78.24 20.58 13.73
N GLN A 1106 -77.35 21.09 14.58
CA GLN A 1106 -75.95 21.17 14.24
C GLN A 1106 -75.39 19.78 13.99
N ARG A 1107 -74.55 19.67 12.98
CA ARG A 1107 -74.10 18.38 12.46
C ARG A 1107 -73.22 17.58 13.42
N ASN A 1108 -72.51 18.27 14.30
CA ASN A 1108 -71.54 17.60 15.16
C ASN A 1108 -72.06 17.32 16.56
N PHE A 1109 -73.31 17.65 16.83
CA PHE A 1109 -73.85 17.48 18.16
C PHE A 1109 -75.36 17.56 18.16
N TYR A 1110 -76.03 16.48 18.55
CA TYR A 1110 -77.47 16.44 18.43
C TYR A 1110 -78.13 17.46 19.34
N GLU A 1111 -78.89 18.34 18.72
CA GLU A 1111 -79.57 19.43 19.39
C GLU A 1111 -80.75 19.90 18.55
N PRO A 1112 -81.87 19.16 18.59
CA PRO A 1112 -82.99 19.21 17.68
C PRO A 1112 -83.83 20.47 17.85
N GLN A 1113 -83.64 21.42 16.96
CA GLN A 1113 -84.40 22.67 17.01
C GLN A 1113 -85.59 22.61 16.08
N ILE A 1114 -86.60 23.41 16.37
CA ILE A 1114 -87.74 23.53 15.48
C ILE A 1114 -87.29 24.16 14.18
N ILE A 1115 -87.77 23.62 13.06
CA ILE A 1115 -87.43 24.17 11.76
C ILE A 1115 -88.22 25.44 11.52
N THR A 1116 -87.50 26.53 11.34
CA THR A 1116 -88.11 27.84 11.18
C THR A 1116 -87.48 28.58 10.02
N THR A 1117 -88.06 29.70 9.64
CA THR A 1117 -87.51 30.52 8.56
C THR A 1117 -86.21 31.21 8.97
N ASP A 1118 -85.91 31.17 10.27
CA ASP A 1118 -84.69 31.81 10.77
C ASP A 1118 -83.50 30.86 10.81
N ASN A 1119 -83.71 29.59 10.49
CA ASN A 1119 -82.60 28.64 10.48
C ASN A 1119 -82.56 27.85 9.18
N THR A 1120 -83.34 28.30 8.20
CA THR A 1120 -83.33 27.75 6.86
C THR A 1120 -83.29 28.87 5.83
N PHE A 1121 -83.03 28.51 4.59
CA PHE A 1121 -83.11 29.48 3.50
C PHE A 1121 -83.78 28.83 2.30
N VAL A 1122 -84.37 29.66 1.44
CA VAL A 1122 -85.09 29.13 0.29
C VAL A 1122 -84.32 29.29 -1.00
N SER A 1123 -84.29 28.21 -1.78
CA SER A 1123 -83.71 28.27 -3.11
C SER A 1123 -84.40 27.30 -4.05
N GLY A 1124 -85.17 27.85 -4.97
CA GLY A 1124 -85.88 27.02 -5.94
C GLY A 1124 -87.15 26.41 -5.36
N ASN A 1125 -87.83 25.61 -6.18
CA ASN A 1125 -89.07 24.96 -5.79
C ASN A 1125 -88.82 23.50 -5.40
N CYS A 1126 -89.90 22.79 -5.04
CA CYS A 1126 -89.82 21.43 -4.50
C CYS A 1126 -89.65 20.36 -5.58
N ASP A 1127 -89.62 20.76 -6.85
CA ASP A 1127 -89.58 19.79 -7.93
C ASP A 1127 -88.17 19.55 -8.45
N VAL A 1128 -87.17 20.10 -7.77
CA VAL A 1128 -85.79 19.98 -8.20
C VAL A 1128 -84.96 19.06 -7.29
N VAL A 1129 -85.14 19.20 -5.99
CA VAL A 1129 -84.31 18.47 -5.03
C VAL A 1129 -84.74 17.02 -4.89
N ILE A 1130 -83.78 16.11 -5.07
CA ILE A 1130 -84.05 14.69 -4.97
C ILE A 1130 -84.07 14.26 -3.51
N GLY A 1131 -85.18 13.69 -3.08
CA GLY A 1131 -85.29 13.23 -1.70
C GLY A 1131 -85.89 14.29 -0.78
N ILE A 1132 -86.39 15.37 -1.35
CA ILE A 1132 -87.02 16.42 -0.56
C ILE A 1132 -88.27 15.88 0.13
N VAL A 1133 -88.48 16.28 1.39
CA VAL A 1133 -89.63 15.80 2.14
C VAL A 1133 -90.57 16.93 2.53
N ASN A 1134 -91.85 16.61 2.70
CA ASN A 1134 -92.87 17.59 3.10
C ASN A 1134 -92.86 17.80 4.61
N ASN A 1135 -92.79 19.06 5.03
CA ASN A 1135 -92.90 19.43 6.45
C ASN A 1135 -93.34 20.87 6.58
N THR A 1136 -93.50 21.32 7.81
CA THR A 1136 -93.84 22.70 8.08
C THR A 1136 -92.59 23.48 8.45
N VAL A 1137 -92.49 24.71 7.93
CA VAL A 1137 -91.43 25.61 8.33
C VAL A 1137 -92.05 26.78 9.07
N TYR A 1138 -91.74 26.88 10.35
CA TYR A 1138 -92.38 27.85 11.22
C TYR A 1138 -91.89 29.27 11.00
N ASP A 1139 -92.83 30.20 10.91
CA ASP A 1139 -92.53 31.62 10.77
C ASP A 1139 -92.87 32.35 12.07
N PRO A 1140 -91.86 32.81 12.82
CA PRO A 1140 -91.97 33.52 14.09
C PRO A 1140 -92.85 34.78 14.01
N LEU A 1141 -93.07 35.28 12.80
CA LEU A 1141 -93.88 36.47 12.60
C LEU A 1141 -95.36 36.13 12.47
N GLN A 1142 -95.66 34.89 12.10
CA GLN A 1142 -97.04 34.49 11.82
C GLN A 1142 -98.01 34.72 12.99
N PRO A 1143 -97.61 34.47 14.25
CA PRO A 1143 -98.39 34.70 15.46
C PRO A 1143 -98.74 36.18 15.69
N GLU A 1144 -98.03 37.09 15.01
CA GLU A 1144 -98.21 38.53 15.18
C GLU A 1144 -98.53 39.18 13.84
N ILE B 1 50.26 14.11 -36.35
CA ILE B 1 50.92 14.74 -35.22
C ILE B 1 52.39 14.32 -35.14
N VAL B 2 53.23 15.19 -34.57
CA VAL B 2 54.63 14.89 -34.31
C VAL B 2 54.92 14.94 -32.82
N MET B 3 55.48 13.86 -32.29
CA MET B 3 55.88 13.81 -30.89
C MET B 3 57.40 13.86 -30.83
N MET B 4 57.94 14.92 -30.24
CA MET B 4 59.38 15.13 -30.24
C MET B 4 59.98 15.08 -28.85
N GLN B 5 60.86 14.10 -28.61
CA GLN B 5 61.47 13.95 -27.31
C GLN B 5 62.83 14.63 -27.23
N SER B 6 63.23 14.99 -26.02
CA SER B 6 64.52 15.64 -25.79
C SER B 6 65.01 15.41 -24.37
N PRO B 7 66.32 15.28 -24.19
CA PRO B 7 67.38 15.20 -25.18
C PRO B 7 67.40 13.83 -25.84
N GLY B 8 67.97 13.75 -27.04
CA GLY B 8 68.10 12.46 -27.72
C GLY B 8 68.87 11.47 -26.84
N THR B 9 69.88 11.99 -26.15
CA THR B 9 70.66 11.17 -25.23
C THR B 9 70.77 11.87 -23.88
N LEU B 10 70.50 11.12 -22.82
CA LEU B 10 70.58 11.64 -21.46
C LEU B 10 71.61 10.84 -20.67
N SER B 11 72.60 11.52 -20.13
CA SER B 11 73.67 10.82 -19.42
C SER B 11 73.92 11.42 -18.04
N LEU B 12 73.72 10.61 -17.02
CA LEU B 12 74.00 11.00 -15.65
C LEU B 12 74.19 9.78 -14.76
N SER B 13 74.76 10.00 -13.57
CA SER B 13 75.09 8.92 -12.65
C SER B 13 73.84 8.28 -12.04
N PRO B 14 73.92 6.98 -11.74
CA PRO B 14 72.98 6.23 -10.92
C PRO B 14 72.84 6.90 -9.56
N GLY B 15 71.61 6.92 -9.05
CA GLY B 15 71.34 7.54 -7.76
C GLY B 15 70.86 8.98 -7.92
N GLU B 16 71.05 9.54 -9.11
CA GLU B 16 70.64 10.90 -9.38
C GLU B 16 69.27 10.94 -10.04
N ARG B 17 68.76 12.14 -10.28
CA ARG B 17 67.46 12.32 -10.90
C ARG B 17 67.59 12.64 -12.39
N ALA B 18 66.67 12.10 -13.18
CA ALA B 18 66.64 12.41 -14.61
C ALA B 18 65.28 12.95 -15.02
N THR B 19 65.28 13.92 -15.93
CA THR B 19 64.05 14.43 -16.49
C THR B 19 64.03 14.26 -18.00
N LEU B 20 62.98 13.62 -18.50
CA LEU B 20 62.81 13.38 -19.91
C LEU B 20 61.63 14.19 -20.43
N SER B 21 61.82 14.90 -21.54
CA SER B 21 60.75 15.74 -22.06
C SER B 21 60.20 15.24 -23.39
N CYS B 22 58.90 15.47 -23.60
CA CYS B 22 58.23 15.19 -24.86
C CYS B 22 57.31 16.35 -25.24
N ARG B 23 57.56 16.91 -26.41
CA ARG B 23 56.80 18.05 -26.90
C ARG B 23 55.90 17.64 -28.05
N ALA B 24 54.70 18.19 -28.08
CA ALA B 24 53.77 17.88 -29.16
C ALA B 24 53.63 19.06 -30.11
N SER B 25 53.46 18.76 -31.39
CA SER B 25 53.20 19.78 -32.40
C SER B 25 51.82 20.42 -32.23
N GLN B 26 50.97 19.76 -31.45
CA GLN B 26 49.64 20.25 -31.15
C GLN B 26 49.23 19.78 -29.78
N SER B 27 48.23 20.42 -29.18
CA SER B 27 47.81 20.04 -27.84
C SER B 27 47.36 18.59 -27.78
N VAL B 28 47.78 17.91 -26.72
CA VAL B 28 47.41 16.53 -26.47
C VAL B 28 46.72 16.40 -25.13
N SER B 29 45.57 15.73 -25.11
CA SER B 29 44.87 15.51 -23.85
C SER B 29 45.78 14.73 -22.92
N SER B 30 45.77 15.08 -21.64
CA SER B 30 46.63 14.39 -20.70
C SER B 30 46.27 12.90 -20.63
N SER B 31 45.00 12.61 -20.86
CA SER B 31 44.49 11.25 -20.82
C SER B 31 45.06 10.39 -21.94
N TYR B 32 45.62 11.03 -22.97
CA TYR B 32 46.10 10.32 -24.14
C TYR B 32 47.62 10.28 -24.24
N LEU B 33 48.31 10.68 -23.18
CA LEU B 33 49.78 10.68 -23.21
C LEU B 33 50.36 9.58 -22.32
N ALA B 34 51.22 8.75 -22.89
CA ALA B 34 51.82 7.65 -22.16
C ALA B 34 53.34 7.59 -22.34
N TRP B 35 54.02 6.99 -21.37
CA TRP B 35 55.46 6.76 -21.47
C TRP B 35 55.80 5.28 -21.40
N TYR B 36 56.76 4.89 -22.23
CA TYR B 36 57.19 3.47 -22.27
C TYR B 36 58.69 3.33 -22.03
N GLN B 37 59.10 2.21 -21.42
CA GLN B 37 60.50 1.88 -21.21
C GLN B 37 60.88 0.64 -22.00
N GLN B 38 61.97 0.74 -22.75
CA GLN B 38 62.44 -0.39 -23.52
C GLN B 38 63.89 -0.71 -23.22
N LYS B 39 64.11 -1.82 -22.53
CA LYS B 39 65.46 -2.28 -22.26
C LYS B 39 65.97 -2.98 -23.52
N PRO B 40 67.27 -2.95 -23.80
CA PRO B 40 67.90 -3.60 -24.93
C PRO B 40 67.51 -5.08 -25.00
N GLY B 41 67.02 -5.49 -26.17
CA GLY B 41 66.64 -6.88 -26.41
C GLY B 41 65.25 -7.21 -25.87
N GLN B 42 64.54 -6.23 -25.33
CA GLN B 42 63.24 -6.49 -24.73
C GLN B 42 62.13 -5.65 -25.37
N ALA B 43 60.89 -6.13 -25.25
CA ALA B 43 59.73 -5.37 -25.69
C ALA B 43 59.52 -4.18 -24.76
N PRO B 44 58.94 -3.08 -25.24
CA PRO B 44 58.54 -1.93 -24.47
C PRO B 44 57.55 -2.30 -23.38
N ARG B 45 57.64 -1.65 -22.24
CA ARG B 45 56.65 -1.82 -21.20
C ARG B 45 56.08 -0.47 -20.79
N LEU B 46 54.82 -0.45 -20.39
CA LEU B 46 54.17 0.78 -19.99
C LEU B 46 54.63 1.24 -18.62
N LEU B 47 55.01 2.51 -18.52
CA LEU B 47 55.36 3.10 -17.25
C LEU B 47 54.30 4.05 -16.77
N ILE B 48 53.97 5.02 -17.61
CA ILE B 48 53.02 6.06 -17.27
C ILE B 48 51.91 6.15 -18.30
N TYR B 49 50.67 6.27 -17.85
CA TYR B 49 49.56 6.51 -18.74
C TYR B 49 48.71 7.63 -18.21
N GLY B 50 47.99 8.31 -19.08
CA GLY B 50 47.16 9.41 -18.64
C GLY B 50 48.03 10.56 -18.14
N ALA B 51 49.20 10.70 -18.74
CA ALA B 51 50.21 11.70 -18.39
C ALA B 51 50.92 11.40 -17.07
N SER B 52 50.18 11.03 -16.03
CA SER B 52 50.78 10.94 -14.70
C SER B 52 50.57 9.61 -13.96
N SER B 53 49.71 8.73 -14.46
CA SER B 53 49.37 7.52 -13.70
C SER B 53 50.36 6.40 -13.94
N ARG B 54 50.86 5.79 -12.86
CA ARG B 54 51.77 4.67 -12.99
C ARG B 54 51.04 3.39 -13.37
N ALA B 55 51.67 2.62 -14.25
CA ALA B 55 51.18 1.30 -14.61
C ALA B 55 51.45 0.32 -13.48
N THR B 56 50.66 -0.73 -13.41
CA THR B 56 50.83 -1.74 -12.37
C THR B 56 52.21 -2.38 -12.48
N GLY B 57 52.92 -2.47 -11.36
CA GLY B 57 54.24 -3.09 -11.32
C GLY B 57 55.36 -2.07 -11.43
N ILE B 58 55.00 -0.81 -11.66
CA ILE B 58 55.99 0.25 -11.79
C ILE B 58 56.30 0.90 -10.45
N PRO B 59 57.59 0.99 -10.08
CA PRO B 59 58.11 1.64 -8.89
C PRO B 59 57.67 3.09 -8.79
N ASP B 60 57.52 3.57 -7.56
CA ASP B 60 57.08 4.94 -7.31
C ASP B 60 58.19 5.94 -7.54
N ARG B 61 59.32 5.45 -8.02
CA ARG B 61 60.43 6.31 -8.41
C ARG B 61 60.12 6.96 -9.75
N PHE B 62 59.12 6.42 -10.45
CA PHE B 62 58.71 6.96 -11.73
C PHE B 62 57.45 7.80 -11.58
N SER B 63 57.46 8.98 -12.18
CA SER B 63 56.27 9.82 -12.20
C SER B 63 56.21 10.62 -13.48
N GLY B 64 55.00 11.00 -13.87
CA GLY B 64 54.83 11.83 -15.05
C GLY B 64 54.00 13.05 -14.74
N SER B 65 54.08 14.04 -15.60
CA SER B 65 53.28 15.25 -15.45
C SER B 65 53.25 16.02 -16.75
N GLY B 66 52.36 17.00 -16.83
CA GLY B 66 52.33 17.88 -17.99
C GLY B 66 50.95 17.96 -18.60
N SER B 67 50.82 18.80 -19.61
CA SER B 67 49.57 19.05 -20.28
C SER B 67 49.81 19.75 -21.60
N GLY B 68 48.80 19.85 -22.45
CA GLY B 68 48.93 20.62 -23.67
C GLY B 68 50.01 20.03 -24.57
N THR B 69 51.06 20.80 -24.80
CA THR B 69 52.12 20.37 -25.69
C THR B 69 53.43 20.07 -24.97
N ASP B 70 53.40 20.01 -23.63
CA ASP B 70 54.62 19.80 -22.89
C ASP B 70 54.46 18.78 -21.75
N PHE B 71 55.03 17.60 -21.95
CA PHE B 71 54.93 16.52 -20.97
C PHE B 71 56.32 16.05 -20.56
N THR B 72 56.45 15.60 -19.32
CA THR B 72 57.72 15.08 -18.86
C THR B 72 57.58 13.76 -18.10
N LEU B 73 58.68 13.01 -18.09
CA LEU B 73 58.84 11.82 -17.27
C LEU B 73 60.01 12.02 -16.33
N THR B 74 59.78 11.76 -15.05
CA THR B 74 60.83 11.98 -14.06
C THR B 74 61.18 10.68 -13.34
N ILE B 75 62.48 10.43 -13.21
CA ILE B 75 62.98 9.33 -12.42
C ILE B 75 63.70 9.90 -11.22
N SER B 76 63.10 9.78 -10.03
CA SER B 76 63.63 10.48 -8.86
C SER B 76 65.02 9.99 -8.48
N ARG B 77 65.22 8.68 -8.62
CA ARG B 77 66.52 8.06 -8.36
C ARG B 77 66.75 6.98 -9.41
N LEU B 78 67.84 7.10 -10.14
CA LEU B 78 68.10 6.12 -11.19
C LEU B 78 68.82 4.89 -10.68
N GLU B 79 68.29 3.74 -11.04
CA GLU B 79 68.91 2.46 -10.76
C GLU B 79 69.51 1.94 -12.06
N PRO B 80 70.45 1.00 -12.02
CA PRO B 80 71.09 0.39 -13.17
C PRO B 80 70.09 -0.06 -14.23
N GLU B 81 68.90 -0.47 -13.81
CA GLU B 81 67.89 -0.98 -14.72
C GLU B 81 67.11 0.14 -15.41
N ASP B 82 67.38 1.39 -15.03
CA ASP B 82 66.66 2.52 -15.60
C ASP B 82 67.40 3.12 -16.78
N PHE B 83 68.57 2.59 -17.08
CA PHE B 83 69.36 3.14 -18.17
C PHE B 83 68.98 2.48 -19.49
N ALA B 84 67.78 2.81 -19.93
CA ALA B 84 67.16 2.22 -21.12
C ALA B 84 66.59 3.31 -22.03
N VAL B 85 65.92 2.89 -23.09
CA VAL B 85 65.30 3.85 -23.99
C VAL B 85 63.87 4.12 -23.58
N TYR B 86 63.51 5.40 -23.53
CA TYR B 86 62.16 5.77 -23.15
C TYR B 86 61.44 6.42 -24.32
N TYR B 87 60.15 6.13 -24.43
CA TYR B 87 59.33 6.70 -25.48
C TYR B 87 58.12 7.41 -24.90
N CYS B 88 57.67 8.47 -25.58
CA CYS B 88 56.37 9.05 -25.31
C CYS B 88 55.40 8.61 -26.40
N GLN B 89 54.15 8.39 -26.03
CA GLN B 89 53.15 7.95 -26.98
C GLN B 89 51.87 8.76 -26.83
N GLN B 90 51.29 9.11 -27.97
CA GLN B 90 50.07 9.90 -27.99
C GLN B 90 48.97 9.18 -28.75
N TYR B 91 47.74 9.34 -28.28
CA TYR B 91 46.59 8.91 -29.05
C TYR B 91 45.77 10.09 -29.53
N GLY B 92 45.29 10.00 -30.76
CA GLY B 92 44.34 10.96 -31.30
C GLY B 92 44.05 10.66 -32.76
N SER B 93 42.97 11.22 -33.28
CA SER B 93 42.59 11.01 -34.67
C SER B 93 42.58 9.52 -35.01
N SER B 94 42.09 8.71 -34.07
CA SER B 94 42.02 7.26 -34.23
C SER B 94 43.36 6.65 -34.63
N ALA B 95 44.45 7.19 -34.08
CA ALA B 95 45.77 6.69 -34.38
C ALA B 95 46.70 6.81 -33.18
N TRP B 96 47.70 5.95 -33.13
CA TRP B 96 48.68 5.96 -32.06
C TRP B 96 50.04 6.34 -32.59
N THR B 97 50.65 7.36 -32.00
CA THR B 97 51.92 7.88 -32.46
C THR B 97 52.98 7.85 -31.37
N PHE B 98 54.17 7.38 -31.71
CA PHE B 98 55.28 7.35 -30.76
C PHE B 98 56.32 8.40 -31.09
N GLY B 99 57.03 8.87 -30.08
CA GLY B 99 58.15 9.77 -30.31
C GLY B 99 59.36 8.97 -30.79
N GLN B 100 60.47 9.64 -31.06
CA GLN B 100 61.63 8.96 -31.61
C GLN B 100 62.35 8.15 -30.54
N GLY B 101 62.10 8.48 -29.28
CA GLY B 101 62.72 7.81 -28.15
C GLY B 101 64.00 8.49 -27.72
N THR B 102 64.32 8.38 -26.44
CA THR B 102 65.57 8.91 -25.90
C THR B 102 66.27 7.85 -25.06
N LYS B 103 67.60 7.87 -25.09
CA LYS B 103 68.36 6.86 -24.36
C LYS B 103 68.96 7.42 -23.07
N VAL B 104 68.70 6.74 -21.95
CA VAL B 104 69.21 7.11 -20.63
C VAL B 104 70.48 6.33 -20.29
N VAL C 1 48.60 -11.64 -17.23
CA VAL C 1 48.45 -11.37 -18.66
C VAL C 1 49.75 -11.69 -19.39
N GLN C 2 49.67 -12.57 -20.39
CA GLN C 2 50.82 -12.96 -21.21
C GLN C 2 50.47 -12.85 -22.69
N LEU C 3 51.45 -12.43 -23.48
CA LEU C 3 51.32 -12.41 -24.93
C LEU C 3 52.53 -13.13 -25.53
N VAL C 4 52.27 -14.23 -26.22
CA VAL C 4 53.37 -15.03 -26.75
C VAL C 4 53.32 -15.11 -28.27
N GLN C 5 54.36 -14.59 -28.89
CA GLN C 5 54.44 -14.50 -30.35
C GLN C 5 55.25 -15.64 -30.95
N SER C 6 55.08 -15.84 -32.24
CA SER C 6 55.83 -16.83 -33.00
C SER C 6 57.31 -16.47 -33.10
N GLY C 7 58.10 -17.39 -33.63
CA GLY C 7 59.54 -17.16 -33.76
C GLY C 7 59.86 -16.26 -34.96
N ALA C 8 61.15 -15.96 -35.12
CA ALA C 8 61.61 -15.07 -36.18
C ALA C 8 61.45 -15.70 -37.56
N GLU C 9 61.26 -14.86 -38.56
CA GLU C 9 61.07 -15.31 -39.94
C GLU C 9 62.02 -14.60 -40.89
N VAL C 10 62.41 -15.30 -41.95
CA VAL C 10 63.21 -14.70 -43.01
C VAL C 10 62.49 -14.87 -44.35
N LYS C 11 62.21 -13.75 -45.01
CA LYS C 11 61.43 -13.75 -46.24
C LYS C 11 62.13 -12.98 -47.34
N LYS C 12 61.86 -13.36 -48.59
CA LYS C 12 62.35 -12.60 -49.72
C LYS C 12 61.36 -11.48 -50.05
N PRO C 13 61.82 -10.37 -50.65
CA PRO C 13 61.01 -9.29 -51.14
C PRO C 13 59.90 -9.81 -52.04
N GLY C 14 58.67 -9.34 -51.79
CA GLY C 14 57.50 -9.76 -52.54
C GLY C 14 56.73 -10.86 -51.81
N ALA C 15 57.37 -11.46 -50.82
CA ALA C 15 56.76 -12.53 -50.03
C ALA C 15 55.85 -11.97 -48.96
N SER C 16 55.06 -12.84 -48.34
CA SER C 16 54.20 -12.44 -47.23
C SER C 16 54.59 -13.16 -45.95
N VAL C 17 54.43 -12.48 -44.82
CA VAL C 17 54.71 -13.09 -43.52
C VAL C 17 53.50 -12.99 -42.61
N LYS C 18 53.22 -14.07 -41.88
CA LYS C 18 52.14 -14.05 -40.91
C LYS C 18 52.67 -14.28 -39.51
N VAL C 19 52.53 -13.26 -38.66
CA VAL C 19 53.03 -13.33 -37.30
C VAL C 19 51.87 -13.54 -36.34
N SER C 20 51.96 -14.58 -35.52
CA SER C 20 50.90 -14.88 -34.58
C SER C 20 51.21 -14.34 -33.18
N CYS C 21 50.17 -14.19 -32.36
CA CYS C 21 50.28 -13.77 -30.97
C CYS C 21 49.21 -14.44 -30.11
N LYS C 22 49.63 -15.39 -29.29
CA LYS C 22 48.69 -16.10 -28.43
C LYS C 22 48.56 -15.38 -27.10
N ALA C 23 47.32 -15.08 -26.73
CA ALA C 23 47.05 -14.33 -25.52
C ALA C 23 46.51 -15.24 -24.42
N SER C 24 46.84 -14.91 -23.18
CA SER C 24 46.29 -15.64 -22.04
C SER C 24 46.26 -14.77 -20.80
N GLY C 25 45.46 -15.17 -19.82
CA GLY C 25 45.41 -14.48 -18.53
C GLY C 25 44.31 -13.42 -18.49
N TYR C 26 43.55 -13.30 -19.57
CA TYR C 26 42.46 -12.33 -19.63
C TYR C 26 41.42 -12.71 -20.65
N THR C 27 40.27 -12.04 -20.62
CA THR C 27 39.24 -12.25 -21.62
C THR C 27 39.70 -11.72 -22.96
N PHE C 28 39.98 -12.62 -23.89
CA PHE C 28 40.60 -12.28 -25.15
C PHE C 28 39.82 -11.22 -25.91
N THR C 29 38.50 -11.38 -25.95
CA THR C 29 37.65 -10.51 -26.74
C THR C 29 37.33 -9.20 -26.02
N GLY C 30 37.86 -9.06 -24.81
CA GLY C 30 37.60 -7.86 -24.01
C GLY C 30 38.58 -6.75 -24.35
N TYR C 31 39.56 -7.05 -25.20
CA TYR C 31 40.60 -6.08 -25.54
C TYR C 31 40.87 -6.03 -27.03
N TYR C 32 41.42 -4.92 -27.48
CA TYR C 32 41.90 -4.81 -28.85
C TYR C 32 43.33 -5.33 -28.92
N MET C 33 43.66 -5.98 -30.02
CA MET C 33 45.02 -6.41 -30.21
C MET C 33 45.70 -5.56 -31.26
N HIS C 34 46.73 -4.85 -30.84
CA HIS C 34 47.45 -3.94 -31.71
C HIS C 34 48.76 -4.54 -32.15
N TRP C 35 49.23 -4.12 -33.31
CA TRP C 35 50.56 -4.49 -33.74
C TRP C 35 51.43 -3.25 -33.91
N VAL C 36 52.64 -3.34 -33.41
CA VAL C 36 53.60 -2.25 -33.45
C VAL C 36 54.93 -2.72 -34.02
N ARG C 37 55.46 -1.98 -34.98
CA ARG C 37 56.70 -2.35 -35.65
C ARG C 37 57.87 -1.53 -35.17
N GLN C 38 59.04 -2.16 -35.07
CA GLN C 38 60.26 -1.43 -34.74
C GLN C 38 61.43 -1.81 -35.63
N ALA C 39 61.69 -1.00 -36.64
CA ALA C 39 62.82 -1.25 -37.54
C ALA C 39 64.11 -1.04 -36.76
N PRO C 40 65.21 -1.71 -37.12
CA PRO C 40 66.51 -1.60 -36.48
C PRO C 40 66.95 -0.15 -36.38
N GLY C 41 67.28 0.28 -35.16
CA GLY C 41 67.77 1.62 -34.92
C GLY C 41 66.65 2.67 -34.90
N GLN C 42 65.41 2.22 -35.05
CA GLN C 42 64.28 3.14 -35.10
C GLN C 42 63.39 3.02 -33.88
N GLY C 43 62.37 3.87 -33.82
CA GLY C 43 61.42 3.86 -32.72
C GLY C 43 60.24 2.96 -33.04
N LEU C 44 59.16 3.12 -32.29
CA LEU C 44 57.99 2.26 -32.44
C LEU C 44 56.97 2.87 -33.40
N GLU C 45 56.43 2.04 -34.28
CA GLU C 45 55.43 2.49 -35.24
C GLU C 45 54.16 1.65 -35.16
N TRP C 46 53.03 2.31 -34.94
CA TRP C 46 51.76 1.62 -34.85
C TRP C 46 51.27 1.19 -36.23
N MET C 47 50.84 -0.07 -36.35
CA MET C 47 50.40 -0.61 -37.63
C MET C 47 48.89 -0.65 -37.77
N GLY C 48 48.21 -0.99 -36.69
CA GLY C 48 46.78 -1.23 -36.73
C GLY C 48 46.32 -2.09 -35.57
N TRP C 49 45.02 -2.40 -35.54
CA TRP C 49 44.46 -3.26 -34.52
C TRP C 49 43.33 -4.13 -35.04
N ILE C 50 43.07 -5.21 -34.31
CA ILE C 50 41.92 -6.05 -34.54
C ILE C 50 41.11 -6.23 -33.26
N ASN C 51 39.79 -6.26 -33.40
CA ASN C 51 38.88 -6.48 -32.29
C ASN C 51 38.26 -7.87 -32.38
N PRO C 52 38.81 -8.87 -31.70
CA PRO C 52 38.53 -10.29 -31.82
C PRO C 52 37.06 -10.65 -31.75
N ILE C 53 36.28 -9.84 -31.05
CA ILE C 53 34.85 -10.11 -30.88
C ILE C 53 34.11 -10.07 -32.21
N SER C 54 34.58 -9.22 -33.13
CA SER C 54 33.93 -9.04 -34.41
C SER C 54 34.92 -9.21 -35.55
N SER C 55 36.20 -9.22 -35.19
CA SER C 55 37.30 -9.20 -36.15
C SER C 55 37.29 -7.94 -37.00
N GLY C 56 36.75 -6.86 -36.45
CA GLY C 56 36.86 -5.56 -37.09
C GLY C 56 38.29 -5.07 -36.95
N THR C 57 38.76 -4.34 -37.95
CA THR C 57 40.13 -3.86 -37.93
C THR C 57 40.25 -2.39 -38.30
N SER C 58 41.41 -1.84 -38.00
CA SER C 58 41.79 -0.51 -38.45
C SER C 58 43.29 -0.49 -38.68
N TYR C 59 43.72 0.16 -39.75
CA TYR C 59 45.13 0.17 -40.08
C TYR C 59 45.66 1.58 -40.27
N ALA C 60 46.94 1.75 -39.98
CA ALA C 60 47.63 2.99 -40.30
C ALA C 60 47.71 3.15 -41.80
N GLN C 61 47.60 4.38 -42.29
CA GLN C 61 47.66 4.64 -43.73
C GLN C 61 48.94 4.12 -44.35
N THR C 62 49.98 3.97 -43.53
CA THR C 62 51.27 3.49 -43.96
C THR C 62 51.21 2.03 -44.41
N PHE C 63 50.41 1.22 -43.71
CA PHE C 63 50.35 -0.21 -43.97
C PHE C 63 49.05 -0.61 -44.63
N GLN C 64 48.06 0.27 -44.59
CA GLN C 64 46.76 -0.03 -45.15
C GLN C 64 46.90 -0.45 -46.60
N GLY C 65 46.32 -1.59 -46.94
CA GLY C 65 46.40 -2.12 -48.30
C GLY C 65 47.45 -3.23 -48.41
N ARG C 66 48.33 -3.32 -47.42
CA ARG C 66 49.35 -4.36 -47.39
C ARG C 66 49.16 -5.31 -46.23
N VAL C 67 48.62 -4.81 -45.13
CA VAL C 67 48.48 -5.62 -43.93
C VAL C 67 47.05 -6.04 -43.68
N THR C 68 46.87 -7.32 -43.36
CA THR C 68 45.57 -7.86 -42.97
C THR C 68 45.67 -8.52 -41.61
N MET C 69 44.80 -8.12 -40.69
CA MET C 69 44.78 -8.71 -39.37
C MET C 69 43.58 -9.60 -39.18
N THR C 70 43.81 -10.77 -38.60
CA THR C 70 42.75 -11.73 -38.31
C THR C 70 42.91 -12.26 -36.90
N SER C 71 41.92 -12.99 -36.42
CA SER C 71 42.03 -13.61 -35.10
C SER C 71 41.15 -14.84 -35.00
N ASP C 72 41.46 -15.67 -34.03
CA ASP C 72 40.65 -16.84 -33.73
C ASP C 72 40.46 -16.99 -32.24
N THR C 73 39.26 -16.70 -31.77
CA THR C 73 38.99 -16.63 -30.34
C THR C 73 39.04 -18.01 -29.68
N SER C 74 38.88 -19.06 -30.48
CA SER C 74 38.84 -20.41 -29.93
C SER C 74 40.20 -20.83 -29.40
N ILE C 75 41.24 -20.17 -29.87
CA ILE C 75 42.61 -20.42 -29.44
C ILE C 75 43.25 -19.13 -28.95
N THR C 76 42.40 -18.15 -28.66
CA THR C 76 42.83 -16.82 -28.24
C THR C 76 44.12 -16.38 -28.91
N THR C 77 44.13 -16.41 -30.24
CA THR C 77 45.31 -16.01 -31.00
C THR C 77 45.00 -14.96 -32.04
N ALA C 78 45.84 -13.93 -32.09
CA ALA C 78 45.74 -12.89 -33.11
C ALA C 78 46.82 -13.08 -34.16
N TYR C 79 46.52 -12.68 -35.39
CA TYR C 79 47.47 -12.80 -36.48
C TYR C 79 47.63 -11.49 -37.24
N MET C 80 48.85 -11.22 -37.68
CA MET C 80 49.11 -10.10 -38.56
C MET C 80 49.86 -10.55 -39.80
N GLU C 81 49.23 -10.39 -40.95
CA GLU C 81 49.85 -10.81 -42.20
C GLU C 81 50.23 -9.62 -43.06
N LEU C 82 51.52 -9.45 -43.28
CA LEU C 82 52.00 -8.31 -44.07
C LEU C 82 52.49 -8.78 -45.43
N SER C 83 51.78 -8.36 -46.47
CA SER C 83 52.08 -8.81 -47.82
C SER C 83 53.00 -7.86 -48.56
N ARG C 84 53.51 -8.31 -49.71
CA ARG C 84 54.36 -7.49 -50.56
C ARG C 84 55.53 -6.92 -49.77
N LEU C 85 56.20 -7.77 -49.01
CA LEU C 85 57.30 -7.34 -48.16
C LEU C 85 58.42 -6.69 -48.95
N ARG C 86 58.93 -5.59 -48.41
CA ARG C 86 60.05 -4.88 -49.00
C ARG C 86 61.24 -4.91 -48.05
N SER C 87 62.41 -4.55 -48.56
CA SER C 87 63.62 -4.61 -47.73
C SER C 87 63.53 -3.70 -46.52
N ASP C 88 62.73 -2.64 -46.62
CA ASP C 88 62.60 -1.69 -45.52
C ASP C 88 61.53 -2.11 -44.53
N ASP C 89 61.00 -3.32 -44.69
CA ASP C 89 60.08 -3.89 -43.73
C ASP C 89 60.81 -4.76 -42.72
N THR C 90 62.13 -4.81 -42.82
CA THR C 90 62.89 -5.53 -41.81
C THR C 90 62.70 -4.85 -40.47
N ALA C 91 62.12 -5.59 -39.52
CA ALA C 91 61.75 -4.99 -38.24
C ALA C 91 61.37 -6.04 -37.23
N VAL C 92 61.33 -5.63 -35.98
CA VAL C 92 60.77 -6.46 -34.94
C VAL C 92 59.30 -6.10 -34.73
N TYR C 93 58.44 -7.11 -34.86
CA TYR C 93 57.01 -6.89 -34.76
C TYR C 93 56.48 -7.32 -33.41
N TYR C 94 55.77 -6.42 -32.75
CA TYR C 94 55.20 -6.71 -31.45
C TYR C 94 53.68 -6.75 -31.53
N CYS C 95 53.08 -7.60 -30.72
CA CYS C 95 51.64 -7.53 -30.45
C CYS C 95 51.48 -6.84 -29.10
N ALA C 96 50.44 -6.03 -28.97
CA ALA C 96 50.21 -5.32 -27.72
C ALA C 96 48.74 -5.21 -27.41
N ARG C 97 48.42 -5.23 -26.13
CA ARG C 97 47.04 -5.18 -25.70
C ARG C 97 46.64 -3.77 -25.28
N ALA C 98 45.42 -3.38 -25.65
CA ALA C 98 44.85 -2.12 -25.20
C ALA C 98 43.34 -2.26 -25.06
N ALA C 99 42.74 -1.43 -24.22
CA ALA C 99 41.30 -1.50 -24.01
C ALA C 99 40.58 -1.12 -25.29
N PRO C 100 39.33 -1.53 -25.45
CA PRO C 100 38.44 -1.15 -26.53
C PRO C 100 38.04 0.30 -26.40
N PHE C 101 37.53 0.87 -27.49
CA PHE C 101 37.18 2.29 -27.52
C PHE C 101 36.06 2.67 -26.57
N TYR C 102 35.39 1.70 -25.99
CA TYR C 102 34.29 2.02 -25.09
C TYR C 102 34.75 2.09 -23.64
N ASP C 103 36.05 1.94 -23.41
CA ASP C 103 36.57 2.04 -22.06
C ASP C 103 36.46 3.46 -21.53
N PHE C 104 35.77 3.59 -20.40
CA PHE C 104 35.47 4.90 -19.84
C PHE C 104 36.72 5.70 -19.52
N TRP C 105 37.75 5.04 -19.01
CA TRP C 105 38.95 5.73 -18.57
C TRP C 105 40.07 5.71 -19.62
N SER C 106 39.66 5.64 -20.89
CA SER C 106 40.58 5.79 -22.01
C SER C 106 41.74 4.81 -21.99
N GLY C 107 41.46 3.55 -21.66
CA GLY C 107 42.49 2.53 -21.65
C GLY C 107 42.90 2.14 -23.06
N TYR C 108 42.20 2.68 -24.04
CA TYR C 108 42.48 2.40 -25.44
C TYR C 108 43.58 3.30 -25.96
N SER C 109 43.89 4.35 -25.22
CA SER C 109 44.83 5.36 -25.67
C SER C 109 46.26 4.90 -25.52
N TYR C 110 46.46 3.78 -24.86
CA TYR C 110 47.79 3.26 -24.61
C TYR C 110 47.81 1.74 -24.59
N PHE C 111 49.00 1.18 -24.67
CA PHE C 111 49.19 -0.28 -24.71
C PHE C 111 49.78 -0.74 -23.39
N ASP C 112 49.03 -1.55 -22.64
CA ASP C 112 49.49 -1.93 -21.30
C ASP C 112 50.28 -3.22 -21.27
N TYR C 113 50.09 -4.09 -22.27
CA TYR C 113 50.85 -5.33 -22.32
C TYR C 113 51.43 -5.58 -23.69
N TRP C 114 52.66 -6.08 -23.71
CA TRP C 114 53.36 -6.36 -24.95
C TRP C 114 53.89 -7.79 -24.97
N GLY C 115 53.91 -8.39 -26.15
CA GLY C 115 54.51 -9.70 -26.32
C GLY C 115 55.98 -9.55 -26.62
N GLN C 116 56.69 -10.67 -26.77
CA GLN C 116 58.10 -10.59 -27.12
C GLN C 116 58.18 -10.26 -28.60
N GLY C 117 59.13 -9.42 -28.98
CA GLY C 117 59.20 -9.01 -30.37
C GLY C 117 59.56 -10.16 -31.28
N THR C 118 58.98 -10.16 -32.46
CA THR C 118 59.28 -11.16 -33.47
C THR C 118 60.00 -10.53 -34.65
N LEU C 119 61.24 -10.95 -34.87
CA LEU C 119 62.03 -10.35 -35.94
C LEU C 119 61.67 -10.93 -37.29
N VAL C 120 61.38 -10.06 -38.23
CA VAL C 120 61.17 -10.46 -39.61
C VAL C 120 62.21 -9.79 -40.50
N THR C 121 62.98 -10.61 -41.21
CA THR C 121 64.04 -10.11 -42.08
C THR C 121 63.62 -10.21 -43.54
N VAL C 122 63.82 -9.12 -44.30
CA VAL C 122 63.44 -9.08 -45.71
C VAL C 122 64.61 -8.54 -46.54
N GLU D 1 -11.42 -72.48 61.29
CA GLU D 1 -10.48 -73.58 61.04
C GLU D 1 -9.86 -73.45 59.65
N VAL D 2 -8.55 -73.20 59.60
CA VAL D 2 -7.80 -73.05 58.35
C VAL D 2 -7.20 -74.37 57.91
N GLN D 3 -7.46 -74.74 56.67
CA GLN D 3 -6.96 -76.00 56.13
C GLN D 3 -6.31 -75.83 54.77
N LEU D 4 -5.25 -76.61 54.55
CA LEU D 4 -4.59 -76.72 53.26
C LEU D 4 -4.42 -78.19 52.90
N VAL D 5 -4.91 -78.59 51.74
CA VAL D 5 -4.88 -80.00 51.37
C VAL D 5 -4.11 -80.26 50.09
N GLU D 6 -2.94 -80.88 50.22
CA GLU D 6 -2.13 -81.23 49.07
C GLU D 6 -2.66 -82.48 48.40
N SER D 7 -2.48 -82.55 47.09
CA SER D 7 -2.83 -83.74 46.34
C SER D 7 -2.03 -83.81 45.04
N GLY D 8 -2.07 -84.95 44.36
CA GLY D 8 -1.39 -85.08 43.08
C GLY D 8 0.02 -85.64 43.23
N GLY D 9 0.34 -86.16 44.40
CA GLY D 9 1.65 -86.76 44.62
C GLY D 9 1.67 -88.17 44.06
N GLY D 10 2.73 -88.91 44.34
CA GLY D 10 2.84 -90.26 43.81
C GLY D 10 4.24 -90.56 43.26
N LEU D 11 4.36 -91.73 42.63
CA LEU D 11 5.63 -92.20 42.09
C LEU D 11 5.71 -91.98 40.58
N VAL D 12 6.76 -91.29 40.16
CA VAL D 12 6.98 -90.98 38.75
C VAL D 12 8.40 -91.34 38.33
N ASN D 13 8.62 -91.46 37.03
CA ASN D 13 9.95 -91.71 36.50
C ASN D 13 10.74 -90.39 36.39
N PRO D 14 12.06 -90.45 36.47
CA PRO D 14 12.97 -89.37 36.16
C PRO D 14 12.77 -88.90 34.72
N GLY D 15 12.86 -87.60 34.51
CA GLY D 15 12.72 -87.03 33.17
C GLY D 15 11.25 -86.76 32.83
N GLY D 16 10.36 -87.13 33.74
CA GLY D 16 8.93 -86.95 33.51
C GLY D 16 8.44 -85.63 34.11
N SER D 17 7.16 -85.57 34.42
CA SER D 17 6.56 -84.37 34.99
C SER D 17 5.41 -84.74 35.92
N LEU D 18 5.08 -83.85 36.84
CA LEU D 18 4.00 -84.08 37.78
C LEU D 18 3.38 -82.77 38.25
N ARG D 19 2.05 -82.71 38.26
CA ARG D 19 1.35 -81.53 38.76
C ARG D 19 0.81 -81.76 40.16
N LEU D 20 1.19 -80.89 41.08
CA LEU D 20 0.67 -80.97 42.44
C LEU D 20 -0.41 -79.92 42.64
N SER D 21 -1.35 -80.20 43.52
CA SER D 21 -2.40 -79.25 43.86
C SER D 21 -2.46 -79.02 45.35
N CYS D 22 -3.01 -77.87 45.75
CA CYS D 22 -3.29 -77.55 47.15
C CYS D 22 -4.60 -76.80 47.28
N ALA D 23 -5.60 -77.47 47.84
CA ALA D 23 -6.91 -76.85 48.04
C ALA D 23 -6.88 -76.03 49.31
N ALA D 24 -7.59 -74.91 49.32
CA ALA D 24 -7.60 -74.05 50.49
C ALA D 24 -9.02 -73.81 51.00
N SER D 25 -9.14 -73.73 52.32
CA SER D 25 -10.42 -73.37 52.94
C SER D 25 -10.19 -72.77 54.33
N GLY D 26 -11.20 -72.06 54.82
CA GLY D 26 -11.16 -71.50 56.18
C GLY D 26 -10.64 -70.07 56.21
N PHE D 27 -10.22 -69.57 55.06
CA PHE D 27 -9.69 -68.22 54.96
C PHE D 27 -9.89 -67.69 53.55
N THR D 28 -9.66 -66.39 53.37
CA THR D 28 -9.78 -65.83 52.03
C THR D 28 -8.51 -66.11 51.25
N PHE D 29 -8.62 -67.04 50.30
CA PHE D 29 -7.50 -67.51 49.51
C PHE D 29 -6.82 -66.34 48.81
N SER D 30 -7.63 -65.47 48.24
CA SER D 30 -7.16 -64.36 47.40
C SER D 30 -6.46 -63.26 48.20
N ASP D 31 -6.44 -63.37 49.52
CA ASP D 31 -5.78 -62.36 50.34
C ASP D 31 -4.38 -62.77 50.77
N TYR D 32 -3.99 -64.01 50.51
CA TYR D 32 -2.72 -64.51 51.03
C TYR D 32 -1.79 -65.10 49.97
N THR D 33 -0.49 -64.93 50.23
CA THR D 33 0.57 -65.56 49.47
C THR D 33 0.75 -67.00 49.95
N ILE D 34 0.92 -67.92 49.03
CA ILE D 34 1.09 -69.32 49.40
C ILE D 34 2.39 -69.89 48.84
N HIS D 35 3.14 -70.55 49.70
CA HIS D 35 4.46 -71.07 49.37
C HIS D 35 4.48 -72.58 49.29
N TRP D 36 5.38 -73.10 48.49
CA TRP D 36 5.69 -74.53 48.52
C TRP D 36 7.05 -74.76 49.15
N VAL D 37 7.10 -75.72 50.05
CA VAL D 37 8.32 -76.12 50.72
C VAL D 37 8.46 -77.63 50.63
N ARG D 38 9.67 -78.12 50.37
CA ARG D 38 9.83 -79.56 50.25
C ARG D 38 10.83 -80.10 51.25
N GLN D 39 10.59 -81.32 51.70
CA GLN D 39 11.48 -81.97 52.65
C GLN D 39 11.91 -83.35 52.17
N ALA D 40 13.17 -83.47 51.78
CA ALA D 40 13.69 -84.76 51.35
C ALA D 40 13.75 -85.67 52.55
N PRO D 41 13.57 -86.98 52.38
CA PRO D 41 13.63 -87.98 53.43
C PRO D 41 14.92 -87.86 54.22
N GLY D 42 14.79 -87.70 55.53
CA GLY D 42 15.94 -87.61 56.42
C GLY D 42 16.59 -86.22 56.43
N LYS D 43 15.99 -85.29 55.69
CA LYS D 43 16.55 -83.95 55.58
C LYS D 43 15.63 -82.89 56.16
N GLY D 44 16.08 -81.64 56.14
CA GLY D 44 15.31 -80.53 56.68
C GLY D 44 14.43 -79.91 55.61
N LEU D 45 13.91 -78.72 55.90
CA LEU D 45 12.99 -78.04 55.01
C LEU D 45 13.74 -77.22 53.97
N GLU D 46 13.27 -77.25 52.73
CA GLU D 46 13.83 -76.41 51.68
C GLU D 46 12.74 -75.66 50.94
N TRP D 47 12.87 -74.35 50.86
CA TRP D 47 11.88 -73.53 50.19
C TRP D 47 11.94 -73.77 48.68
N VAL D 48 10.80 -73.93 48.05
CA VAL D 48 10.75 -74.23 46.62
C VAL D 48 10.32 -73.04 45.80
N SER D 49 9.14 -72.51 46.08
CA SER D 49 8.58 -71.43 45.30
C SER D 49 7.46 -70.72 46.03
N SER D 50 7.05 -69.57 45.51
CA SER D 50 5.92 -68.85 46.09
C SER D 50 5.17 -68.07 45.04
N ILE D 51 3.87 -67.93 45.26
CA ILE D 51 3.05 -67.09 44.39
C ILE D 51 2.21 -66.13 45.22
N SER D 52 2.29 -64.85 44.89
CA SER D 52 1.56 -63.82 45.63
C SER D 52 0.08 -63.85 45.32
N SER D 53 -0.70 -63.13 46.10
CA SER D 53 -2.15 -63.15 45.99
C SER D 53 -2.65 -62.73 44.62
N SER D 54 -1.94 -61.79 43.99
CA SER D 54 -2.31 -61.31 42.67
C SER D 54 -1.67 -62.12 41.56
N SER D 55 -0.81 -63.07 41.93
CA SER D 55 -0.04 -63.88 40.99
C SER D 55 0.97 -63.05 40.20
N ASN D 56 1.11 -61.77 40.55
CA ASN D 56 2.06 -60.91 39.85
C ASN D 56 3.48 -61.13 40.33
N TYR D 57 3.63 -61.52 41.58
CA TYR D 57 4.96 -61.73 42.15
C TYR D 57 5.21 -63.20 42.42
N ILE D 58 6.08 -63.79 41.61
CA ILE D 58 6.40 -65.21 41.71
C ILE D 58 7.88 -65.42 41.90
N TYR D 59 8.23 -66.27 42.85
CA TYR D 59 9.62 -66.55 43.14
C TYR D 59 9.91 -68.04 43.11
N TYR D 60 11.11 -68.40 42.68
CA TYR D 60 11.53 -69.79 42.67
C TYR D 60 12.92 -69.94 43.28
N ALA D 61 13.15 -71.04 43.95
CA ALA D 61 14.49 -71.40 44.38
C ALA D 61 15.33 -71.68 43.15
N ASP D 62 16.62 -71.37 43.23
CA ASP D 62 17.50 -71.56 42.09
C ASP D 62 17.53 -73.01 41.64
N SER D 63 17.37 -73.92 42.58
CA SER D 63 17.41 -75.35 42.31
C SER D 63 16.23 -75.84 41.49
N VAL D 64 15.15 -75.06 41.44
CA VAL D 64 13.98 -75.47 40.66
C VAL D 64 13.61 -74.43 39.62
N LYS D 65 14.21 -73.26 39.71
CA LYS D 65 13.92 -72.19 38.78
C LYS D 65 14.21 -72.62 37.35
N GLY D 66 13.25 -72.42 36.47
CA GLY D 66 13.41 -72.80 35.07
C GLY D 66 12.75 -74.13 34.77
N ARG D 67 12.40 -74.89 35.80
CA ARG D 67 11.76 -76.18 35.62
C ARG D 67 10.35 -76.18 36.18
N PHE D 68 10.16 -75.50 37.31
CA PHE D 68 8.86 -75.47 37.97
C PHE D 68 8.06 -74.25 37.55
N THR D 69 6.75 -74.43 37.42
CA THR D 69 5.83 -73.32 37.17
C THR D 69 4.70 -73.31 38.19
N ILE D 70 4.48 -72.17 38.83
CA ILE D 70 3.45 -72.07 39.84
C ILE D 70 2.32 -71.15 39.39
N SER D 71 1.08 -71.58 39.62
CA SER D 71 -0.07 -70.78 39.26
C SER D 71 -1.23 -71.02 40.22
N ARG D 72 -2.11 -70.04 40.36
CA ARG D 72 -3.23 -70.18 41.27
C ARG D 72 -4.53 -69.70 40.65
N ASP D 73 -5.63 -70.29 41.10
CA ASP D 73 -6.96 -69.86 40.69
C ASP D 73 -7.73 -69.34 41.90
N ASN D 74 -7.92 -68.02 41.95
CA ASN D 74 -8.51 -67.40 43.12
C ASN D 74 -10.04 -67.58 43.16
N ALA D 75 -10.60 -68.10 42.08
CA ALA D 75 -12.03 -68.36 42.03
C ALA D 75 -12.34 -69.73 42.59
N LYS D 76 -11.41 -70.66 42.37
CA LYS D 76 -11.57 -72.05 42.81
C LYS D 76 -10.94 -72.29 44.17
N ASN D 77 -10.26 -71.28 44.71
CA ASN D 77 -9.51 -71.43 45.95
C ASN D 77 -8.54 -72.61 45.85
N SER D 78 -7.79 -72.66 44.75
CA SER D 78 -6.89 -73.78 44.50
C SER D 78 -5.55 -73.35 43.90
N LEU D 79 -4.48 -73.87 44.47
CA LEU D 79 -3.12 -73.60 44.01
C LEU D 79 -2.52 -74.82 43.31
N SER D 80 -1.83 -74.60 42.20
CA SER D 80 -1.16 -75.69 41.49
C SER D 80 0.32 -75.44 41.28
N LEU D 81 1.10 -76.52 41.30
CA LEU D 81 2.53 -76.46 40.99
C LEU D 81 2.90 -77.50 39.95
N GLN D 82 3.40 -77.04 38.81
CA GLN D 82 3.79 -77.94 37.72
C GLN D 82 5.29 -78.17 37.73
N MET D 83 5.69 -79.42 37.93
CA MET D 83 7.11 -79.75 37.96
C MET D 83 7.52 -80.51 36.71
N ASN D 84 8.29 -79.86 35.85
CA ASN D 84 8.73 -80.48 34.61
C ASN D 84 10.18 -80.91 34.71
N SER D 85 10.57 -81.87 33.87
CA SER D 85 11.95 -82.31 33.83
C SER D 85 12.48 -82.59 35.24
N LEU D 86 11.72 -83.39 35.98
CA LEU D 86 12.09 -83.71 37.36
C LEU D 86 13.13 -84.81 37.43
N ARG D 87 13.84 -84.87 38.54
CA ARG D 87 14.94 -85.82 38.72
C ARG D 87 14.87 -86.53 40.07
N ALA D 88 15.71 -87.54 40.25
CA ALA D 88 15.75 -88.29 41.50
C ALA D 88 16.01 -87.37 42.69
N GLU D 89 16.78 -86.31 42.45
CA GLU D 89 17.12 -85.34 43.49
C GLU D 89 15.92 -84.56 44.01
N ASP D 90 14.80 -84.65 43.30
CA ASP D 90 13.61 -83.90 43.66
C ASP D 90 12.68 -84.70 44.57
N THR D 91 13.10 -85.90 44.97
CA THR D 91 12.27 -86.69 45.89
C THR D 91 12.14 -85.98 47.22
N ALA D 92 10.91 -85.73 47.62
CA ALA D 92 10.64 -84.99 48.85
C ALA D 92 9.16 -84.99 49.17
N VAL D 93 8.83 -84.65 50.41
CA VAL D 93 7.45 -84.33 50.74
C VAL D 93 7.19 -82.87 50.46
N TYR D 94 6.21 -82.60 49.61
CA TYR D 94 5.89 -81.24 49.23
C TYR D 94 4.73 -80.69 50.03
N TYR D 95 5.00 -79.61 50.75
CA TYR D 95 4.00 -78.95 51.56
C TYR D 95 3.61 -77.64 50.91
N CYS D 96 2.33 -77.27 51.03
CA CYS D 96 1.89 -75.91 50.75
C CYS D 96 1.69 -75.21 52.09
N ALA D 97 2.04 -73.94 52.16
CA ALA D 97 1.91 -73.21 53.41
C ALA D 97 1.42 -71.79 53.19
N ARG D 98 0.62 -71.31 54.12
CA ARG D 98 0.05 -69.98 54.08
C ARG D 98 0.97 -68.97 54.73
N ASP D 99 1.34 -67.95 53.95
CA ASP D 99 2.18 -66.88 54.43
C ASP D 99 1.42 -66.08 55.47
N GLY D 100 2.00 -65.95 56.66
CA GLY D 100 1.34 -65.28 57.76
C GLY D 100 1.33 -63.77 57.59
N ASN D 101 2.10 -63.28 56.64
CA ASN D 101 2.18 -61.86 56.38
C ASN D 101 1.09 -61.43 55.43
N ALA D 102 0.03 -60.83 55.96
CA ALA D 102 -1.13 -60.46 55.16
C ALA D 102 -0.89 -59.12 54.48
N TYR D 103 0.26 -58.52 54.75
CA TYR D 103 0.56 -57.20 54.21
C TYR D 103 1.89 -57.21 53.48
N LYS D 104 1.89 -57.79 52.30
CA LYS D 104 3.11 -57.99 51.52
C LYS D 104 3.48 -56.70 50.82
N TRP D 105 2.58 -55.72 50.90
CA TRP D 105 2.83 -54.41 50.33
C TRP D 105 3.64 -53.56 51.28
N LEU D 106 3.82 -54.05 52.50
CA LEU D 106 4.59 -53.33 53.51
C LEU D 106 5.97 -53.93 53.63
N LEU D 107 6.02 -55.25 53.79
CA LEU D 107 7.29 -55.98 53.89
C LEU D 107 7.24 -57.26 53.08
N ALA D 108 7.38 -57.16 51.76
CA ALA D 108 7.21 -58.31 50.90
C ALA D 108 8.19 -59.42 51.24
N GLU D 109 9.40 -59.02 51.67
CA GLU D 109 10.46 -59.96 51.98
C GLU D 109 10.27 -60.68 53.32
N ASN D 110 9.34 -60.20 54.14
CA ASN D 110 9.14 -60.79 55.46
C ASN D 110 8.19 -61.98 55.39
N VAL D 111 8.74 -63.18 55.44
CA VAL D 111 7.94 -64.39 55.23
C VAL D 111 7.92 -65.31 56.45
N ARG D 112 6.71 -65.69 56.85
CA ARG D 112 6.51 -66.68 57.90
C ARG D 112 5.37 -67.60 57.47
N PHE D 113 5.36 -68.82 57.98
CA PHE D 113 4.37 -69.79 57.53
C PHE D 113 3.44 -70.19 58.66
N ASP D 114 2.27 -69.56 58.71
CA ASP D 114 1.35 -69.77 59.82
C ASP D 114 0.64 -71.12 59.72
N TYR D 115 0.30 -71.51 58.51
CA TYR D 115 -0.43 -72.76 58.33
C TYR D 115 0.23 -73.65 57.30
N TRP D 116 0.30 -74.93 57.60
CA TRP D 116 0.87 -75.92 56.70
C TRP D 116 -0.13 -77.01 56.40
N GLY D 117 -0.07 -77.55 55.19
CA GLY D 117 -0.89 -78.71 54.85
C GLY D 117 -0.20 -79.96 55.36
N GLN D 118 -0.81 -81.12 55.11
CA GLN D 118 -0.25 -82.38 55.56
C GLN D 118 1.02 -82.74 54.81
N GLY D 119 1.04 -82.39 53.52
CA GLY D 119 2.19 -82.67 52.67
C GLY D 119 1.95 -83.89 51.81
N THR D 120 2.37 -83.82 50.56
CA THR D 120 2.21 -84.95 49.65
C THR D 120 3.57 -85.43 49.16
N LEU D 121 3.78 -86.74 49.22
CA LEU D 121 5.09 -87.29 48.85
C LEU D 121 5.23 -87.49 47.35
N VAL D 122 6.33 -86.96 46.82
CA VAL D 122 6.68 -87.18 45.43
C VAL D 122 7.98 -87.95 45.34
N THR D 123 7.93 -89.11 44.69
CA THR D 123 9.12 -89.94 44.54
C THR D 123 9.50 -90.08 43.08
N VAL D 124 10.77 -89.83 42.78
CA VAL D 124 11.24 -89.91 41.42
C VAL D 124 12.27 -91.02 41.27
N SER D 125 11.84 -92.15 40.71
CA SER D 125 12.67 -93.34 40.63
C SER D 125 12.07 -94.36 39.67
N SER D 126 12.83 -95.42 39.37
CA SER D 126 12.35 -96.51 38.53
C SER D 126 13.15 -97.78 38.79
N VAL E 1 22.56 -70.59 56.77
CA VAL E 1 22.14 -70.60 58.17
C VAL E 1 22.63 -71.88 58.85
N THR E 2 23.49 -71.72 59.86
CA THR E 2 24.08 -72.85 60.60
C THR E 2 23.36 -73.08 61.93
N GLN E 3 23.00 -74.33 62.17
CA GLN E 3 22.38 -74.72 63.43
C GLN E 3 23.13 -75.90 64.04
N PRO E 4 23.09 -76.06 65.37
CA PRO E 4 23.51 -77.23 66.11
C PRO E 4 22.78 -78.47 65.61
N ALA E 5 23.46 -79.59 65.59
CA ALA E 5 22.83 -80.84 65.16
C ALA E 5 21.72 -81.23 66.13
N SER E 6 21.96 -81.00 67.41
CA SER E 6 21.00 -81.33 68.45
C SER E 6 21.28 -80.58 69.73
N VAL E 7 20.26 -80.49 70.58
CA VAL E 7 20.39 -79.94 71.93
C VAL E 7 19.67 -80.84 72.92
N SER E 8 20.09 -80.78 74.19
CA SER E 8 19.47 -81.61 75.21
C SER E 8 19.63 -80.98 76.58
N GLY E 9 18.88 -81.51 77.55
CA GLY E 9 18.96 -81.04 78.93
C GLY E 9 17.85 -81.66 79.76
N SER E 10 17.91 -81.46 81.07
CA SER E 10 16.90 -82.01 81.96
C SER E 10 15.59 -81.27 81.79
N PRO E 11 14.46 -81.92 82.05
CA PRO E 11 13.14 -81.35 82.14
C PRO E 11 13.14 -80.18 83.12
N GLY E 12 12.45 -79.11 82.75
CA GLY E 12 12.37 -77.91 83.59
C GLY E 12 13.48 -76.90 83.27
N GLN E 13 14.47 -77.31 82.48
CA GLN E 13 15.61 -76.44 82.17
C GLN E 13 15.37 -75.62 80.92
N SER E 14 16.15 -74.53 80.78
CA SER E 14 16.06 -73.66 79.63
C SER E 14 17.13 -73.99 78.59
N ILE E 15 16.70 -74.33 77.39
CA ILE E 15 17.61 -74.69 76.31
C ILE E 15 17.59 -73.65 75.20
N THR E 16 18.78 -73.23 74.78
CA THR E 16 18.89 -72.23 73.71
C THR E 16 19.41 -72.83 72.42
N ILE E 17 18.64 -72.66 71.35
CA ILE E 17 19.04 -73.11 70.02
C ILE E 17 19.43 -71.92 69.18
N SER E 18 20.63 -71.93 68.62
CA SER E 18 21.11 -70.77 67.87
C SER E 18 21.17 -71.01 66.36
N CYS E 19 21.00 -69.93 65.60
CA CYS E 19 21.10 -69.92 64.14
C CYS E 19 22.06 -68.83 63.67
N THR E 20 23.21 -69.24 63.18
CA THR E 20 24.22 -68.28 62.75
C THR E 20 24.21 -68.09 61.25
N GLY E 21 24.00 -66.86 60.82
CA GLY E 21 24.02 -66.53 59.41
C GLY E 21 24.99 -65.39 59.15
N THR E 22 24.66 -64.53 58.20
CA THR E 22 25.49 -63.38 57.87
C THR E 22 24.65 -62.10 57.81
N SER E 23 25.28 -61.00 57.41
CA SER E 23 24.60 -59.71 57.41
C SER E 23 23.44 -59.66 56.43
N SER E 24 23.56 -60.43 55.34
CA SER E 24 22.54 -60.48 54.30
C SER E 24 21.39 -61.41 54.66
N ASP E 25 21.51 -62.11 55.79
CA ASP E 25 20.53 -63.12 56.14
C ASP E 25 19.89 -62.85 57.50
N VAL E 26 20.72 -62.73 58.53
CA VAL E 26 20.24 -62.56 59.89
C VAL E 26 20.47 -61.16 60.40
N GLY E 27 21.64 -60.61 60.10
CA GLY E 27 22.05 -59.32 60.64
C GLY E 27 21.08 -58.19 60.31
N GLY E 28 20.91 -57.91 59.01
CA GLY E 28 20.12 -56.77 58.57
C GLY E 28 18.65 -57.09 58.34
N TYR E 29 18.26 -58.33 58.54
CA TYR E 29 16.89 -58.75 58.27
C TYR E 29 16.25 -59.44 59.46
N ASN E 30 15.56 -58.68 60.30
CA ASN E 30 14.94 -59.23 61.51
C ASN E 30 13.63 -59.90 61.18
N TYR E 31 13.68 -60.89 60.30
CA TYR E 31 12.50 -61.63 59.87
C TYR E 31 12.67 -63.10 60.21
N VAL E 32 13.49 -63.38 61.20
CA VAL E 32 13.81 -64.75 61.57
C VAL E 32 12.61 -65.43 62.22
N SER E 33 12.31 -66.63 61.74
CA SER E 33 11.21 -67.39 62.31
C SER E 33 11.65 -68.79 62.69
N TRP E 34 10.93 -69.40 63.63
CA TRP E 34 11.24 -70.74 64.09
C TRP E 34 10.05 -71.67 63.93
N TYR E 35 10.33 -72.90 63.53
CA TYR E 35 9.27 -73.90 63.36
C TYR E 35 9.56 -75.17 64.14
N GLN E 36 8.50 -75.78 64.66
CA GLN E 36 8.60 -77.04 65.38
C GLN E 36 8.01 -78.18 64.58
N GLN E 37 8.82 -79.18 64.26
CA GLN E 37 8.33 -80.32 63.49
C GLN E 37 8.37 -81.62 64.28
N HIS E 38 7.21 -82.23 64.44
CA HIS E 38 7.12 -83.55 65.06
C HIS E 38 7.23 -84.61 63.97
N PRO E 39 7.77 -85.78 64.27
CA PRO E 39 7.92 -86.89 63.36
C PRO E 39 6.61 -87.23 62.67
N GLY E 40 6.64 -87.25 61.34
CA GLY E 40 5.48 -87.62 60.54
C GLY E 40 4.48 -86.48 60.36
N LYS E 41 4.80 -85.31 60.91
CA LYS E 41 3.87 -84.18 60.86
C LYS E 41 4.47 -82.97 60.16
N ALA E 42 3.59 -82.12 59.63
CA ALA E 42 4.02 -80.83 59.09
C ALA E 42 4.48 -79.94 60.24
N PRO E 43 5.46 -79.07 60.01
CA PRO E 43 5.99 -78.10 60.95
C PRO E 43 4.99 -77.01 61.26
N LYS E 44 5.09 -76.42 62.44
CA LYS E 44 4.25 -75.30 62.81
C LYS E 44 5.09 -74.12 63.29
N LEU E 45 4.58 -72.91 63.07
CA LEU E 45 5.28 -71.69 63.47
C LEU E 45 5.24 -71.49 64.97
N MET E 46 6.42 -71.25 65.56
CA MET E 46 6.53 -71.02 66.99
C MET E 46 6.86 -69.57 67.28
N ILE E 47 7.78 -69.01 66.49
CA ILE E 47 8.24 -67.63 66.64
C ILE E 47 8.42 -66.98 65.28
N TYR E 48 8.11 -65.69 65.18
CA TYR E 48 8.34 -64.94 63.95
C TYR E 48 8.83 -63.53 64.26
N ASP E 49 9.40 -62.88 63.27
CA ASP E 49 9.95 -61.54 63.48
C ASP E 49 10.89 -61.54 64.68
N VAL E 50 11.71 -62.58 64.76
CA VAL E 50 12.71 -62.77 65.81
C VAL E 50 12.12 -63.17 67.16
N SER E 51 11.19 -62.39 67.68
CA SER E 51 10.71 -62.64 69.05
C SER E 51 9.19 -62.71 69.20
N ASP E 52 8.44 -62.52 68.12
CA ASP E 52 6.98 -62.50 68.23
C ASP E 52 6.38 -63.90 68.24
N ARG E 53 5.44 -64.11 69.14
CA ARG E 53 4.81 -65.41 69.30
C ARG E 53 3.38 -65.41 68.73
N PRO E 54 3.03 -66.39 67.88
CA PRO E 54 1.70 -66.67 67.36
C PRO E 54 0.75 -67.07 68.47
N SER E 55 -0.53 -66.74 68.32
CA SER E 55 -1.51 -67.20 69.27
C SER E 55 -1.61 -68.71 69.24
N GLY E 56 -1.77 -69.32 70.41
CA GLY E 56 -1.87 -70.78 70.50
C GLY E 56 -0.54 -71.39 70.91
N VAL E 57 0.54 -70.60 70.83
CA VAL E 57 1.86 -71.06 71.22
C VAL E 57 2.11 -70.68 72.68
N SER E 58 2.64 -71.63 73.45
CA SER E 58 2.87 -71.39 74.86
C SER E 58 3.95 -70.34 75.09
N ASN E 59 3.85 -69.65 76.22
CA ASN E 59 4.73 -68.52 76.54
C ASN E 59 6.10 -68.96 77.00
N ARG E 60 6.34 -70.27 76.95
CA ARG E 60 7.63 -70.82 77.30
C ARG E 60 8.62 -70.66 76.13
N PHE E 61 8.08 -70.29 74.97
CA PHE E 61 8.90 -70.11 73.78
C PHE E 61 9.12 -68.64 73.47
N SER E 62 10.38 -68.23 73.46
CA SER E 62 10.71 -66.84 73.12
C SER E 62 12.00 -66.79 72.33
N GLY E 63 12.05 -65.91 71.34
CA GLY E 63 13.24 -65.77 70.52
C GLY E 63 13.99 -64.48 70.81
N SER E 64 15.19 -64.38 70.25
CA SER E 64 16.02 -63.19 70.39
C SER E 64 17.05 -63.14 69.28
N LYS E 65 17.72 -62.00 69.13
CA LYS E 65 18.76 -61.88 68.12
C LYS E 65 19.90 -60.98 68.59
N SER E 66 21.12 -61.42 68.33
CA SER E 66 22.31 -60.63 68.65
C SER E 66 23.33 -60.72 67.52
N GLY E 67 23.54 -59.60 66.83
CA GLY E 67 24.45 -59.59 65.68
C GLY E 67 23.90 -60.45 64.56
N ASN E 68 24.70 -61.41 64.10
CA ASN E 68 24.31 -62.28 63.00
C ASN E 68 23.80 -63.63 63.49
N THR E 69 23.59 -63.76 64.79
CA THR E 69 23.10 -65.01 65.33
C THR E 69 21.76 -64.83 66.05
N ALA E 70 20.77 -65.59 65.62
CA ALA E 70 19.45 -65.58 66.25
C ALA E 70 19.34 -66.77 67.17
N SER E 71 18.41 -66.74 68.11
CA SER E 71 18.24 -67.88 68.99
C SER E 71 16.82 -68.07 69.48
N LEU E 72 16.51 -69.31 69.83
CA LEU E 72 15.23 -69.65 70.44
C LEU E 72 15.47 -70.26 71.81
N THR E 73 14.84 -69.69 72.82
CA THR E 73 14.98 -70.20 74.16
C THR E 73 13.69 -70.88 74.60
N ILE E 74 13.80 -72.14 75.02
CA ILE E 74 12.63 -72.88 75.48
C ILE E 74 12.72 -73.11 76.97
N SER E 75 11.90 -72.41 77.73
CA SER E 75 11.93 -72.49 79.19
C SER E 75 11.02 -73.58 79.69
N GLY E 76 11.35 -74.15 80.84
CA GLY E 76 10.49 -75.14 81.45
C GLY E 76 10.37 -76.37 80.56
N LEU E 77 11.47 -76.78 79.95
CA LEU E 77 11.46 -77.88 79.00
C LEU E 77 10.50 -78.99 79.41
N GLN E 78 9.61 -79.35 78.48
CA GLN E 78 8.67 -80.44 78.69
C GLN E 78 9.02 -81.62 77.79
N ALA E 79 8.55 -82.80 78.16
CA ALA E 79 8.79 -84.00 77.36
C ALA E 79 8.18 -83.84 75.96
N GLU E 80 7.06 -83.15 75.88
CA GLU E 80 6.35 -82.95 74.63
C GLU E 80 7.06 -81.99 73.70
N ASP E 81 8.10 -81.34 74.18
CA ASP E 81 8.83 -80.37 73.37
C ASP E 81 9.75 -81.03 72.36
N GLU E 82 10.12 -82.29 72.61
CA GLU E 82 11.08 -82.93 71.72
C GLU E 82 10.59 -82.84 70.28
N ALA E 83 11.43 -82.29 69.42
CA ALA E 83 11.08 -82.02 68.03
C ALA E 83 12.28 -81.51 67.25
N ASP E 84 12.15 -81.45 65.93
CA ASP E 84 13.17 -80.80 65.12
C ASP E 84 12.82 -79.34 64.88
N TYR E 85 13.67 -78.45 65.37
CA TYR E 85 13.42 -77.02 65.25
C TYR E 85 14.21 -76.40 64.13
N TYR E 86 13.54 -75.65 63.27
CA TYR E 86 14.19 -75.03 62.12
C TYR E 86 14.08 -73.52 62.17
N CYS E 87 15.13 -72.84 61.70
CA CYS E 87 15.06 -71.41 61.41
C CYS E 87 14.67 -71.17 59.98
N SER E 88 14.09 -70.01 59.72
CA SER E 88 13.87 -69.53 58.37
C SER E 88 14.09 -68.03 58.31
N SER E 89 14.74 -67.58 57.24
CA SER E 89 15.04 -66.16 57.09
C SER E 89 15.11 -65.76 55.64
N TYR E 90 15.00 -64.45 55.39
CA TYR E 90 15.14 -63.90 54.06
C TYR E 90 16.60 -63.62 53.74
N THR E 91 17.06 -64.08 52.59
CA THR E 91 18.43 -63.86 52.20
C THR E 91 18.51 -62.95 50.99
N SER E 92 19.34 -61.91 51.10
CA SER E 92 19.54 -60.97 50.00
C SER E 92 20.71 -61.40 49.12
N SER E 93 20.39 -61.69 47.86
CA SER E 93 21.40 -62.13 46.91
C SER E 93 21.03 -61.62 45.51
N SER E 94 21.63 -62.23 44.48
CA SER E 94 21.37 -61.81 43.12
C SER E 94 19.91 -62.05 42.77
N THR E 95 19.33 -63.08 43.40
CA THR E 95 17.91 -63.36 43.29
C THR E 95 17.35 -63.58 44.70
N PRO E 96 16.40 -62.76 45.14
CA PRO E 96 15.86 -62.75 46.49
C PRO E 96 15.15 -64.06 46.77
N ASN E 97 15.46 -64.66 47.92
CA ASN E 97 14.86 -65.95 48.25
C ASN E 97 14.83 -66.16 49.75
N TRP E 98 14.25 -67.28 50.16
CA TRP E 98 14.16 -67.61 51.58
C TRP E 98 14.78 -68.96 51.85
N VAL E 99 15.42 -69.08 52.99
CA VAL E 99 16.14 -70.30 53.32
C VAL E 99 15.79 -70.81 54.70
N PHE E 100 16.05 -72.09 54.92
CA PHE E 100 15.88 -72.71 56.23
C PHE E 100 17.23 -73.12 56.80
N GLY E 101 17.29 -73.22 58.12
CA GLY E 101 18.50 -73.71 58.77
C GLY E 101 18.58 -75.22 58.70
N GLY E 102 19.69 -75.79 59.13
CA GLY E 102 19.89 -77.23 59.06
C GLY E 102 18.84 -78.00 59.86
N GLY E 103 18.46 -77.43 61.00
CA GLY E 103 17.48 -78.07 61.87
C GLY E 103 18.15 -78.67 63.10
N THR E 104 17.68 -78.29 64.27
CA THR E 104 18.24 -78.77 65.53
C THR E 104 17.31 -79.77 66.18
N LYS E 105 17.82 -80.96 66.46
CA LYS E 105 17.00 -81.96 67.12
C LYS E 105 17.02 -81.78 68.62
N LEU E 106 15.85 -81.51 69.19
CA LEU E 106 15.72 -81.37 70.64
C LEU E 106 15.28 -82.68 71.26
N THR E 107 16.14 -83.24 72.12
CA THR E 107 15.89 -84.52 72.78
C THR E 107 15.61 -84.31 74.26
N GLN F 14 47.33 44.78 10.03
CA GLN F 14 47.20 43.74 11.05
C GLN F 14 45.99 44.02 11.96
N CYS F 15 45.77 43.11 12.91
CA CYS F 15 44.67 43.22 13.87
C CYS F 15 45.05 44.13 15.03
N VAL F 16 44.11 44.98 15.42
CA VAL F 16 44.30 45.83 16.60
C VAL F 16 43.03 45.86 17.45
N ASN F 17 43.20 45.73 18.77
CA ASN F 17 42.11 45.87 19.73
C ASN F 17 41.80 47.33 19.99
N LEU F 18 40.54 47.73 19.86
CA LEU F 18 40.12 49.11 20.12
C LEU F 18 39.85 49.32 21.60
N THR F 19 40.12 50.52 22.08
CA THR F 19 39.87 50.89 23.46
C THR F 19 39.15 52.22 23.56
N THR F 20 38.97 52.70 24.78
CA THR F 20 38.24 53.94 25.04
C THR F 20 36.78 53.82 24.62
N ARG F 21 36.03 52.97 25.30
CA ARG F 21 34.61 52.81 25.04
C ARG F 21 33.82 52.79 26.34
N THR F 22 32.66 53.44 26.33
CA THR F 22 31.83 53.52 27.52
C THR F 22 31.11 52.20 27.76
N GLN F 23 31.18 51.72 29.00
CA GLN F 23 30.61 50.43 29.34
C GLN F 23 29.13 50.51 29.66
N LEU F 24 28.33 50.72 28.62
CA LEU F 24 26.88 50.80 28.74
C LEU F 24 26.25 49.43 28.56
N PRO F 25 25.08 49.20 29.15
CA PRO F 25 24.22 48.05 28.94
C PRO F 25 23.59 48.09 27.55
N PRO F 26 23.15 46.94 27.04
CA PRO F 26 22.46 46.77 25.77
C PRO F 26 21.08 47.40 25.80
N ALA F 27 20.64 47.90 24.65
CA ALA F 27 19.30 48.43 24.52
C ALA F 27 18.41 47.42 23.82
N TYR F 28 17.10 47.58 23.95
CA TYR F 28 16.18 46.69 23.26
C TYR F 28 15.06 47.46 22.60
N THR F 29 14.57 46.94 21.48
CA THR F 29 13.47 47.56 20.77
C THR F 29 12.40 46.54 20.38
N ASN F 30 11.28 47.07 19.92
CA ASN F 30 10.15 46.28 19.46
C ASN F 30 10.28 45.99 17.97
N SER F 31 10.20 44.72 17.58
CA SER F 31 10.35 44.34 16.18
C SER F 31 9.12 44.73 15.36
N PHE F 32 8.04 45.04 16.03
CA PHE F 32 6.78 45.36 15.39
C PHE F 32 6.41 44.29 14.36
N THR F 33 6.29 44.71 13.10
CA THR F 33 5.89 43.79 12.04
C THR F 33 6.97 43.64 10.99
N ARG F 34 8.21 43.90 11.39
CA ARG F 34 9.36 43.83 10.50
C ARG F 34 9.90 42.41 10.41
N GLY F 35 10.68 42.13 9.37
CA GLY F 35 11.39 40.86 9.27
C GLY F 35 10.68 39.81 8.42
N VAL F 36 9.64 40.23 7.71
CA VAL F 36 8.92 39.34 6.82
C VAL F 36 9.52 39.41 5.42
N TYR F 37 9.77 38.25 4.83
CA TYR F 37 10.37 38.16 3.51
C TYR F 37 9.54 37.26 2.62
N TYR F 38 9.93 37.16 1.35
CA TYR F 38 9.26 36.27 0.41
C TYR F 38 9.79 34.85 0.59
N PRO F 39 8.95 33.91 1.05
CA PRO F 39 9.31 32.57 1.46
C PRO F 39 9.81 31.74 0.30
N ASP F 40 9.45 32.13 -0.92
CA ASP F 40 9.89 31.42 -2.11
C ASP F 40 9.94 32.34 -3.32
N LYS F 41 10.09 31.76 -4.50
CA LYS F 41 10.26 32.51 -5.73
C LYS F 41 9.05 32.35 -6.64
N VAL F 42 7.89 32.12 -6.04
CA VAL F 42 6.66 31.92 -6.80
C VAL F 42 5.81 33.19 -6.81
N PHE F 43 5.37 33.59 -8.00
CA PHE F 43 4.52 34.75 -8.11
C PHE F 43 3.09 34.42 -7.71
N ARG F 44 2.55 35.22 -6.80
CA ARG F 44 1.18 35.09 -6.36
C ARG F 44 0.56 36.47 -6.36
N SER F 45 -0.74 36.55 -6.58
CA SER F 45 -1.39 37.86 -6.55
C SER F 45 -2.82 37.76 -6.06
N SER F 46 -3.29 38.83 -5.43
CA SER F 46 -4.66 38.91 -4.95
C SER F 46 -5.05 37.64 -4.18
N VAL F 47 -4.20 37.24 -3.26
CA VAL F 47 -4.43 35.99 -2.53
C VAL F 47 -3.81 36.02 -1.14
N LEU F 48 -4.44 35.34 -0.20
CA LEU F 48 -3.86 35.15 1.12
C LEU F 48 -3.25 33.76 1.20
N HIS F 49 -1.93 33.71 1.37
CA HIS F 49 -1.22 32.44 1.36
C HIS F 49 -0.64 32.11 2.73
N SER F 50 -0.95 30.91 3.21
CA SER F 50 -0.44 30.46 4.49
C SER F 50 0.83 29.66 4.30
N THR F 51 1.90 30.07 4.98
CA THR F 51 3.19 29.43 4.84
C THR F 51 3.88 29.24 6.19
N GLN F 52 4.64 28.16 6.32
CA GLN F 52 5.44 27.93 7.51
C GLN F 52 6.92 28.03 7.18
N ASP F 53 7.61 28.94 7.84
CA ASP F 53 9.02 29.18 7.59
C ASP F 53 9.65 29.88 8.77
N LEU F 54 10.94 30.16 8.67
CA LEU F 54 11.62 30.86 9.74
C LEU F 54 11.46 32.37 9.60
N PHE F 55 10.61 32.94 10.43
CA PHE F 55 10.28 34.36 10.37
C PHE F 55 10.59 35.02 11.70
N LEU F 56 10.80 36.32 11.68
CA LEU F 56 10.91 37.06 12.93
C LEU F 56 9.52 37.22 13.51
N PRO F 57 9.25 36.72 14.72
CA PRO F 57 7.96 36.81 15.39
C PRO F 57 7.57 38.26 15.53
N PHE F 58 6.28 38.54 15.42
CA PHE F 58 5.82 39.91 15.55
C PHE F 58 5.94 40.39 16.98
N PHE F 59 6.31 41.66 17.12
CA PHE F 59 6.47 42.29 18.41
C PHE F 59 7.44 41.53 19.32
N SER F 60 8.53 41.05 18.72
CA SER F 60 9.57 40.33 19.45
C SER F 60 10.57 41.30 20.09
N ASN F 61 11.37 40.78 21.02
CA ASN F 61 12.41 41.53 21.70
C ASN F 61 13.72 41.50 20.90
N VAL F 62 14.09 42.64 20.33
CA VAL F 62 15.24 42.76 19.44
C VAL F 62 16.38 43.54 20.10
N THR F 63 17.58 42.97 20.07
CA THR F 63 18.72 43.60 20.72
C THR F 63 19.21 44.77 19.89
N TRP F 64 19.40 45.91 20.54
CA TRP F 64 19.74 47.15 19.89
C TRP F 64 21.18 47.59 20.18
N PHE F 65 22.00 47.65 19.14
CA PHE F 65 23.41 47.97 19.25
C PHE F 65 23.72 49.36 18.73
N HIS F 66 24.65 50.05 19.38
CA HIS F 66 24.96 51.43 19.02
C HIS F 66 26.39 51.60 18.53
N ALA F 67 26.60 52.62 17.69
CA ALA F 67 27.92 53.04 17.29
C ALA F 67 27.98 54.56 17.23
N ILE F 68 27.87 55.19 18.40
CA ILE F 68 27.74 56.64 18.49
C ILE F 68 28.85 57.26 19.34
N HIS F 69 28.99 58.59 19.26
CA HIS F 69 29.96 59.33 20.06
C HIS F 69 29.51 60.78 20.25
N LYS F 77 30.72 57.07 24.27
CA LYS F 77 31.45 56.59 23.10
C LYS F 77 31.28 55.07 22.97
N ARG F 78 30.58 54.65 21.92
CA ARG F 78 30.25 53.24 21.68
C ARG F 78 30.65 52.80 20.27
N PHE F 79 30.97 51.54 20.14
CA PHE F 79 31.27 50.93 18.86
C PHE F 79 31.01 49.45 18.96
N ASP F 80 29.73 49.09 18.96
CA ASP F 80 29.30 47.74 19.31
C ASP F 80 29.44 46.77 18.16
N ASN F 81 30.37 45.83 18.31
CA ASN F 81 30.58 44.80 17.31
C ASN F 81 30.89 43.44 17.97
N PRO F 82 30.04 42.98 18.88
CA PRO F 82 30.17 41.74 19.64
C PRO F 82 29.88 40.55 18.75
N VAL F 83 30.32 39.37 19.19
CA VAL F 83 29.94 38.15 18.52
C VAL F 83 28.64 37.62 19.09
N LEU F 84 27.66 37.50 18.21
CA LEU F 84 26.31 37.08 18.57
C LEU F 84 26.06 35.69 18.03
N PRO F 85 25.17 34.92 18.65
CA PRO F 85 24.71 33.64 18.18
C PRO F 85 23.92 33.81 16.89
N PHE F 86 23.95 32.78 16.05
CA PHE F 86 23.19 32.79 14.80
C PHE F 86 21.88 32.04 14.98
N ASN F 87 21.89 31.06 15.87
CA ASN F 87 20.74 30.21 16.14
C ASN F 87 20.18 29.58 14.87
N ASP F 88 18.90 29.80 14.60
CA ASP F 88 18.26 29.17 13.44
C ASP F 88 18.17 30.13 12.27
N GLY F 89 18.76 31.30 12.42
CA GLY F 89 18.70 32.33 11.41
C GLY F 89 18.60 33.70 12.05
N VAL F 90 19.03 34.72 11.34
CA VAL F 90 19.14 36.04 11.94
C VAL F 90 18.41 37.13 11.16
N TYR F 91 17.67 37.94 11.91
CA TYR F 91 17.13 39.17 11.35
C TYR F 91 18.04 40.32 11.72
N PHE F 92 18.50 41.04 10.71
CA PHE F 92 19.41 42.15 10.94
C PHE F 92 18.86 43.41 10.34
N ALA F 93 18.93 44.51 11.07
CA ALA F 93 18.48 45.78 10.53
C ALA F 93 19.45 46.88 10.91
N SER F 94 19.66 47.81 10.00
CA SER F 94 20.54 48.93 10.28
C SER F 94 19.91 50.26 9.92
N THR F 95 20.12 51.24 10.78
CA THR F 95 19.65 52.58 10.53
C THR F 95 20.81 53.56 10.64
N GLU F 96 21.12 54.20 9.51
CA GLU F 96 22.31 55.07 9.49
C GLU F 96 22.32 55.98 8.26
N LYS F 97 23.21 56.96 8.25
CA LYS F 97 23.34 57.89 7.13
C LYS F 97 24.77 57.98 6.58
N SER F 98 25.74 57.35 7.28
CA SER F 98 27.15 57.48 6.89
C SER F 98 27.80 56.14 6.51
N ASN F 99 26.99 55.11 6.30
CA ASN F 99 27.49 53.80 5.88
C ASN F 99 28.58 53.24 6.77
N ILE F 100 28.33 53.26 8.08
CA ILE F 100 29.23 52.67 9.06
C ILE F 100 29.21 51.14 8.98
N ILE F 101 28.03 50.59 8.76
CA ILE F 101 27.89 49.13 8.70
C ILE F 101 28.23 48.62 7.31
N ARG F 102 29.23 47.75 7.24
CA ARG F 102 29.75 47.30 5.95
C ARG F 102 29.45 45.84 5.66
N GLY F 103 29.47 45.01 6.70
CA GLY F 103 29.36 43.58 6.43
C GLY F 103 29.28 42.74 7.69
N TRP F 104 29.38 41.43 7.49
CA TRP F 104 29.22 40.48 8.59
C TRP F 104 30.20 39.32 8.47
N ILE F 105 30.53 38.74 9.62
CA ILE F 105 31.30 37.51 9.67
C ILE F 105 30.45 36.39 10.21
N PHE F 106 30.40 35.26 9.51
CA PHE F 106 29.61 34.12 9.94
C PHE F 106 30.48 32.87 10.08
N GLY F 107 30.26 32.09 11.13
CA GLY F 107 30.98 30.84 11.30
C GLY F 107 30.77 30.25 12.69
N THR F 108 31.69 29.39 13.11
CA THR F 108 31.59 28.75 14.42
C THR F 108 32.65 29.30 15.36
N THR F 109 33.88 28.83 15.22
CA THR F 109 34.99 29.29 16.05
C THR F 109 35.53 30.63 15.57
N LEU F 110 35.16 31.00 14.34
CA LEU F 110 35.55 32.28 13.77
C LEU F 110 37.06 32.48 13.78
N ASP F 111 37.79 31.41 13.46
CA ASP F 111 39.24 31.45 13.37
C ASP F 111 39.73 30.50 12.29
N SER F 112 41.04 30.37 12.15
CA SER F 112 41.61 29.60 11.05
C SER F 112 41.49 28.10 11.22
N LYS F 113 40.73 27.65 12.22
CA LYS F 113 40.52 26.23 12.43
C LYS F 113 39.29 25.73 11.70
N THR F 114 38.51 26.64 11.11
CA THR F 114 37.28 26.25 10.45
C THR F 114 36.93 27.15 9.27
N GLN F 115 36.12 26.65 8.35
CA GLN F 115 35.64 27.47 7.24
C GLN F 115 34.66 28.51 7.73
N SER F 116 34.89 29.77 7.37
CA SER F 116 34.02 30.85 7.79
C SER F 116 33.67 31.75 6.62
N LEU F 117 32.50 32.37 6.70
CA LEU F 117 31.99 33.23 5.64
C LEU F 117 32.15 34.71 5.96
N LEU F 118 32.82 35.43 5.06
CA LEU F 118 33.03 36.85 5.21
C LEU F 118 32.32 37.63 4.13
N ILE F 119 31.38 38.48 4.51
CA ILE F 119 30.66 39.32 3.57
C ILE F 119 30.93 40.78 3.88
N VAL F 120 31.71 41.44 3.02
CA VAL F 120 32.05 42.84 3.29
C VAL F 120 31.80 43.75 2.10
N ASN F 121 31.05 44.81 2.34
CA ASN F 121 30.86 45.85 1.34
C ASN F 121 31.88 46.96 1.58
N ASN F 122 32.99 46.95 0.83
CA ASN F 122 34.02 47.97 1.00
C ASN F 122 33.79 49.11 0.01
N ALA F 123 34.64 50.13 0.04
CA ALA F 123 34.42 51.37 -0.72
C ALA F 123 34.26 51.16 -2.22
N THR F 124 34.78 50.05 -2.75
CA THR F 124 34.73 49.85 -4.19
C THR F 124 34.06 48.55 -4.64
N ASN F 125 34.08 47.52 -3.80
CA ASN F 125 33.53 46.22 -4.20
C ASN F 125 32.88 45.49 -3.03
N VAL F 126 31.85 44.70 -3.33
CA VAL F 126 31.28 43.79 -2.35
C VAL F 126 31.95 42.44 -2.47
N VAL F 127 32.52 41.96 -1.38
CA VAL F 127 33.29 40.73 -1.41
C VAL F 127 32.68 39.65 -0.52
N ILE F 128 32.42 38.50 -1.12
CA ILE F 128 31.92 37.35 -0.38
C ILE F 128 32.90 36.19 -0.49
N LYS F 129 33.49 35.80 0.63
CA LYS F 129 34.48 34.73 0.61
C LYS F 129 34.28 33.73 1.73
N VAL F 130 34.59 32.48 1.45
CA VAL F 130 34.59 31.46 2.48
C VAL F 130 35.97 30.83 2.58
N CYS F 131 36.64 31.05 3.71
CA CYS F 131 38.03 30.66 3.91
C CYS F 131 38.27 30.32 5.37
N GLU F 132 39.43 29.77 5.66
CA GLU F 132 39.79 29.52 7.05
C GLU F 132 40.44 30.79 7.60
N PHE F 133 39.62 31.81 7.76
CA PHE F 133 40.06 33.13 8.15
C PHE F 133 40.51 33.15 9.59
N GLN F 134 41.63 33.80 9.86
CA GLN F 134 42.02 34.06 11.23
C GLN F 134 41.55 35.44 11.61
N PHE F 135 40.30 35.54 12.02
CA PHE F 135 39.67 36.83 12.24
C PHE F 135 40.26 37.53 13.46
N CYS F 136 40.24 38.87 13.42
CA CYS F 136 40.69 39.70 14.53
C CYS F 136 39.73 39.57 15.70
N ASN F 137 40.24 39.76 16.91
CA ASN F 137 39.40 39.77 18.11
C ASN F 137 38.44 40.95 18.07
N ASP F 138 38.82 41.99 17.34
CA ASP F 138 38.04 43.21 17.21
C ASP F 138 38.18 43.77 15.80
N PRO F 139 37.56 43.12 14.82
CA PRO F 139 37.68 43.38 13.40
C PRO F 139 36.94 44.64 13.01
N PHE F 140 37.48 45.38 12.04
CA PHE F 140 36.80 46.56 11.54
C PHE F 140 37.39 47.07 10.24
N LEU F 141 36.67 48.01 9.63
CA LEU F 141 37.16 48.77 8.49
C LEU F 141 37.36 50.21 8.94
N GLY F 142 38.07 51.01 8.16
CA GLY F 142 38.25 52.41 8.55
C GLY F 142 38.33 53.37 7.38
N VAL F 143 37.77 54.56 7.60
CA VAL F 143 37.77 55.64 6.62
C VAL F 143 38.47 56.86 7.19
N TYR F 144 39.43 57.39 6.45
CA TYR F 144 40.18 58.54 6.91
C TYR F 144 39.62 59.81 6.29
N TYR F 145 39.54 60.86 7.10
CA TYR F 145 39.13 62.16 6.61
C TYR F 145 40.32 63.07 6.39
N HIS F 146 40.45 63.58 5.19
CA HIS F 146 41.56 64.44 4.85
C HIS F 146 41.11 65.88 4.71
N LYS F 147 41.43 66.68 5.72
CA LYS F 147 41.01 68.07 5.78
C LYS F 147 41.66 68.90 4.69
N ASN F 148 42.75 68.37 4.13
CA ASN F 148 43.50 69.06 3.09
C ASN F 148 42.70 69.18 1.78
N ASN F 149 41.84 68.20 1.49
CA ASN F 149 41.01 68.21 0.29
C ASN F 149 39.54 67.91 0.59
N LYS F 150 39.18 67.85 1.90
CA LYS F 150 37.82 67.61 2.37
C LYS F 150 37.22 66.33 1.79
N SER F 151 38.02 65.27 1.77
CA SER F 151 37.57 64.01 1.20
C SER F 151 37.67 62.86 2.18
N TRP F 152 36.76 61.90 2.02
CA TRP F 152 36.74 60.70 2.85
C TRP F 152 37.19 59.52 2.00
N MET F 153 38.14 58.74 2.51
CA MET F 153 38.67 57.61 1.76
C MET F 153 38.86 56.40 2.67
N GLU F 154 38.66 55.21 2.12
CA GLU F 154 38.87 54.01 2.91
C GLU F 154 40.35 53.67 2.96
N SER F 155 40.88 53.55 4.17
CA SER F 155 42.30 53.33 4.35
C SER F 155 42.61 52.07 5.13
N GLU F 156 41.64 51.58 5.90
CA GLU F 156 41.90 50.42 6.75
C GLU F 156 41.01 49.24 6.39
N PHE F 157 41.62 48.07 6.40
CA PHE F 157 40.91 46.80 6.35
C PHE F 157 41.54 45.84 7.33
N ARG F 158 40.99 45.78 8.53
CA ARG F 158 41.60 45.00 9.60
C ARG F 158 40.61 43.98 10.12
N VAL F 159 40.34 42.97 9.31
CA VAL F 159 39.31 41.99 9.59
C VAL F 159 39.92 40.67 9.99
N TYR F 160 41.00 40.29 9.31
CA TYR F 160 41.67 39.02 9.58
C TYR F 160 43.17 39.12 9.34
N SER F 161 43.92 38.21 9.98
CA SER F 161 45.36 38.13 9.81
C SER F 161 45.73 37.29 8.59
N SER F 162 44.91 36.29 8.28
CA SER F 162 45.16 35.40 7.17
C SER F 162 43.86 34.82 6.62
N ALA F 163 43.90 34.34 5.38
CA ALA F 163 42.72 33.76 4.74
C ALA F 163 43.08 32.64 3.78
N ASN F 164 43.47 31.50 4.31
CA ASN F 164 43.88 30.39 3.46
C ASN F 164 42.73 29.39 3.26
N ASN F 165 42.97 28.38 2.42
CA ASN F 165 42.01 27.28 2.19
C ASN F 165 40.63 27.79 1.81
N CYS F 166 40.58 28.76 0.88
CA CYS F 166 39.32 29.33 0.39
C CYS F 166 38.56 28.34 -0.50
N THR F 167 37.26 28.22 -0.27
CA THR F 167 36.41 27.33 -1.05
C THR F 167 35.41 28.09 -1.91
N PHE F 168 35.13 29.33 -1.53
CA PHE F 168 34.16 30.14 -2.27
C PHE F 168 34.62 31.58 -2.37
N GLU F 169 34.47 32.18 -3.54
CA GLU F 169 34.79 33.59 -3.72
C GLU F 169 33.92 34.26 -4.75
N TYR F 170 33.39 35.42 -4.38
CA TYR F 170 32.64 36.27 -5.29
C TYR F 170 32.94 37.74 -5.04
N VAL F 171 33.14 38.49 -6.12
CA VAL F 171 33.33 39.92 -6.02
C VAL F 171 32.40 40.65 -6.98
N SER F 172 31.68 41.64 -6.46
CA SER F 172 30.73 42.40 -7.26
C SER F 172 31.42 43.39 -8.18
N GLN F 173 30.65 43.99 -9.08
CA GLN F 173 31.15 45.02 -9.97
C GLN F 173 31.59 46.23 -9.16
N PRO F 174 32.57 46.99 -9.64
CA PRO F 174 33.15 48.16 -9.02
C PRO F 174 32.16 49.32 -8.90
N PHE F 175 32.32 50.07 -7.82
CA PHE F 175 31.50 51.24 -7.51
C PHE F 175 32.29 52.19 -6.62
N LEU F 176 31.70 53.34 -6.32
CA LEU F 176 32.35 54.27 -5.39
C LEU F 176 31.40 54.71 -4.30
N MET F 177 31.78 54.43 -3.05
CA MET F 177 31.01 54.93 -1.90
C MET F 177 31.42 56.35 -1.59
N ASP F 178 30.48 57.14 -1.07
CA ASP F 178 30.78 58.51 -0.68
C ASP F 178 31.63 58.54 0.58
N LEU F 179 31.33 57.63 1.51
CA LEU F 179 32.07 57.50 2.76
C LEU F 179 32.04 58.76 3.61
N GLU F 180 31.12 59.68 3.29
CA GLU F 180 31.05 60.93 4.01
C GLU F 180 30.57 60.74 5.43
N GLY F 181 31.21 61.42 6.37
CA GLY F 181 30.77 61.41 7.76
C GLY F 181 29.60 62.37 7.93
N LYS F 182 28.76 62.11 8.92
CA LYS F 182 27.58 62.92 9.20
C LYS F 182 27.42 63.10 10.70
N PHE F 186 18.87 59.82 10.81
CA PHE F 186 19.12 58.57 10.05
C PHE F 186 18.32 58.64 8.75
N LYS F 187 18.91 58.27 7.62
CA LYS F 187 18.22 58.42 6.33
C LYS F 187 17.93 57.09 5.66
N ASN F 188 18.80 56.11 5.89
CA ASN F 188 18.73 54.85 5.18
C ASN F 188 18.50 53.67 6.10
N LEU F 189 17.40 52.95 5.87
CA LEU F 189 17.11 51.73 6.60
C LEU F 189 17.38 50.51 5.74
N ARG F 190 18.28 49.66 6.19
CA ARG F 190 18.64 48.48 5.44
C ARG F 190 18.39 47.21 6.25
N GLU F 191 17.40 46.44 5.82
CA GLU F 191 17.02 45.23 6.55
C GLU F 191 17.49 43.99 5.80
N PHE F 192 17.96 43.00 6.55
CA PHE F 192 18.45 41.75 5.99
C PHE F 192 17.94 40.54 6.77
N VAL F 193 17.76 39.44 6.06
CA VAL F 193 17.49 38.16 6.72
C VAL F 193 18.50 37.13 6.29
N PHE F 194 19.14 36.50 7.26
CA PHE F 194 20.17 35.51 6.99
C PHE F 194 19.73 34.12 7.41
N LYS F 195 19.63 33.21 6.43
CA LYS F 195 19.27 31.83 6.71
C LYS F 195 20.38 30.89 6.27
N ASN F 196 20.67 29.89 7.09
CA ASN F 196 21.65 28.88 6.71
C ASN F 196 20.95 27.53 6.63
N ILE F 197 20.57 27.14 5.42
CA ILE F 197 19.68 26.00 5.27
C ILE F 197 19.79 25.34 3.88
N ASP F 198 19.67 24.02 3.86
CA ASP F 198 19.67 23.23 2.63
C ASP F 198 20.90 23.48 1.75
N GLY F 199 22.05 23.68 2.36
CA GLY F 199 23.28 23.83 1.61
C GLY F 199 23.50 25.26 1.10
N TYR F 200 22.56 26.15 1.41
CA TYR F 200 22.65 27.53 0.95
C TYR F 200 22.69 28.54 2.09
N PHE F 201 23.40 29.63 1.88
CA PHE F 201 23.29 30.78 2.76
C PHE F 201 22.43 31.81 2.07
N LYS F 202 21.20 31.95 2.53
CA LYS F 202 20.22 32.77 1.84
C LYS F 202 20.13 34.16 2.44
N ILE F 203 20.29 35.15 1.60
CA ILE F 203 20.22 36.53 2.04
C ILE F 203 19.02 37.23 1.42
N TYR F 204 18.18 37.81 2.26
CA TYR F 204 17.07 38.64 1.80
C TYR F 204 17.36 40.07 2.24
N SER F 205 16.91 41.05 1.47
CA SER F 205 17.16 42.43 1.87
C SER F 205 16.16 43.42 1.31
N LYS F 206 16.03 44.54 2.00
CA LYS F 206 15.21 45.66 1.54
C LYS F 206 15.81 46.99 1.96
N HIS F 207 15.86 47.93 1.03
CA HIS F 207 16.34 49.28 1.32
C HIS F 207 15.22 50.30 1.21
N THR F 208 14.92 50.94 2.34
CA THR F 208 13.86 51.94 2.40
C THR F 208 14.39 53.20 3.07
N PRO F 209 13.77 54.36 2.83
CA PRO F 209 14.00 55.61 3.51
C PRO F 209 13.48 55.57 4.94
N ILE F 210 14.17 56.28 5.84
CA ILE F 210 13.76 56.37 7.23
C ILE F 210 14.04 57.76 7.78
N ASN F 211 13.14 58.25 8.64
CA ASN F 211 13.31 59.57 9.24
C ASN F 211 13.35 59.50 10.77
N LEU F 212 13.68 58.33 11.29
CA LEU F 212 13.73 58.12 12.74
C LEU F 212 15.17 57.94 13.22
N VAL F 213 15.43 58.38 14.43
CA VAL F 213 16.75 58.18 15.05
C VAL F 213 16.65 57.46 16.39
N ARG F 214 15.48 56.90 16.67
CA ARG F 214 15.23 56.30 17.97
C ARG F 214 14.98 54.79 17.90
N ASP F 215 14.38 54.32 16.81
CA ASP F 215 14.03 52.91 16.72
C ASP F 215 13.62 52.51 15.31
N LEU F 216 13.27 51.24 15.14
CA LEU F 216 12.72 50.76 13.88
C LEU F 216 11.33 51.36 13.69
N PRO F 217 10.96 51.67 12.45
CA PRO F 217 9.69 52.26 12.06
C PRO F 217 8.56 51.26 12.20
N GLN F 218 7.36 51.77 12.40
CA GLN F 218 6.17 50.94 12.45
C GLN F 218 5.49 50.90 11.10
N GLY F 219 5.44 49.71 10.53
CA GLY F 219 4.88 49.52 9.20
C GLY F 219 5.35 48.19 8.62
N PHE F 220 4.76 47.80 7.50
CA PHE F 220 5.10 46.52 6.90
C PHE F 220 5.87 46.69 5.61
N SER F 221 6.93 45.90 5.46
CA SER F 221 7.70 45.87 4.23
C SER F 221 8.31 44.49 4.03
N ALA F 222 8.01 43.85 2.91
CA ALA F 222 8.52 42.51 2.65
C ALA F 222 9.90 42.57 2.02
N LEU F 223 10.77 41.68 2.48
CA LEU F 223 12.15 41.62 1.98
C LEU F 223 12.29 40.61 0.85
N GLU F 224 12.76 41.09 -0.29
CA GLU F 224 13.00 40.24 -1.45
C GLU F 224 14.35 39.56 -1.29
N PRO F 225 14.52 38.36 -1.85
CA PRO F 225 15.76 37.62 -1.87
C PRO F 225 16.82 38.38 -2.65
N LEU F 226 18.04 38.38 -2.12
CA LEU F 226 19.16 39.07 -2.72
C LEU F 226 20.07 38.08 -3.42
N VAL F 227 20.46 37.03 -2.69
CA VAL F 227 21.33 36.00 -3.23
C VAL F 227 21.26 34.71 -2.44
N ASP F 228 21.28 33.59 -3.16
CA ASP F 228 21.38 32.28 -2.52
C ASP F 228 22.78 31.73 -2.75
N LEU F 229 23.62 31.79 -1.73
CA LEU F 229 25.02 31.42 -1.88
C LEU F 229 25.22 29.91 -1.69
N PRO F 230 25.77 29.22 -2.68
CA PRO F 230 26.01 27.78 -2.73
C PRO F 230 27.25 27.44 -1.92
N ILE F 231 27.16 27.62 -0.61
CA ILE F 231 28.31 27.45 0.26
C ILE F 231 28.26 26.15 1.06
N GLY F 232 27.32 26.05 2.00
CA GLY F 232 27.16 24.83 2.76
C GLY F 232 28.14 24.69 3.93
N ILE F 233 28.20 25.71 4.79
CA ILE F 233 29.07 25.65 5.96
C ILE F 233 28.27 25.78 7.26
N ASN F 234 28.91 25.41 8.37
CA ASN F 234 28.34 25.46 9.72
C ASN F 234 28.47 26.86 10.32
N ILE F 235 27.33 27.52 10.56
CA ILE F 235 27.29 28.86 11.16
C ILE F 235 26.52 28.85 12.46
N THR F 236 27.17 29.24 13.54
CA THR F 236 26.54 29.27 14.85
C THR F 236 26.70 30.63 15.52
N ARG F 237 27.66 31.40 15.03
CA ARG F 237 27.97 32.73 15.57
C ARG F 237 28.26 33.71 14.44
N PHE F 238 28.03 34.99 14.69
CA PHE F 238 28.36 36.00 13.71
C PHE F 238 28.65 37.35 14.37
N GLN F 239 29.30 38.24 13.64
CA GLN F 239 29.49 39.60 14.14
C GLN F 239 29.38 40.63 13.02
N THR F 240 29.01 41.84 13.38
CA THR F 240 28.83 42.92 12.43
C THR F 240 30.10 43.74 12.28
N LEU F 241 30.51 43.99 11.05
CA LEU F 241 31.69 44.79 10.76
C LEU F 241 31.33 46.25 10.54
N LEU F 242 31.88 47.11 11.38
CA LEU F 242 31.63 48.53 11.36
C LEU F 242 32.87 49.28 10.89
N ALA F 243 32.65 50.45 10.29
CA ALA F 243 33.77 51.29 9.87
C ALA F 243 34.05 52.40 10.88
N LEU F 244 35.33 52.60 11.18
CA LEU F 244 35.78 53.70 12.04
C LEU F 244 36.02 54.95 11.23
N HIS F 245 35.88 56.09 11.87
CA HIS F 245 36.29 57.35 11.25
C HIS F 245 37.50 57.92 11.96
N ARG F 246 38.54 58.23 11.20
CA ARG F 246 39.73 58.84 11.77
C ARG F 246 40.00 60.18 11.08
N SER F 247 40.28 61.18 11.89
CA SER F 247 40.49 62.53 11.40
C SER F 247 41.46 63.28 12.29
N TYR F 248 41.71 64.54 11.95
CA TYR F 248 42.57 65.38 12.76
C TYR F 248 41.99 65.60 14.15
N LEU F 249 40.69 65.33 14.29
CA LEU F 249 39.99 65.48 15.56
C LEU F 249 40.08 64.23 16.42
N THR F 250 40.75 63.20 15.91
CA THR F 250 40.88 61.94 16.64
C THR F 250 42.34 61.53 16.78
N PRO F 251 43.12 62.22 17.63
CA PRO F 251 44.51 61.98 17.92
C PRO F 251 44.66 60.70 18.73
N GLY F 252 45.83 60.09 18.64
CA GLY F 252 46.11 58.87 19.38
C GLY F 252 46.71 57.81 18.46
N ASP F 253 46.62 56.57 18.88
CA ASP F 253 47.13 55.44 18.11
C ASP F 253 45.99 54.65 17.49
N SER F 254 46.33 53.56 16.80
CA SER F 254 45.32 52.80 16.07
C SER F 254 44.25 52.19 16.98
N SER F 255 44.53 52.13 18.29
CA SER F 255 43.57 51.57 19.23
C SER F 255 42.63 52.62 19.84
N SER F 256 43.04 53.88 19.88
CA SER F 256 42.25 54.89 20.58
C SER F 256 41.95 56.14 19.74
N GLY F 257 42.73 56.35 18.68
CA GLY F 257 42.60 57.54 17.86
C GLY F 257 41.51 57.38 16.82
N TRP F 258 40.27 57.27 17.28
CA TRP F 258 39.15 57.07 16.38
C TRP F 258 37.83 57.58 16.95
N THR F 259 36.88 57.81 16.05
CA THR F 259 35.51 58.10 16.40
C THR F 259 34.59 57.27 15.52
N ALA F 260 33.29 57.51 15.62
CA ALA F 260 32.34 56.79 14.77
C ALA F 260 31.18 57.71 14.41
N GLY F 261 30.72 57.60 13.17
CA GLY F 261 29.54 58.33 12.76
C GLY F 261 28.32 57.70 13.39
N ALA F 262 27.34 58.51 13.76
CA ALA F 262 26.17 57.96 14.41
C ALA F 262 25.55 56.87 13.56
N ALA F 263 25.33 55.72 14.16
CA ALA F 263 24.73 54.57 13.50
C ALA F 263 24.21 53.59 14.53
N ALA F 264 23.28 52.73 14.13
CA ALA F 264 22.81 51.68 15.01
C ALA F 264 22.29 50.49 14.23
N TYR F 265 22.24 49.34 14.87
CA TYR F 265 21.67 48.16 14.23
C TYR F 265 20.95 47.27 15.24
N TYR F 266 20.07 46.42 14.72
CA TYR F 266 19.22 45.61 15.55
C TYR F 266 19.36 44.14 15.14
N VAL F 267 19.36 43.25 16.13
CA VAL F 267 19.44 41.83 15.84
C VAL F 267 18.33 41.03 16.50
N GLY F 268 17.57 40.31 15.68
CA GLY F 268 16.51 39.44 16.17
C GLY F 268 16.76 38.02 15.67
N TYR F 269 15.93 37.08 16.08
CA TYR F 269 16.12 35.71 15.65
C TYR F 269 14.86 35.11 15.07
N LEU F 270 15.05 34.26 14.07
CA LEU F 270 13.93 33.68 13.35
C LEU F 270 13.41 32.45 14.08
N GLN F 271 12.11 32.20 13.94
CA GLN F 271 11.47 31.05 14.54
C GLN F 271 10.58 30.34 13.54
N PRO F 272 10.39 29.00 13.73
CA PRO F 272 9.47 28.20 12.91
C PRO F 272 8.06 28.69 13.24
N ARG F 273 7.59 29.68 12.51
CA ARG F 273 6.30 30.31 12.70
C ARG F 273 5.42 30.18 11.47
N THR F 274 4.12 30.14 11.69
CA THR F 274 3.18 30.13 10.59
C THR F 274 2.67 31.54 10.33
N PHE F 275 2.81 31.98 9.09
CA PHE F 275 2.35 33.30 8.69
C PHE F 275 1.31 33.24 7.59
N LEU F 276 0.35 34.16 7.67
CA LEU F 276 -0.59 34.36 6.58
C LEU F 276 -0.15 35.61 5.82
N LEU F 277 0.27 35.44 4.58
CA LEU F 277 0.81 36.55 3.81
C LEU F 277 -0.18 37.06 2.78
N LYS F 278 -0.36 38.37 2.75
CA LYS F 278 -1.30 38.99 1.83
C LYS F 278 -0.61 39.57 0.61
N TYR F 279 -0.91 38.99 -0.55
CA TYR F 279 -0.36 39.45 -1.83
C TYR F 279 -1.36 40.34 -2.54
N ASN F 280 -0.92 41.51 -2.98
CA ASN F 280 -1.79 42.43 -3.71
C ASN F 280 -1.81 42.09 -5.18
N GLU F 281 -2.44 42.95 -5.98
CA GLU F 281 -2.58 42.71 -7.42
C GLU F 281 -1.23 42.63 -8.14
N ASN F 282 -0.24 43.39 -7.66
CA ASN F 282 1.10 43.44 -8.26
C ASN F 282 1.99 42.29 -7.76
N GLY F 283 1.44 41.42 -6.91
CA GLY F 283 2.16 40.27 -6.36
C GLY F 283 3.09 40.65 -5.23
N THR F 284 2.90 41.83 -4.69
CA THR F 284 3.71 42.31 -3.58
C THR F 284 3.05 41.96 -2.28
N ILE F 285 3.83 41.48 -1.31
CA ILE F 285 3.27 41.21 0.00
C ILE F 285 3.10 42.54 0.72
N THR F 286 1.87 42.86 1.07
CA THR F 286 1.56 44.16 1.67
C THR F 286 1.21 44.03 3.13
N ASP F 287 0.90 42.82 3.56
CA ASP F 287 0.57 42.61 4.97
C ASP F 287 0.88 41.18 5.37
N ALA F 288 0.75 40.89 6.66
CA ALA F 288 0.97 39.54 7.16
C ALA F 288 0.38 39.35 8.55
N VAL F 289 0.03 38.11 8.88
CA VAL F 289 -0.40 37.76 10.23
C VAL F 289 0.49 36.71 10.85
N ASP F 290 1.00 37.00 12.04
CA ASP F 290 1.74 36.02 12.83
C ASP F 290 0.76 35.18 13.61
N CYS F 291 0.56 33.94 13.18
CA CYS F 291 -0.54 33.09 13.62
C CYS F 291 -0.39 32.69 15.09
N ALA F 292 0.78 32.95 15.68
CA ALA F 292 1.00 32.57 17.07
C ALA F 292 1.28 33.78 17.94
N LEU F 293 0.95 34.97 17.45
CA LEU F 293 1.14 36.19 18.21
C LEU F 293 0.14 36.32 19.35
N ASP F 294 -1.14 36.15 19.02
CA ASP F 294 -2.23 36.29 20.00
C ASP F 294 -3.46 35.56 19.45
N PRO F 295 -4.53 35.39 20.25
CA PRO F 295 -5.75 34.68 19.90
C PRO F 295 -6.50 35.28 18.72
N LEU F 296 -6.29 36.56 18.44
CA LEU F 296 -6.99 37.19 17.34
C LEU F 296 -6.30 36.87 16.03
N SER F 297 -4.98 36.93 16.06
CA SER F 297 -4.19 36.57 14.90
C SER F 297 -4.38 35.09 14.58
N GLU F 298 -4.52 34.29 15.62
CA GLU F 298 -4.77 32.87 15.46
C GLU F 298 -6.11 32.65 14.75
N THR F 299 -7.11 33.42 15.15
CA THR F 299 -8.43 33.35 14.52
C THR F 299 -8.35 33.78 13.05
N LYS F 300 -7.62 34.86 12.78
CA LYS F 300 -7.47 35.35 11.41
C LYS F 300 -6.85 34.28 10.51
N CYS F 301 -5.81 33.60 11.00
CA CYS F 301 -5.15 32.53 10.25
C CYS F 301 -6.08 31.34 10.06
N THR F 302 -6.84 31.01 11.09
CA THR F 302 -7.79 29.89 11.03
C THR F 302 -8.81 30.11 9.93
N LEU F 303 -9.31 31.34 9.84
CA LEU F 303 -10.34 31.69 8.87
C LEU F 303 -9.74 32.11 7.53
N LYS F 304 -8.42 32.11 7.43
CA LYS F 304 -7.72 32.54 6.24
C LYS F 304 -8.20 33.92 5.79
N SER F 305 -8.26 34.85 6.73
CA SER F 305 -8.71 36.21 6.44
C SER F 305 -8.05 37.22 7.36
N PHE F 306 -7.91 38.45 6.90
CA PHE F 306 -7.35 39.51 7.72
C PHE F 306 -8.41 40.23 8.52
N THR F 307 -9.65 39.80 8.36
CA THR F 307 -10.75 40.33 9.14
C THR F 307 -11.53 39.20 9.78
N VAL F 308 -12.14 39.47 10.92
CA VAL F 308 -12.96 38.48 11.60
C VAL F 308 -14.33 39.05 11.90
N GLU F 309 -15.36 38.28 11.59
CA GLU F 309 -16.73 38.70 11.86
C GLU F 309 -17.10 38.42 13.31
N LYS F 310 -18.10 39.12 13.80
CA LYS F 310 -18.57 38.89 15.16
C LYS F 310 -18.98 37.43 15.34
N GLY F 311 -18.48 36.81 16.40
CA GLY F 311 -18.85 35.43 16.67
C GLY F 311 -17.80 34.70 17.49
N ILE F 312 -17.99 33.40 17.62
CA ILE F 312 -17.08 32.53 18.37
C ILE F 312 -16.50 31.48 17.44
N TYR F 313 -15.19 31.34 17.46
CA TYR F 313 -14.53 30.41 16.54
C TYR F 313 -13.59 29.47 17.28
N GLN F 314 -13.61 28.20 16.90
CA GLN F 314 -12.62 27.27 17.45
C GLN F 314 -11.37 27.33 16.59
N THR F 315 -10.26 27.74 17.20
CA THR F 315 -9.05 28.00 16.44
C THR F 315 -7.91 27.06 16.77
N SER F 316 -7.96 26.48 17.96
CA SER F 316 -6.86 25.63 18.40
C SER F 316 -7.32 24.68 19.48
N ASN F 317 -6.39 23.86 19.96
CA ASN F 317 -6.66 22.96 21.06
C ASN F 317 -5.69 23.18 22.21
N PHE F 318 -6.21 23.10 23.42
CA PHE F 318 -5.42 23.23 24.63
C PHE F 318 -4.98 21.86 25.11
N ARG F 319 -3.72 21.76 25.49
CA ARG F 319 -3.20 20.52 26.04
C ARG F 319 -2.09 20.77 27.05
N VAL F 320 -2.26 20.21 28.24
CA VAL F 320 -1.23 20.30 29.25
C VAL F 320 -0.07 19.39 28.91
N GLN F 321 1.14 19.95 28.96
CA GLN F 321 2.33 19.20 28.60
C GLN F 321 2.92 18.52 29.83
N PRO F 322 3.56 17.37 29.66
CA PRO F 322 4.27 16.62 30.67
C PRO F 322 5.53 17.37 31.10
N THR F 323 5.85 17.29 32.39
CA THR F 323 7.01 17.98 32.93
C THR F 323 8.13 17.02 33.34
N GLU F 324 7.80 15.74 33.43
CA GLU F 324 8.77 14.73 33.86
C GLU F 324 8.62 13.47 33.03
N SER F 325 9.67 12.65 33.01
CA SER F 325 9.61 11.35 32.35
C SER F 325 9.87 10.23 33.36
N ILE F 326 8.86 9.40 33.57
CA ILE F 326 8.91 8.37 34.60
C ILE F 326 9.14 6.99 34.02
N VAL F 327 10.26 6.37 34.37
CA VAL F 327 10.57 5.05 33.86
C VAL F 327 10.57 4.03 34.99
N ARG F 328 9.76 3.00 34.85
CA ARG F 328 9.66 1.99 35.89
C ARG F 328 9.83 0.59 35.31
N PHE F 329 11.04 0.06 35.42
CA PHE F 329 11.34 -1.30 34.98
C PHE F 329 11.51 -2.20 36.19
N PRO F 330 11.37 -3.52 36.03
CA PRO F 330 11.63 -4.54 37.03
C PRO F 330 13.03 -4.35 37.63
N ASN F 331 13.14 -4.49 38.95
CA ASN F 331 14.39 -4.26 39.67
C ASN F 331 15.27 -5.51 39.69
N ILE F 332 15.79 -5.87 38.52
CA ILE F 332 16.67 -7.03 38.35
C ILE F 332 18.01 -6.59 37.78
N THR F 333 19.08 -7.28 38.16
CA THR F 333 20.42 -6.90 37.74
C THR F 333 21.13 -7.96 36.91
N ASN F 334 20.64 -9.19 36.95
CA ASN F 334 21.30 -10.27 36.22
C ASN F 334 21.17 -10.05 34.73
N LEU F 335 22.28 -10.23 34.01
CA LEU F 335 22.29 -10.05 32.57
C LEU F 335 21.83 -11.31 31.85
N CYS F 336 21.21 -11.12 30.68
CA CYS F 336 20.77 -12.22 29.84
C CYS F 336 21.96 -12.96 29.24
N PRO F 337 21.93 -14.30 29.27
CA PRO F 337 22.97 -15.20 28.81
C PRO F 337 23.01 -15.28 27.30
N PHE F 338 23.30 -14.15 26.66
CA PHE F 338 23.47 -14.15 25.22
C PHE F 338 24.85 -14.67 24.85
N GLY F 339 25.84 -14.30 25.64
CA GLY F 339 27.22 -14.64 25.33
C GLY F 339 27.42 -16.15 25.23
N GLU F 340 26.75 -16.91 26.07
CA GLU F 340 26.91 -18.36 26.07
C GLU F 340 26.31 -18.99 24.82
N VAL F 341 25.51 -18.21 24.09
CA VAL F 341 24.95 -18.67 22.83
C VAL F 341 25.91 -18.36 21.71
N PHE F 342 26.48 -17.17 21.75
CA PHE F 342 27.39 -16.69 20.72
C PHE F 342 28.78 -17.35 20.79
N ASN F 343 29.26 -17.66 22.00
CA ASN F 343 30.59 -18.23 22.18
C ASN F 343 30.55 -19.71 22.55
N ALA F 344 29.46 -20.40 22.17
CA ALA F 344 29.33 -21.83 22.37
C ALA F 344 30.41 -22.57 21.59
N THR F 345 30.96 -23.61 22.19
CA THR F 345 32.01 -24.37 21.53
C THR F 345 31.50 -24.99 20.23
N ARG F 346 30.30 -25.53 20.29
CA ARG F 346 29.72 -26.17 19.11
C ARG F 346 28.34 -25.60 18.81
N PHE F 347 28.07 -25.44 17.51
CA PHE F 347 26.76 -25.03 17.05
C PHE F 347 26.02 -26.22 16.45
N ALA F 348 24.70 -26.15 16.48
CA ALA F 348 23.85 -27.19 15.93
C ALA F 348 23.85 -27.14 14.42
N SER F 349 23.52 -28.26 13.81
CA SER F 349 23.26 -28.31 12.38
C SER F 349 21.97 -27.57 12.11
N VAL F 350 21.84 -26.99 10.93
CA VAL F 350 20.67 -26.20 10.61
C VAL F 350 19.38 -27.04 10.57
N TYR F 351 19.49 -28.32 10.25
CA TYR F 351 18.32 -29.18 10.22
C TYR F 351 17.85 -29.50 11.63
N ALA F 352 18.76 -29.34 12.60
CA ALA F 352 18.47 -29.67 13.98
C ALA F 352 18.91 -28.53 14.88
N TRP F 353 18.47 -27.34 14.54
CA TRP F 353 18.90 -26.11 15.19
C TRP F 353 18.60 -26.12 16.69
N ASN F 354 19.40 -25.39 17.45
CA ASN F 354 19.27 -25.38 18.90
C ASN F 354 18.59 -24.14 19.43
N ARG F 355 17.49 -24.32 20.15
CA ARG F 355 16.75 -23.21 20.73
C ARG F 355 17.05 -22.99 22.20
N LYS F 356 17.53 -21.79 22.51
CA LYS F 356 17.78 -21.37 23.89
C LYS F 356 16.72 -20.39 24.35
N ARG F 357 16.03 -20.72 25.44
CA ARG F 357 15.00 -19.83 25.99
C ARG F 357 15.61 -18.86 26.99
N ILE F 358 15.40 -17.57 26.77
CA ILE F 358 15.93 -16.52 27.62
C ILE F 358 14.80 -15.76 28.35
N SER F 359 14.89 -15.70 29.67
CA SER F 359 13.87 -15.02 30.46
C SER F 359 14.42 -14.47 31.78
N ASN F 360 13.65 -13.57 32.39
CA ASN F 360 13.95 -13.04 33.71
C ASN F 360 15.36 -12.48 33.83
N CYS F 361 15.70 -11.52 32.97
CA CYS F 361 17.05 -10.98 32.88
C CYS F 361 17.09 -9.61 32.20
N VAL F 362 18.25 -8.98 32.25
CA VAL F 362 18.47 -7.70 31.57
C VAL F 362 19.19 -7.91 30.25
N ALA F 363 18.56 -7.49 29.17
CA ALA F 363 19.08 -7.75 27.84
C ALA F 363 19.72 -6.53 27.21
N ASP F 364 21.05 -6.50 27.21
CA ASP F 364 21.75 -5.40 26.57
C ASP F 364 22.12 -5.79 25.15
N TYR F 365 21.44 -5.19 24.19
CA TYR F 365 21.59 -5.57 22.79
C TYR F 365 22.61 -4.70 22.10
N SER F 366 23.16 -3.72 22.82
CA SER F 366 24.14 -2.82 22.23
C SER F 366 25.50 -3.48 22.21
N VAL F 367 25.72 -4.41 23.13
CA VAL F 367 26.95 -5.16 23.15
C VAL F 367 27.09 -5.97 21.87
N LEU F 368 25.96 -6.52 21.42
CA LEU F 368 25.95 -7.32 20.21
C LEU F 368 25.91 -6.42 18.97
N TYR F 369 25.04 -5.43 18.97
CA TYR F 369 24.84 -4.59 17.80
C TYR F 369 26.05 -3.76 17.45
N ASN F 370 26.74 -3.24 18.47
CA ASN F 370 27.88 -2.37 18.22
C ASN F 370 29.17 -3.16 18.08
N SER F 371 29.06 -4.48 18.05
CA SER F 371 30.22 -5.34 17.87
C SER F 371 30.74 -5.24 16.45
N ALA F 372 32.05 -5.35 16.30
CA ALA F 372 32.69 -5.35 15.00
C ALA F 372 32.84 -6.77 14.46
N SER F 373 32.42 -7.75 15.25
CA SER F 373 32.70 -9.14 14.96
C SER F 373 31.61 -9.86 14.17
N PHE F 374 30.51 -9.17 13.87
CA PHE F 374 29.43 -9.81 13.14
C PHE F 374 29.32 -9.24 11.74
N SER F 375 29.07 -10.10 10.75
CA SER F 375 28.97 -9.65 9.37
C SER F 375 27.53 -9.31 9.01
N THR F 376 26.59 -9.96 9.71
CA THR F 376 25.18 -9.72 9.50
C THR F 376 24.50 -9.41 10.81
N PHE F 377 23.69 -8.35 10.82
CA PHE F 377 22.88 -8.04 11.98
C PHE F 377 21.61 -7.35 11.52
N LYS F 378 20.63 -8.14 11.11
CA LYS F 378 19.41 -7.60 10.54
C LYS F 378 18.23 -7.79 11.47
N CYS F 379 17.56 -6.69 11.84
CA CYS F 379 16.40 -6.75 12.72
C CYS F 379 15.12 -6.53 11.94
N TYR F 380 14.09 -7.28 12.32
CA TYR F 380 12.80 -7.23 11.67
C TYR F 380 11.73 -6.93 12.72
N GLY F 381 10.84 -6.01 12.40
CA GLY F 381 9.74 -5.69 13.29
C GLY F 381 10.20 -4.80 14.43
N VAL F 382 11.47 -4.45 14.43
CA VAL F 382 12.06 -3.66 15.48
C VAL F 382 13.36 -3.01 15.02
N SER F 383 13.61 -1.80 15.50
CA SER F 383 14.85 -1.10 15.23
C SER F 383 15.97 -1.62 16.12
N PRO F 384 17.16 -1.85 15.56
CA PRO F 384 18.34 -2.36 16.24
C PRO F 384 18.87 -1.37 17.27
N THR F 385 18.43 -0.13 17.19
CA THR F 385 18.90 0.91 18.11
C THR F 385 17.85 1.27 19.15
N LYS F 386 16.71 0.60 19.10
CA LYS F 386 15.67 0.85 20.09
C LYS F 386 15.46 -0.36 20.98
N LEU F 387 16.27 -1.40 20.78
CA LEU F 387 16.10 -2.65 21.50
C LEU F 387 16.26 -2.48 23.00
N ASN F 388 17.16 -1.61 23.42
CA ASN F 388 17.40 -1.44 24.85
C ASN F 388 16.30 -0.66 25.56
N ASP F 389 15.36 -0.13 24.78
CA ASP F 389 14.23 0.60 25.35
C ASP F 389 13.00 -0.29 25.49
N LEU F 390 13.11 -1.53 25.01
CA LEU F 390 11.97 -2.43 24.97
C LEU F 390 12.02 -3.50 26.04
N CYS F 391 10.85 -4.05 26.37
CA CYS F 391 10.71 -5.20 27.25
C CYS F 391 9.92 -6.31 26.54
N PHE F 392 10.39 -7.54 26.68
CA PHE F 392 9.77 -8.68 26.04
C PHE F 392 9.33 -9.72 27.05
N THR F 393 8.38 -10.57 26.66
CA THR F 393 7.90 -11.62 27.54
C THR F 393 8.79 -12.84 27.47
N ASN F 394 9.63 -12.88 26.44
CA ASN F 394 10.58 -13.96 26.24
C ASN F 394 11.46 -13.67 25.05
N VAL F 395 12.68 -14.19 25.07
CA VAL F 395 13.55 -14.14 23.92
C VAL F 395 14.08 -15.53 23.60
N TYR F 396 13.99 -15.92 22.34
CA TYR F 396 14.50 -17.23 21.95
C TYR F 396 15.72 -17.06 21.06
N ALA F 397 16.83 -17.67 21.46
CA ALA F 397 18.04 -17.59 20.69
C ALA F 397 18.29 -18.90 19.96
N ASP F 398 18.03 -18.91 18.66
CA ASP F 398 18.17 -20.10 17.85
C ASP F 398 19.52 -20.12 17.13
N SER F 399 20.37 -21.08 17.45
CA SER F 399 21.71 -21.12 16.87
C SER F 399 21.92 -22.31 15.95
N PHE F 400 22.60 -22.06 14.84
CA PHE F 400 22.92 -23.11 13.86
C PHE F 400 24.01 -22.68 12.87
N VAL F 401 24.52 -23.65 12.11
CA VAL F 401 25.49 -23.36 11.06
C VAL F 401 24.97 -23.65 9.66
N ILE F 402 25.15 -22.67 8.78
CA ILE F 402 24.82 -22.77 7.35
C ILE F 402 25.99 -22.22 6.54
N ARG F 403 25.95 -22.38 5.21
CA ARG F 403 27.02 -21.80 4.40
C ARG F 403 26.67 -20.36 3.99
N GLY F 404 27.71 -19.57 3.73
CA GLY F 404 27.57 -18.14 3.43
C GLY F 404 26.41 -17.77 2.53
N ASP F 405 26.27 -18.44 1.39
CA ASP F 405 25.23 -18.06 0.43
C ASP F 405 23.83 -18.24 0.97
N GLU F 406 23.69 -19.05 2.01
CA GLU F 406 22.38 -19.36 2.57
C GLU F 406 21.97 -18.40 3.66
N VAL F 407 22.84 -17.49 4.03
CA VAL F 407 22.54 -16.56 5.12
C VAL F 407 21.35 -15.69 4.75
N ARG F 408 21.20 -15.39 3.48
CA ARG F 408 20.09 -14.58 3.00
C ARG F 408 18.75 -15.27 3.21
N GLN F 409 18.77 -16.60 3.36
CA GLN F 409 17.53 -17.36 3.52
C GLN F 409 16.99 -17.26 4.94
N ILE F 410 17.83 -16.80 5.87
CA ILE F 410 17.37 -16.67 7.24
C ILE F 410 16.73 -15.31 7.39
N ALA F 411 15.52 -15.20 6.88
CA ALA F 411 14.77 -13.96 6.86
C ALA F 411 13.31 -14.29 6.54
N PRO F 412 12.38 -13.40 6.88
CA PRO F 412 10.98 -13.42 6.49
C PRO F 412 10.83 -13.40 4.97
N GLY F 413 9.90 -14.21 4.46
CA GLY F 413 9.55 -14.20 3.05
C GLY F 413 10.60 -14.84 2.14
N GLN F 414 11.43 -15.72 2.68
CA GLN F 414 12.46 -16.36 1.88
C GLN F 414 12.09 -17.78 1.51
N THR F 415 12.66 -18.26 0.42
CA THR F 415 12.50 -19.64 0.01
C THR F 415 13.87 -20.27 -0.25
N GLY F 416 13.91 -21.59 -0.35
CA GLY F 416 15.16 -22.29 -0.59
C GLY F 416 15.28 -23.49 0.33
N LYS F 417 16.36 -24.23 0.21
CA LYS F 417 16.50 -25.46 0.97
C LYS F 417 16.52 -25.20 2.46
N ILE F 418 17.06 -24.07 2.88
CA ILE F 418 17.13 -23.79 4.29
C ILE F 418 15.83 -23.19 4.78
N ALA F 419 15.34 -22.20 4.05
CA ALA F 419 14.11 -21.53 4.43
C ALA F 419 12.94 -22.51 4.47
N ASP F 420 12.94 -23.48 3.56
CA ASP F 420 11.81 -24.39 3.44
C ASP F 420 11.94 -25.70 4.22
N TYR F 421 13.15 -26.25 4.32
CA TYR F 421 13.27 -27.58 4.91
C TYR F 421 14.06 -27.63 6.22
N ASN F 422 14.65 -26.52 6.62
CA ASN F 422 15.51 -26.54 7.80
C ASN F 422 15.07 -25.56 8.87
N TYR F 423 15.12 -24.28 8.54
CA TYR F 423 14.80 -23.23 9.50
C TYR F 423 13.94 -22.16 8.88
N LYS F 424 12.67 -22.14 9.27
CA LYS F 424 11.70 -21.21 8.70
C LYS F 424 11.36 -20.08 9.66
N LEU F 425 11.45 -18.85 9.18
CA LEU F 425 10.98 -17.70 9.94
C LEU F 425 9.64 -17.22 9.39
N PRO F 426 8.71 -16.83 10.26
CA PRO F 426 7.39 -16.34 9.95
C PRO F 426 7.45 -14.98 9.27
N ASP F 427 6.43 -14.68 8.47
CA ASP F 427 6.39 -13.42 7.74
C ASP F 427 6.25 -12.23 8.69
N ASP F 428 5.66 -12.47 9.86
CA ASP F 428 5.48 -11.43 10.86
C ASP F 428 6.54 -11.55 11.96
N PHE F 429 7.67 -12.16 11.63
CA PHE F 429 8.76 -12.33 12.56
C PHE F 429 9.24 -11.03 13.17
N THR F 430 9.42 -11.05 14.47
CA THR F 430 10.03 -9.94 15.18
C THR F 430 11.27 -10.45 15.89
N GLY F 431 12.40 -9.85 15.59
CA GLY F 431 13.66 -10.35 16.12
C GLY F 431 14.84 -9.92 15.26
N CYS F 432 16.03 -10.40 15.59
CA CYS F 432 17.25 -10.05 14.88
C CYS F 432 18.02 -11.29 14.44
N VAL F 433 18.49 -11.27 13.20
CA VAL F 433 19.29 -12.36 12.65
C VAL F 433 20.74 -11.95 12.60
N ILE F 434 21.55 -12.64 13.38
CA ILE F 434 22.96 -12.29 13.53
C ILE F 434 23.84 -13.41 13.01
N ALA F 435 24.78 -13.08 12.14
CA ALA F 435 25.64 -14.11 11.59
C ALA F 435 27.07 -13.64 11.44
N TRP F 436 27.99 -14.57 11.53
CA TRP F 436 29.39 -14.27 11.31
C TRP F 436 30.14 -15.42 10.68
N ASN F 437 31.21 -15.09 9.98
CA ASN F 437 32.05 -16.10 9.34
C ASN F 437 32.78 -16.90 10.39
N SER F 438 32.69 -18.22 10.30
CA SER F 438 33.34 -19.11 11.24
C SER F 438 34.22 -20.12 10.52
N ASN F 439 34.89 -19.65 9.46
CA ASN F 439 35.76 -20.50 8.66
C ASN F 439 36.93 -21.04 9.46
N ASN F 440 37.31 -20.32 10.51
CA ASN F 440 38.43 -20.72 11.34
C ASN F 440 38.03 -21.68 12.45
N LEU F 441 36.74 -21.99 12.53
CA LEU F 441 36.25 -22.88 13.59
C LEU F 441 35.58 -24.11 13.03
N ASP F 442 34.73 -23.92 12.03
CA ASP F 442 33.86 -24.98 11.55
C ASP F 442 34.33 -25.61 10.25
N SER F 443 35.56 -25.33 9.85
CA SER F 443 36.12 -25.94 8.65
C SER F 443 37.38 -26.71 9.01
N LYS F 444 37.64 -27.78 8.27
CA LYS F 444 38.88 -28.51 8.49
C LYS F 444 39.44 -29.02 7.18
N VAL F 445 40.71 -29.40 7.19
CA VAL F 445 41.33 -29.96 6.02
C VAL F 445 40.76 -31.35 5.76
N GLY F 446 40.28 -31.56 4.54
CA GLY F 446 39.62 -32.80 4.17
C GLY F 446 38.11 -32.63 4.15
N GLY F 447 37.62 -31.59 4.82
CA GLY F 447 36.20 -31.29 4.87
C GLY F 447 35.56 -31.64 6.20
N ASN F 448 34.77 -30.71 6.74
CA ASN F 448 34.03 -30.93 7.97
C ASN F 448 32.63 -31.41 7.64
N TYR F 449 32.35 -32.67 7.94
CA TYR F 449 31.10 -33.30 7.57
C TYR F 449 30.16 -33.46 8.76
N ASN F 450 30.41 -32.68 9.80
CA ASN F 450 29.57 -32.75 11.00
C ASN F 450 28.41 -31.77 10.94
N TYR F 451 28.33 -30.99 9.87
CA TYR F 451 27.23 -30.05 9.70
C TYR F 451 26.31 -30.46 8.57
N LEU F 452 25.09 -30.83 8.92
CA LEU F 452 24.14 -31.34 7.97
C LEU F 452 23.00 -30.37 7.72
N TYR F 453 22.35 -30.51 6.58
CA TYR F 453 21.14 -29.79 6.28
C TYR F 453 20.17 -30.72 5.56
N ARG F 454 18.89 -30.39 5.64
CA ARG F 454 17.87 -31.16 4.96
C ARG F 454 17.74 -30.71 3.53
N LEU F 455 17.86 -31.65 2.62
CA LEU F 455 17.85 -31.40 1.19
C LEU F 455 16.50 -31.73 0.59
N PHE F 456 15.84 -32.76 1.14
CA PHE F 456 14.53 -33.17 0.65
C PHE F 456 13.51 -33.26 1.76
N ARG F 457 12.29 -32.84 1.47
CA ARG F 457 11.18 -33.00 2.39
C ARG F 457 9.87 -33.02 1.63
N LYS F 458 8.87 -33.71 2.18
CA LYS F 458 7.57 -33.81 1.55
C LYS F 458 6.90 -32.45 1.40
N SER F 459 7.10 -31.58 2.38
CA SER F 459 6.49 -30.27 2.37
C SER F 459 7.35 -29.26 3.11
N ASN F 460 7.00 -27.99 2.99
CA ASN F 460 7.73 -26.93 3.67
C ASN F 460 7.45 -26.95 5.16
N LEU F 461 8.42 -26.47 5.94
CA LEU F 461 8.26 -26.35 7.38
C LEU F 461 7.37 -25.19 7.76
N LYS F 462 6.69 -25.32 8.89
CA LYS F 462 6.03 -24.20 9.52
C LYS F 462 7.09 -23.38 10.24
N PRO F 463 6.83 -22.11 10.50
CA PRO F 463 7.70 -21.23 11.26
C PRO F 463 8.12 -21.89 12.57
N PHE F 464 9.43 -21.90 12.80
CA PHE F 464 10.03 -22.47 14.00
C PHE F 464 9.74 -23.96 14.21
N GLU F 465 9.44 -24.66 13.11
CA GLU F 465 9.32 -26.12 13.17
C GLU F 465 10.69 -26.77 13.03
N ARG F 466 10.92 -27.81 13.82
CA ARG F 466 12.21 -28.49 13.83
C ARG F 466 12.09 -29.97 13.48
N ASP F 467 12.38 -30.31 12.23
CA ASP F 467 12.28 -31.68 11.75
C ASP F 467 13.64 -32.36 11.73
N ILE F 468 13.82 -33.36 12.58
CA ILE F 468 15.11 -34.04 12.69
C ILE F 468 15.03 -35.51 12.32
N SER F 469 14.00 -35.88 11.55
CA SER F 469 13.86 -37.26 11.11
C SER F 469 14.84 -37.57 9.98
N THR F 470 15.14 -38.85 9.79
CA THR F 470 16.04 -39.28 8.73
C THR F 470 15.40 -40.30 7.80
N GLU F 471 14.08 -40.28 7.74
CA GLU F 471 13.35 -41.23 6.91
C GLU F 471 13.59 -40.98 5.43
N ILE F 472 13.71 -42.05 4.67
CA ILE F 472 14.00 -41.96 3.25
C ILE F 472 12.90 -41.21 2.51
N TYR F 473 13.32 -40.27 1.68
CA TYR F 473 12.41 -39.43 0.92
C TYR F 473 11.99 -40.10 -0.37
N GLN F 474 10.69 -40.16 -0.59
CA GLN F 474 10.16 -40.76 -1.80
C GLN F 474 9.98 -39.71 -2.87
N ALA F 475 10.80 -39.78 -3.91
CA ALA F 475 10.75 -38.81 -4.99
C ALA F 475 9.81 -39.28 -6.09
N GLY F 476 9.70 -40.59 -6.22
CA GLY F 476 8.87 -41.19 -7.27
C GLY F 476 7.51 -41.61 -6.73
N SER F 477 6.87 -42.54 -7.42
CA SER F 477 5.55 -43.02 -7.03
C SER F 477 5.63 -44.37 -6.33
N THR F 478 6.84 -44.92 -6.26
CA THR F 478 7.06 -46.22 -5.65
C THR F 478 7.58 -46.06 -4.22
N PRO F 479 6.94 -46.69 -3.24
CA PRO F 479 7.34 -46.74 -1.84
C PRO F 479 8.78 -47.20 -1.70
N CYS F 480 9.53 -46.55 -0.81
CA CYS F 480 10.95 -46.83 -0.60
C CYS F 480 11.15 -47.95 0.41
N ASN F 481 10.22 -48.05 1.35
CA ASN F 481 10.29 -49.06 2.41
C ASN F 481 11.59 -48.97 3.20
N GLY F 482 12.08 -47.75 3.40
CA GLY F 482 13.26 -47.52 4.22
C GLY F 482 14.58 -47.72 3.48
N VAL F 483 14.51 -48.12 2.21
CA VAL F 483 15.73 -48.40 1.45
C VAL F 483 15.95 -47.35 0.37
N GLU F 484 17.09 -46.67 0.44
CA GLU F 484 17.42 -45.66 -0.55
C GLU F 484 17.88 -46.30 -1.85
N GLY F 485 17.73 -45.56 -2.93
CA GLY F 485 18.03 -46.05 -4.27
C GLY F 485 17.40 -45.14 -5.31
N PHE F 486 16.97 -45.71 -6.42
CA PHE F 486 16.38 -44.89 -7.47
C PHE F 486 15.08 -44.28 -6.98
N ASN F 487 14.97 -42.96 -7.09
CA ASN F 487 13.82 -42.20 -6.60
C ASN F 487 13.56 -42.34 -5.09
N CYS F 488 14.59 -42.74 -4.34
CA CYS F 488 14.55 -42.86 -2.88
C CYS F 488 15.81 -42.27 -2.28
N TYR F 489 15.68 -41.11 -1.65
CA TYR F 489 16.85 -40.35 -1.27
C TYR F 489 17.02 -40.25 0.24
N PHE F 490 18.27 -40.21 0.68
CA PHE F 490 18.54 -39.86 2.06
C PHE F 490 18.39 -38.35 2.20
N PRO F 491 17.49 -37.88 3.06
CA PRO F 491 16.99 -36.52 3.14
C PRO F 491 18.05 -35.50 3.56
N LEU F 492 19.13 -35.95 4.19
CA LEU F 492 20.14 -35.01 4.67
C LEU F 492 21.38 -35.01 3.78
N GLN F 493 22.13 -33.91 3.85
CA GLN F 493 23.40 -33.79 3.16
C GLN F 493 24.36 -32.93 3.98
N SER F 494 25.66 -33.13 3.81
CA SER F 494 26.65 -32.38 4.54
C SER F 494 27.15 -31.19 3.75
N TYR F 495 27.61 -30.16 4.45
CA TYR F 495 28.25 -29.04 3.79
C TYR F 495 29.68 -29.39 3.39
N GLY F 496 30.35 -30.17 4.23
CA GLY F 496 31.73 -30.56 3.94
C GLY F 496 32.64 -29.34 3.95
N PHE F 497 32.52 -28.52 4.97
CA PHE F 497 33.21 -27.24 5.00
C PHE F 497 34.72 -27.39 4.96
N GLN F 498 35.35 -26.65 4.06
CA GLN F 498 36.80 -26.65 3.89
C GLN F 498 37.33 -25.23 3.97
N PRO F 499 38.51 -25.04 4.54
CA PRO F 499 39.16 -23.76 4.78
C PRO F 499 39.50 -23.04 3.49
N THR F 500 39.51 -23.77 2.38
CA THR F 500 39.87 -23.23 1.09
C THR F 500 38.66 -22.88 0.22
N ASN F 501 37.47 -23.04 0.78
CA ASN F 501 36.25 -22.70 0.04
C ASN F 501 36.10 -21.21 -0.17
N GLY F 502 35.38 -20.82 -1.20
CA GLY F 502 35.04 -19.42 -1.39
C GLY F 502 34.04 -19.00 -0.34
N VAL F 503 33.84 -17.70 -0.19
CA VAL F 503 33.03 -17.18 0.92
C VAL F 503 31.64 -17.80 0.96
N GLY F 504 31.02 -17.97 -0.20
CA GLY F 504 29.66 -18.50 -0.26
C GLY F 504 29.57 -19.93 0.28
N TYR F 505 30.70 -20.61 0.33
CA TYR F 505 30.73 -21.99 0.81
C TYR F 505 31.45 -22.14 2.13
N GLN F 506 31.77 -21.02 2.76
CA GLN F 506 32.35 -21.04 4.10
C GLN F 506 31.22 -21.09 5.11
N PRO F 507 31.45 -21.69 6.27
CA PRO F 507 30.50 -21.81 7.35
C PRO F 507 30.24 -20.47 8.00
N TYR F 508 28.97 -20.23 8.31
CA TYR F 508 28.56 -19.08 9.08
C TYR F 508 27.77 -19.52 10.29
N ARG F 509 28.12 -18.97 11.43
CA ARG F 509 27.37 -19.25 12.63
C ARG F 509 26.27 -18.23 12.78
N VAL F 510 25.05 -18.72 12.86
CA VAL F 510 23.89 -17.86 12.88
C VAL F 510 23.15 -17.97 14.19
N VAL F 511 22.85 -16.83 14.78
CA VAL F 511 22.02 -16.77 15.96
C VAL F 511 20.82 -15.89 15.67
N VAL F 512 19.63 -16.45 15.82
CA VAL F 512 18.43 -15.69 15.60
C VAL F 512 17.73 -15.41 16.92
N LEU F 513 17.58 -14.13 17.24
CA LEU F 513 16.92 -13.74 18.46
C LEU F 513 15.49 -13.33 18.17
N SER F 514 14.54 -14.21 18.51
CA SER F 514 13.14 -13.87 18.29
C SER F 514 12.60 -13.20 19.53
N PHE F 515 11.85 -12.13 19.34
CA PHE F 515 11.31 -11.38 20.47
C PHE F 515 9.83 -11.64 20.62
N GLU F 516 9.47 -12.20 21.76
CA GLU F 516 8.10 -12.57 22.05
C GLU F 516 7.35 -11.42 22.71
N LEU F 517 6.19 -11.08 22.17
CA LEU F 517 5.38 -10.00 22.71
C LEU F 517 3.96 -10.44 23.01
N LEU F 518 3.79 -11.12 24.14
CA LEU F 518 2.46 -11.57 24.56
C LEU F 518 1.84 -10.57 25.52
N HIS F 519 0.53 -10.64 25.71
CA HIS F 519 -0.13 -9.82 26.71
C HIS F 519 0.12 -10.42 28.08
N ALA F 520 1.36 -10.30 28.53
CA ALA F 520 1.86 -10.96 29.73
C ALA F 520 2.96 -10.11 30.34
N PRO F 521 3.32 -10.32 31.61
CA PRO F 521 4.39 -9.66 32.28
C PRO F 521 5.67 -9.78 31.46
N ALA F 522 6.32 -8.66 31.21
CA ALA F 522 7.57 -8.71 30.46
C ALA F 522 8.69 -9.07 31.41
N THR F 523 9.55 -10.00 30.99
CA THR F 523 10.60 -10.50 31.85
C THR F 523 12.00 -10.19 31.32
N VAL F 524 12.09 -9.80 30.06
CA VAL F 524 13.38 -9.48 29.47
C VAL F 524 13.43 -8.01 29.04
N CYS F 525 14.08 -7.17 29.84
CA CYS F 525 14.12 -5.72 29.60
C CYS F 525 15.53 -5.24 29.36
N GLY F 526 15.66 -4.20 28.55
CA GLY F 526 16.96 -3.59 28.34
C GLY F 526 17.45 -2.91 29.62
N PRO F 527 18.71 -2.53 29.66
CA PRO F 527 19.44 -1.94 30.77
C PRO F 527 19.11 -0.47 30.96
N LYS F 528 17.85 -0.18 31.20
CA LYS F 528 17.43 1.20 31.41
C LYS F 528 17.26 1.48 32.88
N LYS F 529 17.73 2.65 33.32
CA LYS F 529 17.66 3.02 34.71
C LYS F 529 16.29 3.59 35.03
N SER F 530 15.68 3.06 36.09
CA SER F 530 14.36 3.52 36.50
C SER F 530 14.45 4.83 37.28
N THR F 531 13.35 5.56 37.27
CA THR F 531 13.26 6.82 37.99
C THR F 531 12.25 6.69 39.13
N ASN F 532 12.16 7.72 39.96
CA ASN F 532 11.19 7.73 41.03
C ASN F 532 9.79 7.84 40.47
N LEU F 533 8.82 7.24 41.14
CA LEU F 533 7.44 7.31 40.71
C LEU F 533 6.82 8.65 41.10
N VAL F 534 6.21 9.32 40.13
CA VAL F 534 5.61 10.61 40.35
C VAL F 534 4.10 10.57 40.13
N LYS F 535 3.36 11.03 41.12
CA LYS F 535 1.90 11.02 41.04
C LYS F 535 1.31 12.43 41.10
N ASN F 536 0.08 12.54 40.60
CA ASN F 536 -0.70 13.77 40.62
C ASN F 536 -0.08 14.88 39.77
N LYS F 537 0.71 14.49 38.79
CA LYS F 537 1.28 15.43 37.82
C LYS F 537 1.17 14.85 36.41
N CYS F 538 1.18 15.72 35.40
CA CYS F 538 1.24 15.30 34.00
C CYS F 538 2.66 14.90 33.64
N VAL F 539 2.85 13.63 33.35
CA VAL F 539 4.17 13.09 33.05
C VAL F 539 4.16 12.17 31.85
N ASN F 540 5.34 11.94 31.29
CA ASN F 540 5.52 10.84 30.37
C ASN F 540 5.82 9.62 31.20
N PHE F 541 5.48 8.44 30.73
CA PHE F 541 5.80 7.25 31.50
C PHE F 541 6.12 6.04 30.66
N ASN F 542 6.84 5.10 31.28
CA ASN F 542 7.13 3.80 30.70
C ASN F 542 7.10 2.73 31.78
N PHE F 543 6.02 1.96 31.83
CA PHE F 543 5.88 0.92 32.84
C PHE F 543 6.16 -0.46 32.25
N ASN F 544 7.37 -0.96 32.48
CA ASN F 544 7.79 -2.25 31.98
C ASN F 544 7.49 -2.39 30.48
N GLY F 545 7.78 -1.34 29.72
CA GLY F 545 7.60 -1.36 28.27
C GLY F 545 6.31 -0.65 27.82
N LEU F 546 5.40 -0.39 28.74
CA LEU F 546 4.14 0.26 28.41
C LEU F 546 4.28 1.78 28.49
N THR F 547 4.33 2.43 27.33
CA THR F 547 4.58 3.85 27.29
C THR F 547 3.31 4.67 27.06
N GLY F 548 3.37 5.94 27.43
CA GLY F 548 2.27 6.86 27.20
C GLY F 548 2.46 8.16 27.99
N THR F 549 1.47 9.04 27.88
CA THR F 549 1.51 10.31 28.60
C THR F 549 0.20 10.49 29.37
N GLY F 550 0.30 10.95 30.61
CA GLY F 550 -0.89 11.14 31.41
C GLY F 550 -0.56 11.44 32.86
N VAL F 551 -1.60 11.38 33.70
CA VAL F 551 -1.46 11.68 35.11
C VAL F 551 -1.65 10.40 35.90
N LEU F 552 -0.66 10.08 36.74
CA LEU F 552 -0.68 8.86 37.53
C LEU F 552 -1.23 9.13 38.91
N THR F 553 -2.25 8.39 39.31
CA THR F 553 -2.83 8.56 40.63
C THR F 553 -3.01 7.21 41.31
N GLU F 554 -3.15 7.23 42.64
CA GLU F 554 -3.41 6.00 43.37
C GLU F 554 -4.74 5.40 42.93
N SER F 555 -4.74 4.12 42.59
CA SER F 555 -5.94 3.45 42.10
C SER F 555 -6.72 2.79 43.22
N ASN F 556 -8.03 2.78 43.07
CA ASN F 556 -8.90 2.07 43.98
C ASN F 556 -9.49 0.84 43.29
N LYS F 557 -8.88 0.44 42.18
CA LYS F 557 -9.31 -0.72 41.43
C LYS F 557 -8.72 -1.99 42.02
N LYS F 558 -9.57 -2.95 42.32
CA LYS F 558 -9.11 -4.17 42.95
C LYS F 558 -8.61 -5.17 41.93
N PHE F 559 -7.35 -5.03 41.55
CA PHE F 559 -6.74 -5.94 40.61
C PHE F 559 -6.56 -7.31 41.23
N LEU F 560 -6.73 -8.35 40.42
CA LEU F 560 -6.42 -9.69 40.87
C LEU F 560 -4.90 -9.86 40.86
N PRO F 561 -4.36 -10.79 41.64
CA PRO F 561 -2.93 -11.01 41.86
C PRO F 561 -2.14 -11.23 40.57
N PHE F 562 -2.82 -11.59 39.49
CA PHE F 562 -2.14 -11.88 38.24
C PHE F 562 -2.26 -10.78 37.19
N GLN F 563 -3.11 -9.79 37.46
CA GLN F 563 -3.39 -8.75 36.47
C GLN F 563 -2.36 -7.63 36.55
N GLN F 564 -1.83 -7.25 35.39
CA GLN F 564 -0.73 -6.29 35.32
C GLN F 564 -1.18 -4.89 34.95
N PHE F 565 -2.28 -4.80 34.23
CA PHE F 565 -2.83 -3.53 33.80
C PHE F 565 -4.30 -3.70 33.50
N GLY F 566 -5.03 -2.60 33.44
CA GLY F 566 -6.44 -2.66 33.13
C GLY F 566 -6.77 -1.84 31.91
N ARG F 567 -7.98 -2.00 31.40
CA ARG F 567 -8.45 -1.25 30.26
C ARG F 567 -9.88 -0.77 30.46
N ASP F 568 -10.21 0.32 29.79
CA ASP F 568 -11.56 0.87 29.82
C ASP F 568 -12.40 0.28 28.69
N ILE F 569 -13.59 0.84 28.49
CA ILE F 569 -14.51 0.35 27.46
C ILE F 569 -14.01 0.63 26.05
N ALA F 570 -12.98 1.46 25.94
CA ALA F 570 -12.37 1.79 24.65
C ALA F 570 -11.27 0.80 24.31
N ASP F 571 -11.03 -0.12 25.23
CA ASP F 571 -9.94 -1.09 25.12
C ASP F 571 -8.58 -0.39 25.11
N THR F 572 -8.44 0.65 25.92
CA THR F 572 -7.14 1.29 26.08
C THR F 572 -6.72 1.25 27.54
N THR F 573 -5.41 1.25 27.78
CA THR F 573 -4.91 1.14 29.14
C THR F 573 -5.35 2.32 29.98
N ASP F 574 -5.91 2.03 31.16
CA ASP F 574 -6.34 3.08 32.06
C ASP F 574 -5.84 2.84 33.48
N ALA F 575 -5.01 1.82 33.63
CA ALA F 575 -4.42 1.48 34.91
C ALA F 575 -3.27 0.52 34.72
N VAL F 576 -2.23 0.67 35.54
CA VAL F 576 -1.09 -0.24 35.50
C VAL F 576 -0.65 -0.68 36.88
N ARG F 577 0.03 -1.83 36.93
CA ARG F 577 0.68 -2.28 38.14
C ARG F 577 2.15 -1.91 38.11
N ASP F 578 2.58 -1.11 39.06
CA ASP F 578 3.96 -0.68 39.12
C ASP F 578 4.85 -1.90 39.36
N PRO F 579 5.81 -2.17 38.48
CA PRO F 579 6.64 -3.37 38.43
C PRO F 579 7.59 -3.48 39.61
N GLN F 580 7.74 -2.42 40.40
CA GLN F 580 8.65 -2.47 41.54
C GLN F 580 7.90 -2.49 42.86
N THR F 581 6.83 -1.72 42.96
CA THR F 581 6.10 -1.62 44.21
C THR F 581 4.82 -2.44 44.21
N LEU F 582 4.40 -2.85 43.02
CA LEU F 582 3.15 -3.58 42.82
C LEU F 582 1.94 -2.72 43.19
N GLU F 583 2.15 -1.41 43.27
CA GLU F 583 1.09 -0.45 43.49
C GLU F 583 0.24 -0.32 42.23
N ILE F 584 -1.07 -0.24 42.39
CA ILE F 584 -1.93 -0.04 41.24
C ILE F 584 -2.17 1.44 41.02
N LEU F 585 -1.88 1.90 39.81
CA LEU F 585 -1.99 3.30 39.45
C LEU F 585 -3.02 3.50 38.36
N ASP F 586 -3.86 4.51 38.52
CA ASP F 586 -4.81 4.89 37.50
C ASP F 586 -4.16 5.86 36.52
N ILE F 587 -4.47 5.71 35.25
CA ILE F 587 -3.94 6.62 34.26
C ILE F 587 -5.04 7.43 33.60
N THR F 588 -4.95 8.73 33.74
CA THR F 588 -5.88 9.62 33.06
C THR F 588 -5.08 10.49 32.11
N PRO F 589 -5.66 10.95 31.01
CA PRO F 589 -5.06 11.86 30.07
C PRO F 589 -4.85 13.22 30.73
N CYS F 590 -3.84 13.95 30.28
CA CYS F 590 -3.57 15.30 30.78
C CYS F 590 -4.64 16.25 30.25
N SER F 591 -5.01 17.22 31.07
CA SER F 591 -6.12 18.11 30.72
C SER F 591 -6.00 18.63 29.29
N PHE F 592 -7.09 18.54 28.55
CA PHE F 592 -7.15 19.01 27.19
C PHE F 592 -8.55 19.46 26.85
N GLY F 593 -8.68 20.21 25.76
CA GLY F 593 -9.99 20.65 25.29
C GLY F 593 -9.84 21.66 24.17
N GLY F 594 -10.94 21.96 23.49
CA GLY F 594 -10.89 22.92 22.40
C GLY F 594 -10.70 24.34 22.90
N VAL F 595 -10.11 25.19 22.08
CA VAL F 595 -9.96 26.59 22.43
C VAL F 595 -10.66 27.46 21.41
N SER F 596 -11.61 28.24 21.88
CA SER F 596 -12.36 29.11 20.98
C SER F 596 -12.20 30.57 21.35
N VAL F 597 -12.20 31.41 20.33
CA VAL F 597 -12.01 32.84 20.50
C VAL F 597 -13.30 33.60 20.27
N ILE F 598 -13.68 34.36 21.28
CA ILE F 598 -14.88 35.17 21.25
C ILE F 598 -14.52 36.60 20.90
N THR F 599 -15.10 37.12 19.85
CA THR F 599 -14.74 38.47 19.46
C THR F 599 -15.89 39.15 18.72
N PRO F 600 -16.01 40.47 18.85
CA PRO F 600 -16.78 41.34 18.00
C PRO F 600 -16.04 41.44 16.69
N GLY F 601 -16.68 41.96 15.66
CA GLY F 601 -15.98 42.04 14.40
C GLY F 601 -14.76 42.94 14.55
N THR F 602 -13.72 42.66 13.79
CA THR F 602 -12.49 43.47 13.82
C THR F 602 -12.72 44.88 13.28
N ASN F 603 -13.89 45.10 12.67
CA ASN F 603 -14.35 46.42 12.24
C ASN F 603 -14.68 47.30 13.45
N THR F 604 -14.94 46.68 14.60
CA THR F 604 -15.33 47.36 15.84
C THR F 604 -14.21 47.34 16.87
N SER F 605 -13.65 46.17 17.12
CA SER F 605 -12.64 46.04 18.17
C SER F 605 -11.75 44.82 17.98
N ASN F 606 -10.51 44.94 18.45
CA ASN F 606 -9.56 43.83 18.41
C ASN F 606 -9.48 43.11 19.74
N GLN F 607 -10.42 43.40 20.63
CA GLN F 607 -10.48 42.71 21.91
C GLN F 607 -11.02 41.32 21.75
N VAL F 608 -10.48 40.37 22.50
CA VAL F 608 -10.97 39.01 22.45
C VAL F 608 -11.15 38.42 23.85
N ALA F 609 -11.95 37.38 23.93
CA ALA F 609 -12.03 36.53 25.10
C ALA F 609 -11.81 35.09 24.67
N VAL F 610 -11.17 34.31 25.50
CA VAL F 610 -10.87 32.94 25.10
C VAL F 610 -11.54 31.92 25.99
N LEU F 611 -12.28 31.01 25.37
CA LEU F 611 -12.94 29.94 26.07
C LEU F 611 -12.18 28.63 25.95
N TYR F 612 -11.76 28.09 27.09
CA TYR F 612 -11.10 26.81 27.12
C TYR F 612 -12.13 25.73 27.40
N GLN F 613 -12.57 25.09 26.33
CA GLN F 613 -13.76 24.26 26.36
C GLN F 613 -13.59 23.02 27.21
N ASP F 614 -14.49 22.85 28.16
CA ASP F 614 -14.47 21.71 29.08
C ASP F 614 -13.21 21.69 29.94
N VAL F 615 -12.55 22.83 30.06
CA VAL F 615 -11.34 22.94 30.88
C VAL F 615 -11.59 23.78 32.13
N ASN F 616 -11.01 23.34 33.25
CA ASN F 616 -11.07 24.06 34.53
C ASN F 616 -10.16 25.28 34.50
N CYS F 617 -10.58 26.37 35.16
CA CYS F 617 -9.80 27.60 35.22
C CYS F 617 -8.51 27.41 36.02
N THR F 618 -8.45 26.34 36.79
CA THR F 618 -7.25 26.04 37.57
C THR F 618 -6.27 25.20 36.77
N GLU F 619 -6.70 24.75 35.58
CA GLU F 619 -5.87 23.92 34.73
C GLU F 619 -5.26 24.71 33.57
N VAL F 620 -5.99 25.73 33.11
CA VAL F 620 -5.55 26.52 31.98
C VAL F 620 -4.12 27.10 32.11
N PRO F 621 -3.74 27.76 33.24
CA PRO F 621 -2.44 28.37 33.44
C PRO F 621 -1.41 27.34 33.88
N ASN F 641 -10.15 38.73 34.69
CA ASN F 641 -11.43 38.34 34.12
C ASN F 641 -11.49 36.84 33.83
N VAL F 642 -11.53 36.03 34.90
CA VAL F 642 -11.61 34.58 34.78
C VAL F 642 -12.96 34.06 35.28
N PHE F 643 -13.77 33.59 34.34
CA PHE F 643 -15.13 33.17 34.63
C PHE F 643 -15.36 31.69 34.27
N GLN F 644 -15.66 30.88 35.27
CA GLN F 644 -15.88 29.46 35.03
C GLN F 644 -17.34 29.19 34.68
N THR F 645 -17.56 28.59 33.52
CA THR F 645 -18.90 28.24 33.07
C THR F 645 -18.96 26.74 32.81
N ARG F 646 -20.15 26.23 32.52
CA ARG F 646 -20.30 24.81 32.22
C ARG F 646 -19.71 24.48 30.86
N ALA F 647 -19.42 25.51 30.07
CA ALA F 647 -18.86 25.35 28.74
C ALA F 647 -17.34 25.28 28.78
N GLY F 648 -16.75 25.59 29.94
CA GLY F 648 -15.30 25.70 30.04
C GLY F 648 -14.92 26.98 30.77
N CYS F 649 -13.64 27.34 30.72
CA CYS F 649 -13.14 28.54 31.39
C CYS F 649 -13.05 29.70 30.41
N LEU F 650 -13.79 30.76 30.69
CA LEU F 650 -13.83 31.92 29.83
C LEU F 650 -12.97 33.03 30.38
N ILE F 651 -11.91 33.36 29.66
CA ILE F 651 -10.94 34.34 30.13
C ILE F 651 -10.88 35.56 29.22
N GLY F 652 -11.05 36.74 29.80
CA GLY F 652 -10.99 37.99 29.06
C GLY F 652 -12.35 38.69 29.02
N ALA F 653 -13.41 37.94 29.31
CA ALA F 653 -14.75 38.51 29.35
C ALA F 653 -15.12 38.84 30.78
N GLU F 654 -15.69 40.02 30.98
CA GLU F 654 -16.14 40.43 32.30
C GLU F 654 -17.55 39.96 32.58
N HIS F 655 -17.72 39.14 33.59
CA HIS F 655 -19.03 38.64 33.93
C HIS F 655 -19.87 39.71 34.62
N VAL F 656 -21.12 39.83 34.21
CA VAL F 656 -22.05 40.77 34.83
C VAL F 656 -23.34 40.06 35.24
N ASN F 657 -24.07 40.67 36.18
CA ASN F 657 -25.35 40.12 36.65
C ASN F 657 -26.49 40.43 35.69
N ASN F 658 -26.39 41.56 34.97
CA ASN F 658 -27.45 42.01 34.06
C ASN F 658 -27.63 41.04 32.90
N SER F 659 -28.88 40.66 32.66
CA SER F 659 -29.21 39.75 31.58
C SER F 659 -29.63 40.50 30.33
N TYR F 660 -29.12 40.07 29.18
CA TYR F 660 -29.42 40.70 27.91
C TYR F 660 -29.78 39.65 26.87
N GLU F 661 -30.26 40.10 25.72
CA GLU F 661 -30.47 39.20 24.61
C GLU F 661 -29.14 38.60 24.20
N CYS F 662 -29.14 37.34 23.76
CA CYS F 662 -27.91 36.65 23.40
C CYS F 662 -27.29 37.22 22.13
N ASP F 663 -26.00 37.49 22.18
CA ASP F 663 -25.26 37.99 21.03
C ASP F 663 -24.34 36.89 20.51
N ILE F 664 -23.23 36.67 21.21
CA ILE F 664 -22.34 35.56 20.88
C ILE F 664 -22.53 34.44 21.91
N PRO F 665 -23.08 33.29 21.51
CA PRO F 665 -23.39 32.19 22.39
C PRO F 665 -22.13 31.52 22.91
N ILE F 666 -22.09 31.26 24.21
CA ILE F 666 -20.98 30.54 24.82
C ILE F 666 -21.41 29.11 25.10
N GLY F 667 -22.59 28.97 25.69
CA GLY F 667 -23.16 27.67 26.01
C GLY F 667 -23.69 27.64 27.42
N ALA F 668 -24.63 26.74 27.69
CA ALA F 668 -25.20 26.56 29.01
C ALA F 668 -25.82 27.84 29.55
N GLY F 669 -26.49 28.59 28.67
CA GLY F 669 -27.22 29.78 29.08
C GLY F 669 -26.36 31.03 29.09
N ILE F 670 -25.07 30.87 28.84
CA ILE F 670 -24.15 32.00 28.85
C ILE F 670 -23.89 32.53 27.44
N CYS F 671 -23.95 33.85 27.29
CA CYS F 671 -23.64 34.55 26.05
C CYS F 671 -22.66 35.68 26.35
N ALA F 672 -21.98 36.15 25.32
CA ALA F 672 -21.04 37.25 25.46
C ALA F 672 -21.36 38.35 24.47
N SER F 673 -21.01 39.58 24.81
CA SER F 673 -21.23 40.71 23.93
C SER F 673 -20.20 41.80 24.16
N TYR F 674 -20.10 42.71 23.20
CA TYR F 674 -19.19 43.85 23.34
C TYR F 674 -19.99 45.09 23.76
N GLN F 675 -19.69 45.59 24.97
CA GLN F 675 -20.40 46.72 25.58
C GLN F 675 -19.43 47.70 26.20
N GLN F 690 -15.35 50.46 26.03
CA GLN F 690 -16.13 49.23 25.86
C GLN F 690 -15.23 48.00 26.03
N SER F 691 -15.85 46.88 26.46
CA SER F 691 -15.16 45.61 26.66
C SER F 691 -16.09 44.44 26.44
N ILE F 692 -15.53 43.24 26.36
CA ILE F 692 -16.33 42.04 26.22
C ILE F 692 -16.86 41.58 27.57
N ILE F 693 -18.16 41.32 27.64
CA ILE F 693 -18.78 40.88 28.88
C ILE F 693 -19.45 39.53 28.69
N ALA F 694 -19.67 38.84 29.80
CA ALA F 694 -20.38 37.58 29.81
C ALA F 694 -21.61 37.68 30.70
N TYR F 695 -22.70 37.06 30.28
CA TYR F 695 -23.95 37.15 31.03
C TYR F 695 -24.84 35.96 30.77
N THR F 696 -25.81 35.75 31.66
CA THR F 696 -26.85 34.78 31.40
C THR F 696 -27.91 35.40 30.51
N MET F 697 -28.21 34.75 29.41
CA MET F 697 -29.09 35.32 28.40
C MET F 697 -30.52 35.46 28.88
N SER F 698 -31.16 36.52 28.42
CA SER F 698 -32.57 36.74 28.67
C SER F 698 -33.40 35.98 27.65
N LEU F 699 -34.55 35.47 28.08
CA LEU F 699 -35.43 34.77 27.16
C LEU F 699 -36.52 35.69 26.67
N GLY F 700 -36.45 36.95 27.07
CA GLY F 700 -37.46 37.94 26.73
C GLY F 700 -37.98 38.62 27.98
N ALA F 701 -38.70 39.72 27.79
CA ALA F 701 -39.24 40.47 28.92
C ALA F 701 -40.38 39.70 29.55
N GLU F 702 -40.52 39.81 30.86
CA GLU F 702 -41.65 39.18 31.55
C GLU F 702 -42.91 39.97 31.31
N ASN F 703 -44.03 39.26 31.14
CA ASN F 703 -45.30 39.92 30.87
C ASN F 703 -46.46 39.15 31.49
N SER F 704 -46.99 39.67 32.60
CA SER F 704 -48.13 39.01 33.21
C SER F 704 -49.40 39.42 32.47
N VAL F 705 -50.31 38.48 32.30
CA VAL F 705 -51.59 38.79 31.66
C VAL F 705 -52.63 39.08 32.72
N ALA F 706 -53.39 40.14 32.51
CA ALA F 706 -54.42 40.54 33.47
C ALA F 706 -55.62 39.63 33.38
N TYR F 707 -55.41 38.36 33.71
CA TYR F 707 -56.44 37.35 33.60
C TYR F 707 -57.42 37.42 34.74
N SER F 708 -58.69 37.26 34.41
CA SER F 708 -59.75 37.07 35.37
C SER F 708 -60.89 36.34 34.67
N ASN F 709 -61.87 35.88 35.43
CA ASN F 709 -62.94 35.05 34.90
C ASN F 709 -63.99 35.85 34.11
N ASN F 710 -63.88 37.19 34.11
CA ASN F 710 -64.83 38.05 33.41
C ASN F 710 -64.17 39.24 32.72
N SER F 711 -62.87 39.13 32.41
CA SER F 711 -62.20 40.26 31.75
C SER F 711 -61.65 39.87 30.38
N ILE F 712 -62.01 40.66 29.38
CA ILE F 712 -61.53 40.42 28.03
C ILE F 712 -60.88 41.67 27.45
N ALA F 713 -59.81 41.48 26.69
CA ALA F 713 -59.21 42.62 25.98
C ALA F 713 -59.56 42.55 24.50
N ILE F 714 -59.98 43.68 23.95
CA ILE F 714 -60.32 43.74 22.55
C ILE F 714 -59.64 44.93 21.87
N PRO F 715 -58.89 44.68 20.80
CA PRO F 715 -58.23 45.66 19.95
C PRO F 715 -59.21 46.69 19.43
N THR F 716 -58.92 47.97 19.66
CA THR F 716 -59.75 49.03 19.10
C THR F 716 -59.14 49.58 17.81
N ASN F 717 -57.94 49.10 17.47
CA ASN F 717 -57.20 49.50 16.28
C ASN F 717 -56.38 48.32 15.77
N PHE F 718 -55.67 48.51 14.67
CA PHE F 718 -54.79 47.49 14.10
C PHE F 718 -53.75 48.14 13.21
N THR F 719 -52.71 47.39 12.90
CA THR F 719 -51.72 47.84 11.93
C THR F 719 -51.53 46.81 10.84
N ILE F 720 -51.04 47.27 9.70
CA ILE F 720 -50.68 46.37 8.62
C ILE F 720 -49.19 46.19 8.60
N SER F 721 -48.75 44.97 8.87
CA SER F 721 -47.33 44.69 8.96
C SER F 721 -46.89 43.88 7.77
N VAL F 722 -45.72 44.20 7.25
CA VAL F 722 -45.15 43.39 6.19
C VAL F 722 -43.81 42.84 6.64
N THR F 723 -43.69 41.52 6.61
CA THR F 723 -42.46 40.88 7.02
C THR F 723 -41.83 40.16 5.85
N THR F 724 -40.52 39.92 5.94
CA THR F 724 -39.81 39.28 4.85
C THR F 724 -39.33 37.91 5.24
N GLU F 725 -39.67 36.92 4.41
CA GLU F 725 -39.14 35.58 4.60
C GLU F 725 -38.30 35.16 3.41
N ILE F 726 -37.06 34.79 3.68
CA ILE F 726 -36.12 34.48 2.62
C ILE F 726 -35.78 32.99 2.62
N LEU F 727 -36.03 32.33 1.50
CA LEU F 727 -35.76 30.91 1.37
C LEU F 727 -34.89 30.61 0.17
N PRO F 728 -33.87 29.75 0.34
CA PRO F 728 -33.14 29.08 -0.72
C PRO F 728 -34.05 28.21 -1.54
N VAL F 729 -33.87 28.24 -2.84
CA VAL F 729 -34.65 27.40 -3.73
C VAL F 729 -33.75 26.47 -4.51
N SER F 730 -32.62 27.01 -4.97
CA SER F 730 -31.74 26.24 -5.83
C SER F 730 -30.30 26.38 -5.40
N MET F 731 -29.47 25.50 -5.93
CA MET F 731 -28.06 25.45 -5.62
C MET F 731 -27.27 25.51 -6.92
N THR F 732 -26.06 26.04 -6.88
CA THR F 732 -25.25 26.11 -8.07
C THR F 732 -25.08 24.72 -8.68
N LYS F 733 -25.36 24.61 -9.98
CA LYS F 733 -25.30 23.32 -10.64
C LYS F 733 -23.87 22.97 -11.04
N THR F 734 -23.09 22.53 -10.08
CA THR F 734 -21.70 22.20 -10.35
C THR F 734 -21.62 20.86 -11.07
N SER F 735 -20.56 20.67 -11.82
CA SER F 735 -20.29 19.41 -12.49
C SER F 735 -18.80 19.11 -12.49
N VAL F 736 -18.43 17.93 -12.01
CA VAL F 736 -17.03 17.57 -11.95
C VAL F 736 -16.73 16.37 -12.81
N ASP F 737 -15.78 16.54 -13.71
CA ASP F 737 -15.30 15.44 -14.54
C ASP F 737 -14.33 14.58 -13.75
N CYS F 738 -14.80 13.43 -13.25
CA CYS F 738 -14.04 12.59 -12.35
C CYS F 738 -12.66 12.25 -12.90
N THR F 739 -12.63 11.75 -14.14
CA THR F 739 -11.36 11.34 -14.73
C THR F 739 -10.39 12.51 -14.85
N MET F 740 -10.88 13.66 -15.32
CA MET F 740 -9.99 14.79 -15.47
C MET F 740 -9.51 15.33 -14.13
N TYR F 741 -10.40 15.38 -13.15
CA TYR F 741 -10.02 15.87 -11.83
C TYR F 741 -8.89 15.03 -11.26
N ILE F 742 -9.02 13.71 -11.36
CA ILE F 742 -8.04 12.80 -10.79
C ILE F 742 -6.75 12.69 -11.61
N CYS F 743 -6.91 12.50 -12.93
CA CYS F 743 -5.80 12.12 -13.81
C CYS F 743 -5.40 13.23 -14.78
N GLY F 744 -6.19 14.30 -14.85
CA GLY F 744 -5.90 15.33 -15.84
C GLY F 744 -5.97 14.71 -17.24
N ASP F 745 -4.91 14.91 -18.01
CA ASP F 745 -4.84 14.37 -19.36
C ASP F 745 -3.86 13.21 -19.46
N SER F 746 -3.55 12.59 -18.32
CA SER F 746 -2.63 11.47 -18.28
C SER F 746 -3.29 10.16 -18.65
N THR F 747 -2.78 9.50 -19.68
CA THR F 747 -3.29 8.22 -20.12
C THR F 747 -2.90 7.13 -19.13
N GLU F 748 -1.70 7.24 -18.58
CA GLU F 748 -1.19 6.24 -17.65
C GLU F 748 -2.05 6.17 -16.38
N CYS F 749 -2.43 7.34 -15.86
CA CYS F 749 -3.32 7.45 -14.70
C CYS F 749 -4.71 6.94 -15.06
N SER F 750 -5.21 7.35 -16.21
CA SER F 750 -6.55 6.95 -16.64
C SER F 750 -6.68 5.43 -16.67
N ASN F 751 -5.66 4.77 -17.18
CA ASN F 751 -5.69 3.31 -17.26
C ASN F 751 -5.70 2.66 -15.88
N LEU F 752 -5.03 3.29 -14.92
CA LEU F 752 -5.03 2.79 -13.56
C LEU F 752 -6.35 3.08 -12.87
N LEU F 753 -6.97 4.20 -13.24
CA LEU F 753 -8.24 4.60 -12.67
C LEU F 753 -9.32 3.57 -13.01
N LEU F 754 -9.20 2.95 -14.18
CA LEU F 754 -10.15 1.94 -14.62
C LEU F 754 -10.15 0.70 -13.72
N GLN F 755 -9.09 0.51 -12.96
CA GLN F 755 -8.98 -0.66 -12.11
C GLN F 755 -9.92 -0.55 -10.92
N TYR F 756 -10.48 0.64 -10.73
CA TYR F 756 -11.37 0.90 -9.60
C TYR F 756 -12.82 0.72 -9.98
N GLY F 757 -13.06 0.29 -11.21
CA GLY F 757 -14.43 0.03 -11.66
C GLY F 757 -15.14 1.30 -12.08
N SER F 758 -16.37 1.46 -11.63
CA SER F 758 -17.24 2.52 -12.11
C SER F 758 -17.44 3.62 -11.08
N PHE F 759 -16.51 3.79 -10.15
CA PHE F 759 -16.64 4.84 -9.14
C PHE F 759 -16.88 6.21 -9.78
N CYS F 760 -16.15 6.51 -10.86
CA CYS F 760 -16.29 7.79 -11.57
C CYS F 760 -17.65 7.93 -12.23
N THR F 761 -18.24 6.82 -12.64
CA THR F 761 -19.57 6.88 -13.24
C THR F 761 -20.58 7.24 -12.18
N GLN F 762 -20.44 6.66 -10.99
CA GLN F 762 -21.33 6.93 -9.88
C GLN F 762 -21.23 8.39 -9.45
N LEU F 763 -20.02 8.91 -9.44
CA LEU F 763 -19.79 10.28 -9.01
C LEU F 763 -20.31 11.28 -10.04
N ASN F 764 -20.08 11.00 -11.31
CA ASN F 764 -20.57 11.88 -12.36
C ASN F 764 -22.10 11.85 -12.37
N ARG F 765 -22.66 10.67 -12.11
CA ARG F 765 -24.09 10.46 -12.08
C ARG F 765 -24.74 11.19 -10.91
N ALA F 766 -24.12 11.10 -9.74
CA ALA F 766 -24.65 11.74 -8.54
C ALA F 766 -24.72 13.24 -8.71
N LEU F 767 -23.68 13.83 -9.29
CA LEU F 767 -23.66 15.27 -9.51
C LEU F 767 -24.65 15.68 -10.57
N THR F 768 -24.83 14.84 -11.58
CA THR F 768 -25.81 15.10 -12.62
C THR F 768 -27.21 15.11 -12.01
N GLY F 769 -27.48 14.14 -11.14
CA GLY F 769 -28.76 14.04 -10.48
C GLY F 769 -29.07 15.30 -9.69
N ILE F 770 -28.07 15.83 -9.00
CA ILE F 770 -28.24 17.07 -8.25
C ILE F 770 -28.55 18.21 -9.20
N ALA F 771 -27.77 18.32 -10.27
CA ALA F 771 -27.96 19.42 -11.21
C ALA F 771 -29.36 19.44 -11.78
N VAL F 772 -29.92 18.27 -12.07
CA VAL F 772 -31.28 18.18 -12.57
C VAL F 772 -32.27 18.63 -11.51
N GLU F 773 -32.08 18.18 -10.28
CA GLU F 773 -32.95 18.56 -9.17
C GLU F 773 -33.04 20.07 -9.03
N GLN F 774 -31.94 20.77 -9.25
CA GLN F 774 -31.92 22.21 -9.03
C GLN F 774 -32.87 22.94 -9.96
N ASP F 775 -33.09 22.41 -11.16
CA ASP F 775 -34.03 23.04 -12.06
C ASP F 775 -35.45 22.68 -11.66
N LYS F 776 -35.61 21.46 -11.17
CA LYS F 776 -36.90 21.02 -10.65
C LYS F 776 -37.32 21.88 -9.47
N ASN F 777 -36.37 22.19 -8.61
CA ASN F 777 -36.65 23.01 -7.43
C ASN F 777 -37.15 24.38 -7.84
N THR F 778 -36.48 24.99 -8.81
CA THR F 778 -36.88 26.30 -9.29
C THR F 778 -38.26 26.25 -9.92
N GLN F 779 -38.51 25.23 -10.73
CA GLN F 779 -39.79 25.10 -11.39
C GLN F 779 -40.92 24.94 -10.41
N GLU F 780 -40.72 24.12 -9.39
CA GLU F 780 -41.76 23.85 -8.40
C GLU F 780 -42.18 25.10 -7.64
N VAL F 781 -41.22 26.00 -7.40
CA VAL F 781 -41.51 27.21 -6.66
C VAL F 781 -42.13 28.30 -7.52
N PHE F 782 -41.56 28.54 -8.69
CA PHE F 782 -41.96 29.70 -9.48
C PHE F 782 -42.98 29.41 -10.58
N ALA F 783 -42.89 28.24 -11.20
CA ALA F 783 -43.77 27.95 -12.33
C ALA F 783 -45.08 27.35 -11.84
N GLN F 784 -45.81 28.10 -11.04
CA GLN F 784 -47.08 27.63 -10.48
C GLN F 784 -48.28 28.25 -11.17
N VAL F 785 -48.02 29.07 -12.17
CA VAL F 785 -49.09 29.72 -12.89
C VAL F 785 -49.01 29.38 -14.37
N LYS F 786 -50.14 28.96 -14.93
CA LYS F 786 -50.19 28.53 -16.33
C LYS F 786 -50.08 29.70 -17.30
N GLN F 787 -50.63 30.84 -16.92
CA GLN F 787 -50.63 32.02 -17.77
C GLN F 787 -49.71 33.09 -17.21
N ILE F 788 -49.19 33.92 -18.08
CA ILE F 788 -48.40 35.05 -17.65
C ILE F 788 -49.27 36.28 -17.56
N TYR F 789 -49.68 36.60 -16.34
CA TYR F 789 -50.63 37.65 -16.12
C TYR F 789 -49.97 39.01 -16.14
N LYS F 790 -50.67 39.98 -16.71
CA LYS F 790 -50.17 41.35 -16.77
C LYS F 790 -51.05 42.29 -15.98
N THR F 791 -50.44 43.28 -15.34
CA THR F 791 -51.18 44.32 -14.65
C THR F 791 -51.71 45.32 -15.68
N PRO F 792 -52.75 46.07 -15.34
CA PRO F 792 -53.32 47.14 -16.15
C PRO F 792 -52.34 48.30 -16.27
N PRO F 793 -52.41 49.06 -17.36
CA PRO F 793 -51.74 50.32 -17.62
C PRO F 793 -51.98 51.33 -16.50
N ILE F 794 -53.18 51.33 -15.93
CA ILE F 794 -53.51 52.26 -14.87
C ILE F 794 -53.58 51.54 -13.52
N LYS F 795 -52.62 51.85 -12.66
CA LYS F 795 -52.50 51.16 -11.39
C LYS F 795 -53.41 51.76 -10.32
N ASP F 796 -54.71 51.62 -10.51
CA ASP F 796 -55.67 52.10 -9.51
C ASP F 796 -56.19 50.95 -8.66
N PHE F 797 -55.63 50.83 -7.48
CA PHE F 797 -55.98 49.74 -6.59
C PHE F 797 -56.60 50.25 -5.31
N GLY F 798 -57.18 51.44 -5.39
CA GLY F 798 -57.90 52.02 -4.25
C GLY F 798 -56.97 52.65 -3.22
N GLY F 799 -55.79 53.08 -3.66
CA GLY F 799 -54.83 53.70 -2.75
C GLY F 799 -53.68 52.79 -2.41
N PHE F 800 -53.79 51.53 -2.80
CA PHE F 800 -52.72 50.57 -2.54
C PHE F 800 -51.63 50.66 -3.62
N ASN F 801 -50.42 50.99 -3.18
CA ASN F 801 -49.28 51.23 -4.05
C ASN F 801 -48.35 50.02 -4.10
N PHE F 802 -48.26 49.38 -5.26
CA PHE F 802 -47.46 48.16 -5.44
C PHE F 802 -46.21 48.42 -6.30
N SER F 803 -45.82 49.69 -6.42
CA SER F 803 -44.73 50.04 -7.32
C SER F 803 -43.39 49.44 -6.93
N GLN F 804 -43.25 49.02 -5.68
CA GLN F 804 -41.98 48.49 -5.19
C GLN F 804 -41.89 46.98 -5.37
N ILE F 805 -43.01 46.34 -5.69
CA ILE F 805 -43.01 44.90 -5.87
C ILE F 805 -43.27 44.52 -7.32
N LEU F 806 -43.86 45.46 -8.08
CA LEU F 806 -44.07 45.24 -9.50
C LEU F 806 -42.80 45.63 -10.29
N PRO F 807 -42.57 45.01 -11.45
CA PRO F 807 -41.45 45.25 -12.34
C PRO F 807 -41.30 46.72 -12.69
N ASP F 808 -40.06 47.21 -12.66
CA ASP F 808 -39.74 48.57 -13.04
C ASP F 808 -39.40 48.64 -14.52
N PRO F 809 -40.27 49.21 -15.36
CA PRO F 809 -40.22 49.19 -16.81
C PRO F 809 -39.05 49.99 -17.36
N SER F 810 -38.43 50.81 -16.52
CA SER F 810 -37.31 51.64 -16.97
C SER F 810 -36.00 50.86 -16.98
N LYS F 811 -36.00 49.68 -16.37
CA LYS F 811 -34.78 48.88 -16.30
C LYS F 811 -34.89 47.65 -17.21
N PRO F 812 -33.88 47.38 -18.03
CA PRO F 812 -33.76 46.25 -18.96
C PRO F 812 -34.03 44.90 -18.30
N SER F 813 -33.69 44.79 -17.01
CA SER F 813 -33.86 43.54 -16.28
C SER F 813 -35.32 43.27 -15.92
N LYS F 814 -36.16 44.29 -16.02
CA LYS F 814 -37.57 44.19 -15.68
C LYS F 814 -37.79 43.63 -14.28
N ARG F 815 -37.00 44.10 -13.33
CA ARG F 815 -37.14 43.68 -11.94
C ARG F 815 -37.85 44.77 -11.15
N SER F 816 -38.50 44.39 -10.07
CA SER F 816 -39.08 45.37 -9.17
C SER F 816 -37.96 46.07 -8.43
N PRO F 817 -38.18 47.26 -7.89
CA PRO F 817 -37.27 48.00 -7.02
C PRO F 817 -36.74 47.14 -5.89
N ILE F 818 -37.59 46.29 -5.30
CA ILE F 818 -37.14 45.39 -4.25
C ILE F 818 -36.33 44.23 -4.81
N GLU F 819 -36.77 43.64 -5.91
CA GLU F 819 -36.00 42.57 -6.54
C GLU F 819 -34.63 43.05 -6.95
N ASP F 820 -34.56 44.28 -7.45
CA ASP F 820 -33.31 44.86 -7.88
C ASP F 820 -32.35 44.95 -6.69
N LEU F 821 -32.87 45.38 -5.55
CA LEU F 821 -32.10 45.44 -4.32
C LEU F 821 -31.63 44.07 -3.88
N LEU F 822 -32.51 43.07 -3.96
CA LEU F 822 -32.17 41.72 -3.51
C LEU F 822 -31.01 41.16 -4.33
N PHE F 823 -31.05 41.37 -5.64
CA PHE F 823 -30.00 40.89 -6.52
C PHE F 823 -28.70 41.63 -6.33
N ASN F 824 -28.79 42.91 -5.99
CA ASN F 824 -27.58 43.70 -5.74
C ASN F 824 -26.89 43.26 -4.45
N LYS F 825 -27.67 42.83 -3.47
CA LYS F 825 -27.11 42.38 -2.20
C LYS F 825 -26.41 41.03 -2.30
N VAL F 826 -26.99 40.10 -3.06
CA VAL F 826 -26.41 38.76 -3.29
C VAL F 826 -26.39 38.48 -4.79
N PHE F 855 -10.87 24.82 -14.72
CA PHE F 855 -9.44 24.53 -14.82
C PHE F 855 -9.11 23.07 -14.54
N ASN F 856 -9.87 22.44 -13.65
CA ASN F 856 -9.53 21.09 -13.20
C ASN F 856 -10.68 20.12 -13.45
N GLY F 857 -11.40 20.31 -14.54
CA GLY F 857 -12.54 19.47 -14.86
C GLY F 857 -13.77 19.93 -14.09
N LEU F 858 -13.65 21.07 -13.45
CA LEU F 858 -14.73 21.64 -12.63
C LEU F 858 -15.46 22.74 -13.38
N THR F 859 -16.71 22.49 -13.73
CA THR F 859 -17.48 23.48 -14.47
C THR F 859 -18.82 23.75 -13.79
N VAL F 860 -19.47 24.84 -14.20
CA VAL F 860 -20.78 25.18 -13.68
C VAL F 860 -21.80 25.31 -14.79
N LEU F 861 -22.90 24.59 -14.66
CA LEU F 861 -23.95 24.60 -15.66
C LEU F 861 -24.95 25.72 -15.35
N PRO F 862 -25.47 26.40 -16.36
CA PRO F 862 -26.48 27.43 -16.24
C PRO F 862 -27.82 26.80 -15.90
N PRO F 863 -28.63 27.49 -15.09
CA PRO F 863 -30.03 27.19 -14.81
C PRO F 863 -30.85 27.19 -16.09
N LEU F 864 -31.88 26.36 -16.12
CA LEU F 864 -32.77 26.34 -17.27
C LEU F 864 -33.54 27.65 -17.36
N LEU F 865 -34.02 28.13 -16.22
CA LEU F 865 -34.72 29.40 -16.17
C LEU F 865 -33.78 30.52 -15.76
N THR F 866 -33.63 31.49 -16.64
CA THR F 866 -32.75 32.62 -16.37
C THR F 866 -33.41 33.55 -15.38
N ASP F 867 -32.63 34.47 -14.82
CA ASP F 867 -33.18 35.41 -13.86
C ASP F 867 -34.36 36.17 -14.44
N GLU F 868 -34.27 36.47 -15.73
CA GLU F 868 -35.34 37.16 -16.42
C GLU F 868 -36.61 36.34 -16.43
N MET F 869 -36.49 35.03 -16.65
CA MET F 869 -37.65 34.16 -16.72
C MET F 869 -38.27 33.96 -15.35
N ILE F 870 -37.43 33.91 -14.33
CA ILE F 870 -37.92 33.79 -12.97
C ILE F 870 -38.65 35.07 -12.59
N ALA F 871 -38.11 36.21 -12.99
CA ALA F 871 -38.76 37.49 -12.75
C ALA F 871 -40.11 37.55 -13.45
N GLN F 872 -40.21 36.97 -14.65
CA GLN F 872 -41.48 36.95 -15.36
C GLN F 872 -42.51 36.10 -14.64
N TYR F 873 -42.09 34.94 -14.11
CA TYR F 873 -43.01 34.13 -13.34
C TYR F 873 -43.50 34.88 -12.12
N THR F 874 -42.59 35.57 -11.46
CA THR F 874 -42.93 36.31 -10.26
C THR F 874 -43.92 37.42 -10.58
N SER F 875 -43.69 38.14 -11.67
CA SER F 875 -44.57 39.24 -12.04
C SER F 875 -45.95 38.72 -12.41
N ALA F 876 -46.01 37.52 -12.99
CA ALA F 876 -47.29 36.92 -13.33
C ALA F 876 -48.07 36.59 -12.07
N LEU F 877 -47.37 36.07 -11.07
CA LEU F 877 -47.98 35.73 -9.81
C LEU F 877 -48.45 36.99 -9.10
N LEU F 878 -47.68 38.06 -9.19
CA LEU F 878 -48.06 39.33 -8.60
C LEU F 878 -49.27 39.91 -9.29
N ALA F 879 -49.28 39.87 -10.62
CA ALA F 879 -50.38 40.42 -11.39
C ALA F 879 -51.66 39.68 -11.06
N GLY F 880 -51.56 38.36 -10.95
CA GLY F 880 -52.72 37.55 -10.62
C GLY F 880 -53.22 37.89 -9.22
N THR F 881 -52.31 37.92 -8.26
CA THR F 881 -52.67 38.18 -6.88
C THR F 881 -53.36 39.52 -6.74
N ILE F 882 -52.87 40.53 -7.44
CA ILE F 882 -53.41 41.87 -7.34
C ILE F 882 -54.74 42.05 -8.08
N THR F 883 -54.85 41.51 -9.29
CA THR F 883 -56.04 41.77 -10.09
C THR F 883 -57.16 40.74 -9.94
N SER F 884 -56.84 39.52 -9.53
CA SER F 884 -57.86 38.47 -9.46
C SER F 884 -57.82 37.69 -8.16
N GLY F 885 -57.17 38.24 -7.15
CA GLY F 885 -57.10 37.60 -5.85
C GLY F 885 -56.50 36.20 -5.94
N TRP F 886 -57.18 35.23 -5.34
CA TRP F 886 -56.70 33.86 -5.35
C TRP F 886 -57.41 33.00 -6.38
N THR F 887 -58.29 33.59 -7.17
CA THR F 887 -59.12 32.79 -8.05
C THR F 887 -58.30 32.15 -9.15
N PHE F 888 -57.24 32.85 -9.57
CA PHE F 888 -56.39 32.37 -10.64
C PHE F 888 -55.56 31.18 -10.19
N GLY F 889 -55.50 30.96 -8.88
CA GLY F 889 -54.75 29.85 -8.34
C GLY F 889 -55.62 28.61 -8.19
N ALA F 890 -56.91 28.75 -8.53
CA ALA F 890 -57.84 27.63 -8.43
C ALA F 890 -58.41 27.28 -9.79
N GLY F 891 -58.80 28.30 -10.54
CA GLY F 891 -59.34 28.11 -11.88
C GLY F 891 -58.87 29.25 -12.78
N PRO F 892 -59.79 29.93 -13.46
CA PRO F 892 -59.56 31.10 -14.28
C PRO F 892 -59.33 32.32 -13.41
N ALA F 893 -58.67 33.33 -13.94
CA ALA F 893 -58.48 34.57 -13.20
C ALA F 893 -59.74 35.41 -13.26
N LEU F 894 -60.36 35.61 -12.11
CA LEU F 894 -61.58 36.40 -12.01
C LEU F 894 -61.28 37.78 -11.46
N GLN F 895 -61.41 38.80 -12.30
CA GLN F 895 -61.06 40.13 -11.85
C GLN F 895 -61.92 40.56 -10.67
N ILE F 896 -61.32 41.34 -9.78
CA ILE F 896 -62.00 41.90 -8.63
C ILE F 896 -61.27 43.19 -8.23
N PRO F 897 -61.99 44.26 -7.86
CA PRO F 897 -61.43 45.48 -7.34
C PRO F 897 -60.54 45.15 -6.16
N PHE F 898 -59.36 45.77 -6.11
CA PHE F 898 -58.44 45.39 -5.05
C PHE F 898 -59.00 45.59 -3.64
N PRO F 899 -59.63 46.73 -3.32
CA PRO F 899 -60.25 47.00 -2.04
C PRO F 899 -61.25 45.92 -1.65
N MET F 900 -61.95 45.38 -2.65
CA MET F 900 -62.93 44.35 -2.41
C MET F 900 -62.25 43.03 -2.10
N GLN F 901 -61.12 42.80 -2.76
CA GLN F 901 -60.30 41.64 -2.49
C GLN F 901 -59.75 41.68 -1.08
N MET F 902 -59.30 42.86 -0.66
CA MET F 902 -58.78 43.03 0.68
C MET F 902 -59.89 42.85 1.71
N ALA F 903 -61.09 43.27 1.35
CA ALA F 903 -62.25 43.09 2.22
C ALA F 903 -62.52 41.61 2.46
N TYR F 904 -62.34 40.80 1.43
CA TYR F 904 -62.56 39.36 1.56
C TYR F 904 -61.48 38.76 2.45
N ARG F 905 -60.27 39.29 2.33
CA ARG F 905 -59.15 38.84 3.13
C ARG F 905 -59.33 39.22 4.60
N PHE F 906 -60.02 40.34 4.84
CA PHE F 906 -60.37 40.71 6.20
C PHE F 906 -61.39 39.75 6.78
N ASN F 907 -62.38 39.38 5.98
CA ASN F 907 -63.37 38.41 6.44
C ASN F 907 -62.67 37.09 6.79
N GLY F 908 -61.64 36.75 6.03
CA GLY F 908 -60.91 35.52 6.21
C GLY F 908 -60.15 35.45 7.53
N ILE F 909 -60.00 36.58 8.21
CA ILE F 909 -59.29 36.61 9.49
C ILE F 909 -60.22 36.95 10.64
N GLY F 910 -61.53 36.90 10.38
CA GLY F 910 -62.51 37.15 11.42
C GLY F 910 -62.75 38.63 11.68
N VAL F 911 -62.55 39.45 10.65
CA VAL F 911 -62.80 40.88 10.75
C VAL F 911 -63.80 41.28 9.68
N THR F 912 -64.85 41.99 10.07
CA THR F 912 -65.92 42.28 9.13
C THR F 912 -65.45 43.23 8.02
N GLN F 913 -66.06 43.09 6.85
CA GLN F 913 -65.61 43.79 5.65
C GLN F 913 -65.74 45.30 5.73
N ASN F 914 -66.65 45.77 6.58
CA ASN F 914 -66.85 47.20 6.69
C ASN F 914 -65.66 47.86 7.34
N VAL F 915 -64.84 47.08 8.06
CA VAL F 915 -63.66 47.61 8.70
C VAL F 915 -62.66 48.03 7.63
N LEU F 916 -62.56 47.21 6.59
CA LEU F 916 -61.67 47.50 5.49
C LEU F 916 -62.11 48.76 4.77
N TYR F 917 -63.39 48.86 4.48
CA TYR F 917 -63.90 49.98 3.69
C TYR F 917 -63.87 51.28 4.48
N GLU F 918 -64.28 51.22 5.75
CA GLU F 918 -64.32 52.41 6.58
C GLU F 918 -62.94 52.97 6.81
N ASN F 919 -61.95 52.09 6.90
CA ASN F 919 -60.58 52.49 7.13
C ASN F 919 -59.73 52.30 5.89
N GLN F 920 -60.35 52.26 4.71
CA GLN F 920 -59.60 51.97 3.50
C GLN F 920 -58.40 52.87 3.30
N LYS F 921 -58.57 54.16 3.58
CA LYS F 921 -57.47 55.10 3.39
C LYS F 921 -56.33 54.81 4.36
N LEU F 922 -56.67 54.57 5.61
CA LEU F 922 -55.68 54.25 6.63
C LEU F 922 -54.94 52.97 6.30
N ILE F 923 -55.69 51.96 5.88
CA ILE F 923 -55.12 50.65 5.59
C ILE F 923 -54.16 50.73 4.42
N ALA F 924 -54.57 51.45 3.37
CA ALA F 924 -53.72 51.62 2.22
C ALA F 924 -52.44 52.35 2.61
N ASN F 925 -52.55 53.32 3.51
CA ASN F 925 -51.38 54.07 3.96
C ASN F 925 -50.45 53.22 4.80
N GLN F 926 -51.02 52.41 5.69
CA GLN F 926 -50.22 51.51 6.51
C GLN F 926 -49.52 50.49 5.64
N PHE F 927 -50.23 50.01 4.62
CA PHE F 927 -49.65 49.07 3.69
C PHE F 927 -48.50 49.68 2.92
N ASN F 928 -48.72 50.86 2.36
CA ASN F 928 -47.72 51.52 1.54
C ASN F 928 -46.48 51.83 2.37
N SER F 929 -46.69 52.23 3.61
CA SER F 929 -45.59 52.53 4.51
C SER F 929 -44.78 51.28 4.80
N ALA F 930 -45.47 50.19 5.09
CA ALA F 930 -44.82 48.93 5.41
C ALA F 930 -43.96 48.44 4.26
N ILE F 931 -44.44 48.59 3.04
CA ILE F 931 -43.66 48.18 1.87
C ILE F 931 -42.40 49.04 1.75
N GLY F 932 -42.54 50.34 1.96
CA GLY F 932 -41.40 51.23 1.93
C GLY F 932 -40.36 50.81 2.96
N LYS F 933 -40.84 50.39 4.14
CA LYS F 933 -39.95 49.93 5.20
C LYS F 933 -39.17 48.68 4.78
N ILE F 934 -39.79 47.82 3.98
CA ILE F 934 -39.12 46.61 3.53
C ILE F 934 -37.88 46.93 2.74
N GLN F 935 -37.99 47.86 1.79
CA GLN F 935 -36.85 48.21 0.97
C GLN F 935 -35.74 48.84 1.80
N ASP F 936 -36.13 49.68 2.76
CA ASP F 936 -35.14 50.32 3.63
C ASP F 936 -34.49 49.32 4.57
N SER F 937 -35.27 48.37 5.07
CA SER F 937 -34.76 47.36 5.98
C SER F 937 -33.73 46.48 5.30
N LEU F 938 -34.04 46.05 4.09
CA LEU F 938 -33.12 45.20 3.34
C LEU F 938 -31.85 45.98 2.99
N SER F 939 -32.03 47.22 2.54
CA SER F 939 -30.90 48.04 2.12
C SER F 939 -29.92 48.28 3.27
N SER F 940 -30.46 48.51 4.46
CA SER F 940 -29.66 48.84 5.62
C SER F 940 -29.26 47.62 6.45
N THR F 941 -29.60 46.42 5.98
CA THR F 941 -29.29 45.20 6.72
C THR F 941 -28.59 44.17 5.84
N PRO F 942 -27.26 44.24 5.71
CA PRO F 942 -26.42 43.42 4.86
C PRO F 942 -26.60 41.92 5.15
N SER F 943 -27.00 41.60 6.37
CA SER F 943 -27.17 40.22 6.80
C SER F 943 -28.55 39.66 6.45
N ALA F 944 -29.41 40.50 5.90
CA ALA F 944 -30.79 40.12 5.65
C ALA F 944 -30.89 38.91 4.76
N LEU F 945 -29.98 38.79 3.79
CA LEU F 945 -30.03 37.70 2.83
C LEU F 945 -28.98 36.65 3.15
N GLY F 946 -28.57 36.59 4.42
CA GLY F 946 -27.58 35.62 4.85
C GLY F 946 -27.99 34.20 4.49
N LYS F 947 -29.29 33.91 4.52
CA LYS F 947 -29.76 32.57 4.20
C LYS F 947 -29.40 32.16 2.77
N LEU F 948 -29.35 33.12 1.85
CA LEU F 948 -29.00 32.80 0.47
C LEU F 948 -27.49 32.81 0.30
N GLN F 949 -26.84 33.73 1.01
CA GLN F 949 -25.40 33.87 0.92
C GLN F 949 -24.71 32.65 1.52
N ASP F 950 -25.30 32.09 2.57
CA ASP F 950 -24.75 30.90 3.22
C ASP F 950 -24.68 29.73 2.26
N VAL F 951 -25.67 29.61 1.39
CA VAL F 951 -25.69 28.54 0.42
C VAL F 951 -24.56 28.72 -0.58
N VAL F 952 -24.41 29.96 -1.04
CA VAL F 952 -23.35 30.28 -1.98
C VAL F 952 -21.98 30.03 -1.36
N ASN F 953 -21.82 30.42 -0.10
CA ASN F 953 -20.55 30.27 0.59
C ASN F 953 -20.20 28.81 0.82
N GLN F 954 -21.19 28.00 1.15
CA GLN F 954 -20.94 26.58 1.40
C GLN F 954 -20.49 25.85 0.16
N ASN F 955 -21.08 26.19 -0.98
CA ASN F 955 -20.73 25.53 -2.22
C ASN F 955 -19.40 26.01 -2.74
N ALA F 956 -19.13 27.31 -2.59
CA ALA F 956 -17.85 27.85 -3.01
C ALA F 956 -16.74 27.26 -2.17
N GLN F 957 -17.02 27.09 -0.89
CA GLN F 957 -16.05 26.51 0.04
C GLN F 957 -15.79 25.06 -0.32
N ALA F 958 -16.85 24.32 -0.65
CA ALA F 958 -16.72 22.92 -1.02
C ALA F 958 -15.86 22.75 -2.26
N LEU F 959 -16.06 23.62 -3.25
CA LEU F 959 -15.28 23.55 -4.47
C LEU F 959 -13.83 23.93 -4.23
N ASN F 960 -13.61 24.94 -3.39
CA ASN F 960 -12.25 25.37 -3.11
C ASN F 960 -11.49 24.28 -2.41
N THR F 961 -12.16 23.58 -1.49
CA THR F 961 -11.52 22.48 -0.79
C THR F 961 -11.18 21.35 -1.74
N LEU F 962 -12.12 21.03 -2.63
CA LEU F 962 -11.91 19.97 -3.60
C LEU F 962 -10.69 20.27 -4.46
N VAL F 963 -10.58 21.51 -4.91
CA VAL F 963 -9.45 21.92 -5.73
C VAL F 963 -8.13 21.86 -4.97
N LYS F 964 -8.14 22.36 -3.74
CA LYS F 964 -6.93 22.35 -2.92
C LYS F 964 -6.38 20.96 -2.69
N GLN F 965 -7.26 19.96 -2.64
CA GLN F 965 -6.83 18.59 -2.42
C GLN F 965 -5.93 18.07 -3.52
N LEU F 966 -5.94 18.72 -4.68
CA LEU F 966 -5.10 18.31 -5.78
C LEU F 966 -3.63 18.62 -5.50
N SER F 967 -3.39 19.46 -4.50
CA SER F 967 -2.05 19.86 -4.13
C SER F 967 -1.47 18.94 -3.07
N SER F 968 -2.25 17.96 -2.63
CA SER F 968 -1.80 17.03 -1.61
C SER F 968 -1.03 15.87 -2.24
N ASN F 969 -0.05 15.36 -1.51
CA ASN F 969 0.76 14.25 -1.99
C ASN F 969 0.10 12.91 -1.75
N PHE F 970 -0.61 12.80 -0.63
CA PHE F 970 -1.24 11.54 -0.23
C PHE F 970 -0.22 10.41 -0.13
N GLY F 971 1.03 10.77 0.17
CA GLY F 971 2.09 9.79 0.34
C GLY F 971 2.98 9.69 -0.90
N ALA F 972 2.54 10.29 -1.99
CA ALA F 972 3.31 10.28 -3.23
C ALA F 972 4.50 11.22 -3.13
N ILE F 973 5.50 10.99 -3.97
CA ILE F 973 6.67 11.87 -4.05
C ILE F 973 6.31 13.27 -4.50
N SER F 974 5.18 13.41 -5.17
CA SER F 974 4.74 14.69 -5.67
C SER F 974 3.24 14.74 -5.85
N SER F 975 2.65 15.91 -5.64
CA SER F 975 1.23 16.14 -5.88
C SER F 975 0.96 16.34 -7.36
N VAL F 976 2.03 16.52 -8.13
CA VAL F 976 1.91 16.80 -9.55
C VAL F 976 2.13 15.54 -10.37
N LEU F 977 1.09 15.15 -11.09
CA LEU F 977 1.10 13.91 -11.85
C LEU F 977 2.16 13.94 -12.94
N ASN F 978 2.34 15.10 -13.56
CA ASN F 978 3.31 15.26 -14.63
C ASN F 978 4.74 15.11 -14.14
N ASP F 979 5.00 15.49 -12.89
CA ASP F 979 6.34 15.39 -12.34
C ASP F 979 6.69 13.93 -12.09
N ILE F 980 5.71 13.17 -11.64
CA ILE F 980 5.90 11.74 -11.42
C ILE F 980 6.20 11.04 -12.73
N LEU F 981 5.44 11.36 -13.76
CA LEU F 981 5.59 10.73 -15.06
C LEU F 981 6.89 11.11 -15.76
N SER F 982 7.37 12.33 -15.54
CA SER F 982 8.61 12.77 -16.16
C SER F 982 9.83 12.16 -15.49
N ARG F 983 9.70 11.79 -14.22
CA ARG F 983 10.83 11.22 -13.49
C ARG F 983 10.87 9.70 -13.51
N LEU F 984 9.73 9.05 -13.30
CA LEU F 984 9.73 7.61 -13.10
C LEU F 984 9.24 6.83 -14.31
N ASP F 985 9.72 5.59 -14.44
CA ASP F 985 9.22 4.63 -15.39
C ASP F 985 7.94 4.00 -14.84
N PRO F 986 7.05 3.49 -15.69
CA PRO F 986 5.76 2.91 -15.35
C PRO F 986 5.75 1.99 -14.11
N PRO F 987 6.70 1.05 -13.93
CA PRO F 987 6.76 0.13 -12.81
C PRO F 987 6.87 0.84 -11.46
N GLU F 988 7.39 2.07 -11.47
CA GLU F 988 7.52 2.85 -10.25
C GLU F 988 6.54 4.00 -10.23
N ALA F 989 6.21 4.53 -11.41
CA ALA F 989 5.27 5.62 -11.52
C ALA F 989 3.91 5.15 -11.07
N GLU F 990 3.57 3.91 -11.40
CA GLU F 990 2.29 3.34 -11.03
C GLU F 990 2.04 3.43 -9.54
N VAL F 991 3.08 3.20 -8.74
CA VAL F 991 2.93 3.24 -7.30
C VAL F 991 2.61 4.65 -6.83
N GLN F 992 3.35 5.62 -7.35
CA GLN F 992 3.15 7.00 -6.95
C GLN F 992 1.81 7.52 -7.45
N ILE F 993 1.41 7.08 -8.64
CA ILE F 993 0.15 7.50 -9.24
C ILE F 993 -1.01 6.90 -8.48
N ASP F 994 -0.88 5.62 -8.11
CA ASP F 994 -1.92 4.94 -7.37
C ASP F 994 -2.23 5.69 -6.08
N ARG F 995 -1.19 6.22 -5.44
CA ARG F 995 -1.38 6.97 -4.21
C ARG F 995 -2.17 8.25 -4.46
N LEU F 996 -1.89 8.92 -5.58
CA LEU F 996 -2.64 10.12 -5.92
C LEU F 996 -4.07 9.78 -6.31
N ILE F 997 -4.28 8.67 -7.00
CA ILE F 997 -5.63 8.27 -7.39
C ILE F 997 -6.46 7.98 -6.16
N THR F 998 -5.91 7.24 -5.22
CA THR F 998 -6.66 6.91 -4.02
C THR F 998 -7.05 8.17 -3.27
N GLY F 999 -6.11 9.08 -3.11
CA GLY F 999 -6.35 10.32 -2.38
C GLY F 999 -7.34 11.23 -3.10
N ARG F 1000 -7.18 11.37 -4.40
CA ARG F 1000 -8.02 12.26 -5.17
C ARG F 1000 -9.42 11.69 -5.36
N LEU F 1001 -9.51 10.38 -5.52
CA LEU F 1001 -10.79 9.72 -5.64
C LEU F 1001 -11.55 9.86 -4.34
N GLN F 1002 -10.86 9.67 -3.22
CA GLN F 1002 -11.44 9.83 -1.91
C GLN F 1002 -11.92 11.26 -1.69
N SER F 1003 -11.12 12.22 -2.16
CA SER F 1003 -11.48 13.62 -2.01
C SER F 1003 -12.72 13.96 -2.80
N LEU F 1004 -12.83 13.39 -3.99
CA LEU F 1004 -13.99 13.63 -4.84
C LEU F 1004 -15.23 12.96 -4.27
N GLN F 1005 -15.08 11.76 -3.70
CA GLN F 1005 -16.20 11.09 -3.08
C GLN F 1005 -16.72 11.89 -1.90
N THR F 1006 -15.80 12.48 -1.15
CA THR F 1006 -16.18 13.31 -0.01
C THR F 1006 -17.01 14.50 -0.48
N TYR F 1007 -16.54 15.16 -1.53
CA TYR F 1007 -17.24 16.29 -2.11
C TYR F 1007 -18.65 15.93 -2.53
N VAL F 1008 -18.78 14.85 -3.29
CA VAL F 1008 -20.07 14.46 -3.82
C VAL F 1008 -21.04 14.10 -2.70
N THR F 1009 -20.56 13.37 -1.70
CA THR F 1009 -21.41 13.00 -0.59
C THR F 1009 -21.97 14.24 0.09
N GLN F 1010 -21.13 15.23 0.31
CA GLN F 1010 -21.56 16.46 0.96
C GLN F 1010 -22.56 17.21 0.11
N GLN F 1011 -22.39 17.16 -1.22
CA GLN F 1011 -23.31 17.84 -2.12
C GLN F 1011 -24.67 17.17 -2.14
N LEU F 1012 -24.69 15.85 -1.99
CA LEU F 1012 -25.95 15.12 -1.96
C LEU F 1012 -26.73 15.44 -0.70
N ILE F 1013 -26.02 15.51 0.42
CA ILE F 1013 -26.66 15.84 1.69
C ILE F 1013 -27.13 17.28 1.67
N ARG F 1014 -26.30 18.17 1.16
CA ARG F 1014 -26.65 19.57 1.05
C ARG F 1014 -27.78 19.78 0.07
N ALA F 1015 -27.79 19.01 -1.01
CA ALA F 1015 -28.85 19.09 -1.99
C ALA F 1015 -30.18 18.74 -1.36
N ALA F 1016 -30.16 17.76 -0.45
CA ALA F 1016 -31.39 17.35 0.22
C ALA F 1016 -31.95 18.49 1.06
N GLU F 1017 -31.07 19.26 1.68
CA GLU F 1017 -31.50 20.41 2.48
C GLU F 1017 -32.12 21.48 1.59
N ILE F 1018 -31.49 21.73 0.45
CA ILE F 1018 -32.01 22.71 -0.50
C ILE F 1018 -33.36 22.25 -1.05
N ARG F 1019 -33.48 20.96 -1.33
CA ARG F 1019 -34.73 20.42 -1.84
C ARG F 1019 -35.85 20.65 -0.83
N ALA F 1020 -35.57 20.38 0.44
CA ALA F 1020 -36.55 20.58 1.49
C ALA F 1020 -36.97 22.05 1.56
N SER F 1021 -36.00 22.95 1.43
CA SER F 1021 -36.28 24.37 1.45
C SER F 1021 -37.13 24.77 0.24
N ALA F 1022 -36.79 24.23 -0.92
CA ALA F 1022 -37.55 24.50 -2.14
C ALA F 1022 -38.98 24.00 -2.01
N ASN F 1023 -39.15 22.86 -1.37
CA ASN F 1023 -40.48 22.30 -1.16
C ASN F 1023 -41.30 23.19 -0.23
N LEU F 1024 -40.63 23.74 0.77
CA LEU F 1024 -41.29 24.66 1.68
C LEU F 1024 -41.67 25.93 0.95
N ALA F 1025 -40.76 26.43 0.12
CA ALA F 1025 -41.01 27.62 -0.65
C ALA F 1025 -42.17 27.42 -1.61
N ALA F 1026 -42.24 26.24 -2.21
CA ALA F 1026 -43.31 25.92 -3.13
C ALA F 1026 -44.64 25.87 -2.41
N THR F 1027 -44.63 25.34 -1.20
CA THR F 1027 -45.84 25.26 -0.40
C THR F 1027 -46.33 26.65 -0.03
N LYS F 1028 -45.39 27.52 0.35
CA LYS F 1028 -45.73 28.89 0.68
C LYS F 1028 -46.22 29.65 -0.54
N MET F 1029 -45.64 29.38 -1.69
CA MET F 1029 -46.11 30.02 -2.89
C MET F 1029 -47.58 29.68 -3.11
N SER F 1030 -47.93 28.42 -2.92
CA SER F 1030 -49.31 27.99 -3.10
C SER F 1030 -50.25 28.52 -2.02
N GLU F 1031 -49.82 28.47 -0.77
CA GLU F 1031 -50.72 28.76 0.34
C GLU F 1031 -50.69 30.21 0.84
N CYS F 1032 -49.59 30.92 0.62
CA CYS F 1032 -49.42 32.30 1.08
C CYS F 1032 -49.69 33.27 -0.05
N VAL F 1033 -49.33 32.88 -1.27
CA VAL F 1033 -49.48 33.77 -2.41
C VAL F 1033 -50.72 33.45 -3.24
N LEU F 1034 -50.92 32.18 -3.56
CA LEU F 1034 -52.07 31.79 -4.38
C LEU F 1034 -53.32 31.56 -3.54
N GLY F 1035 -53.26 31.95 -2.28
CA GLY F 1035 -54.39 31.83 -1.37
C GLY F 1035 -54.11 32.53 -0.06
N GLN F 1036 -55.05 32.40 0.87
CA GLN F 1036 -54.92 32.97 2.19
C GLN F 1036 -54.81 31.86 3.21
N SER F 1037 -53.75 31.88 3.99
CA SER F 1037 -53.48 30.79 4.92
C SER F 1037 -54.10 31.03 6.29
N LYS F 1038 -54.54 29.94 6.92
CA LYS F 1038 -55.03 29.97 8.29
C LYS F 1038 -54.06 29.26 9.21
N ARG F 1039 -52.87 28.98 8.69
CA ARG F 1039 -51.83 28.32 9.46
C ARG F 1039 -50.98 29.34 10.16
N VAL F 1040 -50.95 29.26 11.48
CA VAL F 1040 -50.26 30.25 12.30
C VAL F 1040 -48.77 30.24 12.04
N ASP F 1041 -48.20 31.43 11.86
CA ASP F 1041 -46.78 31.62 11.61
C ASP F 1041 -46.30 30.99 10.32
N PHE F 1042 -47.22 30.55 9.48
CA PHE F 1042 -46.82 29.98 8.20
C PHE F 1042 -46.53 31.05 7.16
N CYS F 1043 -47.33 32.13 7.17
CA CYS F 1043 -47.22 33.22 6.20
C CYS F 1043 -47.00 34.53 6.95
N GLY F 1044 -45.99 34.56 7.81
CA GLY F 1044 -45.68 35.76 8.58
C GLY F 1044 -46.33 35.71 9.96
N LYS F 1045 -45.90 36.61 10.84
CA LYS F 1045 -46.42 36.67 12.20
C LYS F 1045 -47.57 37.66 12.28
N GLY F 1046 -48.74 37.16 12.64
CA GLY F 1046 -49.96 37.95 12.65
C GLY F 1046 -51.04 37.19 11.90
N TYR F 1047 -52.13 37.86 11.55
CA TYR F 1047 -53.18 37.21 10.79
C TYR F 1047 -52.95 37.42 9.30
N HIS F 1048 -52.65 36.35 8.60
CA HIS F 1048 -52.27 36.45 7.21
C HIS F 1048 -53.37 37.05 6.36
N LEU F 1049 -53.03 38.08 5.58
CA LEU F 1049 -53.94 38.65 4.61
C LEU F 1049 -53.56 38.18 3.22
N MET F 1050 -52.30 38.39 2.86
CA MET F 1050 -51.80 38.03 1.55
C MET F 1050 -50.29 38.08 1.51
N SER F 1051 -49.70 37.53 0.46
CA SER F 1051 -48.26 37.59 0.31
C SER F 1051 -47.87 37.92 -1.11
N PHE F 1052 -46.70 38.52 -1.27
CA PHE F 1052 -46.15 38.83 -2.57
C PHE F 1052 -44.76 38.24 -2.72
N PRO F 1053 -44.52 37.39 -3.71
CA PRO F 1053 -43.24 36.77 -4.01
C PRO F 1053 -42.32 37.79 -4.67
N GLN F 1054 -41.03 37.64 -4.41
CA GLN F 1054 -39.99 38.42 -5.09
C GLN F 1054 -38.85 37.48 -5.47
N SER F 1055 -38.34 37.63 -6.68
CA SER F 1055 -37.22 36.81 -7.13
C SER F 1055 -35.94 37.21 -6.40
N ALA F 1056 -35.12 36.22 -6.09
CA ALA F 1056 -33.82 36.47 -5.46
C ALA F 1056 -32.80 35.48 -6.01
N PRO F 1057 -31.50 35.78 -5.90
CA PRO F 1057 -30.41 34.92 -6.29
C PRO F 1057 -30.54 33.54 -5.67
N HIS F 1058 -30.80 32.54 -6.52
CA HIS F 1058 -30.93 31.16 -6.10
C HIS F 1058 -31.98 30.98 -4.99
N GLY F 1059 -33.01 31.80 -5.00
CA GLY F 1059 -34.01 31.70 -3.95
C GLY F 1059 -35.20 32.61 -4.18
N VAL F 1060 -36.11 32.61 -3.23
CA VAL F 1060 -37.33 33.40 -3.30
C VAL F 1060 -37.53 34.17 -2.01
N VAL F 1061 -38.05 35.37 -2.14
CA VAL F 1061 -38.35 36.18 -0.99
C VAL F 1061 -39.85 36.47 -0.92
N PHE F 1062 -40.45 36.18 0.22
CA PHE F 1062 -41.87 36.39 0.39
C PHE F 1062 -42.14 37.59 1.28
N LEU F 1063 -42.92 38.52 0.78
CA LEU F 1063 -43.37 39.64 1.58
C LEU F 1063 -44.75 39.34 2.12
N HIS F 1064 -44.82 39.06 3.42
CA HIS F 1064 -46.04 38.61 4.04
C HIS F 1064 -46.79 39.77 4.64
N VAL F 1065 -48.01 40.00 4.16
CA VAL F 1065 -48.82 41.09 4.66
C VAL F 1065 -49.78 40.55 5.69
N THR F 1066 -49.64 41.00 6.93
CA THR F 1066 -50.44 40.48 8.01
C THR F 1066 -51.20 41.56 8.75
N TYR F 1067 -52.34 41.18 9.30
CA TYR F 1067 -53.14 42.04 10.14
C TYR F 1067 -52.72 41.85 11.59
N VAL F 1068 -52.31 42.92 12.23
CA VAL F 1068 -51.86 42.83 13.61
C VAL F 1068 -52.71 43.72 14.51
N PRO F 1069 -53.45 43.14 15.44
CA PRO F 1069 -54.29 43.82 16.41
C PRO F 1069 -53.48 44.85 17.19
N ALA F 1070 -54.09 45.99 17.48
CA ALA F 1070 -53.40 47.05 18.18
C ALA F 1070 -54.33 47.84 19.09
N GLN F 1071 -53.75 48.44 20.13
CA GLN F 1071 -54.49 49.34 21.01
C GLN F 1071 -55.71 48.68 21.62
N GLU F 1072 -55.50 47.55 22.28
CA GLU F 1072 -56.58 46.87 22.98
C GLU F 1072 -56.93 47.58 24.26
N LYS F 1073 -58.16 47.37 24.74
CA LYS F 1073 -58.56 47.87 26.03
C LYS F 1073 -59.41 46.84 26.78
N ASN F 1074 -59.48 47.01 28.11
CA ASN F 1074 -60.21 46.09 28.99
C ASN F 1074 -61.72 46.29 28.91
N PHE F 1075 -62.45 45.18 28.83
CA PHE F 1075 -63.91 45.17 28.95
C PHE F 1075 -64.35 44.06 29.89
N THR F 1076 -65.50 44.23 30.50
CA THR F 1076 -66.09 43.14 31.28
C THR F 1076 -66.93 42.27 30.36
N THR F 1077 -66.76 40.96 30.45
CA THR F 1077 -67.45 40.09 29.52
C THR F 1077 -68.34 39.08 30.21
N ALA F 1078 -69.19 38.44 29.43
CA ALA F 1078 -70.08 37.40 29.92
C ALA F 1078 -70.33 36.38 28.82
N PRO F 1079 -70.47 35.10 29.19
CA PRO F 1079 -70.74 33.99 28.31
C PRO F 1079 -72.13 34.04 27.70
N ALA F 1080 -73.04 34.75 28.36
CA ALA F 1080 -74.41 34.82 27.89
C ALA F 1080 -75.15 35.99 28.55
N ILE F 1081 -76.24 36.40 27.92
CA ILE F 1081 -77.15 37.37 28.50
C ILE F 1081 -78.46 36.70 28.89
N CYS F 1082 -78.94 37.00 30.10
CA CYS F 1082 -80.22 36.48 30.58
C CYS F 1082 -81.33 37.50 30.31
N HIS F 1083 -82.34 37.06 29.56
CA HIS F 1083 -83.45 37.93 29.22
C HIS F 1083 -84.73 37.14 29.05
N ASP F 1084 -85.76 37.54 29.79
CA ASP F 1084 -87.04 36.84 29.78
C ASP F 1084 -86.89 35.36 30.10
N GLY F 1085 -85.96 35.03 30.98
CA GLY F 1085 -85.75 33.67 31.43
C GLY F 1085 -84.93 32.82 30.44
N LYS F 1086 -84.52 33.43 29.34
CA LYS F 1086 -83.79 32.71 28.31
C LYS F 1086 -82.31 33.08 28.29
N ALA F 1087 -81.47 32.12 27.91
CA ALA F 1087 -80.04 32.37 27.78
C ALA F 1087 -79.67 32.71 26.35
N HIS F 1088 -79.19 33.93 26.15
CA HIS F 1088 -78.83 34.43 24.82
C HIS F 1088 -77.33 34.42 24.63
N PHE F 1089 -76.88 33.81 23.54
CA PHE F 1089 -75.47 33.73 23.19
C PHE F 1089 -75.23 34.53 21.92
N PRO F 1090 -74.06 35.14 21.75
CA PRO F 1090 -73.70 35.94 20.61
C PRO F 1090 -73.54 35.04 19.38
N ARG F 1091 -74.07 35.46 18.25
CA ARG F 1091 -73.99 34.64 17.05
C ARG F 1091 -72.59 34.63 16.44
N GLU F 1092 -71.91 35.77 16.52
CA GLU F 1092 -70.59 35.88 15.92
C GLU F 1092 -69.54 36.41 16.89
N GLY F 1093 -69.94 37.36 17.72
CA GLY F 1093 -69.00 38.11 18.53
C GLY F 1093 -69.01 37.70 20.00
N VAL F 1094 -68.67 38.66 20.85
CA VAL F 1094 -68.59 38.47 22.29
C VAL F 1094 -69.32 39.57 23.03
N PHE F 1095 -69.97 39.23 24.13
CA PHE F 1095 -70.66 40.21 24.94
C PHE F 1095 -69.70 40.96 25.84
N VAL F 1096 -69.69 42.28 25.73
CA VAL F 1096 -68.79 43.10 26.52
C VAL F 1096 -69.50 44.29 27.15
N SER F 1097 -68.99 44.74 28.29
CA SER F 1097 -69.51 45.92 28.96
C SER F 1097 -68.45 46.99 29.09
N ASN F 1098 -68.87 48.24 28.88
CA ASN F 1098 -67.99 49.40 29.08
C ASN F 1098 -68.12 49.97 30.50
N GLY F 1099 -68.81 49.24 31.38
CA GLY F 1099 -68.99 49.62 32.78
C GLY F 1099 -70.43 49.95 33.09
N THR F 1100 -71.20 50.35 32.07
CA THR F 1100 -72.60 50.67 32.30
C THR F 1100 -73.54 49.96 31.33
N HIS F 1101 -73.08 49.72 30.11
CA HIS F 1101 -73.92 49.11 29.10
C HIS F 1101 -73.26 47.91 28.44
N TRP F 1102 -74.08 46.91 28.13
CA TRP F 1102 -73.62 45.72 27.44
C TRP F 1102 -73.82 45.81 25.94
N PHE F 1103 -72.80 45.39 25.21
CA PHE F 1103 -72.79 45.39 23.75
C PHE F 1103 -72.29 44.06 23.24
N VAL F 1104 -72.57 43.76 21.98
CA VAL F 1104 -71.98 42.60 21.35
C VAL F 1104 -71.07 43.07 20.22
N THR F 1105 -69.86 42.53 20.19
CA THR F 1105 -68.90 42.99 19.20
C THR F 1105 -68.08 41.86 18.61
N GLN F 1106 -67.59 42.07 17.39
CA GLN F 1106 -66.68 41.12 16.77
C GLN F 1106 -65.41 41.01 17.60
N ARG F 1107 -64.92 39.80 17.75
CA ARG F 1107 -63.85 39.48 18.67
C ARG F 1107 -62.50 40.10 18.34
N ASN F 1108 -62.26 40.35 17.06
CA ASN F 1108 -60.94 40.82 16.64
C ASN F 1108 -60.87 42.33 16.42
N PHE F 1109 -61.95 43.03 16.71
CA PHE F 1109 -61.98 44.47 16.46
C PHE F 1109 -63.14 45.12 17.18
N TYR F 1110 -62.84 46.03 18.10
CA TYR F 1110 -63.89 46.60 18.92
C TYR F 1110 -64.88 47.41 18.09
N GLU F 1111 -66.12 46.99 18.16
CA GLU F 1111 -67.20 47.61 17.40
C GLU F 1111 -68.53 47.30 18.08
N PRO F 1112 -68.86 48.03 19.15
CA PRO F 1112 -69.90 47.74 20.12
C PRO F 1112 -71.29 47.95 19.57
N GLN F 1113 -71.95 46.86 19.22
CA GLN F 1113 -73.31 46.93 18.69
C GLN F 1113 -74.33 46.69 19.79
N ILE F 1114 -75.53 47.19 19.59
CA ILE F 1114 -76.61 46.91 20.52
C ILE F 1114 -76.95 45.43 20.46
N ILE F 1115 -77.16 44.84 21.62
CA ILE F 1115 -77.53 43.44 21.69
C ILE F 1115 -78.98 43.26 21.29
N THR F 1116 -79.20 42.50 20.23
CA THR F 1116 -80.54 42.31 19.68
C THR F 1116 -80.78 40.85 19.39
N THR F 1117 -82.01 40.50 19.06
CA THR F 1117 -82.35 39.12 18.73
C THR F 1117 -81.77 38.72 17.37
N ASP F 1118 -81.28 39.69 16.62
CA ASP F 1118 -80.70 39.41 15.30
C ASP F 1118 -79.21 39.14 15.35
N ASN F 1119 -78.59 39.28 16.52
CA ASN F 1119 -77.16 39.02 16.64
C ASN F 1119 -76.87 38.09 17.81
N THR F 1120 -77.92 37.48 18.35
CA THR F 1120 -77.81 36.47 19.39
C THR F 1120 -78.71 35.30 19.05
N PHE F 1121 -78.53 34.20 19.78
CA PHE F 1121 -79.43 33.07 19.66
C PHE F 1121 -79.73 32.50 21.02
N VAL F 1122 -80.87 31.82 21.16
CA VAL F 1122 -81.28 31.30 22.44
C VAL F 1122 -81.06 29.80 22.56
N SER F 1123 -80.49 29.40 23.68
CA SER F 1123 -80.36 27.98 23.99
C SER F 1123 -80.41 27.74 25.47
N GLY F 1124 -81.52 27.16 25.94
CA GLY F 1124 -81.68 26.86 27.35
C GLY F 1124 -82.10 28.07 28.15
N ASN F 1125 -82.24 27.89 29.46
CA ASN F 1125 -82.64 28.94 30.37
C ASN F 1125 -81.43 29.54 31.10
N CYS F 1126 -81.69 30.50 31.99
CA CYS F 1126 -80.64 31.28 32.65
C CYS F 1126 -80.02 30.55 33.85
N ASP F 1127 -80.50 29.35 34.15
CA ASP F 1127 -80.06 28.65 35.35
C ASP F 1127 -78.96 27.63 35.06
N VAL F 1128 -78.46 27.62 33.82
CA VAL F 1128 -77.46 26.66 33.42
C VAL F 1128 -76.07 27.30 33.21
N VAL F 1129 -76.04 28.46 32.58
CA VAL F 1129 -74.77 29.08 32.22
C VAL F 1129 -74.11 29.77 33.40
N ILE F 1130 -72.85 29.41 33.65
CA ILE F 1130 -72.10 29.98 34.74
C ILE F 1130 -71.55 31.34 34.37
N GLY F 1131 -71.92 32.36 35.13
CA GLY F 1131 -71.43 33.70 34.85
C GLY F 1131 -72.37 34.50 33.97
N ILE F 1132 -73.56 33.96 33.72
CA ILE F 1132 -74.55 34.66 32.92
C ILE F 1132 -74.98 35.95 33.60
N VAL F 1133 -75.15 37.02 32.83
CA VAL F 1133 -75.53 38.30 33.40
C VAL F 1133 -76.89 38.77 32.88
N ASN F 1134 -77.59 39.56 33.67
CA ASN F 1134 -78.89 40.13 33.31
C ASN F 1134 -78.73 41.37 32.42
N ASN F 1135 -79.42 41.38 31.28
CA ASN F 1135 -79.47 42.55 30.40
C ASN F 1135 -80.70 42.50 29.53
N THR F 1136 -80.87 43.51 28.71
CA THR F 1136 -81.97 43.54 27.76
C THR F 1136 -81.50 43.09 26.39
N VAL F 1137 -82.32 42.31 25.72
CA VAL F 1137 -82.06 41.93 24.34
C VAL F 1137 -83.14 42.55 23.46
N TYR F 1138 -82.73 43.48 22.61
CA TYR F 1138 -83.66 44.28 21.84
C TYR F 1138 -84.27 43.50 20.67
N ASP F 1139 -85.58 43.61 20.54
CA ASP F 1139 -86.31 43.01 19.44
C ASP F 1139 -86.80 44.08 18.46
N PRO F 1140 -86.21 44.15 17.25
CA PRO F 1140 -86.51 45.11 16.20
C PRO F 1140 -87.99 45.11 15.79
N LEU F 1141 -88.71 44.05 16.12
CA LEU F 1141 -90.12 43.96 15.78
C LEU F 1141 -91.01 44.59 16.85
N GLN F 1142 -90.49 44.72 18.07
CA GLN F 1142 -91.30 45.21 19.18
C GLN F 1142 -91.93 46.59 18.95
N PRO F 1143 -91.23 47.55 18.32
CA PRO F 1143 -91.72 48.87 17.98
C PRO F 1143 -92.89 48.86 16.99
N GLU F 1144 -93.10 47.73 16.29
CA GLU F 1144 -94.14 47.59 15.28
C GLU F 1144 -95.06 46.43 15.63
N ILE G 1 20.56 -57.37 -18.26
CA ILE G 1 20.86 -56.84 -19.60
C ILE G 1 22.21 -57.34 -20.08
N VAL G 2 22.37 -57.46 -21.40
CA VAL G 2 23.64 -57.78 -22.02
C VAL G 2 24.11 -56.66 -22.93
N MET G 3 25.32 -56.18 -22.69
CA MET G 3 25.93 -55.16 -23.54
C MET G 3 27.02 -55.80 -24.38
N MET G 4 26.84 -55.81 -25.69
CA MET G 4 27.76 -56.51 -26.57
C MET G 4 28.50 -55.57 -27.50
N GLN G 5 29.82 -55.52 -27.38
CA GLN G 5 30.62 -54.65 -28.21
C GLN G 5 31.19 -55.36 -29.41
N SER G 6 31.48 -54.60 -30.46
CA SER G 6 32.04 -55.16 -31.68
C SER G 6 32.83 -54.09 -32.46
N PRO G 7 33.90 -54.50 -33.12
CA PRO G 7 34.54 -55.81 -33.13
C PRO G 7 35.32 -56.03 -31.84
N GLY G 8 35.56 -57.30 -31.51
CA GLY G 8 36.37 -57.61 -30.33
C GLY G 8 37.75 -56.96 -30.44
N THR G 9 38.28 -56.95 -31.65
CA THR G 9 39.56 -56.31 -31.91
C THR G 9 39.45 -55.37 -33.11
N LEU G 10 39.95 -54.17 -32.94
CA LEU G 10 39.93 -53.16 -34.00
C LEU G 10 41.36 -52.75 -34.33
N SER G 11 41.75 -52.91 -35.58
CA SER G 11 43.12 -52.61 -35.98
C SER G 11 43.18 -51.69 -37.18
N LEU G 12 43.77 -50.52 -37.00
CA LEU G 12 43.98 -49.58 -38.08
C LEU G 12 45.09 -48.58 -37.74
N SER G 13 45.59 -47.89 -38.75
CA SER G 13 46.71 -46.98 -38.59
C SER G 13 46.34 -45.73 -37.79
N PRO G 14 47.30 -45.18 -37.04
CA PRO G 14 47.26 -43.86 -36.43
C PRO G 14 46.98 -42.80 -37.48
N GLY G 15 46.17 -41.81 -37.11
CA GLY G 15 45.81 -40.75 -38.04
C GLY G 15 44.49 -41.03 -38.74
N GLU G 16 44.04 -42.28 -38.67
CA GLU G 16 42.79 -42.67 -39.31
C GLU G 16 41.64 -42.62 -38.31
N ARG G 17 40.44 -42.90 -38.81
CA ARG G 17 39.25 -42.89 -37.97
C ARG G 17 38.85 -44.30 -37.55
N ALA G 18 38.37 -44.44 -36.31
CA ALA G 18 37.87 -45.72 -35.83
C ALA G 18 36.44 -45.60 -35.32
N THR G 19 35.64 -46.61 -35.59
CA THR G 19 34.29 -46.66 -35.05
C THR G 19 34.10 -47.91 -34.20
N LEU G 20 33.64 -47.69 -32.97
CA LEU G 20 33.40 -48.77 -32.03
C LEU G 20 31.92 -48.90 -31.75
N SER G 21 31.38 -50.10 -31.82
CA SER G 21 29.94 -50.28 -31.64
C SER G 21 29.61 -51.04 -30.36
N CYS G 22 28.47 -50.69 -29.76
CA CYS G 22 27.91 -51.40 -28.61
C CYS G 22 26.41 -51.59 -28.79
N ARG G 23 26.00 -52.86 -28.76
CA ARG G 23 24.60 -53.22 -28.95
C ARG G 23 23.99 -53.70 -27.64
N ALA G 24 22.74 -53.33 -27.41
CA ALA G 24 22.06 -53.75 -26.20
C ALA G 24 21.00 -54.79 -26.51
N SER G 25 20.83 -55.73 -25.60
CA SER G 25 19.78 -56.74 -25.70
C SER G 25 18.38 -56.13 -25.55
N GLN G 26 18.33 -54.92 -25.02
CA GLN G 26 17.09 -54.19 -24.83
C GLN G 26 17.37 -52.70 -24.94
N SER G 27 16.34 -51.90 -25.18
CA SER G 27 16.53 -50.47 -25.34
C SER G 27 17.17 -49.85 -24.10
N VAL G 28 18.12 -48.95 -24.34
CA VAL G 28 18.80 -48.23 -23.28
C VAL G 28 18.64 -46.74 -23.48
N SER G 29 18.24 -46.03 -22.43
CA SER G 29 18.12 -44.59 -22.52
C SER G 29 19.47 -44.00 -22.86
N SER G 30 19.48 -42.99 -23.72
CA SER G 30 20.75 -42.40 -24.13
C SER G 30 21.47 -41.80 -22.92
N SER G 31 20.67 -41.36 -21.94
CA SER G 31 21.20 -40.74 -20.74
C SER G 31 21.97 -41.75 -19.87
N TYR G 32 21.76 -43.03 -20.12
CA TYR G 32 22.34 -44.09 -19.30
C TYR G 32 23.47 -44.85 -19.99
N LEU G 33 23.92 -44.34 -21.14
CA LEU G 33 24.99 -45.03 -21.87
C LEU G 33 26.30 -44.26 -21.80
N ALA G 34 27.37 -44.93 -21.39
CA ALA G 34 28.67 -44.28 -21.25
C ALA G 34 29.78 -45.11 -21.90
N TRP G 35 30.86 -44.44 -22.28
CA TRP G 35 32.04 -45.11 -22.81
C TRP G 35 33.27 -44.83 -21.96
N TYR G 36 34.07 -45.88 -21.77
CA TYR G 36 35.30 -45.75 -20.96
C TYR G 36 36.54 -46.19 -21.73
N GLN G 37 37.69 -45.57 -21.44
CA GLN G 37 38.97 -45.93 -22.03
C GLN G 37 39.90 -46.47 -20.95
N GLN G 38 40.49 -47.63 -21.21
CA GLN G 38 41.43 -48.22 -20.27
C GLN G 38 42.75 -48.54 -20.93
N LYS G 39 43.77 -47.76 -20.58
CA LYS G 39 45.11 -48.03 -21.07
C LYS G 39 45.70 -49.15 -20.22
N PRO G 40 46.58 -50.00 -20.78
CA PRO G 40 47.25 -51.08 -20.09
C PRO G 40 47.91 -50.59 -18.80
N GLY G 41 47.60 -51.26 -17.71
CA GLY G 41 48.18 -50.95 -16.40
C GLY G 41 47.48 -49.77 -15.70
N GLN G 42 46.43 -49.24 -16.31
CA GLN G 42 45.76 -48.07 -15.75
C GLN G 42 44.27 -48.33 -15.48
N ALA G 43 43.70 -47.55 -14.56
CA ALA G 43 42.27 -47.60 -14.30
C ALA G 43 41.53 -47.00 -15.48
N PRO G 44 40.29 -47.42 -15.73
CA PRO G 44 39.39 -46.88 -16.73
C PRO G 44 39.12 -45.41 -16.48
N ARG G 45 38.98 -44.64 -17.54
CA ARG G 45 38.57 -43.25 -17.41
C ARG G 45 37.35 -42.99 -18.28
N LEU G 46 36.49 -42.08 -17.84
CA LEU G 46 35.29 -41.76 -18.59
C LEU G 46 35.59 -40.91 -19.81
N LEU G 47 35.06 -41.32 -20.95
CA LEU G 47 35.18 -40.53 -22.17
C LEU G 47 33.87 -39.88 -22.53
N ILE G 48 32.83 -40.71 -22.66
CA ILE G 48 31.52 -40.24 -23.08
C ILE G 48 30.45 -40.65 -22.08
N TYR G 49 29.56 -39.73 -21.75
CA TYR G 49 28.41 -40.06 -20.93
C TYR G 49 27.16 -39.50 -21.56
N GLY G 50 26.02 -40.10 -21.25
CA GLY G 50 24.78 -39.62 -21.83
C GLY G 50 24.77 -39.87 -23.33
N ALA G 51 25.42 -40.95 -23.74
CA ALA G 51 25.57 -41.36 -25.14
C ALA G 51 26.54 -40.48 -25.92
N SER G 52 26.45 -39.15 -25.77
CA SER G 52 27.20 -38.26 -26.64
C SER G 52 28.06 -37.20 -25.95
N SER G 53 27.90 -37.01 -24.64
CA SER G 53 28.59 -35.92 -23.98
C SER G 53 30.00 -36.28 -23.56
N ARG G 54 30.97 -35.43 -23.90
CA ARG G 54 32.35 -35.66 -23.49
C ARG G 54 32.57 -35.35 -22.03
N ALA G 55 33.37 -36.18 -21.39
CA ALA G 55 33.80 -35.93 -20.02
C ALA G 55 34.86 -34.84 -20.00
N THR G 56 34.98 -34.15 -18.87
CA THR G 56 35.97 -33.09 -18.74
C THR G 56 37.37 -33.65 -18.93
N GLY G 57 38.17 -32.99 -19.77
CA GLY G 57 39.54 -33.39 -20.02
C GLY G 57 39.68 -34.25 -21.26
N ILE G 58 38.55 -34.60 -21.88
CA ILE G 58 38.55 -35.44 -23.07
C ILE G 58 38.61 -34.59 -24.34
N PRO G 59 39.57 -34.88 -25.23
CA PRO G 59 39.76 -34.26 -26.53
C PRO G 59 38.51 -34.34 -27.40
N ASP G 60 38.33 -33.34 -28.26
CA ASP G 60 37.16 -33.27 -29.12
C ASP G 60 37.27 -34.22 -30.30
N ARG G 61 38.33 -35.02 -30.29
CA ARG G 61 38.50 -36.08 -31.28
C ARG G 61 37.59 -37.24 -30.94
N PHE G 62 37.07 -37.25 -29.72
CA PHE G 62 36.17 -38.30 -29.28
C PHE G 62 34.73 -37.81 -29.30
N SER G 63 33.85 -38.64 -29.86
CA SER G 63 32.44 -38.32 -29.85
C SER G 63 31.61 -39.59 -29.78
N GLY G 64 30.41 -39.48 -29.24
CA GLY G 64 29.52 -40.62 -29.18
C GLY G 64 28.17 -40.28 -29.77
N SER G 65 27.42 -41.31 -30.11
CA SER G 65 26.07 -41.13 -30.64
C SER G 65 25.29 -42.43 -30.55
N GLY G 66 23.98 -42.34 -30.77
CA GLY G 66 23.16 -43.53 -30.81
C GLY G 66 21.98 -43.46 -29.87
N SER G 67 21.14 -44.48 -29.93
CA SER G 67 19.93 -44.55 -29.15
C SER G 67 19.40 -45.96 -29.15
N GLY G 68 18.43 -46.24 -28.29
CA GLY G 68 17.79 -47.55 -28.31
C GLY G 68 18.79 -48.66 -28.02
N THR G 69 19.01 -49.53 -28.99
CA THR G 69 19.90 -50.66 -28.80
C THR G 69 21.19 -50.56 -29.60
N ASP G 70 21.46 -49.39 -30.18
CA ASP G 70 22.64 -49.24 -31.02
C ASP G 70 23.40 -47.94 -30.75
N PHE G 71 24.55 -48.07 -30.09
CA PHE G 71 25.38 -46.91 -29.76
C PHE G 71 26.78 -47.07 -30.31
N THR G 72 27.41 -45.96 -30.65
CA THR G 72 28.78 -46.00 -31.15
C THR G 72 29.68 -44.96 -30.51
N LEU G 73 30.97 -45.26 -30.53
CA LEU G 73 32.02 -44.33 -30.16
C LEU G 73 32.94 -44.09 -31.35
N THR G 74 33.18 -42.84 -31.67
CA THR G 74 34.01 -42.52 -32.82
C THR G 74 35.25 -41.73 -32.43
N ILE G 75 36.38 -42.15 -32.97
CA ILE G 75 37.63 -41.41 -32.81
C ILE G 75 38.01 -40.86 -34.17
N SER G 76 37.88 -39.54 -34.35
CA SER G 76 38.04 -38.95 -35.68
C SER G 76 39.45 -39.12 -36.21
N ARG G 77 40.42 -39.01 -35.32
CA ARG G 77 41.83 -39.22 -35.66
C ARG G 77 42.50 -39.94 -34.51
N LEU G 78 43.08 -41.10 -34.79
CA LEU G 78 43.70 -41.87 -33.73
C LEU G 78 45.13 -41.44 -33.46
N GLU G 79 45.42 -41.22 -32.20
CA GLU G 79 46.77 -40.94 -31.73
C GLU G 79 47.30 -42.19 -31.04
N PRO G 80 48.61 -42.35 -30.87
CA PRO G 80 49.26 -43.46 -30.21
C PRO G 80 48.61 -43.81 -28.87
N GLU G 81 48.09 -42.80 -28.18
CA GLU G 81 47.50 -42.99 -26.86
C GLU G 81 46.07 -43.52 -26.92
N ASP G 82 45.53 -43.63 -28.13
CA ASP G 82 44.15 -44.08 -28.30
C ASP G 82 44.07 -45.58 -28.55
N PHE G 83 45.22 -46.23 -28.62
CA PHE G 83 45.23 -47.65 -28.89
C PHE G 83 45.12 -48.44 -27.60
N ALA G 84 43.94 -48.37 -27.00
CA ALA G 84 43.65 -48.95 -25.70
C ALA G 84 42.35 -49.74 -25.75
N VAL G 85 41.92 -50.24 -24.60
CA VAL G 85 40.67 -50.98 -24.53
C VAL G 85 39.51 -50.05 -24.20
N TYR G 86 38.43 -50.17 -24.95
CA TYR G 86 37.27 -49.34 -24.71
C TYR G 86 36.09 -50.16 -24.25
N TYR G 87 35.31 -49.61 -23.33
CA TYR G 87 34.14 -50.28 -22.81
C TYR G 87 32.90 -49.43 -22.99
N CYS G 88 31.75 -50.07 -23.19
CA CYS G 88 30.47 -49.39 -23.06
C CYS G 88 29.84 -49.78 -21.73
N GLN G 89 29.13 -48.84 -21.12
CA GLN G 89 28.50 -49.09 -19.84
C GLN G 89 27.07 -48.60 -19.83
N GLN G 90 26.20 -49.38 -19.24
CA GLN G 90 24.78 -49.06 -19.17
C GLN G 90 24.30 -49.03 -17.74
N TYR G 91 23.39 -48.12 -17.46
CA TYR G 91 22.68 -48.14 -16.18
C TYR G 91 21.21 -48.49 -16.37
N GLY G 92 20.69 -49.29 -15.48
CA GLY G 92 19.26 -49.57 -15.42
C GLY G 92 18.96 -50.61 -14.36
N SER G 93 17.69 -50.71 -13.96
CA SER G 93 17.29 -51.68 -12.95
C SER G 93 18.19 -51.58 -11.70
N SER G 94 18.55 -50.35 -11.34
CA SER G 94 19.40 -50.10 -10.19
C SER G 94 20.71 -50.89 -10.26
N ALA G 95 21.25 -51.05 -11.45
CA ALA G 95 22.50 -51.77 -11.62
C ALA G 95 23.33 -51.19 -12.76
N TRP G 96 24.63 -51.39 -12.68
CA TRP G 96 25.55 -50.91 -13.70
C TRP G 96 26.19 -52.09 -14.41
N THR G 97 26.09 -52.10 -15.73
CA THR G 97 26.60 -53.21 -16.52
C THR G 97 27.60 -52.74 -17.57
N PHE G 98 28.71 -53.46 -17.69
CA PHE G 98 29.73 -53.14 -18.68
C PHE G 98 29.73 -54.16 -19.80
N GLY G 99 30.14 -53.74 -20.99
CA GLY G 99 30.34 -54.66 -22.09
C GLY G 99 31.65 -55.42 -21.89
N GLN G 100 31.98 -56.31 -22.81
CA GLN G 100 33.16 -57.14 -22.65
C GLN G 100 34.43 -56.34 -22.96
N GLY G 101 34.27 -55.24 -23.68
CA GLY G 101 35.38 -54.38 -24.05
C GLY G 101 35.96 -54.76 -25.40
N THR G 102 36.51 -53.77 -26.10
CA THR G 102 37.19 -54.02 -27.37
C THR G 102 38.54 -53.35 -27.38
N LYS G 103 39.50 -53.97 -28.04
CA LYS G 103 40.87 -53.44 -28.06
C LYS G 103 41.18 -52.74 -29.39
N VAL G 104 41.66 -51.50 -29.31
CA VAL G 104 42.04 -50.69 -30.47
C VAL G 104 43.55 -50.78 -30.72
N VAL H 1 39.85 -33.75 -8.20
CA VAL H 1 39.30 -34.97 -7.63
C VAL H 1 40.32 -36.09 -7.72
N GLN H 2 40.64 -36.69 -6.58
CA GLN H 2 41.56 -37.82 -6.49
C GLN H 2 40.96 -38.95 -5.68
N LEU H 3 41.24 -40.17 -6.10
CA LEU H 3 40.86 -41.36 -5.35
C LEU H 3 42.10 -42.24 -5.16
N VAL H 4 42.49 -42.45 -3.92
CA VAL H 4 43.72 -43.19 -3.64
C VAL H 4 43.44 -44.45 -2.84
N GLN H 5 43.74 -45.58 -3.44
CA GLN H 5 43.46 -46.88 -2.84
C GLN H 5 44.68 -47.48 -2.16
N SER H 6 44.44 -48.46 -1.31
CA SER H 6 45.49 -49.19 -0.61
C SER H 6 46.31 -50.04 -1.58
N GLY H 7 47.39 -50.62 -1.08
CA GLY H 7 48.26 -51.44 -1.92
C GLY H 7 47.69 -52.83 -2.13
N ALA H 8 48.40 -53.63 -2.93
CA ALA H 8 47.95 -54.97 -3.30
C ALA H 8 47.98 -55.91 -2.10
N GLU H 9 47.10 -56.90 -2.13
CA GLU H 9 46.99 -57.88 -1.06
C GLU H 9 47.03 -59.31 -1.59
N VAL H 10 47.57 -60.21 -0.77
CA VAL H 10 47.56 -61.64 -1.09
C VAL H 10 46.89 -62.41 0.03
N LYS H 11 45.82 -63.13 -0.31
CA LYS H 11 45.02 -63.83 0.68
C LYS H 11 44.81 -65.29 0.31
N LYS H 12 44.62 -66.13 1.31
CA LYS H 12 44.25 -67.52 1.06
C LYS H 12 42.74 -67.63 0.91
N PRO H 13 42.24 -68.63 0.19
CA PRO H 13 40.84 -68.96 0.05
C PRO H 13 40.20 -69.09 1.43
N GLY H 14 39.04 -68.45 1.59
CA GLY H 14 38.32 -68.46 2.86
C GLY H 14 38.60 -67.21 3.68
N ALA H 15 39.67 -66.49 3.31
CA ALA H 15 40.07 -65.27 4.01
C ALA H 15 39.24 -64.09 3.55
N SER H 16 39.34 -62.98 4.28
CA SER H 16 38.66 -61.75 3.90
C SER H 16 39.67 -60.65 3.60
N VAL H 17 39.33 -59.78 2.67
CA VAL H 17 40.19 -58.64 2.32
C VAL H 17 39.42 -57.33 2.44
N LYS H 18 40.06 -56.32 3.00
CA LYS H 18 39.44 -55.00 3.07
C LYS H 18 40.25 -53.98 2.29
N VAL H 19 39.65 -53.45 1.24
CA VAL H 19 40.32 -52.49 0.37
C VAL H 19 39.79 -51.09 0.65
N SER H 20 40.70 -50.17 0.96
CA SER H 20 40.29 -48.81 1.26
C SER H 20 40.44 -47.89 0.04
N CYS H 21 39.74 -46.76 0.08
CA CYS H 21 39.82 -45.72 -0.94
C CYS H 21 39.63 -44.34 -0.33
N LYS H 22 40.72 -43.59 -0.26
CA LYS H 22 40.67 -42.24 0.30
C LYS H 22 40.35 -41.23 -0.78
N ALA H 23 39.33 -40.43 -0.53
CA ALA H 23 38.88 -39.45 -1.51
C ALA H 23 39.28 -38.05 -1.12
N SER H 24 39.55 -37.21 -2.12
CA SER H 24 39.84 -35.81 -1.86
C SER H 24 39.50 -34.95 -3.06
N GLY H 25 39.36 -33.65 -2.84
CA GLY H 25 39.12 -32.70 -3.92
C GLY H 25 37.63 -32.43 -4.14
N TYR H 26 36.79 -33.04 -3.31
CA TYR H 26 35.35 -32.85 -3.44
C TYR H 26 34.63 -33.17 -2.13
N THR H 27 33.36 -32.79 -2.05
CA THR H 27 32.55 -33.12 -0.88
C THR H 27 32.29 -34.61 -0.86
N PHE H 28 32.89 -35.30 0.09
CA PHE H 28 32.88 -36.75 0.14
C PHE H 28 31.47 -37.32 0.14
N THR H 29 30.60 -36.71 0.94
CA THR H 29 29.26 -37.22 1.14
C THR H 29 28.31 -36.80 0.02
N GLY H 30 28.83 -36.04 -0.94
CA GLY H 30 28.02 -35.54 -2.04
C GLY H 30 27.94 -36.55 -3.17
N TYR H 31 28.69 -37.64 -3.05
CA TYR H 31 28.76 -38.64 -4.11
C TYR H 31 28.64 -40.06 -3.56
N TYR H 32 28.22 -40.98 -4.43
CA TYR H 32 28.24 -42.39 -4.10
C TYR H 32 29.61 -42.96 -4.42
N MET H 33 30.06 -43.89 -3.59
CA MET H 33 31.31 -44.56 -3.88
C MET H 33 31.05 -45.98 -4.34
N HIS H 34 31.41 -46.27 -5.57
CA HIS H 34 31.18 -47.57 -6.17
C HIS H 34 32.45 -48.38 -6.19
N TRP H 35 32.29 -49.70 -6.18
CA TRP H 35 33.43 -50.57 -6.39
C TRP H 35 33.22 -51.41 -7.63
N VAL H 36 34.27 -51.51 -8.43
CA VAL H 36 34.25 -52.26 -9.68
C VAL H 36 35.41 -53.23 -9.74
N ARG H 37 35.13 -54.48 -10.09
CA ARG H 37 36.15 -55.51 -10.13
C ARG H 37 36.57 -55.84 -11.55
N GLN H 38 37.86 -56.12 -11.74
CA GLN H 38 38.34 -56.57 -13.04
C GLN H 38 39.27 -57.76 -12.94
N ALA H 39 38.73 -58.96 -13.17
CA ALA H 39 39.55 -60.17 -13.14
C ALA H 39 40.51 -60.14 -14.32
N PRO H 40 41.68 -60.78 -14.23
CA PRO H 40 42.69 -60.85 -15.27
C PRO H 40 42.09 -61.32 -16.58
N GLY H 41 42.28 -60.53 -17.63
CA GLY H 41 41.81 -60.89 -18.97
C GLY H 41 40.32 -60.62 -19.15
N GLN H 42 39.66 -60.09 -18.13
CA GLN H 42 38.23 -59.85 -18.17
C GLN H 42 37.89 -58.37 -18.23
N GLY H 43 36.59 -58.08 -18.34
CA GLY H 43 36.13 -56.70 -18.38
C GLY H 43 35.78 -56.21 -16.98
N LEU H 44 35.03 -55.13 -16.90
CA LEU H 44 34.71 -54.51 -15.62
C LEU H 44 33.38 -55.03 -15.08
N GLU H 45 33.36 -55.33 -13.79
CA GLU H 45 32.14 -55.81 -13.13
C GLU H 45 31.78 -54.95 -11.94
N TRP H 46 30.56 -54.42 -11.93
CA TRP H 46 30.10 -53.60 -10.83
C TRP H 46 29.75 -54.45 -9.61
N MET H 47 30.24 -54.04 -8.44
CA MET H 47 30.02 -54.81 -7.21
C MET H 47 28.91 -54.23 -6.35
N GLY H 48 28.85 -52.91 -6.28
CA GLY H 48 27.95 -52.24 -5.36
C GLY H 48 28.40 -50.82 -5.06
N TRP H 49 27.66 -50.14 -4.19
CA TRP H 49 28.01 -48.78 -3.79
C TRP H 49 27.65 -48.50 -2.34
N ILE H 50 28.30 -47.49 -1.79
CA ILE H 50 27.96 -46.95 -0.48
C ILE H 50 27.73 -45.45 -0.57
N ASN H 51 26.75 -44.97 0.21
CA ASN H 51 26.45 -43.55 0.29
C ASN H 51 26.89 -43.00 1.65
N PRO H 52 28.08 -42.40 1.75
CA PRO H 52 28.78 -42.03 2.97
C PRO H 52 27.95 -41.20 3.94
N ILE H 53 26.98 -40.45 3.43
CA ILE H 53 26.15 -39.60 4.27
C ILE H 53 25.31 -40.42 5.25
N SER H 54 24.93 -41.62 4.85
CA SER H 54 24.09 -42.48 5.66
C SER H 54 24.70 -43.87 5.82
N SER H 55 25.71 -44.14 5.01
CA SER H 55 26.33 -45.44 4.89
C SER H 55 25.33 -46.49 4.41
N GLY H 56 24.34 -46.05 3.64
CA GLY H 56 23.44 -46.97 2.97
C GLY H 56 24.19 -47.63 1.83
N THR H 57 23.87 -48.88 1.54
CA THR H 57 24.56 -49.60 0.49
C THR H 57 23.62 -50.34 -0.45
N SER H 58 24.17 -50.74 -1.58
CA SER H 58 23.50 -51.64 -2.50
C SER H 58 24.54 -52.51 -3.17
N TYR H 59 24.22 -53.79 -3.34
CA TYR H 59 25.18 -54.73 -3.91
C TYR H 59 24.61 -55.47 -5.09
N ALA H 60 25.49 -55.85 -6.01
CA ALA H 60 25.12 -56.74 -7.10
C ALA H 60 24.79 -58.11 -6.52
N GLN H 61 23.81 -58.79 -7.11
CA GLN H 61 23.41 -60.10 -6.63
C GLN H 61 24.57 -61.09 -6.62
N THR H 62 25.58 -60.82 -7.44
CA THR H 62 26.76 -61.65 -7.54
C THR H 62 27.58 -61.64 -6.25
N PHE H 63 27.66 -60.47 -5.61
CA PHE H 63 28.50 -60.30 -4.43
C PHE H 63 27.68 -60.18 -3.16
N GLN H 64 26.39 -59.93 -3.30
CA GLN H 64 25.53 -59.74 -2.16
C GLN H 64 25.61 -60.94 -1.24
N GLY H 65 25.87 -60.68 0.04
CA GLY H 65 26.02 -61.74 1.03
C GLY H 65 27.49 -62.02 1.33
N ARG H 66 28.38 -61.56 0.46
CA ARG H 66 29.81 -61.74 0.68
C ARG H 66 30.52 -60.41 0.91
N VAL H 67 30.01 -59.35 0.30
CA VAL H 67 30.67 -58.06 0.37
C VAL H 67 29.95 -57.09 1.28
N THR H 68 30.71 -56.42 2.13
CA THR H 68 30.18 -55.37 2.98
C THR H 68 30.96 -54.08 2.76
N MET H 69 30.23 -53.00 2.48
CA MET H 69 30.86 -51.70 2.27
C MET H 69 30.60 -50.78 3.44
N THR H 70 31.64 -50.09 3.86
CA THR H 70 31.55 -49.12 4.95
C THR H 70 32.29 -47.85 4.58
N SER H 71 32.13 -46.81 5.37
CA SER H 71 32.87 -45.58 5.13
C SER H 71 33.05 -44.79 6.40
N ASP H 72 34.01 -43.87 6.38
CA ASP H 72 34.23 -42.97 7.49
C ASP H 72 34.48 -41.56 6.96
N THR H 73 33.50 -40.69 7.14
CA THR H 73 33.53 -39.37 6.55
C THR H 73 34.59 -38.49 7.20
N SER H 74 35.02 -38.83 8.41
CA SER H 74 35.98 -37.99 9.12
C SER H 74 37.35 -38.05 8.48
N ILE H 75 37.59 -39.09 7.70
CA ILE H 75 38.84 -39.27 6.98
C ILE H 75 38.56 -39.47 5.50
N THR H 76 37.36 -39.08 5.09
CA THR H 76 36.88 -39.25 3.72
C THR H 76 37.41 -40.52 3.07
N THR H 77 37.18 -41.65 3.72
CA THR H 77 37.64 -42.93 3.20
C THR H 77 36.52 -43.96 3.11
N ALA H 78 36.45 -44.64 1.97
CA ALA H 78 35.51 -45.73 1.77
C ALA H 78 36.21 -47.07 1.86
N TYR H 79 35.49 -48.09 2.31
CA TYR H 79 36.06 -49.42 2.44
C TYR H 79 35.17 -50.46 1.78
N MET H 80 35.81 -51.47 1.19
CA MET H 80 35.09 -52.62 0.66
C MET H 80 35.69 -53.91 1.19
N GLU H 81 34.91 -54.65 1.96
CA GLU H 81 35.39 -55.88 2.55
C GLU H 81 34.72 -57.10 1.91
N LEU H 82 35.52 -57.91 1.24
CA LEU H 82 34.98 -59.09 0.56
C LEU H 82 35.38 -60.35 1.30
N SER H 83 34.39 -61.03 1.86
CA SER H 83 34.64 -62.21 2.68
C SER H 83 34.54 -63.50 1.88
N ARG H 84 34.99 -64.60 2.49
CA ARG H 84 34.92 -65.92 1.88
C ARG H 84 35.55 -65.91 0.50
N LEU H 85 36.74 -65.35 0.40
CA LEU H 85 37.43 -65.22 -0.87
C LEU H 85 37.67 -66.57 -1.53
N ARG H 86 37.44 -66.62 -2.83
CA ARG H 86 37.67 -67.81 -3.64
C ARG H 86 38.74 -67.53 -4.67
N SER H 87 39.28 -68.57 -5.28
CA SER H 87 40.36 -68.40 -6.24
C SER H 87 39.93 -67.56 -7.44
N ASP H 88 38.63 -67.55 -7.73
CA ASP H 88 38.13 -66.80 -8.87
C ASP H 88 37.82 -65.35 -8.51
N ASP H 89 38.19 -64.95 -7.29
CA ASP H 89 38.07 -63.56 -6.88
C ASP H 89 39.37 -62.81 -7.11
N THR H 90 40.35 -63.47 -7.72
CA THR H 90 41.57 -62.77 -8.06
C THR H 90 41.25 -61.71 -9.09
N ALA H 91 41.48 -60.46 -8.72
CA ALA H 91 41.08 -59.34 -9.58
C ALA H 91 41.68 -58.04 -9.12
N VAL H 92 41.62 -57.05 -9.99
CA VAL H 92 41.96 -55.69 -9.61
C VAL H 92 40.69 -54.95 -9.21
N TYR H 93 40.69 -54.42 -8.00
CA TYR H 93 39.51 -53.75 -7.47
C TYR H 93 39.67 -52.23 -7.55
N TYR H 94 38.70 -51.58 -8.14
CA TYR H 94 38.72 -50.14 -8.27
C TYR H 94 37.62 -49.51 -7.43
N CYS H 95 37.89 -48.32 -6.89
CA CYS H 95 36.84 -47.46 -6.36
C CYS H 95 36.53 -46.41 -7.41
N ALA H 96 35.27 -46.03 -7.51
CA ALA H 96 34.88 -45.04 -8.51
C ALA H 96 33.78 -44.15 -7.98
N ARG H 97 33.81 -42.90 -8.42
CA ARG H 97 32.85 -41.92 -7.96
C ARG H 97 31.73 -41.74 -8.97
N ALA H 98 30.51 -41.60 -8.45
CA ALA H 98 29.34 -41.29 -9.26
C ALA H 98 28.37 -40.43 -8.47
N ALA H 99 27.55 -39.66 -9.15
CA ALA H 99 26.58 -38.81 -8.47
C ALA H 99 25.55 -39.68 -7.76
N PRO H 100 24.87 -39.16 -6.75
CA PRO H 100 23.77 -39.77 -6.05
C PRO H 100 22.55 -39.84 -6.95
N PHE H 101 21.59 -40.68 -6.57
CA PHE H 101 20.41 -40.91 -7.39
C PHE H 101 19.52 -39.69 -7.56
N TYR H 102 19.77 -38.65 -6.79
CA TYR H 102 18.94 -37.46 -6.89
C TYR H 102 19.51 -36.45 -7.88
N ASP H 103 20.60 -36.80 -8.54
CA ASP H 103 21.18 -35.90 -9.51
C ASP H 103 20.28 -35.76 -10.73
N PHE H 104 19.90 -34.52 -11.02
CA PHE H 104 18.94 -34.22 -12.07
C PHE H 104 19.39 -34.73 -13.44
N TRP H 105 20.67 -34.58 -13.72
CA TRP H 105 21.18 -34.93 -15.05
C TRP H 105 21.82 -36.32 -15.10
N SER H 106 21.32 -37.20 -14.24
CA SER H 106 21.68 -38.61 -14.27
C SER H 106 23.17 -38.87 -14.17
N GLY H 107 23.85 -38.15 -13.29
CA GLY H 107 25.28 -38.35 -13.08
C GLY H 107 25.56 -39.64 -12.34
N TYR H 108 24.50 -40.31 -11.90
CA TYR H 108 24.62 -41.56 -11.17
C TYR H 108 24.73 -42.73 -12.12
N SER H 109 24.42 -42.49 -13.39
CA SER H 109 24.35 -43.56 -14.37
C SER H 109 25.73 -43.97 -14.85
N TYR H 110 26.74 -43.20 -14.47
CA TYR H 110 28.11 -43.46 -14.90
C TYR H 110 29.12 -43.07 -13.82
N PHE H 111 30.34 -43.53 -13.99
CA PHE H 111 31.42 -43.28 -13.03
C PHE H 111 32.41 -42.30 -13.63
N ASP H 112 32.54 -41.12 -13.03
CA ASP H 112 33.38 -40.08 -13.64
C ASP H 112 34.81 -40.08 -13.13
N TYR H 113 35.04 -40.63 -11.94
CA TYR H 113 36.40 -40.70 -11.41
C TYR H 113 36.72 -42.08 -10.88
N TRP H 114 37.95 -42.52 -11.13
CA TRP H 114 38.40 -43.83 -10.70
C TRP H 114 39.71 -43.72 -9.94
N GLY H 115 39.89 -44.59 -8.96
CA GLY H 115 41.16 -44.67 -8.24
C GLY H 115 42.08 -45.64 -8.96
N GLN H 116 43.29 -45.81 -8.45
CA GLN H 116 44.21 -46.77 -9.06
C GLN H 116 43.77 -48.15 -8.62
N GLY H 117 43.84 -49.11 -9.52
CA GLY H 117 43.36 -50.43 -9.19
C GLY H 117 44.19 -51.09 -8.11
N THR H 118 43.54 -51.84 -7.24
CA THR H 118 44.22 -52.58 -6.20
C THR H 118 44.11 -54.07 -6.45
N LEU H 119 45.24 -54.72 -6.69
CA LEU H 119 45.23 -56.14 -7.00
C LEU H 119 45.09 -56.99 -5.75
N VAL H 120 44.12 -57.89 -5.78
CA VAL H 120 43.95 -58.88 -4.72
C VAL H 120 44.11 -60.27 -5.30
N THR H 121 45.08 -61.01 -4.77
CA THR H 121 45.36 -62.37 -5.25
C THR H 121 44.83 -63.40 -4.26
N VAL H 122 44.11 -64.41 -4.77
CA VAL H 122 43.54 -65.47 -3.94
C VAL H 122 43.87 -66.84 -4.53
N GLU I 1 50.83 75.91 28.17
CA GLU I 1 52.17 75.55 28.60
C GLU I 1 52.28 74.05 28.86
N VAL I 2 53.07 73.35 28.04
CA VAL I 2 53.28 71.91 28.15
C VAL I 2 54.49 71.60 29.00
N GLN I 3 54.30 70.74 30.00
CA GLN I 3 55.39 70.38 30.89
C GLN I 3 55.49 68.87 31.09
N LEU I 4 56.73 68.41 31.21
CA LEU I 4 57.03 67.03 31.57
C LEU I 4 58.05 67.03 32.71
N VAL I 5 57.73 66.34 33.80
CA VAL I 5 58.60 66.38 34.97
C VAL I 5 59.08 65.00 35.38
N GLU I 6 60.37 64.74 35.16
CA GLU I 6 60.97 63.48 35.55
C GLU I 6 61.27 63.45 37.04
N SER I 7 61.20 62.28 37.63
CA SER I 7 61.58 62.08 39.02
C SER I 7 61.95 60.63 39.27
N GLY I 8 62.53 60.36 40.43
CA GLY I 8 62.87 58.99 40.79
C GLY I 8 64.30 58.62 40.41
N GLY I 9 65.10 59.61 40.05
CA GLY I 9 66.49 59.36 39.70
C GLY I 9 67.32 59.22 40.97
N GLY I 10 68.64 59.17 40.83
CA GLY I 10 69.50 59.01 41.98
C GLY I 10 70.61 57.99 41.76
N LEU I 11 71.34 57.69 42.82
CA LEU I 11 72.47 56.78 42.78
C LEU I 11 72.09 55.38 43.29
N VAL I 12 72.32 54.38 42.47
CA VAL I 12 72.02 52.99 42.82
C VAL I 12 73.21 52.09 42.56
N ASN I 13 73.19 50.89 43.15
CA ASN I 13 74.23 49.91 42.90
C ASN I 13 73.92 49.13 41.62
N PRO I 14 74.94 48.61 40.94
CA PRO I 14 74.85 47.66 39.86
C PRO I 14 74.12 46.41 40.32
N GLY I 15 73.29 45.86 39.44
CA GLY I 15 72.55 44.64 39.75
C GLY I 15 71.23 44.94 40.46
N GLY I 16 71.01 46.21 40.76
CA GLY I 16 69.80 46.61 41.45
C GLY I 16 68.69 47.01 40.48
N SER I 17 67.78 47.84 40.94
CA SER I 17 66.66 48.30 40.13
C SER I 17 66.24 49.70 40.53
N LEU I 18 65.59 50.41 39.61
CA LEU I 18 65.14 51.77 39.88
C LEU I 18 63.92 52.11 39.04
N ARG I 19 62.91 52.70 39.67
CA ARG I 19 61.72 53.15 38.93
C ARG I 19 61.75 54.66 38.70
N LEU I 20 61.64 55.06 37.45
CA LEU I 20 61.56 56.47 37.12
C LEU I 20 60.13 56.86 36.81
N SER I 21 59.80 58.11 37.08
CA SER I 21 58.48 58.63 36.78
C SER I 21 58.57 59.88 35.93
N CYS I 22 57.49 60.18 35.19
CA CYS I 22 57.35 61.42 34.44
C CYS I 22 55.92 61.93 34.51
N ALA I 23 55.74 63.03 35.23
CA ALA I 23 54.41 63.64 35.36
C ALA I 23 54.15 64.51 34.14
N ALA I 24 52.90 64.55 33.70
CA ALA I 24 52.55 65.35 32.54
C ALA I 24 51.46 66.36 32.83
N SER I 25 51.57 67.53 32.21
CA SER I 25 50.53 68.55 32.30
C SER I 25 50.57 69.48 31.10
N GLY I 26 49.46 70.18 30.86
CA GLY I 26 49.39 71.18 29.80
C GLY I 26 48.83 70.61 28.50
N PHE I 27 48.60 69.31 28.48
CA PHE I 27 48.08 68.64 27.29
C PHE I 27 47.32 67.40 27.69
N THR I 28 46.61 66.81 26.73
CA THR I 28 45.89 65.58 27.04
C THR I 28 46.85 64.40 26.97
N PHE I 29 47.19 63.87 28.13
CA PHE I 29 48.17 62.81 28.28
C PHE I 29 47.77 61.61 27.44
N SER I 30 46.49 61.26 27.51
CA SER I 30 45.96 60.06 26.87
C SER I 30 45.90 60.15 25.35
N ASP I 31 46.25 61.30 24.78
CA ASP I 31 46.22 61.44 23.32
C ASP I 31 47.61 61.29 22.69
N TYR I 32 48.65 61.20 23.52
CA TYR I 32 50.00 61.19 22.98
C TYR I 32 50.86 60.02 23.42
N THR I 33 51.75 59.61 22.53
CA THR I 33 52.80 58.64 22.80
C THR I 33 53.96 59.33 23.49
N ILE I 34 54.51 58.69 24.52
CA ILE I 34 55.62 59.29 25.24
C ILE I 34 56.83 58.37 25.25
N HIS I 35 57.99 58.94 24.93
CA HIS I 35 59.22 58.19 24.79
C HIS I 35 60.21 58.49 25.91
N TRP I 36 61.06 57.53 26.20
CA TRP I 36 62.21 57.77 27.04
C TRP I 36 63.49 57.76 26.21
N VAL I 37 64.33 58.75 26.44
CA VAL I 37 65.61 58.88 25.78
C VAL I 37 66.68 59.12 26.83
N ARG I 38 67.83 58.48 26.69
CA ARG I 38 68.87 58.66 27.69
C ARG I 38 70.14 59.21 27.09
N GLN I 39 70.85 60.01 27.87
CA GLN I 39 72.11 60.58 27.43
C GLN I 39 73.24 60.32 28.41
N ALA I 40 74.16 59.44 28.05
CA ALA I 40 75.30 59.17 28.91
C ALA I 40 76.17 60.41 28.95
N PRO I 41 76.87 60.68 30.07
CA PRO I 41 77.77 61.80 30.25
C PRO I 41 78.79 61.86 29.12
N GLY I 42 78.84 63.00 28.45
CA GLY I 42 79.80 63.22 27.36
C GLY I 42 79.36 62.58 26.04
N LYS I 43 78.17 61.99 26.03
CA LYS I 43 77.69 61.30 24.85
C LYS I 43 76.44 61.95 24.27
N GLY I 44 75.95 61.41 23.17
CA GLY I 44 74.76 61.93 22.52
C GLY I 44 73.50 61.26 23.03
N LEU I 45 72.41 61.44 22.31
CA LEU I 45 71.11 60.92 22.72
C LEU I 45 70.93 59.49 22.24
N GLU I 46 70.36 58.65 23.10
CA GLU I 46 70.02 57.29 22.72
C GLU I 46 68.59 56.96 23.09
N TRP I 47 67.82 56.49 22.13
CA TRP I 47 66.42 56.16 22.38
C TRP I 47 66.33 54.90 23.23
N VAL I 48 65.47 54.92 24.24
CA VAL I 48 65.36 53.80 25.16
C VAL I 48 64.11 52.98 24.93
N SER I 49 62.95 53.63 25.01
CA SER I 49 61.69 52.93 24.89
C SER I 49 60.55 53.89 24.61
N SER I 50 59.39 53.34 24.25
CA SER I 50 58.21 54.16 24.04
C SER I 50 56.95 53.41 24.37
N ILE I 51 55.94 54.14 24.82
CA ILE I 51 54.63 53.56 25.06
C ILE I 51 53.55 54.41 24.41
N SER I 52 52.71 53.77 23.60
CA SER I 52 51.65 54.47 22.89
C SER I 52 50.52 54.88 23.82
N SER I 53 49.63 55.72 23.32
CA SER I 53 48.56 56.29 24.13
C SER I 53 47.66 55.22 24.75
N SER I 54 47.44 54.14 24.02
CA SER I 54 46.59 53.05 24.50
C SER I 54 47.38 52.01 25.28
N SER I 55 48.70 52.18 25.33
CA SER I 55 49.61 51.23 25.96
C SER I 55 49.66 49.90 25.24
N ASN I 56 49.00 49.81 24.10
CA ASN I 56 48.99 48.56 23.33
C ASN I 56 50.27 48.38 22.53
N TYR I 57 50.88 49.49 22.13
CA TYR I 57 52.09 49.43 21.34
C TYR I 57 53.28 49.91 22.13
N ILE I 58 54.16 48.98 22.49
CA ILE I 58 55.33 49.28 23.29
C ILE I 58 56.59 48.82 22.59
N TYR I 59 57.59 49.70 22.58
CA TYR I 59 58.85 49.39 21.92
C TYR I 59 60.02 49.61 22.85
N TYR I 60 61.05 48.79 22.71
CA TYR I 60 62.27 48.94 23.49
C TYR I 60 63.50 48.87 22.59
N ALA I 61 64.52 49.63 22.94
CA ALA I 61 65.82 49.48 22.31
C ALA I 61 66.38 48.12 22.66
N ASP I 62 67.13 47.52 21.75
CA ASP I 62 67.69 46.20 21.99
C ASP I 62 68.57 46.16 23.22
N SER I 63 69.22 47.28 23.50
CA SER I 63 70.13 47.39 24.63
C SER I 63 69.43 47.33 25.98
N VAL I 64 68.13 47.58 26.00
CA VAL I 64 67.38 47.55 27.26
C VAL I 64 66.24 46.56 27.22
N LYS I 65 65.92 46.08 26.02
CA LYS I 65 64.83 45.14 25.85
C LYS I 65 65.05 43.90 26.69
N GLY I 66 64.05 43.53 27.46
CA GLY I 66 64.14 42.35 28.32
C GLY I 66 64.47 42.72 29.76
N ARG I 67 64.91 43.96 29.97
CA ARG I 67 65.24 44.42 31.32
C ARG I 67 64.32 45.54 31.77
N PHE I 68 63.96 46.42 30.84
CA PHE I 68 63.12 47.55 31.16
C PHE I 68 61.64 47.25 30.91
N THR I 69 60.78 47.78 31.76
CA THR I 69 59.34 47.70 31.55
C THR I 69 58.70 49.08 31.63
N ILE I 70 57.92 49.43 30.62
CA ILE I 70 57.29 50.75 30.60
C ILE I 70 55.78 50.63 30.72
N SER I 71 55.19 51.50 31.55
CA SER I 71 53.75 51.51 31.74
C SER I 71 53.25 52.92 32.05
N ARG I 72 52.00 53.19 31.73
CA ARG I 72 51.44 54.51 31.96
C ARG I 72 50.06 54.44 32.58
N ASP I 73 49.72 55.46 33.35
CA ASP I 73 48.39 55.62 33.91
C ASP I 73 47.72 56.87 33.35
N ASN I 74 46.74 56.67 32.49
CA ASN I 74 46.12 57.77 31.79
C ASN I 74 45.13 58.53 32.66
N ALA I 75 44.85 58.00 33.85
CA ALA I 75 43.96 58.66 34.78
C ALA I 75 44.73 59.63 35.66
N LYS I 76 45.99 59.27 35.95
CA LYS I 76 46.85 60.06 36.81
C LYS I 76 47.74 61.00 36.01
N ASN I 77 47.68 60.90 34.68
CA ASN I 77 48.57 61.66 33.81
C ASN I 77 50.02 61.44 34.21
N SER I 78 50.40 60.17 34.39
CA SER I 78 51.74 59.83 34.85
C SER I 78 52.32 58.60 34.16
N LEU I 79 53.56 58.74 33.70
CA LEU I 79 54.30 57.67 33.03
C LEU I 79 55.38 57.11 33.93
N SER I 80 55.53 55.78 33.96
CA SER I 80 56.60 55.16 34.74
C SER I 80 57.48 54.24 33.89
N LEU I 81 58.76 54.17 34.27
CA LEU I 81 59.71 53.26 33.64
C LEU I 81 60.46 52.45 34.70
N GLN I 82 60.30 51.13 34.66
CA GLN I 82 60.97 50.27 35.62
C GLN I 82 62.21 49.64 35.03
N MET I 83 63.36 49.95 35.61
CA MET I 83 64.63 49.43 35.11
C MET I 83 65.18 48.36 36.04
N ASN I 84 65.15 47.11 35.60
CA ASN I 84 65.63 46.01 36.41
C ASN I 84 67.00 45.55 35.94
N SER I 85 67.75 44.89 36.82
CA SER I 85 69.05 44.35 36.46
C SER I 85 69.88 45.39 35.71
N LEU I 86 70.00 46.56 36.31
CA LEU I 86 70.74 47.66 35.69
C LEU I 86 72.24 47.53 35.92
N ARG I 87 73.01 48.17 35.05
CA ARG I 87 74.46 48.07 35.08
C ARG I 87 75.14 49.43 34.99
N ALA I 88 76.45 49.46 35.18
CA ALA I 88 77.22 50.71 35.11
C ALA I 88 77.03 51.37 33.75
N GLU I 89 76.85 50.56 32.71
CA GLU I 89 76.67 51.04 31.35
C GLU I 89 75.38 51.84 31.16
N ASP I 90 74.49 51.76 32.13
CA ASP I 90 73.20 52.42 32.03
C ASP I 90 73.21 53.81 32.64
N THR I 91 74.38 54.28 33.09
CA THR I 91 74.46 55.62 33.64
C THR I 91 74.17 56.65 32.56
N ALA I 92 73.18 57.48 32.80
CA ALA I 92 72.74 58.48 31.83
C ALA I 92 71.71 59.40 32.43
N VAL I 93 71.49 60.53 31.77
CA VAL I 93 70.34 61.36 32.09
C VAL I 93 69.14 60.87 31.31
N TYR I 94 68.09 60.52 32.02
CA TYR I 94 66.89 59.99 31.39
C TYR I 94 65.83 61.07 31.21
N TYR I 95 65.47 61.29 29.96
CA TYR I 95 64.46 62.27 29.61
C TYR I 95 63.19 61.56 29.18
N CYS I 96 62.04 62.14 29.51
CA CYS I 96 60.77 61.76 28.89
C CYS I 96 60.43 62.82 27.86
N ALA I 97 59.86 62.39 26.74
CA ALA I 97 59.54 63.34 25.68
C ALA I 97 58.21 63.01 25.02
N ARG I 98 57.49 64.05 24.64
CA ARG I 98 56.20 63.93 24.00
C ARG I 98 56.33 63.82 22.51
N ASP I 99 55.79 62.73 21.96
CA ASP I 99 55.80 62.49 20.54
C ASP I 99 54.92 63.53 19.86
N GLY I 100 55.50 64.24 18.91
CA GLY I 100 54.79 65.32 18.22
C GLY I 100 53.76 64.79 17.23
N ASN I 101 53.82 63.50 16.95
CA ASN I 101 52.90 62.89 16.01
C ASN I 101 51.63 62.46 16.72
N ALA I 102 50.57 63.25 16.58
CA ALA I 102 49.33 62.99 17.28
C ALA I 102 48.50 61.96 16.54
N TYR I 103 48.99 61.52 15.40
CA TYR I 103 48.25 60.59 14.56
C TYR I 103 49.09 59.37 14.23
N LYS I 104 49.24 58.50 15.22
CA LYS I 104 50.12 57.34 15.11
C LYS I 104 49.40 56.24 14.34
N TRP I 105 48.12 56.47 14.06
CA TRP I 105 47.34 55.54 13.27
C TRP I 105 47.57 55.78 11.79
N LEU I 106 48.25 56.86 11.46
CA LEU I 106 48.53 57.19 10.08
C LEU I 106 49.97 56.82 9.74
N LEU I 107 50.90 57.28 10.58
CA LEU I 107 52.32 56.98 10.41
C LEU I 107 52.96 56.63 11.74
N ALA I 108 52.74 55.41 12.22
CA ALA I 108 53.20 55.03 13.54
C ALA I 108 54.72 55.17 13.66
N GLU I 109 55.42 54.88 12.57
CA GLU I 109 56.87 54.91 12.55
C GLU I 109 57.46 56.32 12.51
N ASN I 110 56.63 57.32 12.26
CA ASN I 110 57.12 58.69 12.16
C ASN I 110 57.18 59.36 13.52
N VAL I 111 58.38 59.46 14.07
CA VAL I 111 58.54 59.95 15.43
C VAL I 111 59.37 61.23 15.52
N ARG I 112 58.81 62.22 16.22
CA ARG I 112 59.50 63.46 16.53
C ARG I 112 59.19 63.83 17.96
N PHE I 113 60.08 64.59 18.60
CA PHE I 113 59.90 64.89 20.01
C PHE I 113 59.70 66.38 20.23
N ASP I 114 58.44 66.79 20.35
CA ASP I 114 58.12 68.20 20.44
C ASP I 114 58.46 68.78 21.80
N TYR I 115 58.23 68.00 22.84
CA TYR I 115 58.48 68.49 24.19
C TYR I 115 59.34 67.53 24.99
N TRP I 116 60.29 68.09 25.73
CA TRP I 116 61.18 67.30 26.57
C TRP I 116 61.10 67.77 28.00
N GLY I 117 61.26 66.85 28.94
CA GLY I 117 61.35 67.22 30.34
C GLY I 117 62.78 67.67 30.64
N GLN I 118 63.04 68.02 31.91
CA GLN I 118 64.36 68.48 32.30
C GLN I 118 65.37 67.34 32.27
N GLY I 119 64.92 66.15 32.62
CA GLY I 119 65.77 64.97 32.65
C GLY I 119 66.23 64.65 34.05
N THR I 120 66.25 63.36 34.40
CA THR I 120 66.69 62.94 35.72
C THR I 120 67.90 62.03 35.61
N LEU I 121 68.93 62.32 36.40
CA LEU I 121 70.17 61.56 36.30
C LEU I 121 70.11 60.26 37.09
N VAL I 122 70.48 59.18 36.41
CA VAL I 122 70.61 57.89 37.05
C VAL I 122 72.04 57.42 36.99
N THR I 123 72.63 57.17 38.15
CA THR I 123 74.02 56.72 38.21
C THR I 123 74.11 55.34 38.82
N VAL I 124 74.82 54.45 38.13
CA VAL I 124 74.96 53.08 38.61
C VAL I 124 76.41 52.78 38.94
N SER I 125 76.71 52.77 40.24
CA SER I 125 78.09 52.63 40.71
C SER I 125 78.13 52.34 42.19
N SER I 126 79.32 52.01 42.71
CA SER I 126 79.52 51.78 44.14
C SER I 126 80.98 51.96 44.50
N VAL J 1 73.60 56.24 11.67
CA VAL J 1 73.56 57.62 11.21
C VAL J 1 74.89 58.30 11.56
N THR J 2 75.62 58.75 10.52
CA THR J 2 76.92 59.39 10.67
C THR J 2 76.81 60.91 10.57
N GLN J 3 77.40 61.60 11.53
CA GLN J 3 77.45 63.06 11.51
C GLN J 3 78.89 63.54 11.68
N PRO J 4 79.22 64.74 11.18
CA PRO J 4 80.43 65.47 11.45
C PRO J 4 80.61 65.69 12.95
N ALA J 5 81.84 65.65 13.41
CA ALA J 5 82.10 65.88 14.83
C ALA J 5 81.73 67.30 15.20
N SER J 6 82.01 68.24 14.30
CA SER J 6 81.72 69.64 14.53
C SER J 6 81.69 70.43 13.23
N VAL J 7 81.05 71.59 13.29
CA VAL J 7 81.05 72.55 12.19
C VAL J 7 81.30 73.95 12.72
N SER J 8 81.82 74.82 11.86
CA SER J 8 82.09 76.19 12.26
C SER J 8 82.07 77.13 11.08
N GLY J 9 82.06 78.43 11.38
CA GLY J 9 82.08 79.46 10.34
C GLY J 9 81.82 80.83 10.95
N SER J 10 82.00 81.87 10.15
CA SER J 10 81.79 83.24 10.62
C SER J 10 80.31 83.49 10.85
N PRO J 11 79.96 84.39 11.77
CA PRO J 11 78.63 84.92 11.99
C PRO J 11 78.05 85.45 10.68
N GLY J 12 76.79 85.18 10.44
CA GLY J 12 76.10 85.62 9.24
C GLY J 12 76.19 84.61 8.10
N GLN J 13 77.04 83.59 8.25
CA GLN J 13 77.24 82.58 7.21
C GLN J 13 76.29 81.41 7.34
N SER J 14 76.13 80.68 6.24
CA SER J 14 75.26 79.50 6.21
C SER J 14 76.06 78.22 6.39
N ILE J 15 75.74 77.47 7.45
CA ILE J 15 76.43 76.22 7.75
C ILE J 15 75.53 75.03 7.56
N THR J 16 76.03 74.02 6.84
CA THR J 16 75.26 72.81 6.58
C THR J 16 75.79 71.62 7.37
N ILE J 17 74.90 71.00 8.15
CA ILE J 17 75.24 69.80 8.91
C ILE J 17 74.57 68.61 8.25
N SER J 18 75.35 67.58 7.93
CA SER J 18 74.80 66.43 7.21
C SER J 18 74.71 65.17 8.07
N CYS J 19 73.73 64.33 7.76
CA CYS J 19 73.52 63.03 8.40
C CYS J 19 73.42 61.92 7.36
N THR J 20 74.43 61.08 7.31
CA THR J 20 74.46 60.02 6.30
C THR J 20 74.04 58.69 6.90
N GLY J 21 73.00 58.10 6.33
CA GLY J 21 72.52 56.80 6.75
C GLY J 21 72.44 55.86 5.57
N THR J 22 71.46 54.98 5.58
CA THR J 22 71.25 54.04 4.50
C THR J 22 69.79 54.03 4.05
N SER J 23 69.46 53.13 3.13
CA SER J 23 68.11 53.11 2.56
C SER J 23 67.04 52.78 3.59
N SER J 24 67.42 51.99 4.59
CA SER J 24 66.51 51.57 5.64
C SER J 24 66.34 52.63 6.73
N ASP J 25 67.10 53.72 6.63
CA ASP J 25 67.11 54.73 7.67
C ASP J 25 66.74 56.11 7.16
N VAL J 26 67.46 56.58 6.16
CA VAL J 26 67.27 57.93 5.63
C VAL J 26 66.61 57.90 4.26
N GLY J 27 67.05 56.97 3.41
CA GLY J 27 66.61 56.93 2.03
C GLY J 27 65.10 56.79 1.88
N GLY J 28 64.55 55.69 2.38
CA GLY J 28 63.13 55.38 2.18
C GLY J 28 62.22 55.92 3.28
N TYR J 29 62.79 56.60 4.26
CA TYR J 29 62.00 57.08 5.38
C TYR J 29 62.22 58.57 5.65
N ASN J 30 61.38 59.41 5.04
CA ASN J 30 61.51 60.86 5.16
C ASN J 30 60.93 61.34 6.48
N TYR J 31 61.44 60.82 7.57
CA TYR J 31 60.99 61.16 8.91
C TYR J 31 62.13 61.75 9.72
N VAL J 32 63.11 62.30 9.02
CA VAL J 32 64.30 62.81 9.66
C VAL J 32 64.00 64.08 10.44
N SER J 33 64.46 64.12 11.69
CA SER J 33 64.27 65.30 12.52
C SER J 33 65.58 65.77 13.11
N TRP J 34 65.63 67.05 13.45
CA TRP J 34 66.82 67.65 14.03
C TRP J 34 66.53 68.28 15.39
N TYR J 35 67.46 68.12 16.32
CA TYR J 35 67.31 68.70 17.65
C TYR J 35 68.49 69.57 18.04
N GLN J 36 68.21 70.63 18.76
CA GLN J 36 69.25 71.52 19.26
C GLN J 36 69.41 71.39 20.76
N GLN J 37 70.60 71.01 21.22
CA GLN J 37 70.83 70.87 22.64
C GLN J 37 71.86 71.85 23.18
N HIS J 38 71.45 72.66 24.14
CA HIS J 38 72.36 73.57 24.82
C HIS J 38 72.91 72.86 26.05
N PRO J 39 74.14 73.16 26.45
CA PRO J 39 74.80 72.60 27.62
C PRO J 39 73.93 72.68 28.86
N GLY J 40 73.70 71.53 29.50
CA GLY J 40 72.94 71.46 30.74
C GLY J 40 71.42 71.48 30.51
N LYS J 41 71.00 71.51 29.26
CA LYS J 41 69.58 71.60 28.94
C LYS J 41 69.09 70.42 28.11
N ALA J 42 67.79 70.16 28.19
CA ALA J 42 67.16 69.17 27.32
C ALA J 42 67.13 69.72 25.90
N PRO J 43 67.23 68.86 24.89
CA PRO J 43 67.18 69.18 23.48
C PRO J 43 65.79 69.62 23.06
N LYS J 44 65.71 70.44 22.02
CA LYS J 44 64.43 70.85 21.46
C LYS J 44 64.37 70.60 19.96
N LEU J 45 63.17 70.33 19.47
CA LEU J 45 62.96 70.04 18.06
C LEU J 45 63.09 71.29 17.21
N MET J 46 63.91 71.21 16.16
CA MET J 46 64.12 72.33 15.25
C MET J 46 63.47 72.06 13.89
N ILE J 47 63.62 70.82 13.42
CA ILE J 47 63.08 70.40 12.12
C ILE J 47 62.53 68.99 12.21
N TYR J 48 61.45 68.71 11.51
CA TYR J 48 60.88 67.38 11.44
C TYR J 48 60.38 67.05 10.04
N ASP J 49 60.18 65.78 9.75
CA ASP J 49 59.75 65.37 8.42
C ASP J 49 60.68 65.99 7.37
N VAL J 50 61.97 65.94 7.64
CA VAL J 50 63.03 66.44 6.77
C VAL J 50 63.12 67.96 6.72
N SER J 51 62.03 68.63 6.37
CA SER J 51 62.11 70.08 6.14
C SER J 51 61.07 70.91 6.89
N ASP J 52 60.19 70.28 7.67
CA ASP J 52 59.12 71.03 8.34
C ASP J 52 59.60 71.66 9.63
N ARG J 53 59.22 72.91 9.84
CA ARG J 53 59.64 73.66 11.02
C ARG J 53 58.48 73.82 12.02
N PRO J 54 58.70 73.49 13.30
CA PRO J 54 57.81 73.72 14.43
C PRO J 54 57.59 75.21 14.66
N SER J 55 56.41 75.57 15.16
CA SER J 55 56.17 76.94 15.53
C SER J 55 57.08 77.34 16.68
N GLY J 56 57.59 78.57 16.63
CA GLY J 56 58.49 79.06 17.67
C GLY J 56 59.94 78.96 17.24
N VAL J 57 60.20 78.21 16.17
CA VAL J 57 61.54 78.06 15.63
C VAL J 57 61.76 79.09 14.54
N SER J 58 62.92 79.76 14.57
CA SER J 58 63.21 80.81 13.61
C SER J 58 63.35 80.25 12.19
N ASN J 59 63.05 81.09 11.21
CA ASN J 59 63.02 80.68 9.81
C ASN J 59 64.40 80.56 9.20
N ARG J 60 65.41 80.75 10.02
CA ARG J 60 66.79 80.60 9.59
C ARG J 60 67.18 79.12 9.54
N PHE J 61 66.32 78.27 10.11
CA PHE J 61 66.57 76.83 10.14
C PHE J 61 65.72 76.10 9.12
N SER J 62 66.36 75.41 8.19
CA SER J 62 65.64 74.63 7.20
C SER J 62 66.39 73.35 6.88
N GLY J 63 65.66 72.26 6.69
CA GLY J 63 66.29 70.99 6.39
C GLY J 63 66.05 70.57 4.95
N SER J 64 66.75 69.53 4.53
CA SER J 64 66.61 68.98 3.19
C SER J 64 67.12 67.54 3.16
N LYS J 65 66.84 66.82 2.07
CA LYS J 65 67.32 65.46 1.94
C LYS J 65 67.66 65.12 0.50
N SER J 66 68.79 64.46 0.31
CA SER J 66 69.21 63.99 -1.01
C SER J 66 69.79 62.59 -0.93
N GLY J 67 69.09 61.63 -1.51
CA GLY J 67 69.53 60.24 -1.43
C GLY J 67 69.46 59.73 0.01
N ASN J 68 70.59 59.22 0.50
CA ASN J 68 70.66 58.68 1.85
C ASN J 68 71.26 59.67 2.84
N THR J 69 71.45 60.91 2.42
CA THR J 69 72.01 61.91 3.31
C THR J 69 71.05 63.08 3.51
N ALA J 70 70.74 63.36 4.77
CA ALA J 70 69.89 64.48 5.13
C ALA J 70 70.76 65.62 5.61
N SER J 71 70.24 66.84 5.59
CA SER J 71 71.03 67.95 6.08
C SER J 71 70.21 69.06 6.71
N LEU J 72 70.86 69.82 7.57
CA LEU J 72 70.26 71.00 8.18
C LEU J 72 71.10 72.22 7.84
N THR J 73 70.46 73.23 7.26
CA THR J 73 71.16 74.44 6.92
C THR J 73 70.74 75.56 7.85
N ILE J 74 71.72 76.20 8.48
CA ILE J 74 71.44 77.30 9.39
C ILE J 74 71.95 78.61 8.80
N SER J 75 71.03 79.44 8.36
CA SER J 75 71.39 80.69 7.69
C SER J 75 71.53 81.81 8.69
N GLY J 76 72.37 82.79 8.38
CA GLY J 76 72.51 83.95 9.24
C GLY J 76 73.04 83.55 10.60
N LEU J 77 74.00 82.63 10.63
CA LEU J 77 74.53 82.11 11.87
C LEU J 77 74.63 83.17 12.96
N GLN J 78 74.04 82.87 14.10
CA GLN J 78 74.10 83.75 15.27
C GLN J 78 74.95 83.12 16.37
N ALA J 79 75.46 83.95 17.28
CA ALA J 79 76.25 83.45 18.39
C ALA J 79 75.43 82.49 19.25
N GLU J 80 74.14 82.76 19.37
CA GLU J 80 73.26 81.97 20.20
C GLU J 80 72.96 80.59 19.60
N ASP J 81 73.40 80.37 18.37
CA ASP J 81 73.14 79.11 17.69
C ASP J 81 74.05 78.00 18.18
N GLU J 82 75.20 78.36 18.77
CA GLU J 82 76.14 77.32 19.16
C GLU J 82 75.45 76.29 20.04
N ALA J 83 75.54 75.04 19.63
CA ALA J 83 74.84 73.94 20.29
C ALA J 83 75.23 72.60 19.69
N ASP J 84 74.84 71.52 20.34
CA ASP J 84 75.01 70.19 19.75
C ASP J 84 73.75 69.78 19.00
N TYR J 85 73.89 69.59 17.69
CA TYR J 85 72.74 69.24 16.86
C TYR J 85 72.70 67.76 16.55
N TYR J 86 71.55 67.15 16.76
CA TYR J 86 71.41 65.71 16.54
C TYR J 86 70.35 65.42 15.50
N CYS J 87 70.58 64.37 14.70
CA CYS J 87 69.54 63.80 13.85
C CYS J 87 68.81 62.68 14.57
N SER J 88 67.59 62.43 14.16
CA SER J 88 66.85 61.25 14.57
C SER J 88 66.02 60.72 13.42
N SER J 89 66.00 59.41 13.28
CA SER J 89 65.26 58.79 12.19
C SER J 89 64.76 57.40 12.56
N TYR J 90 63.79 56.91 11.81
CA TYR J 90 63.27 55.57 11.98
C TYR J 90 64.10 54.58 11.19
N THR J 91 64.52 53.50 11.84
CA THR J 91 65.29 52.48 11.16
C THR J 91 64.52 51.18 11.05
N SER J 92 64.47 50.64 9.84
CA SER J 92 63.80 49.37 9.59
C SER J 92 64.76 48.20 9.72
N SER J 93 64.48 47.34 10.70
CA SER J 93 65.31 46.18 10.96
C SER J 93 64.45 45.02 11.45
N SER J 94 65.09 44.03 12.06
CA SER J 94 64.35 42.87 12.56
C SER J 94 63.37 43.30 13.64
N THR J 95 63.74 44.35 14.37
CA THR J 95 62.86 44.97 15.35
C THR J 95 62.87 46.48 15.11
N PRO J 96 61.72 47.08 14.80
CA PRO J 96 61.58 48.48 14.42
C PRO J 96 61.98 49.38 15.58
N ASN J 97 62.82 50.37 15.31
CA ASN J 97 63.28 51.24 16.37
C ASN J 97 63.68 52.60 15.81
N TRP J 98 64.08 53.50 16.71
CA TRP J 98 64.49 54.83 16.32
C TRP J 98 65.88 55.12 16.84
N VAL J 99 66.65 55.84 16.04
CA VAL J 99 68.04 56.10 16.39
C VAL J 99 68.39 57.58 16.27
N PHE J 100 69.46 57.97 16.94
CA PHE J 100 69.98 59.32 16.85
C PHE J 100 71.35 59.31 16.18
N GLY J 101 71.72 60.43 15.59
CA GLY J 101 73.05 60.57 15.00
C GLY J 101 74.08 60.85 16.09
N GLY J 102 75.34 60.85 15.71
CA GLY J 102 76.42 61.08 16.68
C GLY J 102 76.31 62.43 17.37
N GLY J 103 75.88 63.43 16.62
CA GLY J 103 75.74 64.78 17.15
C GLY J 103 76.86 65.68 16.65
N THR J 104 76.50 66.81 16.06
CA THR J 104 77.47 67.75 15.51
C THR J 104 77.57 68.98 16.38
N LYS J 105 78.77 69.28 16.85
CA LYS J 105 78.95 70.47 17.66
C LYS J 105 79.14 71.70 16.79
N LEU J 106 78.22 72.66 16.93
CA LEU J 106 78.31 73.91 16.19
C LEU J 106 78.97 74.97 17.07
N THR J 107 80.12 75.47 16.61
CA THR J 107 80.91 76.47 17.34
C THR J 107 80.85 77.81 16.62
N GLN K 14 7.36 -24.10 -60.92
CA GLN K 14 8.14 -22.90 -60.61
C GLN K 14 7.26 -21.64 -60.62
N CYS K 15 7.88 -20.49 -60.32
CA CYS K 15 7.18 -19.21 -60.29
C CYS K 15 7.08 -18.62 -61.69
N VAL K 16 5.92 -18.08 -62.01
CA VAL K 16 5.73 -17.37 -63.28
C VAL K 16 4.95 -16.07 -63.06
N ASN K 17 5.41 -14.98 -63.69
CA ASN K 17 4.71 -13.71 -63.68
C ASN K 17 3.57 -13.73 -64.70
N LEU K 18 2.37 -13.36 -64.28
CA LEU K 18 1.21 -13.30 -65.17
C LEU K 18 1.16 -11.96 -65.90
N THR K 19 0.67 -11.98 -67.13
CA THR K 19 0.51 -10.77 -67.92
C THR K 19 -0.86 -10.70 -68.55
N THR K 20 -1.08 -9.70 -69.40
CA THR K 20 -2.37 -9.45 -70.02
C THR K 20 -3.44 -9.13 -69.00
N ARG K 21 -3.30 -7.98 -68.34
CA ARG K 21 -4.29 -7.53 -67.37
C ARG K 21 -4.60 -6.06 -67.57
N THR K 22 -5.87 -5.70 -67.44
CA THR K 22 -6.31 -4.34 -67.64
C THR K 22 -5.92 -3.46 -66.46
N GLN K 23 -5.33 -2.32 -66.74
CA GLN K 23 -4.83 -1.45 -65.68
C GLN K 23 -5.91 -0.53 -65.14
N LEU K 24 -6.84 -1.12 -64.39
CA LEU K 24 -7.92 -0.37 -63.77
C LEU K 24 -7.52 0.10 -62.38
N PRO K 25 -8.12 1.19 -61.90
CA PRO K 25 -8.04 1.70 -60.55
C PRO K 25 -8.79 0.79 -59.59
N PRO K 26 -8.46 0.84 -58.30
CA PRO K 26 -9.10 0.11 -57.21
C PRO K 26 -10.52 0.59 -56.97
N ALA K 27 -11.38 -0.32 -56.55
CA ALA K 27 -12.74 0.05 -56.19
C ALA K 27 -12.87 0.10 -54.69
N TYR K 28 -13.91 0.76 -54.19
CA TYR K 28 -14.13 0.81 -52.76
C TYR K 28 -15.58 0.55 -52.41
N THR K 29 -15.82 -0.05 -51.25
CA THR K 29 -17.16 -0.31 -50.78
C THR K 29 -17.36 0.08 -49.33
N ASN K 30 -18.62 0.07 -48.92
CA ASN K 30 -19.02 0.38 -47.56
C ASN K 30 -19.03 -0.89 -46.70
N SER K 31 -18.33 -0.86 -45.57
CA SER K 31 -18.24 -2.03 -44.70
C SER K 31 -19.55 -2.27 -43.96
N PHE K 32 -20.42 -1.29 -43.96
CA PHE K 32 -21.67 -1.34 -43.22
C PHE K 32 -21.45 -1.80 -41.79
N THR K 33 -22.05 -2.92 -41.41
CA THR K 33 -21.95 -3.41 -40.05
C THR K 33 -21.26 -4.76 -39.99
N ARG K 34 -20.44 -5.04 -41.00
CA ARG K 34 -19.73 -6.31 -41.11
C ARG K 34 -18.42 -6.27 -40.32
N GLY K 35 -17.88 -7.45 -40.03
CA GLY K 35 -16.54 -7.53 -39.43
C GLY K 35 -16.54 -7.67 -37.91
N VAL K 36 -17.72 -7.91 -37.35
CA VAL K 36 -17.83 -8.13 -35.91
C VAL K 36 -17.71 -9.61 -35.59
N TYR K 37 -16.88 -9.94 -34.61
CA TYR K 37 -16.64 -11.31 -34.21
C TYR K 37 -16.84 -11.48 -32.72
N TYR K 38 -16.73 -12.71 -32.25
CA TYR K 38 -16.82 -12.99 -30.82
C TYR K 38 -15.47 -12.72 -30.16
N PRO K 39 -15.38 -11.71 -29.29
CA PRO K 39 -14.17 -11.18 -28.70
C PRO K 39 -13.48 -12.19 -27.81
N ASP K 40 -14.24 -13.17 -27.31
CA ASP K 40 -13.68 -14.20 -26.46
C ASP K 40 -14.48 -15.49 -26.57
N LYS K 41 -14.22 -16.43 -25.67
CA LYS K 41 -14.82 -17.74 -25.70
C LYS K 41 -15.78 -17.94 -24.53
N VAL K 42 -16.36 -16.84 -24.07
CA VAL K 42 -17.28 -16.88 -22.93
C VAL K 42 -18.73 -16.83 -23.40
N PHE K 43 -19.54 -17.75 -22.89
CA PHE K 43 -20.95 -17.76 -23.23
C PHE K 43 -21.70 -16.68 -22.46
N ARG K 44 -22.45 -15.87 -23.18
CA ARG K 44 -23.28 -14.84 -22.61
C ARG K 44 -24.63 -14.91 -23.27
N SER K 45 -25.68 -14.53 -22.57
CA SER K 45 -27.00 -14.54 -23.18
C SER K 45 -27.88 -13.45 -22.61
N SER K 46 -28.81 -12.97 -23.44
CA SER K 46 -29.77 -11.95 -23.03
C SER K 46 -29.09 -10.82 -22.30
N VAL K 47 -28.02 -10.30 -22.88
CA VAL K 47 -27.24 -9.26 -22.23
C VAL K 47 -26.53 -8.35 -23.23
N LEU K 48 -26.36 -7.09 -22.87
CA LEU K 48 -25.56 -6.18 -23.66
C LEU K 48 -24.19 -6.04 -23.02
N HIS K 49 -23.16 -6.47 -23.75
CA HIS K 49 -21.82 -6.48 -23.20
C HIS K 49 -20.91 -5.49 -23.91
N SER K 50 -20.26 -4.63 -23.13
CA SER K 50 -19.34 -3.65 -23.67
C SER K 50 -17.92 -4.18 -23.67
N THR K 51 -17.28 -4.20 -24.83
CA THR K 51 -15.94 -4.73 -24.96
C THR K 51 -15.06 -3.85 -25.82
N GLN K 52 -13.76 -3.81 -25.50
CA GLN K 52 -12.81 -3.09 -26.32
C GLN K 52 -11.85 -4.06 -26.98
N ASP K 53 -11.81 -4.03 -28.30
CA ASP K 53 -10.98 -4.95 -29.07
C ASP K 53 -10.75 -4.39 -30.47
N LEU K 54 -10.00 -5.13 -31.28
CA LEU K 54 -9.75 -4.70 -32.64
C LEU K 54 -10.88 -5.14 -33.57
N PHE K 55 -11.72 -4.19 -33.94
CA PHE K 55 -12.90 -4.45 -34.75
C PHE K 55 -12.84 -3.61 -36.01
N LEU K 56 -13.54 -4.05 -37.05
CA LEU K 56 -13.70 -3.22 -38.23
C LEU K 56 -14.72 -2.13 -37.92
N PRO K 57 -14.35 -0.85 -37.99
CA PRO K 57 -15.22 0.28 -37.73
C PRO K 57 -16.43 0.21 -38.63
N PHE K 58 -17.58 0.62 -38.12
CA PHE K 58 -18.79 0.59 -38.92
C PHE K 58 -18.73 1.64 -40.01
N PHE K 59 -19.27 1.28 -41.17
CA PHE K 59 -19.31 2.16 -42.34
C PHE K 59 -17.93 2.68 -42.71
N SER K 60 -16.94 1.80 -42.64
CA SER K 60 -15.56 2.14 -43.01
C SER K 60 -15.34 1.98 -44.51
N ASN K 61 -14.23 2.56 -45.00
CA ASN K 61 -13.83 2.47 -46.40
C ASN K 61 -13.00 1.22 -46.66
N VAL K 62 -13.59 0.26 -47.39
CA VAL K 62 -12.99 -1.04 -47.64
C VAL K 62 -12.54 -1.19 -49.08
N THR K 63 -11.30 -1.61 -49.27
CA THR K 63 -10.75 -1.74 -50.61
C THR K 63 -11.31 -2.97 -51.30
N TRP K 64 -11.79 -2.77 -52.53
CA TRP K 64 -12.48 -3.80 -53.28
C TRP K 64 -11.66 -4.31 -54.46
N PHE K 65 -11.30 -5.59 -54.43
CA PHE K 65 -10.45 -6.21 -55.43
C PHE K 65 -11.24 -7.15 -56.32
N HIS K 66 -10.88 -7.18 -57.60
CA HIS K 66 -11.62 -7.99 -58.58
C HIS K 66 -10.78 -9.09 -59.19
N ALA K 67 -11.45 -10.16 -59.62
CA ALA K 67 -10.84 -11.21 -60.41
C ALA K 67 -11.80 -11.66 -61.49
N ILE K 68 -12.06 -10.78 -62.45
CA ILE K 68 -13.09 -11.01 -63.46
C ILE K 68 -12.52 -10.93 -64.88
N HIS K 69 -13.30 -11.40 -65.86
CA HIS K 69 -12.91 -11.35 -67.27
C HIS K 69 -14.16 -11.35 -68.16
N LYS K 77 -10.07 -7.51 -68.06
CA LYS K 77 -9.44 -8.71 -67.53
C LYS K 77 -8.60 -8.38 -66.30
N ARG K 78 -9.05 -8.85 -65.13
CA ARG K 78 -8.41 -8.56 -63.85
C ARG K 78 -8.10 -9.82 -63.06
N PHE K 79 -7.07 -9.76 -62.26
CA PHE K 79 -6.70 -10.84 -61.36
C PHE K 79 -5.90 -10.26 -60.21
N ASP K 80 -6.61 -9.59 -59.31
CA ASP K 80 -5.98 -8.76 -58.29
C ASP K 80 -5.46 -9.57 -57.12
N ASN K 81 -4.14 -9.61 -56.99
CA ASN K 81 -3.51 -10.30 -55.89
C ASN K 81 -2.27 -9.55 -55.40
N PRO K 82 -2.41 -8.26 -55.07
CA PRO K 82 -1.36 -7.36 -54.61
C PRO K 82 -0.96 -7.68 -53.18
N VAL K 83 0.21 -7.20 -52.78
CA VAL K 83 0.60 -7.31 -51.39
C VAL K 83 0.10 -6.10 -50.62
N LEU K 84 -0.71 -6.37 -49.61
CA LEU K 84 -1.35 -5.35 -48.81
C LEU K 84 -0.73 -5.35 -47.43
N PRO K 85 -0.76 -4.22 -46.72
CA PRO K 85 -0.35 -4.09 -45.34
C PRO K 85 -1.28 -4.88 -44.44
N PHE K 86 -0.76 -5.36 -43.32
CA PHE K 86 -1.56 -6.08 -42.34
C PHE K 86 -1.99 -5.15 -41.22
N ASN K 87 -1.18 -4.14 -40.96
CA ASN K 87 -1.42 -3.18 -39.89
C ASN K 87 -1.66 -3.85 -38.55
N ASP K 88 -2.79 -3.56 -37.91
CA ASP K 88 -3.07 -4.11 -36.59
C ASP K 88 -3.99 -5.32 -36.67
N GLY K 89 -4.29 -5.75 -37.87
CA GLY K 89 -5.21 -6.85 -38.09
C GLY K 89 -6.05 -6.59 -39.32
N VAL K 90 -6.54 -7.65 -39.94
CA VAL K 90 -7.21 -7.53 -41.21
C VAL K 90 -8.60 -8.13 -41.26
N TYR K 91 -9.53 -7.37 -41.81
CA TYR K 91 -10.83 -7.92 -42.15
C TYR K 91 -10.85 -8.30 -43.61
N PHE K 92 -11.17 -9.55 -43.88
CA PHE K 92 -11.19 -10.04 -45.24
C PHE K 92 -12.53 -10.63 -45.57
N ALA K 93 -13.06 -10.31 -46.74
CA ALA K 93 -14.33 -10.90 -47.16
C ALA K 93 -14.26 -11.29 -48.62
N SER K 94 -14.88 -12.39 -48.96
CA SER K 94 -14.92 -12.83 -50.34
C SER K 94 -16.31 -13.19 -50.79
N THR K 95 -16.63 -12.79 -52.02
CA THR K 95 -17.90 -13.14 -52.63
C THR K 95 -17.67 -13.81 -53.96
N GLU K 96 -18.08 -15.09 -54.03
CA GLU K 96 -17.79 -15.86 -55.26
C GLU K 96 -18.60 -17.14 -55.31
N LYS K 97 -18.59 -17.81 -56.46
CA LYS K 97 -19.32 -19.05 -56.66
C LYS K 97 -18.44 -20.19 -57.19
N SER K 98 -17.19 -19.88 -57.57
CA SER K 98 -16.32 -20.87 -58.19
C SER K 98 -15.04 -21.16 -57.39
N ASN K 99 -15.00 -20.72 -56.14
CA ASN K 99 -13.86 -20.97 -55.25
C ASN K 99 -12.51 -20.55 -55.85
N ILE K 100 -12.46 -19.33 -56.35
CA ILE K 100 -11.23 -18.74 -56.86
C ILE K 100 -10.27 -18.43 -55.72
N ILE K 101 -10.81 -17.94 -54.61
CA ILE K 101 -9.97 -17.56 -53.48
C ILE K 101 -9.66 -18.76 -52.61
N ARG K 102 -8.37 -19.06 -52.47
CA ARG K 102 -7.95 -20.28 -51.80
C ARG K 102 -7.26 -20.02 -50.48
N GLY K 103 -6.52 -18.94 -50.38
CA GLY K 103 -5.71 -18.75 -49.17
C GLY K 103 -4.98 -17.44 -49.13
N TRP K 104 -4.09 -17.31 -48.15
CA TRP K 104 -3.37 -16.07 -47.93
C TRP K 104 -1.91 -16.31 -47.54
N ILE K 105 -1.08 -15.34 -47.84
CA ILE K 105 0.30 -15.33 -47.38
C ILE K 105 0.51 -14.19 -46.41
N PHE K 106 1.08 -14.50 -45.24
CA PHE K 106 1.34 -13.47 -44.24
C PHE K 106 2.81 -13.44 -43.85
N GLY K 107 3.36 -12.24 -43.68
CA GLY K 107 4.74 -12.10 -43.24
C GLY K 107 5.24 -10.67 -43.38
N THR K 108 6.55 -10.51 -43.43
CA THR K 108 7.15 -9.18 -43.56
C THR K 108 7.75 -9.00 -44.94
N THR K 109 8.93 -9.55 -45.17
CA THR K 109 9.61 -9.45 -46.46
C THR K 109 9.04 -10.46 -47.46
N LEU K 110 8.28 -11.43 -46.95
CA LEU K 110 7.62 -12.42 -47.78
C LEU K 110 8.60 -13.14 -48.71
N ASP K 111 9.77 -13.48 -48.16
CA ASP K 111 10.79 -14.21 -48.89
C ASP K 111 11.55 -15.12 -47.93
N SER K 112 12.58 -15.80 -48.44
CA SER K 112 13.28 -16.81 -47.65
C SER K 112 14.21 -16.22 -46.60
N LYS K 113 14.14 -14.91 -46.38
CA LYS K 113 14.96 -14.27 -45.36
C LYS K 113 14.24 -14.22 -44.01
N THR K 114 12.96 -14.61 -43.98
CA THR K 114 12.18 -14.51 -42.76
C THR K 114 11.11 -15.60 -42.67
N GLN K 115 10.67 -15.90 -41.45
CA GLN K 115 9.57 -16.84 -41.25
C GLN K 115 8.27 -16.23 -41.74
N SER K 116 7.54 -16.96 -42.58
CA SER K 116 6.28 -16.48 -43.11
C SER K 116 5.20 -17.55 -43.01
N LEU K 117 3.96 -17.11 -42.89
CA LEU K 117 2.82 -18.01 -42.75
C LEU K 117 2.03 -18.18 -44.03
N LEU K 118 1.89 -19.42 -44.46
CA LEU K 118 1.14 -19.76 -45.65
C LEU K 118 -0.11 -20.56 -45.32
N ILE K 119 -1.27 -20.01 -45.64
CA ILE K 119 -2.53 -20.72 -45.43
C ILE K 119 -3.23 -20.95 -46.75
N VAL K 120 -3.25 -22.19 -47.22
CA VAL K 120 -3.87 -22.48 -48.51
C VAL K 120 -4.87 -23.61 -48.46
N ASN K 121 -6.07 -23.33 -48.95
CA ASN K 121 -7.07 -24.36 -49.12
C ASN K 121 -7.01 -24.90 -50.55
N ASN K 122 -6.33 -26.04 -50.74
CA ASN K 122 -6.21 -26.62 -52.08
C ASN K 122 -7.32 -27.65 -52.29
N ALA K 123 -7.36 -28.26 -53.48
CA ALA K 123 -8.47 -29.12 -53.88
C ALA K 123 -8.74 -30.29 -52.94
N THR K 124 -7.74 -30.70 -52.16
CA THR K 124 -7.93 -31.86 -51.29
C THR K 124 -7.65 -31.61 -49.81
N ASN K 125 -6.81 -30.64 -49.48
CA ASN K 125 -6.44 -30.41 -48.09
C ASN K 125 -6.21 -28.93 -47.79
N VAL K 126 -6.51 -28.52 -46.56
CA VAL K 126 -6.14 -27.19 -46.10
C VAL K 126 -4.79 -27.25 -45.40
N VAL K 127 -3.84 -26.46 -45.88
CA VAL K 127 -2.49 -26.52 -45.38
C VAL K 127 -2.06 -25.22 -44.73
N ILE K 128 -1.61 -25.32 -43.48
CA ILE K 128 -1.08 -24.17 -42.76
C ILE K 128 0.37 -24.41 -42.38
N LYS K 129 1.27 -23.62 -42.94
CA LYS K 129 2.69 -23.82 -42.68
C LYS K 129 3.41 -22.51 -42.39
N VAL K 130 4.40 -22.57 -41.52
CA VAL K 130 5.28 -21.43 -41.28
C VAL K 130 6.71 -21.82 -41.59
N CYS K 131 7.27 -21.22 -42.64
CA CYS K 131 8.58 -21.56 -43.16
C CYS K 131 9.27 -20.34 -43.74
N GLU K 132 10.53 -20.47 -44.08
CA GLU K 132 11.23 -19.39 -44.75
C GLU K 132 10.99 -19.53 -46.25
N PHE K 133 9.75 -19.28 -46.63
CA PHE K 133 9.28 -19.48 -48.00
C PHE K 133 9.88 -18.45 -48.93
N GLN K 134 10.32 -18.90 -50.09
CA GLN K 134 10.71 -17.97 -51.14
C GLN K 134 9.53 -17.78 -52.07
N PHE K 135 8.64 -16.88 -51.70
CA PHE K 135 7.38 -16.73 -52.40
C PHE K 135 7.58 -16.13 -53.78
N CYS K 136 6.69 -16.49 -54.70
CA CYS K 136 6.69 -15.96 -56.06
C CYS K 136 6.29 -14.49 -56.05
N ASN K 137 6.78 -13.73 -57.02
CA ASN K 137 6.39 -12.33 -57.17
C ASN K 137 4.91 -12.23 -57.52
N ASP K 138 4.37 -13.29 -58.10
CA ASP K 138 2.98 -13.36 -58.51
C ASP K 138 2.44 -14.77 -58.30
N PRO K 139 2.22 -15.17 -57.05
CA PRO K 139 1.86 -16.50 -56.62
C PRO K 139 0.42 -16.82 -56.95
N PHE K 140 0.15 -18.07 -57.28
CA PHE K 140 -1.22 -18.49 -57.56
C PHE K 140 -1.37 -20.00 -57.60
N LEU K 141 -2.63 -20.44 -57.60
CA LEU K 141 -2.99 -21.83 -57.85
C LEU K 141 -3.70 -21.90 -59.19
N GLY K 142 -3.85 -23.09 -59.75
CA GLY K 142 -4.55 -23.18 -61.03
C GLY K 142 -5.35 -24.47 -61.20
N VAL K 143 -6.50 -24.33 -61.86
CA VAL K 143 -7.38 -25.43 -62.16
C VAL K 143 -7.56 -25.57 -63.67
N TYR K 144 -7.35 -26.77 -64.17
CA TYR K 144 -7.46 -27.01 -65.60
C TYR K 144 -8.82 -27.61 -65.94
N TYR K 145 -9.40 -27.15 -67.02
CA TYR K 145 -10.66 -27.71 -67.50
C TYR K 145 -10.41 -28.66 -68.66
N HIS K 146 -10.89 -29.89 -68.50
CA HIS K 146 -10.70 -30.89 -69.54
C HIS K 146 -11.99 -31.16 -70.26
N LYS K 147 -12.09 -30.65 -71.48
CA LYS K 147 -13.30 -30.76 -72.29
C LYS K 147 -13.57 -32.20 -72.69
N ASN K 148 -12.54 -33.03 -72.60
CA ASN K 148 -12.64 -34.44 -72.97
C ASN K 148 -13.56 -35.22 -72.03
N ASN K 149 -13.60 -34.84 -70.75
CA ASN K 149 -14.44 -35.49 -69.75
C ASN K 149 -15.27 -34.49 -68.94
N LYS K 150 -15.24 -33.21 -69.34
CA LYS K 150 -15.98 -32.11 -68.70
C LYS K 150 -15.71 -32.03 -67.20
N SER K 151 -14.43 -32.14 -66.84
CA SER K 151 -14.05 -32.10 -65.44
C SER K 151 -13.03 -31.01 -65.14
N TRP K 152 -13.11 -30.50 -63.92
CA TRP K 152 -12.18 -29.49 -63.44
C TRP K 152 -11.24 -30.10 -62.42
N MET K 153 -9.94 -29.90 -62.60
CA MET K 153 -8.95 -30.50 -61.70
C MET K 153 -7.85 -29.51 -61.37
N GLU K 154 -7.33 -29.58 -60.16
CA GLU K 154 -6.24 -28.70 -59.78
C GLU K 154 -4.93 -29.24 -60.32
N SER K 155 -4.22 -28.41 -61.09
CA SER K 155 -3.00 -28.84 -61.74
C SER K 155 -1.80 -28.00 -61.36
N GLU K 156 -2.04 -26.77 -60.90
CA GLU K 156 -0.93 -25.88 -60.60
C GLU K 156 -0.88 -25.48 -59.14
N PHE K 157 0.34 -25.45 -58.61
CA PHE K 157 0.62 -24.86 -57.33
C PHE K 157 1.91 -24.06 -57.43
N ARG K 158 1.78 -22.76 -57.69
CA ARG K 158 2.93 -21.93 -57.95
C ARG K 158 2.98 -20.79 -56.96
N VAL K 159 3.28 -21.10 -55.72
CA VAL K 159 3.22 -20.14 -54.63
C VAL K 159 4.62 -19.74 -54.20
N TYR K 160 5.53 -20.71 -54.15
CA TYR K 160 6.89 -20.47 -53.70
C TYR K 160 7.89 -21.37 -54.42
N SER K 161 9.15 -20.94 -54.46
CA SER K 161 10.22 -21.72 -55.06
C SER K 161 10.81 -22.70 -54.07
N SER K 162 10.79 -22.34 -52.79
CA SER K 162 11.34 -23.20 -51.73
C SER K 162 10.66 -22.92 -50.40
N ALA K 163 10.77 -23.88 -49.48
CA ALA K 163 10.16 -23.76 -48.16
C ALA K 163 10.96 -24.46 -47.08
N ASN K 164 12.10 -23.89 -46.73
CA ASN K 164 12.96 -24.52 -45.73
C ASN K 164 12.74 -23.92 -44.34
N ASN K 165 13.41 -24.48 -43.33
CA ASN K 165 13.38 -23.98 -41.95
C ASN K 165 11.95 -23.82 -41.43
N CYS K 166 11.11 -24.83 -41.65
CA CYS K 166 9.72 -24.82 -41.18
C CYS K 166 9.64 -24.99 -39.66
N THR K 167 8.80 -24.18 -39.02
CA THR K 167 8.62 -24.24 -37.58
C THR K 167 7.22 -24.71 -37.19
N PHE K 168 6.28 -24.58 -38.12
CA PHE K 168 4.90 -24.98 -37.86
C PHE K 168 4.27 -25.63 -39.07
N GLU K 169 3.55 -26.72 -38.86
CA GLU K 169 2.83 -27.37 -39.94
C GLU K 169 1.54 -28.03 -39.49
N TYR K 170 0.48 -27.76 -40.21
CA TYR K 170 -0.80 -28.42 -40.00
C TYR K 170 -1.49 -28.73 -41.32
N VAL K 171 -2.04 -29.92 -41.44
CA VAL K 171 -2.82 -30.27 -42.62
C VAL K 171 -4.17 -30.86 -42.20
N SER K 172 -5.24 -30.35 -42.78
CA SER K 172 -6.59 -30.80 -42.45
C SER K 172 -6.90 -32.14 -43.09
N GLN K 173 -8.04 -32.72 -42.68
CA GLN K 173 -8.51 -33.96 -43.25
C GLN K 173 -8.83 -33.77 -44.72
N PRO K 174 -8.70 -34.83 -45.53
CA PRO K 174 -8.91 -34.85 -46.97
C PRO K 174 -10.37 -34.59 -47.35
N PHE K 175 -10.54 -33.92 -48.49
CA PHE K 175 -11.84 -33.59 -49.04
C PHE K 175 -11.71 -33.43 -50.55
N LEU K 176 -12.83 -33.20 -51.23
CA LEU K 176 -12.78 -32.92 -52.66
C LEU K 176 -13.56 -31.67 -53.03
N MET K 177 -12.86 -30.70 -53.61
CA MET K 177 -13.52 -29.50 -54.12
C MET K 177 -14.09 -29.77 -55.50
N ASP K 178 -15.19 -29.11 -55.82
CA ASP K 178 -15.79 -29.26 -57.14
C ASP K 178 -14.95 -28.57 -58.21
N LEU K 179 -14.39 -27.42 -57.85
CA LEU K 179 -13.52 -26.65 -58.74
C LEU K 179 -14.20 -26.22 -60.03
N GLU K 180 -15.53 -26.30 -60.06
CA GLU K 180 -16.27 -25.97 -61.26
C GLU K 180 -16.22 -24.49 -61.56
N GLY K 181 -16.02 -24.16 -62.83
CA GLY K 181 -16.06 -22.77 -63.27
C GLY K 181 -17.51 -22.33 -63.43
N LYS K 182 -17.76 -21.03 -63.29
CA LYS K 182 -19.10 -20.48 -63.41
C LYS K 182 -19.05 -19.16 -64.17
N PHE K 186 -23.15 -14.37 -57.53
CA PHE K 186 -22.29 -14.83 -56.39
C PHE K 186 -23.18 -15.58 -55.41
N LYS K 187 -22.72 -16.73 -54.91
CA LYS K 187 -23.58 -17.55 -54.05
C LYS K 187 -23.05 -17.67 -52.63
N ASN K 188 -21.73 -17.62 -52.48
CA ASN K 188 -21.09 -17.88 -51.19
C ASN K 188 -20.31 -16.68 -50.68
N LEU K 189 -20.69 -16.21 -49.49
CA LEU K 189 -19.97 -15.14 -48.82
C LEU K 189 -19.15 -15.70 -47.69
N ARG K 190 -17.84 -15.49 -47.76
CA ARG K 190 -16.95 -16.01 -46.73
C ARG K 190 -16.15 -14.88 -46.09
N GLU K 191 -16.45 -14.60 -44.83
CA GLU K 191 -15.80 -13.51 -44.12
C GLU K 191 -14.79 -14.04 -43.12
N PHE K 192 -13.66 -13.37 -43.01
CA PHE K 192 -12.59 -13.75 -42.10
C PHE K 192 -12.03 -12.55 -41.35
N VAL K 193 -11.58 -12.78 -40.13
CA VAL K 193 -10.81 -11.78 -39.40
C VAL K 193 -9.47 -12.34 -38.97
N PHE K 194 -8.41 -11.64 -39.31
CA PHE K 194 -7.06 -12.09 -39.00
C PHE K 194 -6.39 -11.18 -37.98
N LYS K 195 -6.06 -11.75 -36.82
CA LYS K 195 -5.37 -11.00 -35.78
C LYS K 195 -4.03 -11.64 -35.46
N ASN K 196 -3.01 -10.82 -35.28
CA ASN K 196 -1.71 -11.32 -34.88
C ASN K 196 -1.35 -10.74 -33.52
N ILE K 197 -1.61 -11.50 -32.47
CA ILE K 197 -1.54 -10.95 -31.13
C ILE K 197 -1.30 -12.01 -30.05
N ASP K 198 -0.53 -11.64 -29.03
CA ASP K 198 -0.25 -12.50 -27.88
C ASP K 198 0.31 -13.87 -28.26
N GLY K 199 1.15 -13.91 -29.28
CA GLY K 199 1.80 -15.15 -29.66
C GLY K 199 0.93 -16.04 -30.55
N TYR K 200 -0.28 -15.58 -30.85
CA TYR K 200 -1.21 -16.37 -31.67
C TYR K 200 -1.61 -15.66 -32.95
N PHE K 201 -1.85 -16.44 -34.00
CA PHE K 201 -2.51 -15.93 -35.18
C PHE K 201 -3.94 -16.39 -35.14
N LYS K 202 -4.85 -15.47 -34.84
CA LYS K 202 -6.24 -15.82 -34.59
C LYS K 202 -7.09 -15.62 -35.82
N ILE K 203 -7.78 -16.67 -36.22
CA ILE K 203 -8.65 -16.60 -37.38
C ILE K 203 -10.11 -16.77 -36.97
N TYR K 204 -10.94 -15.82 -37.36
CA TYR K 204 -12.38 -15.92 -37.17
C TYR K 204 -13.02 -16.04 -38.53
N SER K 205 -14.13 -16.75 -38.64
CA SER K 205 -14.77 -16.86 -39.94
C SER K 205 -16.26 -17.13 -39.88
N LYS K 206 -16.95 -16.77 -40.95
CA LYS K 206 -18.37 -17.08 -41.10
C LYS K 206 -18.72 -17.33 -42.56
N HIS K 207 -19.48 -18.39 -42.81
CA HIS K 207 -19.95 -18.70 -44.15
C HIS K 207 -21.46 -18.54 -44.26
N THR K 208 -21.88 -17.60 -45.10
CA THR K 208 -23.30 -17.33 -45.30
C THR K 208 -23.60 -17.30 -46.80
N PRO K 209 -24.86 -17.53 -47.20
CA PRO K 209 -25.38 -17.36 -48.54
C PRO K 209 -25.45 -15.89 -48.93
N ILE K 210 -25.24 -15.62 -50.21
CA ILE K 210 -25.33 -14.26 -50.73
C ILE K 210 -25.93 -14.27 -52.14
N ASN K 211 -26.73 -13.25 -52.44
CA ASN K 211 -27.35 -13.14 -53.76
C ASN K 211 -26.99 -11.84 -54.46
N LEU K 212 -25.88 -11.24 -54.05
CA LEU K 212 -25.43 -9.97 -54.62
C LEU K 212 -24.16 -10.17 -55.45
N VAL K 213 -24.02 -9.36 -56.48
CA VAL K 213 -22.81 -9.38 -57.30
C VAL K 213 -22.15 -8.01 -57.37
N ARG K 214 -22.59 -7.09 -56.52
CA ARG K 214 -22.13 -5.72 -56.59
C ARG K 214 -21.34 -5.28 -55.35
N ASP K 215 -21.68 -5.82 -54.19
CA ASP K 215 -21.04 -5.39 -52.95
C ASP K 215 -21.35 -6.32 -51.78
N LEU K 216 -20.81 -5.98 -50.62
CA LEU K 216 -21.14 -6.68 -49.39
C LEU K 216 -22.59 -6.37 -49.02
N PRO K 217 -23.30 -7.34 -48.46
CA PRO K 217 -24.69 -7.25 -48.04
C PRO K 217 -24.84 -6.37 -46.81
N GLN K 218 -26.02 -5.79 -46.67
CA GLN K 218 -26.33 -4.99 -45.50
C GLN K 218 -27.05 -5.83 -44.46
N GLY K 219 -26.43 -6.00 -43.32
CA GLY K 219 -26.98 -6.83 -42.25
C GLY K 219 -25.89 -7.21 -41.28
N PHE K 220 -26.27 -7.79 -40.16
CA PHE K 220 -25.30 -8.14 -39.13
C PHE K 220 -25.10 -9.64 -39.02
N SER K 221 -23.84 -10.05 -38.92
CA SER K 221 -23.49 -11.44 -38.71
C SER K 221 -22.18 -11.54 -37.94
N ALA K 222 -22.21 -12.20 -36.80
CA ALA K 222 -21.00 -12.32 -35.97
C ALA K 222 -20.15 -13.49 -36.42
N LEU K 223 -18.85 -13.27 -36.45
CA LEU K 223 -17.89 -14.30 -36.86
C LEU K 223 -17.35 -15.08 -35.67
N GLU K 224 -17.54 -16.38 -35.70
CA GLU K 224 -17.04 -17.28 -34.67
C GLU K 224 -15.57 -17.57 -34.95
N PRO K 225 -14.77 -17.82 -33.91
CA PRO K 225 -13.38 -18.22 -34.00
C PRO K 225 -13.25 -19.56 -34.70
N LEU K 226 -12.26 -19.65 -35.59
CA LEU K 226 -12.00 -20.85 -36.35
C LEU K 226 -10.82 -21.60 -35.79
N VAL K 227 -9.72 -20.89 -35.59
CA VAL K 227 -8.51 -21.49 -35.04
C VAL K 227 -7.57 -20.46 -34.46
N ASP K 228 -6.96 -20.78 -33.33
CA ASP K 228 -5.91 -19.96 -32.74
C ASP K 228 -4.57 -20.65 -32.96
N LEU K 229 -3.79 -20.17 -33.91
CA LEU K 229 -2.55 -20.85 -34.28
C LEU K 229 -1.39 -20.39 -33.41
N PRO K 230 -0.73 -21.31 -32.71
CA PRO K 230 0.38 -21.09 -31.79
C PRO K 230 1.67 -20.88 -32.56
N ILE K 231 1.74 -19.76 -33.28
CA ILE K 231 2.86 -19.49 -34.16
C ILE K 231 3.82 -18.46 -33.59
N GLY K 232 3.38 -17.20 -33.50
CA GLY K 232 4.21 -16.17 -32.90
C GLY K 232 5.25 -15.57 -33.86
N ILE K 233 4.79 -15.12 -35.03
CA ILE K 233 5.70 -14.49 -36.00
C ILE K 233 5.27 -13.06 -36.31
N ASN K 234 6.20 -12.30 -36.90
CA ASN K 234 6.01 -10.90 -37.29
C ASN K 234 5.31 -10.80 -38.64
N ILE K 235 4.09 -10.25 -38.65
CA ILE K 235 3.30 -10.06 -39.88
C ILE K 235 3.00 -8.59 -40.10
N THR K 236 3.43 -8.06 -41.23
CA THR K 236 3.20 -6.66 -41.55
C THR K 236 2.56 -6.51 -42.93
N ARG K 237 2.66 -7.56 -43.74
CA ARG K 237 2.13 -7.56 -45.10
C ARG K 237 1.48 -8.92 -45.41
N PHE K 238 0.53 -8.92 -46.32
CA PHE K 238 -0.08 -10.16 -46.75
C PHE K 238 -0.62 -10.06 -48.16
N GLN K 239 -0.87 -11.21 -48.79
CA GLN K 239 -1.53 -11.21 -50.09
C GLN K 239 -2.49 -12.38 -50.24
N THR K 240 -3.48 -12.21 -51.10
CA THR K 240 -4.50 -13.22 -51.31
C THR K 240 -4.14 -14.12 -52.48
N LEU K 241 -4.24 -15.43 -52.27
CA LEU K 241 -3.96 -16.41 -53.30
C LEU K 241 -5.21 -16.81 -54.05
N LEU K 242 -5.21 -16.54 -55.35
CA LEU K 242 -6.32 -16.81 -56.23
C LEU K 242 -6.00 -17.97 -57.17
N ALA K 243 -7.04 -18.67 -57.62
CA ALA K 243 -6.85 -19.75 -58.58
C ALA K 243 -7.17 -19.29 -60.00
N LEU K 244 -6.31 -19.67 -60.94
CA LEU K 244 -6.53 -19.41 -62.36
C LEU K 244 -7.33 -20.54 -62.99
N HIS K 245 -8.05 -20.21 -64.05
CA HIS K 245 -8.69 -21.23 -64.86
C HIS K 245 -8.04 -21.32 -66.22
N ARG K 246 -7.63 -22.52 -66.60
CA ARG K 246 -7.04 -22.73 -67.92
C ARG K 246 -7.85 -23.76 -68.68
N SER K 247 -8.15 -23.46 -69.93
CA SER K 247 -8.97 -24.32 -70.76
C SER K 247 -8.58 -24.18 -72.22
N TYR K 248 -9.28 -24.90 -73.09
CA TYR K 248 -9.05 -24.81 -74.52
C TYR K 248 -9.34 -23.41 -75.04
N LEU K 249 -10.09 -22.64 -74.25
CA LEU K 249 -10.45 -21.28 -74.61
C LEU K 249 -9.41 -20.27 -74.17
N THR K 250 -8.34 -20.74 -73.54
CA THR K 250 -7.29 -19.86 -73.06
C THR K 250 -5.92 -20.29 -73.58
N PRO K 251 -5.64 -20.08 -74.87
CA PRO K 251 -4.40 -20.41 -75.55
C PRO K 251 -3.30 -19.46 -75.10
N GLY K 252 -2.06 -19.92 -75.22
CA GLY K 252 -0.92 -19.10 -74.85
C GLY K 252 0.03 -19.89 -73.96
N ASP K 253 0.87 -19.17 -73.22
CA ASP K 253 1.82 -19.78 -72.31
C ASP K 253 1.38 -19.60 -70.87
N SER K 254 2.21 -20.07 -69.93
CA SER K 254 1.83 -20.04 -68.52
C SER K 254 1.62 -18.62 -67.98
N SER K 255 2.11 -17.62 -68.70
CA SER K 255 1.96 -16.24 -68.27
C SER K 255 0.70 -15.56 -68.83
N SER K 256 0.19 -16.03 -69.96
CA SER K 256 -0.92 -15.33 -70.62
C SER K 256 -2.11 -16.23 -70.94
N GLY K 257 -1.89 -17.53 -70.99
CA GLY K 257 -2.91 -18.48 -71.37
C GLY K 257 -3.82 -18.84 -70.21
N TRP K 258 -4.56 -17.85 -69.72
CA TRP K 258 -5.42 -18.07 -68.57
C TRP K 258 -6.61 -17.11 -68.53
N THR K 259 -7.64 -17.52 -67.79
CA THR K 259 -8.76 -16.66 -67.46
C THR K 259 -9.06 -16.80 -65.97
N ALA K 260 -10.15 -16.19 -65.53
CA ALA K 260 -10.54 -16.30 -64.14
C ALA K 260 -12.05 -16.32 -64.01
N GLY K 261 -12.56 -17.14 -63.11
CA GLY K 261 -13.99 -17.16 -62.83
C GLY K 261 -14.34 -15.90 -62.07
N ALA K 262 -15.52 -15.35 -62.32
CA ALA K 262 -15.89 -14.12 -61.64
C ALA K 262 -15.80 -14.30 -60.14
N ALA K 263 -15.09 -13.38 -59.50
CA ALA K 263 -14.91 -13.39 -58.04
C ALA K 263 -14.45 -12.02 -57.59
N ALA K 264 -14.65 -11.73 -56.31
CA ALA K 264 -14.14 -10.51 -55.73
C ALA K 264 -13.89 -10.64 -54.24
N TYR K 265 -13.05 -9.77 -53.70
CA TYR K 265 -12.82 -9.76 -52.27
C TYR K 265 -12.58 -8.36 -51.75
N TYR K 266 -12.76 -8.19 -50.45
CA TYR K 266 -12.69 -6.89 -49.83
C TYR K 266 -11.71 -6.93 -48.66
N VAL K 267 -10.94 -5.86 -48.50
CA VAL K 267 -10.01 -5.79 -47.38
C VAL K 267 -10.17 -4.52 -46.56
N GLY K 268 -10.42 -4.69 -45.27
CA GLY K 268 -10.53 -3.58 -44.34
C GLY K 268 -9.52 -3.76 -43.22
N TYR K 269 -9.43 -2.79 -42.32
CA TYR K 269 -8.48 -2.90 -41.23
C TYR K 269 -9.13 -2.69 -39.88
N LEU K 270 -8.63 -3.42 -38.89
CA LEU K 270 -9.20 -3.37 -37.56
C LEU K 270 -8.64 -2.20 -36.76
N GLN K 271 -9.46 -1.67 -35.86
CA GLN K 271 -9.05 -0.57 -35.00
C GLN K 271 -9.44 -0.85 -33.55
N PRO K 272 -8.67 -0.27 -32.59
CA PRO K 272 -8.98 -0.35 -31.16
C PRO K 272 -10.26 0.45 -30.95
N ARG K 273 -11.40 -0.21 -31.07
CA ARG K 273 -12.72 0.37 -30.95
C ARG K 273 -13.51 -0.24 -29.82
N THR K 274 -14.40 0.53 -29.22
CA THR K 274 -15.29 0.01 -28.21
C THR K 274 -16.64 -0.33 -28.83
N PHE K 275 -17.07 -1.57 -28.63
CA PHE K 275 -18.33 -2.03 -29.14
C PHE K 275 -19.28 -2.48 -28.05
N LEU K 276 -20.56 -2.22 -28.24
CA LEU K 276 -21.59 -2.78 -27.40
C LEU K 276 -22.23 -3.94 -28.14
N LEU K 277 -22.05 -5.15 -27.63
CA LEU K 277 -22.53 -6.34 -28.33
C LEU K 277 -23.79 -6.89 -27.70
N LYS K 278 -24.78 -7.18 -28.53
CA LYS K 278 -26.06 -7.69 -28.05
C LYS K 278 -26.16 -9.20 -28.24
N TYR K 279 -26.23 -9.91 -27.12
CA TYR K 279 -26.37 -11.37 -27.12
C TYR K 279 -27.83 -11.75 -26.89
N ASN K 280 -28.35 -12.62 -27.74
CA ASN K 280 -29.73 -13.08 -27.61
C ASN K 280 -29.81 -14.25 -26.64
N GLU K 281 -30.99 -14.86 -26.55
CA GLU K 281 -31.21 -15.98 -25.63
C GLU K 281 -30.31 -17.18 -25.91
N ASN K 282 -29.99 -17.41 -27.18
CA ASN K 282 -29.15 -18.53 -27.61
C ASN K 282 -27.66 -18.22 -27.49
N GLY K 283 -27.32 -17.02 -26.99
CA GLY K 283 -25.94 -16.59 -26.80
C GLY K 283 -25.29 -16.13 -28.09
N THR K 284 -26.10 -15.89 -29.11
CA THR K 284 -25.60 -15.43 -30.39
C THR K 284 -25.60 -13.92 -30.43
N ILE K 285 -24.53 -13.33 -30.95
CA ILE K 285 -24.51 -11.89 -31.10
C ILE K 285 -25.37 -11.54 -32.30
N THR K 286 -26.41 -10.75 -32.08
CA THR K 286 -27.36 -10.43 -33.13
C THR K 286 -27.26 -8.99 -33.56
N ASP K 287 -26.61 -8.17 -32.75
CA ASP K 287 -26.44 -6.77 -33.10
C ASP K 287 -25.20 -6.20 -32.42
N ALA K 288 -24.86 -4.97 -32.77
CA ALA K 288 -23.72 -4.30 -32.15
C ALA K 288 -23.76 -2.80 -32.40
N VAL K 289 -23.14 -2.05 -31.49
CA VAL K 289 -22.97 -0.61 -31.67
C VAL K 289 -21.51 -0.21 -31.66
N ASP K 290 -21.10 0.51 -32.71
CA ASP K 290 -19.76 1.09 -32.77
C ASP K 290 -19.78 2.42 -32.04
N CYS K 291 -19.20 2.45 -30.84
CA CYS K 291 -19.36 3.55 -29.89
C CYS K 291 -18.71 4.83 -30.39
N ALA K 292 -17.91 4.74 -31.44
CA ALA K 292 -17.23 5.93 -31.95
C ALA K 292 -17.65 6.24 -33.38
N LEU K 293 -18.76 5.66 -33.82
CA LEU K 293 -19.27 5.93 -35.17
C LEU K 293 -19.87 7.33 -35.29
N ASP K 294 -20.76 7.67 -34.36
CA ASP K 294 -21.45 8.96 -34.37
C ASP K 294 -21.99 9.22 -32.96
N PRO K 295 -22.50 10.43 -32.67
CA PRO K 295 -23.00 10.87 -31.37
C PRO K 295 -24.18 10.04 -30.86
N LEU K 296 -24.91 9.38 -31.75
CA LEU K 296 -26.05 8.60 -31.31
C LEU K 296 -25.58 7.26 -30.80
N SER K 297 -24.65 6.66 -31.52
CA SER K 297 -24.06 5.40 -31.12
C SER K 297 -23.30 5.59 -29.82
N GLU K 298 -22.67 6.75 -29.67
CA GLU K 298 -21.96 7.07 -28.45
C GLU K 298 -22.94 7.13 -27.28
N THR K 299 -24.10 7.74 -27.51
CA THR K 299 -25.14 7.80 -26.49
C THR K 299 -25.64 6.41 -26.13
N LYS K 300 -25.86 5.58 -27.14
CA LYS K 300 -26.34 4.22 -26.91
C LYS K 300 -25.37 3.42 -26.04
N CYS K 301 -24.06 3.55 -26.30
CA CYS K 301 -23.02 2.88 -25.52
C CYS K 301 -22.97 3.43 -24.10
N THR K 302 -23.11 4.75 -23.97
CA THR K 302 -23.08 5.41 -22.66
C THR K 302 -24.19 4.88 -21.77
N LEU K 303 -25.37 4.71 -22.35
CA LEU K 303 -26.55 4.24 -21.61
C LEU K 303 -26.65 2.73 -21.57
N LYS K 304 -25.68 2.06 -22.20
CA LYS K 304 -25.70 0.60 -22.30
C LYS K 304 -27.03 0.09 -22.82
N SER K 305 -27.50 0.69 -23.91
CA SER K 305 -28.77 0.30 -24.50
C SER K 305 -28.77 0.54 -26.01
N PHE K 306 -29.56 -0.23 -26.72
CA PHE K 306 -29.68 -0.06 -28.17
C PHE K 306 -30.78 0.92 -28.53
N THR K 307 -31.43 1.45 -27.51
CA THR K 307 -32.44 2.49 -27.70
C THR K 307 -32.15 3.67 -26.80
N VAL K 308 -32.55 4.85 -27.23
CA VAL K 308 -32.37 6.05 -26.44
C VAL K 308 -33.69 6.79 -26.29
N GLU K 309 -34.00 7.18 -25.06
CA GLU K 309 -35.23 7.92 -24.79
C GLU K 309 -35.03 9.40 -25.10
N LYS K 310 -36.13 10.09 -25.33
CA LYS K 310 -36.06 11.53 -25.57
C LYS K 310 -35.37 12.23 -24.41
N GLY K 311 -34.40 13.08 -24.72
CA GLY K 311 -33.71 13.83 -23.69
C GLY K 311 -32.30 14.24 -24.10
N ILE K 312 -31.57 14.76 -23.13
CA ILE K 312 -30.20 15.21 -23.34
C ILE K 312 -29.26 14.42 -22.44
N TYR K 313 -28.20 13.88 -23.01
CA TYR K 313 -27.29 13.04 -22.24
C TYR K 313 -25.85 13.48 -22.40
N GLN K 314 -25.10 13.49 -21.31
CA GLN K 314 -23.67 13.74 -21.41
C GLN K 314 -22.95 12.43 -21.67
N THR K 315 -22.30 12.34 -22.82
CA THR K 315 -21.73 11.08 -23.26
C THR K 315 -20.22 11.09 -23.33
N SER K 316 -19.65 12.27 -23.47
CA SER K 316 -18.20 12.37 -23.63
C SER K 316 -17.70 13.75 -23.24
N ASN K 317 -16.39 13.94 -23.35
CA ASN K 317 -15.79 15.24 -23.10
C ASN K 317 -15.00 15.72 -24.31
N PHE K 318 -15.10 17.00 -24.57
CA PHE K 318 -14.37 17.66 -25.64
C PHE K 318 -13.06 18.21 -25.12
N ARG K 319 -11.99 18.00 -25.87
CA ARG K 319 -10.70 18.54 -25.51
C ARG K 319 -9.86 18.84 -26.73
N VAL K 320 -9.39 20.08 -26.82
CA VAL K 320 -8.49 20.46 -27.91
C VAL K 320 -7.12 19.87 -27.68
N GLN K 321 -6.59 19.23 -28.72
CA GLN K 321 -5.29 18.58 -28.61
C GLN K 321 -4.19 19.54 -29.03
N PRO K 322 -2.99 19.39 -28.45
CA PRO K 322 -1.79 20.13 -28.76
C PRO K 322 -1.27 19.74 -30.14
N THR K 323 -0.74 20.71 -30.86
CA THR K 323 -0.23 20.48 -32.21
C THR K 323 1.29 20.56 -32.29
N GLU K 324 1.91 21.12 -31.26
CA GLU K 324 3.36 21.30 -31.23
C GLU K 324 3.91 20.98 -29.86
N SER K 325 5.21 20.69 -29.80
CA SER K 325 5.89 20.48 -28.52
C SER K 325 7.00 21.50 -28.34
N ILE K 326 6.85 22.36 -27.33
CA ILE K 326 7.75 23.48 -27.12
C ILE K 326 8.72 23.22 -25.97
N VAL K 327 10.00 23.18 -26.26
CA VAL K 327 11.00 22.94 -25.23
C VAL K 327 11.88 24.15 -25.05
N ARG K 328 11.93 24.67 -23.84
CA ARG K 328 12.72 25.85 -23.55
C ARG K 328 13.64 25.64 -22.38
N PHE K 329 14.90 25.32 -22.67
CA PHE K 329 15.93 25.15 -21.64
C PHE K 329 16.87 26.34 -21.67
N PRO K 330 17.60 26.59 -20.57
CA PRO K 330 18.65 27.59 -20.45
C PRO K 330 19.67 27.42 -21.58
N ASN K 331 20.09 28.54 -22.17
CA ASN K 331 21.00 28.53 -23.32
C ASN K 331 22.46 28.47 -22.88
N ILE K 332 22.86 27.32 -22.33
CA ILE K 332 24.23 27.08 -21.88
C ILE K 332 24.81 25.86 -22.60
N THR K 333 26.11 25.89 -22.82
CA THR K 333 26.76 24.82 -23.60
C THR K 333 27.81 24.06 -22.79
N ASN K 334 28.26 24.62 -21.69
CA ASN K 334 29.31 23.98 -20.91
C ASN K 334 28.78 22.70 -20.28
N LEU K 335 29.58 21.64 -20.37
CA LEU K 335 29.18 20.35 -19.81
C LEU K 335 29.53 20.26 -18.34
N CYS K 336 28.73 19.50 -17.59
CA CYS K 336 28.97 19.25 -16.18
C CYS K 336 30.20 18.39 -15.98
N PRO K 337 31.06 18.76 -15.01
CA PRO K 337 32.32 18.13 -14.67
C PRO K 337 32.11 16.83 -13.91
N PHE K 338 31.47 15.87 -14.56
CA PHE K 338 31.31 14.56 -13.97
C PHE K 338 32.59 13.76 -14.11
N GLY K 339 33.22 13.88 -15.26
CA GLY K 339 34.39 13.09 -15.57
C GLY K 339 35.50 13.29 -14.56
N GLU K 340 35.67 14.51 -14.07
CA GLU K 340 36.74 14.80 -13.11
C GLU K 340 36.47 14.16 -11.76
N VAL K 341 35.24 13.70 -11.56
CA VAL K 341 34.88 12.99 -10.34
C VAL K 341 35.16 11.52 -10.52
N PHE K 342 34.81 11.00 -11.67
CA PHE K 342 34.97 9.59 -11.99
C PHE K 342 36.42 9.18 -12.26
N ASN K 343 37.21 10.08 -12.86
CA ASN K 343 38.59 9.78 -13.23
C ASN K 343 39.61 10.50 -12.32
N ALA K 344 39.18 10.82 -11.09
CA ALA K 344 40.06 11.42 -10.10
C ALA K 344 41.18 10.45 -9.75
N THR K 345 42.39 10.98 -9.56
CA THR K 345 43.52 10.13 -9.24
C THR K 345 43.30 9.40 -7.93
N ARG K 346 42.78 10.13 -6.94
CA ARG K 346 42.55 9.56 -5.64
C ARG K 346 41.11 9.76 -5.19
N PHE K 347 40.56 8.75 -4.56
CA PHE K 347 39.24 8.83 -3.94
C PHE K 347 39.36 8.96 -2.44
N ALA K 348 38.35 9.56 -1.84
CA ALA K 348 38.30 9.73 -0.40
C ALA K 348 37.97 8.43 0.31
N SER K 349 38.35 8.34 1.56
CA SER K 349 37.92 7.25 2.42
C SER K 349 36.43 7.41 2.68
N VAL K 350 35.73 6.31 2.90
CA VAL K 350 34.30 6.37 3.09
C VAL K 350 33.89 7.13 4.35
N TYR K 351 34.75 7.13 5.36
CA TYR K 351 34.45 7.85 6.59
C TYR K 351 34.59 9.35 6.38
N ALA K 352 35.33 9.72 5.34
CA ALA K 352 35.61 11.12 5.06
C ALA K 352 35.36 11.40 3.59
N TRP K 353 34.19 11.01 3.13
CA TRP K 353 33.83 11.07 1.71
C TRP K 353 33.90 12.48 1.16
N ASN K 354 34.16 12.59 -0.13
CA ASN K 354 34.35 13.89 -0.77
C ASN K 354 33.13 14.33 -1.57
N ARG K 355 32.59 15.49 -1.21
CA ARG K 355 31.43 16.04 -1.91
C ARG K 355 31.79 17.11 -2.93
N LYS K 356 31.42 16.86 -4.18
CA LYS K 356 31.60 17.81 -5.26
C LYS K 356 30.27 18.45 -5.65
N ARG K 357 30.18 19.77 -5.59
CA ARG K 357 28.96 20.47 -5.96
C ARG K 357 28.97 20.82 -7.45
N ILE K 358 27.93 20.40 -8.15
CA ILE K 358 27.79 20.62 -9.58
C ILE K 358 26.62 21.56 -9.90
N SER K 359 26.89 22.64 -10.62
CA SER K 359 25.86 23.60 -10.96
C SER K 359 26.16 24.34 -12.26
N ASN K 360 25.13 24.98 -12.81
CA ASN K 360 25.25 25.85 -13.98
C ASN K 360 25.95 25.18 -15.15
N CYS K 361 25.39 24.04 -15.60
CA CYS K 361 26.02 23.21 -16.63
C CYS K 361 25.02 22.27 -17.29
N VAL K 362 25.47 21.62 -18.37
CA VAL K 362 24.67 20.63 -19.06
C VAL K 362 25.08 19.23 -18.64
N ALA K 363 24.12 18.47 -18.11
CA ALA K 363 24.42 17.17 -17.54
C ALA K 363 23.97 16.04 -18.44
N ASP K 364 24.92 15.43 -19.14
CA ASP K 364 24.60 14.29 -19.99
C ASP K 364 24.85 13.00 -19.21
N TYR K 365 23.77 12.33 -18.83
CA TYR K 365 23.86 11.17 -17.96
C TYR K 365 23.90 9.88 -18.77
N SER K 366 23.81 10.01 -20.09
CA SER K 366 23.82 8.84 -20.96
C SER K 366 25.24 8.38 -21.17
N VAL K 367 26.19 9.30 -21.06
CA VAL K 367 27.59 8.95 -21.16
C VAL K 367 27.97 8.01 -20.04
N LEU K 368 27.42 8.26 -18.86
CA LEU K 368 27.69 7.43 -17.71
C LEU K 368 26.84 6.17 -17.73
N TYR K 369 25.55 6.31 -17.99
CA TYR K 369 24.63 5.18 -17.92
C TYR K 369 24.91 4.12 -18.98
N ASN K 370 25.28 4.56 -20.18
CA ASN K 370 25.49 3.61 -21.27
C ASN K 370 26.93 3.11 -21.30
N SER K 371 27.70 3.47 -20.28
CA SER K 371 29.07 3.00 -20.17
C SER K 371 29.12 1.53 -19.82
N ALA K 372 30.12 0.84 -20.34
CA ALA K 372 30.34 -0.57 -20.05
C ALA K 372 31.26 -0.74 -18.85
N SER K 373 31.75 0.38 -18.31
CA SER K 373 32.80 0.35 -17.33
C SER K 373 32.33 0.34 -15.87
N PHE K 374 31.02 0.41 -15.66
CA PHE K 374 30.50 0.44 -14.30
C PHE K 374 29.77 -0.86 -13.99
N SER K 375 29.96 -1.37 -12.77
CA SER K 375 29.33 -2.62 -12.37
C SER K 375 27.99 -2.36 -11.72
N THR K 376 27.85 -1.18 -11.10
CA THR K 376 26.62 -0.79 -10.46
C THR K 376 26.17 0.57 -10.97
N PHE K 377 24.90 0.68 -11.31
CA PHE K 377 24.32 1.96 -11.67
C PHE K 377 22.85 1.96 -11.30
N LYS K 378 22.57 2.26 -10.04
CA LYS K 378 21.21 2.18 -9.53
C LYS K 378 20.65 3.55 -9.23
N CYS K 379 19.52 3.90 -9.86
CA CYS K 379 18.88 5.18 -9.65
C CYS K 379 17.65 5.05 -8.77
N TYR K 380 17.46 6.02 -7.90
CA TYR K 380 16.35 6.04 -6.97
C TYR K 380 15.58 7.33 -7.13
N GLY K 381 14.26 7.23 -7.18
CA GLY K 381 13.41 8.41 -7.28
C GLY K 381 13.40 8.97 -8.69
N VAL K 382 14.10 8.30 -9.59
CA VAL K 382 14.22 8.73 -10.97
C VAL K 382 14.66 7.59 -11.87
N SER K 383 14.14 7.57 -13.08
CA SER K 383 14.54 6.60 -14.09
C SER K 383 15.87 7.00 -14.72
N PRO K 384 16.79 6.04 -14.90
CA PRO K 384 18.11 6.21 -15.46
C PRO K 384 18.05 6.61 -16.92
N THR K 385 16.91 6.42 -17.56
CA THR K 385 16.75 6.73 -18.97
C THR K 385 15.95 8.01 -19.20
N LYS K 386 15.54 8.66 -18.12
CA LYS K 386 14.81 9.90 -18.23
C LYS K 386 15.62 11.08 -17.69
N LEU K 387 16.85 10.79 -17.28
CA LEU K 387 17.68 11.80 -16.63
C LEU K 387 17.98 12.97 -17.54
N ASN K 388 18.15 12.71 -18.83
CA ASN K 388 18.50 13.78 -19.77
C ASN K 388 17.31 14.68 -20.11
N ASP K 389 16.13 14.31 -19.63
CA ASP K 389 14.94 15.13 -19.84
C ASP K 389 14.65 16.02 -18.65
N LEU K 390 15.44 15.88 -17.59
CA LEU K 390 15.18 16.58 -16.34
C LEU K 390 16.13 17.75 -16.13
N CYS K 391 15.69 18.70 -15.30
CA CYS K 391 16.51 19.79 -14.81
C CYS K 391 16.52 19.83 -13.29
N PHE K 392 17.70 20.05 -12.71
CA PHE K 392 17.86 20.07 -11.27
C PHE K 392 18.42 21.39 -10.79
N THR K 393 18.20 21.70 -9.51
CA THR K 393 18.71 22.94 -8.95
C THR K 393 20.14 22.78 -8.49
N ASN K 394 20.58 21.54 -8.40
CA ASN K 394 21.94 21.20 -8.02
C ASN K 394 22.17 19.71 -8.10
N VAL K 395 23.40 19.32 -8.36
CA VAL K 395 23.78 17.93 -8.29
C VAL K 395 25.01 17.77 -7.41
N TYR K 396 24.96 16.82 -6.48
CA TYR K 396 26.11 16.58 -5.63
C TYR K 396 26.73 15.24 -5.94
N ALA K 397 28.01 15.23 -6.25
CA ALA K 397 28.70 14.00 -6.56
C ALA K 397 29.60 13.60 -5.40
N ASP K 398 29.16 12.61 -4.64
CA ASP K 398 29.89 12.15 -3.47
C ASP K 398 30.74 10.93 -3.81
N SER K 399 32.05 11.06 -3.70
CA SER K 399 32.95 9.98 -4.08
C SER K 399 33.71 9.39 -2.90
N PHE K 400 33.83 8.07 -2.89
CA PHE K 400 34.56 7.35 -1.83
C PHE K 400 34.89 5.91 -2.21
N VAL K 401 35.74 5.27 -1.42
CA VAL K 401 36.06 3.86 -1.62
C VAL K 401 35.60 2.96 -0.47
N ILE K 402 34.92 1.89 -0.84
CA ILE K 402 34.46 0.84 0.07
C ILE K 402 34.80 -0.52 -0.52
N ARG K 403 34.62 -1.60 0.25
CA ARG K 403 34.87 -2.93 -0.32
C ARG K 403 33.60 -3.47 -0.97
N GLY K 404 33.79 -4.37 -1.93
CA GLY K 404 32.70 -4.93 -2.74
C GLY K 404 31.43 -5.27 -1.99
N ASP K 405 31.55 -6.01 -0.90
CA ASP K 405 30.35 -6.47 -0.17
C ASP K 405 29.54 -5.32 0.40
N GLU K 406 30.17 -4.16 0.57
CA GLU K 406 29.53 -3.01 1.18
C GLU K 406 28.81 -2.13 0.18
N VAL K 407 28.93 -2.44 -1.10
CA VAL K 407 28.31 -1.61 -2.12
C VAL K 407 26.80 -1.60 -1.96
N ARG K 408 26.24 -2.71 -1.48
CA ARG K 408 24.81 -2.82 -1.28
C ARG K 408 24.32 -1.85 -0.20
N GLN K 409 25.23 -1.40 0.68
CA GLN K 409 24.85 -0.52 1.77
C GLN K 409 24.67 0.92 1.29
N ILE K 410 25.16 1.21 0.09
CA ILE K 410 25.00 2.56 -0.42
C ILE K 410 23.68 2.65 -1.14
N ALA K 411 22.62 2.72 -0.34
CA ALA K 411 21.26 2.74 -0.85
C ALA K 411 20.35 3.21 0.28
N PRO K 412 19.14 3.68 -0.04
CA PRO K 412 18.06 3.98 0.87
C PRO K 412 17.64 2.76 1.67
N GLY K 413 17.39 2.94 2.96
CA GLY K 413 16.85 1.88 3.80
C GLY K 413 17.87 0.80 4.16
N GLN K 414 19.15 1.11 4.11
CA GLN K 414 20.17 0.11 4.43
C GLN K 414 20.76 0.33 5.81
N THR K 415 21.27 -0.74 6.39
CA THR K 415 21.98 -0.68 7.65
C THR K 415 23.34 -1.36 7.52
N GLY K 416 24.22 -1.12 8.48
CA GLY K 416 25.54 -1.71 8.47
C GLY K 416 26.59 -0.68 8.82
N LYS K 417 27.85 -1.08 8.85
CA LYS K 417 28.89 -0.18 9.30
C LYS K 417 29.03 1.02 8.39
N ILE K 418 28.76 0.85 7.11
CA ILE K 418 28.91 1.96 6.20
C ILE K 418 27.65 2.80 6.20
N ALA K 419 26.51 2.15 6.08
CA ALA K 419 25.25 2.86 6.05
C ALA K 419 25.03 3.67 7.33
N ASP K 420 25.49 3.13 8.47
CA ASP K 420 25.24 3.78 9.75
C ASP K 420 26.34 4.71 10.24
N TYR K 421 27.61 4.39 9.97
CA TYR K 421 28.68 5.18 10.57
C TYR K 421 29.54 5.95 9.58
N ASN K 422 29.33 5.75 8.29
CA ASN K 422 30.20 6.39 7.31
C ASN K 422 29.44 7.24 6.31
N TYR K 423 28.58 6.62 5.53
CA TYR K 423 27.84 7.32 4.49
C TYR K 423 26.39 6.91 4.45
N LYS K 424 25.53 7.81 4.90
CA LYS K 424 24.10 7.52 5.00
C LYS K 424 23.30 8.21 3.91
N LEU K 425 22.47 7.44 3.22
CA LEU K 425 21.51 8.02 2.27
C LEU K 425 20.12 8.03 2.88
N PRO K 426 19.36 9.10 2.65
CA PRO K 426 18.01 9.31 3.13
C PRO K 426 17.03 8.36 2.46
N ASP K 427 15.94 8.05 3.14
CA ASP K 427 14.94 7.14 2.61
C ASP K 427 14.24 7.71 1.38
N ASP K 428 14.19 9.03 1.29
CA ASP K 428 13.58 9.71 0.15
C ASP K 428 14.65 10.20 -0.83
N PHE K 429 15.80 9.55 -0.81
CA PHE K 429 16.90 9.91 -1.69
C PHE K 429 16.51 9.88 -3.15
N THR K 430 16.91 10.92 -3.86
CA THR K 430 16.77 10.97 -5.30
C THR K 430 18.15 11.15 -5.90
N GLY K 431 18.53 10.23 -6.76
CA GLY K 431 19.88 10.24 -7.31
C GLY K 431 20.29 8.86 -7.81
N CYS K 432 21.55 8.74 -8.22
CA CYS K 432 22.08 7.49 -8.76
C CYS K 432 23.36 7.08 -8.05
N VAL K 433 23.45 5.80 -7.70
CA VAL K 433 24.64 5.25 -7.08
C VAL K 433 25.43 4.44 -8.08
N ILE K 434 26.62 4.92 -8.38
CA ILE K 434 27.46 4.32 -9.42
C ILE K 434 28.73 3.76 -8.82
N ALA K 435 29.04 2.51 -9.12
CA ALA K 435 30.23 1.91 -8.55
C ALA K 435 30.94 1.01 -9.55
N TRP K 436 32.24 0.91 -9.39
CA TRP K 436 33.02 0.01 -10.23
C TRP K 436 34.21 -0.57 -9.47
N ASN K 437 34.64 -1.73 -9.92
CA ASN K 437 35.79 -2.41 -9.33
C ASN K 437 37.05 -1.64 -9.64
N SER K 438 37.82 -1.34 -8.60
CA SER K 438 39.06 -0.60 -8.75
C SER K 438 40.22 -1.36 -8.14
N ASN K 439 40.22 -2.69 -8.29
CA ASN K 439 41.25 -3.55 -7.75
C ASN K 439 42.62 -3.25 -8.34
N ASN K 440 42.62 -2.72 -9.56
CA ASN K 440 43.87 -2.40 -10.24
C ASN K 440 44.42 -1.03 -9.88
N LEU K 441 43.69 -0.30 -9.04
CA LEU K 441 44.11 1.04 -8.67
C LEU K 441 44.32 1.18 -7.17
N ASP K 442 43.39 0.66 -6.39
CA ASP K 442 43.34 0.91 -4.97
C ASP K 442 43.85 -0.26 -4.13
N SER K 443 44.48 -1.22 -4.77
CA SER K 443 45.06 -2.35 -4.05
C SER K 443 46.56 -2.42 -4.31
N LYS K 444 47.30 -2.90 -3.32
CA LYS K 444 48.73 -3.09 -3.53
C LYS K 444 49.22 -4.34 -2.84
N VAL K 445 50.39 -4.80 -3.22
CA VAL K 445 50.99 -5.94 -2.57
C VAL K 445 51.43 -5.56 -1.16
N GLY K 446 50.98 -6.33 -0.18
CA GLY K 446 51.24 -6.04 1.22
C GLY K 446 50.02 -5.40 1.88
N GLY K 447 49.11 -4.88 1.06
CA GLY K 447 47.88 -4.27 1.55
C GLY K 447 47.90 -2.75 1.49
N ASN K 448 46.82 -2.18 0.97
CA ASN K 448 46.66 -0.73 0.92
C ASN K 448 45.88 -0.25 2.13
N TYR K 449 46.56 0.45 3.02
CA TYR K 449 45.98 0.86 4.29
C TYR K 449 45.63 2.33 4.31
N ASN K 450 45.50 2.92 3.13
CA ASN K 450 45.16 4.34 3.02
C ASN K 450 43.67 4.57 2.97
N TYR K 451 42.89 3.49 2.95
CA TYR K 451 41.44 3.60 2.91
C TYR K 451 40.81 3.15 4.22
N LEU K 452 40.23 4.10 4.94
CA LEU K 452 39.68 3.84 6.25
C LEU K 452 38.17 3.90 6.26
N TYR K 453 37.57 3.25 7.23
CA TYR K 453 36.15 3.36 7.48
C TYR K 453 35.90 3.41 8.98
N ARG K 454 34.77 3.98 9.36
CA ARG K 454 34.40 4.05 10.76
C ARG K 454 33.72 2.77 11.19
N LEU K 455 34.25 2.17 12.24
CA LEU K 455 33.80 0.90 12.74
C LEU K 455 32.91 1.08 13.97
N PHE K 456 33.21 2.10 14.77
CA PHE K 456 32.42 2.37 15.97
C PHE K 456 31.95 3.81 16.02
N ARG K 457 30.73 4.00 16.48
CA ARG K 457 30.20 5.34 16.71
C ARG K 457 29.11 5.28 17.76
N LYS K 458 28.93 6.38 18.50
CA LYS K 458 27.92 6.45 19.55
C LYS K 458 26.51 6.28 18.98
N SER K 459 26.29 6.81 17.79
CA SER K 459 24.97 6.74 17.17
C SER K 459 25.09 6.74 15.66
N ASN K 460 23.98 6.46 14.98
CA ASN K 460 23.96 6.46 13.53
C ASN K 460 24.05 7.87 12.97
N LEU K 461 24.60 7.97 11.76
CA LEU K 461 24.68 9.25 11.06
C LEU K 461 23.35 9.68 10.50
N LYS K 462 23.15 10.97 10.41
CA LYS K 462 22.06 11.53 9.65
C LYS K 462 22.44 11.47 8.17
N PRO K 463 21.47 11.49 7.26
CA PRO K 463 21.68 11.53 5.83
C PRO K 463 22.67 12.62 5.45
N PHE K 464 23.68 12.23 4.69
CA PHE K 464 24.73 13.13 4.21
C PHE K 464 25.53 13.81 5.33
N GLU K 465 25.56 13.20 6.51
CA GLU K 465 26.42 13.67 7.57
C GLU K 465 27.82 13.09 7.41
N ARG K 466 28.83 13.92 7.66
CA ARG K 466 30.22 13.52 7.48
C ARG K 466 31.03 13.65 8.77
N ASP K 467 31.22 12.53 9.46
CA ASP K 467 31.95 12.52 10.72
C ASP K 467 33.38 12.05 10.53
N ILE K 468 34.33 12.95 10.75
CA ILE K 468 35.74 12.64 10.51
C ILE K 468 36.57 12.72 11.78
N SER K 469 35.92 12.63 12.93
CA SER K 469 36.62 12.66 14.21
C SER K 469 37.33 11.33 14.46
N THR K 470 38.35 11.37 15.32
CA THR K 470 39.08 10.15 15.68
C THR K 470 39.10 9.90 17.17
N GLU K 471 38.11 10.44 17.87
CA GLU K 471 38.03 10.30 19.32
C GLU K 471 37.76 8.86 19.72
N ILE K 472 38.40 8.43 20.80
CA ILE K 472 38.27 7.05 21.26
C ILE K 472 36.84 6.73 21.65
N TYR K 473 36.37 5.60 21.16
CA TYR K 473 35.01 5.15 21.38
C TYR K 473 34.89 4.40 22.69
N GLN K 474 33.94 4.81 23.51
CA GLN K 474 33.70 4.17 24.79
C GLN K 474 32.68 3.06 24.64
N ALA K 475 33.12 1.82 24.78
CA ALA K 475 32.25 0.68 24.62
C ALA K 475 31.65 0.27 25.96
N GLY K 476 32.40 0.55 27.03
CA GLY K 476 31.98 0.18 28.37
C GLY K 476 31.36 1.36 29.11
N SER K 477 31.37 1.29 30.43
CA SER K 477 30.79 2.35 31.26
C SER K 477 31.87 3.26 31.84
N THR K 478 33.12 2.90 31.59
CA THR K 478 34.25 3.65 32.11
C THR K 478 34.81 4.60 31.05
N PRO K 479 34.94 5.89 31.35
CA PRO K 479 35.54 6.92 30.51
C PRO K 479 36.92 6.51 30.04
N CYS K 480 37.22 6.76 28.76
CA CYS K 480 38.48 6.37 28.15
C CYS K 480 39.55 7.43 28.35
N ASN K 481 39.12 8.68 28.45
CA ASN K 481 40.03 9.81 28.63
C ASN K 481 41.08 9.88 27.53
N GLY K 482 40.68 9.51 26.31
CA GLY K 482 41.55 9.63 25.15
C GLY K 482 42.51 8.46 24.98
N VAL K 483 42.48 7.50 25.91
CA VAL K 483 43.40 6.37 25.84
C VAL K 483 42.67 5.08 25.50
N GLU K 484 43.07 4.46 24.40
CA GLU K 484 42.46 3.20 23.98
C GLU K 484 42.97 2.04 24.84
N GLY K 485 42.16 0.99 24.89
CA GLY K 485 42.44 -0.15 25.74
C GLY K 485 41.19 -0.99 25.90
N PHE K 486 41.03 -1.61 27.06
CA PHE K 486 39.86 -2.45 27.28
C PHE K 486 38.60 -1.59 27.27
N ASN K 487 37.63 -1.98 26.44
CA ASN K 487 36.39 -1.22 26.26
C ASN K 487 36.59 0.21 25.76
N CYS K 488 37.75 0.49 25.15
CA CYS K 488 38.08 1.79 24.58
C CYS K 488 38.74 1.60 23.22
N TYR K 489 38.00 1.90 22.15
CA TYR K 489 38.44 1.50 20.83
C TYR K 489 38.79 2.68 19.95
N PHE K 490 39.76 2.49 19.08
CA PHE K 490 40.00 3.47 18.03
C PHE K 490 38.93 3.26 16.96
N PRO K 491 38.13 4.29 16.67
CA PRO K 491 36.90 4.25 15.90
C PRO K 491 37.08 3.86 14.44
N LEU K 492 38.28 4.03 13.90
CA LEU K 492 38.51 3.74 12.49
C LEU K 492 39.25 2.42 12.28
N GLN K 493 39.09 1.87 11.09
CA GLN K 493 39.81 0.67 10.68
C GLN K 493 40.11 0.73 9.18
N SER K 494 41.16 0.04 8.76
CA SER K 494 41.54 0.04 7.35
C SER K 494 40.97 -1.17 6.62
N TYR K 495 40.78 -1.03 5.32
CA TYR K 495 40.38 -2.17 4.51
C TYR K 495 41.57 -3.08 4.23
N GLY K 496 42.74 -2.47 4.04
CA GLY K 496 43.95 -3.23 3.75
C GLY K 496 43.82 -3.94 2.42
N PHE K 497 43.40 -3.22 1.40
CA PHE K 497 43.07 -3.83 0.12
C PHE K 497 44.28 -4.50 -0.52
N GLN K 498 44.07 -5.75 -0.94
CA GLN K 498 45.11 -6.55 -1.60
C GLN K 498 44.58 -7.08 -2.92
N PRO K 499 45.43 -7.18 -3.94
CA PRO K 499 45.12 -7.59 -5.29
C PRO K 499 44.65 -9.03 -5.37
N THR K 500 44.91 -9.80 -4.30
CA THR K 500 44.58 -11.20 -4.26
C THR K 500 43.30 -11.48 -3.48
N ASN K 501 42.63 -10.44 -3.03
CA ASN K 501 41.38 -10.59 -2.29
C ASN K 501 40.26 -11.08 -3.19
N GLY K 502 39.27 -11.74 -2.59
CA GLY K 502 38.07 -12.11 -3.33
C GLY K 502 37.27 -10.85 -3.64
N VAL K 503 36.30 -10.96 -4.53
CA VAL K 503 35.59 -9.78 -5.00
C VAL K 503 34.97 -8.96 -3.89
N GLY K 504 34.41 -9.63 -2.89
CA GLY K 504 33.75 -8.94 -1.79
C GLY K 504 34.71 -8.08 -0.98
N TYR K 505 36.01 -8.36 -1.09
CA TYR K 505 37.01 -7.63 -0.36
C TYR K 505 37.90 -6.78 -1.26
N GLN K 506 37.52 -6.67 -2.53
CA GLN K 506 38.22 -5.79 -3.44
C GLN K 506 37.62 -4.39 -3.30
N PRO K 507 38.41 -3.35 -3.55
CA PRO K 507 38.00 -1.97 -3.50
C PRO K 507 37.06 -1.63 -4.63
N TYR K 508 36.03 -0.86 -4.31
CA TYR K 508 35.13 -0.30 -5.29
C TYR K 508 35.07 1.20 -5.16
N ARG K 509 35.19 1.88 -6.27
CA ARG K 509 35.06 3.32 -6.27
C ARG K 509 33.61 3.68 -6.51
N VAL K 510 33.05 4.42 -5.57
CA VAL K 510 31.65 4.75 -5.60
C VAL K 510 31.43 6.23 -5.77
N VAL K 511 30.59 6.59 -6.72
CA VAL K 511 30.16 7.96 -6.91
C VAL K 511 28.65 8.02 -6.79
N VAL K 512 28.18 8.83 -5.85
CA VAL K 512 26.76 8.99 -5.67
C VAL K 512 26.32 10.36 -6.16
N LEU K 513 25.44 10.38 -7.14
CA LEU K 513 24.94 11.63 -7.67
C LEU K 513 23.57 11.94 -7.09
N SER K 514 23.51 12.86 -6.15
CA SER K 514 22.22 13.22 -5.57
C SER K 514 21.63 14.37 -6.37
N PHE K 515 20.34 14.27 -6.65
CA PHE K 515 19.67 15.28 -7.46
C PHE K 515 18.79 16.15 -6.59
N GLU K 516 19.12 17.44 -6.56
CA GLU K 516 18.40 18.39 -5.73
C GLU K 516 17.23 18.99 -6.48
N LEU K 517 16.06 18.98 -5.87
CA LEU K 517 14.86 19.53 -6.50
C LEU K 517 14.17 20.55 -5.60
N LEU K 518 14.71 21.76 -5.56
CA LEU K 518 14.11 22.83 -4.78
C LEU K 518 13.19 23.68 -5.64
N HIS K 519 12.31 24.46 -5.00
CA HIS K 519 11.48 25.40 -5.73
C HIS K 519 12.33 26.61 -6.09
N ALA K 520 13.24 26.40 -7.03
CA ALA K 520 14.27 27.37 -7.38
C ALA K 520 14.64 27.18 -8.85
N PRO K 521 15.28 28.16 -9.49
CA PRO K 521 15.77 28.09 -10.84
C PRO K 521 16.62 26.84 -11.00
N ALA K 522 16.33 26.04 -12.01
CA ALA K 522 17.13 24.85 -12.26
C ALA K 522 18.37 25.26 -13.03
N THR K 523 19.51 24.73 -12.59
CA THR K 523 20.78 25.12 -13.18
C THR K 523 21.50 23.96 -13.86
N VAL K 524 21.07 22.75 -13.60
CA VAL K 524 21.69 21.57 -14.20
C VAL K 524 20.69 20.81 -15.06
N CYS K 525 20.76 20.99 -16.37
CA CYS K 525 19.81 20.41 -17.31
C CYS K 525 20.48 19.44 -18.26
N GLY K 526 19.74 18.43 -18.68
CA GLY K 526 20.24 17.50 -19.68
C GLY K 526 20.41 18.21 -21.02
N PRO K 527 21.10 17.58 -21.97
CA PRO K 527 21.46 18.05 -23.28
C PRO K 527 20.29 17.98 -24.26
N LYS K 528 19.22 18.68 -23.93
CA LYS K 528 18.06 18.71 -24.80
C LYS K 528 18.04 19.98 -25.64
N LYS K 529 17.70 19.84 -26.91
CA LYS K 529 17.68 20.98 -27.81
C LYS K 529 16.36 21.72 -27.68
N SER K 530 16.47 23.03 -27.50
CA SER K 530 15.28 23.86 -27.34
C SER K 530 14.64 24.16 -28.69
N THR K 531 13.36 24.47 -28.67
CA THR K 531 12.61 24.81 -29.86
C THR K 531 12.18 26.26 -29.80
N ASN K 532 11.60 26.76 -30.88
CA ASN K 532 11.09 28.11 -30.90
C ASN K 532 9.88 28.23 -30.00
N LEU K 533 9.69 29.39 -29.40
CA LEU K 533 8.56 29.64 -28.55
C LEU K 533 7.30 29.90 -29.37
N VAL K 534 6.24 29.19 -29.06
CA VAL K 534 4.99 29.32 -29.79
C VAL K 534 3.87 29.82 -28.89
N LYS K 535 3.21 30.88 -29.32
CA LYS K 535 2.14 31.49 -28.53
C LYS K 535 0.80 31.45 -29.26
N ASN K 536 -0.27 31.54 -28.47
CA ASN K 536 -1.64 31.60 -28.97
C ASN K 536 -2.08 30.31 -29.66
N LYS K 537 -1.43 29.21 -29.32
CA LYS K 537 -1.81 27.89 -29.80
C LYS K 537 -1.80 26.88 -28.67
N CYS K 538 -2.55 25.79 -28.82
CA CYS K 538 -2.50 24.68 -27.88
C CYS K 538 -1.27 23.82 -28.14
N VAL K 539 -0.35 23.82 -27.18
CA VAL K 539 0.90 23.09 -27.33
C VAL K 539 1.26 22.31 -26.09
N ASN K 540 2.17 21.35 -26.26
CA ASN K 540 2.84 20.75 -25.12
C ASN K 540 4.02 21.65 -24.80
N PHE K 541 4.45 21.69 -23.56
CA PHE K 541 5.61 22.51 -23.25
C PHE K 541 6.47 21.94 -22.14
N ASN K 542 7.73 22.39 -22.13
CA ASN K 542 8.68 22.09 -21.07
C ASN K 542 9.57 23.30 -20.81
N PHE K 543 9.29 24.03 -19.74
CA PHE K 543 10.06 25.21 -19.41
C PHE K 543 11.05 24.92 -18.29
N ASN K 544 12.31 24.72 -18.66
CA ASN K 544 13.36 24.42 -17.69
C ASN K 544 12.95 23.30 -16.74
N GLY K 545 12.32 22.25 -17.27
CA GLY K 545 11.92 21.11 -16.47
C GLY K 545 10.43 21.12 -16.09
N LEU K 546 9.77 22.26 -16.26
CA LEU K 546 8.35 22.37 -15.93
C LEU K 546 7.49 22.01 -17.11
N THR K 547 6.88 20.83 -17.05
CA THR K 547 6.12 20.31 -18.18
C THR K 547 4.62 20.48 -18.01
N GLY K 548 3.90 20.46 -19.11
CA GLY K 548 2.45 20.52 -19.11
C GLY K 548 1.89 20.78 -20.50
N THR K 549 0.57 20.91 -20.58
CA THR K 549 -0.10 21.19 -21.85
C THR K 549 -1.01 22.39 -21.69
N GLY K 550 -1.00 23.30 -22.65
CA GLY K 550 -1.84 24.47 -22.56
C GLY K 550 -1.52 25.50 -23.64
N VAL K 551 -2.08 26.69 -23.48
CA VAL K 551 -1.90 27.76 -24.44
C VAL K 551 -1.04 28.84 -23.81
N LEU K 552 0.04 29.19 -24.49
CA LEU K 552 0.98 30.18 -23.98
C LEU K 552 0.67 31.55 -24.56
N THR K 553 0.48 32.54 -23.69
CA THR K 553 0.20 33.90 -24.16
C THR K 553 1.09 34.89 -23.43
N GLU K 554 1.23 36.09 -24.01
CA GLU K 554 1.98 37.14 -23.35
C GLU K 554 1.32 37.52 -22.04
N SER K 555 2.09 37.55 -20.96
CA SER K 555 1.55 37.84 -19.64
C SER K 555 1.62 39.31 -19.30
N ASN K 556 0.64 39.79 -18.55
CA ASN K 556 0.65 41.14 -18.03
C ASN K 556 0.88 41.13 -16.53
N LYS K 557 1.38 40.00 -16.03
CA LYS K 557 1.68 39.84 -14.61
C LYS K 557 3.05 40.40 -14.30
N LYS K 558 3.11 41.28 -13.32
CA LYS K 558 4.37 41.93 -12.98
C LYS K 558 5.18 41.07 -12.03
N PHE K 559 5.95 40.15 -12.59
CA PHE K 559 6.80 39.29 -11.80
C PHE K 559 7.95 40.09 -11.21
N LEU K 560 8.34 39.74 -10.00
CA LEU K 560 9.53 40.32 -9.41
C LEU K 560 10.76 39.67 -10.05
N PRO K 561 11.92 40.34 -10.05
CA PRO K 561 13.15 39.93 -10.72
C PRO K 561 13.61 38.52 -10.35
N PHE K 562 13.15 38.00 -9.23
CA PHE K 562 13.59 36.69 -8.76
C PHE K 562 12.58 35.58 -8.99
N GLN K 563 11.36 35.94 -9.40
CA GLN K 563 10.29 34.95 -9.52
C GLN K 563 10.33 34.27 -10.88
N GLN K 564 10.24 32.94 -10.86
CA GLN K 564 10.41 32.15 -12.08
C GLN K 564 9.09 31.68 -12.67
N PHE K 565 8.09 31.54 -11.82
CA PHE K 565 6.78 31.10 -12.25
C PHE K 565 5.75 31.55 -11.24
N GLY K 566 4.49 31.55 -11.62
CA GLY K 566 3.43 31.93 -10.70
C GLY K 566 2.42 30.82 -10.54
N ARG K 567 1.54 30.99 -9.57
CA ARG K 567 0.49 30.03 -9.31
C ARG K 567 -0.83 30.72 -9.02
N ASP K 568 -1.92 30.02 -9.32
CA ASP K 568 -3.26 30.52 -9.03
C ASP K 568 -3.71 30.08 -7.64
N ILE K 569 -4.99 30.30 -7.33
CA ILE K 569 -5.54 29.96 -6.02
C ILE K 569 -5.63 28.45 -5.80
N ALA K 570 -5.44 27.69 -6.87
CA ALA K 570 -5.46 26.23 -6.79
C ALA K 570 -4.07 25.69 -6.49
N ASP K 571 -3.11 26.60 -6.39
CA ASP K 571 -1.71 26.27 -6.20
C ASP K 571 -1.17 25.47 -7.39
N THR K 572 -1.59 25.83 -8.59
CA THR K 572 -1.03 25.21 -9.80
C THR K 572 -0.41 26.28 -10.68
N THR K 573 0.60 25.90 -11.46
CA THR K 573 1.30 26.87 -12.28
C THR K 573 0.37 27.49 -13.30
N ASP K 574 0.39 28.83 -13.38
CA ASP K 574 -0.45 29.53 -14.35
C ASP K 574 0.35 30.57 -15.11
N ALA K 575 1.65 30.58 -14.87
CA ALA K 575 2.55 31.50 -15.56
C ALA K 575 3.99 31.06 -15.36
N VAL K 576 4.81 31.26 -16.39
CA VAL K 576 6.23 30.93 -16.31
C VAL K 576 7.11 32.03 -16.87
N ARG K 577 8.36 32.05 -16.43
CA ARG K 577 9.36 32.91 -17.02
C ARG K 577 10.20 32.13 -18.01
N ASP K 578 10.17 32.55 -19.26
CA ASP K 578 10.92 31.87 -20.30
C ASP K 578 12.41 31.98 -20.00
N PRO K 579 13.12 30.86 -19.86
CA PRO K 579 14.50 30.74 -19.42
C PRO K 579 15.50 31.35 -20.39
N GLN K 580 15.07 31.69 -21.60
CA GLN K 580 15.98 32.27 -22.58
C GLN K 580 15.71 33.75 -22.82
N THR K 581 14.44 34.12 -22.86
CA THR K 581 14.08 35.50 -23.16
C THR K 581 13.68 36.28 -21.92
N LEU K 582 13.41 35.55 -20.84
CA LEU K 582 12.93 36.12 -19.60
C LEU K 582 11.56 36.78 -19.76
N GLU K 583 10.87 36.42 -20.85
CA GLU K 583 9.51 36.85 -21.09
C GLU K 583 8.56 36.11 -20.15
N ILE K 584 7.58 36.82 -19.62
CA ILE K 584 6.60 36.18 -18.77
C ILE K 584 5.41 35.72 -19.61
N LEU K 585 5.09 34.43 -19.49
CA LEU K 585 4.03 33.83 -20.26
C LEU K 585 2.93 33.31 -19.36
N ASP K 586 1.68 33.57 -19.74
CA ASP K 586 0.54 33.03 -19.02
C ASP K 586 0.20 31.66 -19.58
N ILE K 587 -0.18 30.74 -18.71
CA ILE K 587 -0.57 29.42 -19.15
C ILE K 587 -2.03 29.16 -18.85
N THR K 588 -2.80 28.90 -19.90
CA THR K 588 -4.19 28.51 -19.73
C THR K 588 -4.36 27.12 -20.31
N PRO K 589 -5.29 26.33 -19.81
CA PRO K 589 -5.63 25.02 -20.32
C PRO K 589 -6.23 25.15 -21.70
N CYS K 590 -6.06 24.13 -22.53
CA CYS K 590 -6.65 24.09 -23.87
C CYS K 590 -8.15 23.88 -23.75
N SER K 591 -8.90 24.49 -24.65
CA SER K 591 -10.36 24.47 -24.55
C SER K 591 -10.89 23.07 -24.30
N PHE K 592 -11.77 22.96 -23.32
CA PHE K 592 -12.38 21.69 -22.97
C PHE K 592 -13.77 21.92 -22.41
N GLY K 593 -14.56 20.86 -22.36
CA GLY K 593 -15.90 20.94 -21.78
C GLY K 593 -16.67 19.66 -22.04
N GLY K 594 -17.80 19.50 -21.37
CA GLY K 594 -18.60 18.29 -21.56
C GLY K 594 -19.29 18.29 -22.91
N VAL K 595 -19.57 17.10 -23.42
CA VAL K 595 -20.31 16.98 -24.67
C VAL K 595 -21.59 16.19 -24.44
N SER K 596 -22.71 16.83 -24.74
CA SER K 596 -23.99 16.18 -24.55
C SER K 596 -24.77 16.05 -25.85
N VAL K 597 -25.51 14.97 -25.96
CA VAL K 597 -26.27 14.67 -27.15
C VAL K 597 -27.75 14.87 -26.93
N ILE K 598 -28.34 15.70 -27.76
CA ILE K 598 -29.75 16.02 -27.72
C ILE K 598 -30.48 15.20 -28.75
N THR K 599 -31.45 14.42 -28.33
CA THR K 599 -32.15 13.59 -29.28
C THR K 599 -33.57 13.31 -28.83
N PRO K 600 -34.50 13.14 -29.78
CA PRO K 600 -35.79 12.54 -29.60
C PRO K 600 -35.57 11.06 -29.41
N GLY K 601 -36.58 10.33 -28.97
CA GLY K 601 -36.36 8.91 -28.78
C GLY K 601 -36.03 8.27 -30.12
N THR K 602 -35.23 7.22 -30.08
CA THR K 602 -34.85 6.48 -31.29
C THR K 602 -36.05 5.77 -31.93
N ASN K 603 -37.17 5.72 -31.20
CA ASN K 603 -38.45 5.22 -31.70
C ASN K 603 -39.03 6.19 -32.75
N THR K 604 -38.60 7.45 -32.71
CA THR K 604 -39.08 8.51 -33.60
C THR K 604 -38.05 8.89 -34.66
N SER K 605 -36.82 9.15 -34.22
CA SER K 605 -35.80 9.63 -35.14
C SER K 605 -34.38 9.37 -34.64
N ASN K 606 -33.47 9.18 -35.58
CA ASN K 606 -32.06 8.99 -35.25
C ASN K 606 -31.27 10.28 -35.41
N GLN K 607 -31.97 11.40 -35.58
CA GLN K 607 -31.32 12.69 -35.68
C GLN K 607 -30.84 13.15 -34.31
N VAL K 608 -29.68 13.79 -34.28
CA VAL K 608 -29.16 14.32 -33.03
C VAL K 608 -28.63 15.74 -33.19
N ALA K 609 -28.52 16.43 -32.08
CA ALA K 609 -27.80 17.69 -32.00
C ALA K 609 -26.79 17.58 -30.87
N VAL K 610 -25.64 18.19 -31.03
CA VAL K 610 -24.61 18.07 -30.02
C VAL K 610 -24.26 19.40 -29.37
N LEU K 611 -24.32 19.42 -28.05
CA LEU K 611 -23.98 20.59 -27.29
C LEU K 611 -22.59 20.47 -26.69
N TYR K 612 -21.71 21.39 -27.05
CA TYR K 612 -20.38 21.45 -26.49
C TYR K 612 -20.38 22.43 -25.33
N GLN K 613 -20.48 21.88 -24.13
CA GLN K 613 -20.81 22.64 -22.95
C GLN K 613 -19.72 23.61 -22.57
N ASP K 614 -20.08 24.88 -22.44
CA ASP K 614 -19.14 25.93 -22.07
C ASP K 614 -18.04 26.11 -23.11
N VAL K 615 -18.28 25.62 -24.32
CA VAL K 615 -17.31 25.75 -25.41
C VAL K 615 -17.79 26.73 -26.48
N ASN K 616 -16.87 27.54 -27.00
CA ASN K 616 -17.13 28.47 -28.10
C ASN K 616 -17.27 27.73 -29.42
N CYS K 617 -18.16 28.21 -30.29
CA CYS K 617 -18.38 27.60 -31.61
C CYS K 617 -17.17 27.74 -32.52
N THR K 618 -16.26 28.64 -32.15
CA THR K 618 -15.04 28.85 -32.91
C THR K 618 -13.93 27.93 -32.44
N GLU K 619 -14.18 27.22 -31.33
CA GLU K 619 -13.19 26.32 -30.74
C GLU K 619 -13.49 24.87 -31.07
N VAL K 620 -14.78 24.55 -31.20
CA VAL K 620 -15.19 23.17 -31.45
C VAL K 620 -14.51 22.49 -32.66
N PRO K 621 -14.43 23.12 -33.86
CA PRO K 621 -13.83 22.56 -35.06
C PRO K 621 -12.32 22.73 -35.06
N ASN K 641 -26.00 24.49 -39.12
CA ASN K 641 -26.80 24.67 -37.92
C ASN K 641 -25.92 24.83 -36.68
N VAL K 642 -25.21 25.97 -36.59
CA VAL K 642 -24.35 26.27 -35.46
C VAL K 642 -24.90 27.43 -34.64
N PHE K 643 -25.37 27.12 -33.43
CA PHE K 643 -26.03 28.09 -32.58
C PHE K 643 -25.31 28.26 -31.25
N GLN K 644 -24.80 29.46 -30.98
CA GLN K 644 -24.08 29.71 -29.75
C GLN K 644 -25.04 30.13 -28.64
N THR K 645 -25.05 29.38 -27.54
CA THR K 645 -25.88 29.71 -26.40
C THR K 645 -24.99 29.88 -25.17
N ARG K 646 -25.59 30.30 -24.06
CA ARG K 646 -24.83 30.47 -22.83
C ARG K 646 -24.45 29.12 -22.23
N ALA K 647 -25.06 28.05 -22.74
CA ALA K 647 -24.80 26.71 -22.27
C ALA K 647 -23.63 26.07 -23.02
N GLY K 648 -23.17 26.72 -24.09
CA GLY K 648 -22.17 26.13 -24.96
C GLY K 648 -22.59 26.26 -26.42
N CYS K 649 -21.89 25.54 -27.31
CA CYS K 649 -22.18 25.59 -28.74
C CYS K 649 -23.07 24.42 -29.15
N LEU K 650 -24.24 24.73 -29.66
CA LEU K 650 -25.20 23.71 -30.05
C LEU K 650 -25.18 23.51 -31.55
N ILE K 651 -24.76 22.33 -31.98
CA ILE K 651 -24.60 22.05 -33.40
C ILE K 651 -25.53 20.94 -33.87
N GLY K 652 -26.31 21.22 -34.90
CA GLY K 652 -27.23 20.24 -35.46
C GLY K 652 -28.68 20.64 -35.25
N ALA K 653 -28.92 21.56 -34.31
CA ALA K 653 -30.26 22.05 -34.06
C ALA K 653 -30.47 23.36 -34.80
N GLU K 654 -31.62 23.49 -35.44
CA GLU K 654 -31.97 24.72 -36.15
C GLU K 654 -32.64 25.71 -35.21
N HIS K 655 -32.02 26.86 -35.03
CA HIS K 655 -32.60 27.87 -34.15
C HIS K 655 -33.77 28.57 -34.83
N VAL K 656 -34.85 28.76 -34.09
CA VAL K 656 -36.02 29.46 -34.58
C VAL K 656 -36.42 30.58 -33.62
N ASN K 657 -37.18 31.56 -34.12
CA ASN K 657 -37.66 32.67 -33.30
C ASN K 657 -38.89 32.28 -32.49
N ASN K 658 -39.70 31.34 -32.99
CA ASN K 658 -40.94 30.92 -32.34
C ASN K 658 -40.66 30.26 -31.00
N SER K 659 -41.38 30.71 -29.98
CA SER K 659 -41.23 30.17 -28.64
C SER K 659 -42.27 29.10 -28.37
N TYR K 660 -41.83 28.00 -27.76
CA TYR K 660 -42.71 26.89 -27.45
C TYR K 660 -42.50 26.42 -26.03
N GLU K 661 -43.36 25.54 -25.55
CA GLU K 661 -43.14 24.91 -24.25
C GLU K 661 -41.85 24.13 -24.32
N CYS K 662 -41.12 24.06 -23.20
CA CYS K 662 -39.83 23.37 -23.16
C CYS K 662 -40.01 21.86 -23.28
N ASP K 663 -39.22 21.25 -24.16
CA ASP K 663 -39.23 19.81 -24.34
C ASP K 663 -37.94 19.22 -23.78
N ILE K 664 -36.85 19.37 -24.52
CA ILE K 664 -35.54 18.97 -24.01
C ILE K 664 -34.75 20.22 -23.61
N PRO K 665 -34.47 20.42 -22.32
CA PRO K 665 -33.81 21.59 -21.79
C PRO K 665 -32.35 21.64 -22.22
N ILE K 666 -31.90 22.79 -22.67
CA ILE K 666 -30.50 23.00 -23.01
C ILE K 666 -29.83 23.79 -21.90
N GLY K 667 -30.49 24.86 -21.50
CA GLY K 667 -29.99 25.73 -20.43
C GLY K 667 -30.09 27.19 -20.82
N ALA K 668 -30.13 28.06 -19.81
CA ALA K 668 -30.18 29.49 -20.03
C ALA K 668 -31.37 29.91 -20.89
N GLY K 669 -32.51 29.27 -20.66
CA GLY K 669 -33.75 29.66 -21.34
C GLY K 669 -33.93 28.96 -22.67
N ILE K 670 -32.93 28.20 -23.09
CA ILE K 670 -33.00 27.50 -24.38
C ILE K 670 -33.42 26.05 -24.21
N CYS K 671 -34.36 25.62 -25.05
CA CYS K 671 -34.83 24.24 -25.12
C CYS K 671 -34.79 23.77 -26.57
N ALA K 672 -34.80 22.46 -26.75
CA ALA K 672 -34.80 21.88 -28.08
C ALA K 672 -35.95 20.89 -28.23
N SER K 673 -36.42 20.72 -29.45
CA SER K 673 -37.50 19.78 -29.72
C SER K 673 -37.41 19.24 -31.13
N TYR K 674 -38.11 18.14 -31.38
CA TYR K 674 -38.17 17.56 -32.72
C TYR K 674 -39.47 17.97 -33.40
N GLN K 675 -39.36 18.74 -34.49
CA GLN K 675 -40.49 19.29 -35.22
C GLN K 675 -40.30 19.14 -36.73
N GLN K 690 -39.15 16.46 -40.69
CA GLN K 690 -38.95 16.98 -39.34
C GLN K 690 -37.46 17.03 -38.99
N SER K 691 -37.09 17.95 -38.10
CA SER K 691 -35.72 18.13 -37.63
C SER K 691 -35.68 18.67 -36.21
N ILE K 692 -34.50 18.64 -35.60
CA ILE K 692 -34.33 19.19 -34.27
C ILE K 692 -34.15 20.70 -34.33
N ILE K 693 -34.92 21.42 -33.50
CA ILE K 693 -34.85 22.86 -33.47
C ILE K 693 -34.50 23.35 -32.07
N ALA K 694 -33.99 24.58 -32.01
CA ALA K 694 -33.69 25.22 -30.73
C ALA K 694 -34.48 26.51 -30.62
N TYR K 695 -34.96 26.80 -29.42
CA TYR K 695 -35.79 27.98 -29.20
C TYR K 695 -35.71 28.47 -27.76
N THR K 696 -36.11 29.71 -27.56
CA THR K 696 -36.28 30.22 -26.21
C THR K 696 -37.64 29.77 -25.69
N MET K 697 -37.65 29.13 -24.54
CA MET K 697 -38.87 28.51 -24.02
C MET K 697 -39.91 29.53 -23.61
N SER K 698 -41.16 29.17 -23.83
CA SER K 698 -42.29 29.97 -23.38
C SER K 698 -42.60 29.66 -21.93
N LEU K 699 -43.02 30.66 -21.18
CA LEU K 699 -43.39 30.46 -19.79
C LEU K 699 -44.89 30.30 -19.66
N GLY K 700 -45.58 30.29 -20.79
CA GLY K 700 -47.03 30.21 -20.81
C GLY K 700 -47.61 31.33 -21.64
N ALA K 701 -48.90 31.22 -21.98
CA ALA K 701 -49.57 32.24 -22.76
C ALA K 701 -49.77 33.49 -21.93
N GLU K 702 -49.69 34.65 -22.57
CA GLU K 702 -49.97 35.90 -21.88
C GLU K 702 -51.46 36.07 -21.68
N ASN K 703 -51.85 36.60 -20.53
CA ASN K 703 -53.26 36.78 -20.22
C ASN K 703 -53.49 38.03 -19.38
N SER K 704 -54.00 39.09 -20.00
CA SER K 704 -54.29 40.29 -19.24
C SER K 704 -55.63 40.13 -18.54
N VAL K 705 -55.72 40.63 -17.33
CA VAL K 705 -56.97 40.59 -16.58
C VAL K 705 -57.73 41.88 -16.77
N ALA K 706 -59.02 41.79 -17.03
CA ALA K 706 -59.84 42.96 -17.26
C ALA K 706 -60.14 43.67 -15.95
N TYR K 707 -59.10 44.16 -15.31
CA TYR K 707 -59.21 44.80 -14.01
C TYR K 707 -59.75 46.20 -14.11
N SER K 708 -60.65 46.53 -13.19
CA SER K 708 -61.12 47.88 -12.97
C SER K 708 -61.61 47.98 -11.54
N ASN K 709 -61.87 49.19 -11.08
CA ASN K 709 -62.22 49.42 -9.67
C ASN K 709 -63.67 49.02 -9.34
N ASN K 710 -64.45 48.64 -10.35
CA ASN K 710 -65.85 48.24 -10.15
C ASN K 710 -66.27 47.06 -11.00
N SER K 711 -65.32 46.23 -11.43
CA SER K 711 -65.69 45.08 -12.26
C SER K 711 -65.30 43.76 -11.61
N ILE K 712 -66.27 42.86 -11.51
CA ILE K 712 -66.02 41.55 -10.94
C ILE K 712 -66.47 40.44 -11.88
N ALA K 713 -65.72 39.36 -11.92
CA ALA K 713 -66.16 38.20 -12.70
C ALA K 713 -66.65 37.11 -11.77
N ILE K 714 -67.80 36.54 -12.09
CA ILE K 714 -68.37 35.48 -11.28
C ILE K 714 -68.78 34.29 -12.16
N PRO K 715 -68.27 33.09 -11.86
CA PRO K 715 -68.59 31.82 -12.49
C PRO K 715 -70.08 31.56 -12.47
N THR K 716 -70.66 31.31 -13.64
CA THR K 716 -72.07 30.94 -13.71
C THR K 716 -72.23 29.41 -13.79
N ASN K 717 -71.11 28.70 -13.90
CA ASN K 717 -71.05 27.26 -13.99
C ASN K 717 -69.78 26.75 -13.32
N PHE K 718 -69.59 25.44 -13.29
CA PHE K 718 -68.40 24.81 -12.74
C PHE K 718 -68.24 23.42 -13.31
N THR K 719 -67.04 22.87 -13.15
CA THR K 719 -66.81 21.48 -13.52
C THR K 719 -66.21 20.71 -12.35
N ILE K 720 -66.37 19.40 -12.38
CA ILE K 720 -65.72 18.54 -11.41
C ILE K 720 -64.51 17.89 -12.03
N SER K 721 -63.34 18.24 -11.52
CA SER K 721 -62.10 17.75 -12.07
C SER K 721 -61.48 16.73 -11.15
N VAL K 722 -60.93 15.69 -11.73
CA VAL K 722 -60.20 14.72 -10.93
C VAL K 722 -58.77 14.63 -11.43
N THR K 723 -57.82 14.89 -10.54
CA THR K 723 -56.42 14.85 -10.91
C THR K 723 -55.72 13.75 -10.16
N THR K 724 -54.59 13.29 -10.70
CA THR K 724 -53.86 12.20 -10.08
C THR K 724 -52.54 12.66 -9.53
N GLU K 725 -52.30 12.36 -8.26
CA GLU K 725 -51.00 12.63 -7.66
C GLU K 725 -50.34 11.33 -7.21
N ILE K 726 -49.15 11.09 -7.72
CA ILE K 726 -48.45 9.84 -7.46
C ILE K 726 -47.23 10.06 -6.58
N LEU K 727 -47.20 9.38 -5.43
CA LEU K 727 -46.09 9.52 -4.50
C LEU K 727 -45.50 8.17 -4.15
N PRO K 728 -44.16 8.06 -4.13
CA PRO K 728 -43.39 7.00 -3.54
C PRO K 728 -43.65 6.93 -2.04
N VAL K 729 -43.80 5.72 -1.53
CA VAL K 729 -43.98 5.53 -0.10
C VAL K 729 -42.87 4.68 0.46
N SER K 730 -42.49 3.65 -0.27
CA SER K 730 -41.51 2.71 0.25
C SER K 730 -40.46 2.40 -0.80
N MET K 731 -39.38 1.79 -0.34
CA MET K 731 -38.25 1.43 -1.16
C MET K 731 -37.96 -0.06 -0.99
N THR K 732 -37.42 -0.69 -2.01
CA THR K 732 -37.10 -2.11 -1.89
C THR K 732 -36.19 -2.35 -0.71
N LYS K 733 -36.57 -3.30 0.15
CA LYS K 733 -35.81 -3.58 1.35
C LYS K 733 -34.62 -4.48 1.07
N THR K 734 -33.57 -3.90 0.52
CA THR K 734 -32.39 -4.68 0.19
C THR K 734 -31.59 -4.97 1.43
N SER K 735 -30.84 -6.06 1.38
CA SER K 735 -29.95 -6.43 2.47
C SER K 735 -28.66 -7.02 1.93
N VAL K 736 -27.53 -6.49 2.36
CA VAL K 736 -26.26 -6.98 1.87
C VAL K 736 -25.42 -7.55 2.98
N ASP K 737 -25.01 -8.79 2.82
CA ASP K 737 -24.10 -9.44 3.75
C ASP K 737 -22.68 -8.99 3.48
N CYS K 738 -22.18 -8.05 4.31
CA CYS K 738 -20.89 -7.41 4.08
C CYS K 738 -19.77 -8.43 3.90
N THR K 739 -19.65 -9.37 4.84
CA THR K 739 -18.57 -10.34 4.76
C THR K 739 -18.65 -11.18 3.49
N MET K 740 -19.84 -11.65 3.15
CA MET K 740 -19.97 -12.47 1.95
C MET K 740 -19.71 -11.67 0.68
N TYR K 741 -20.21 -10.45 0.62
CA TYR K 741 -19.99 -9.61 -0.54
C TYR K 741 -18.50 -9.42 -0.80
N ILE K 742 -17.75 -9.11 0.25
CA ILE K 742 -16.33 -8.83 0.13
C ILE K 742 -15.47 -10.09 -0.04
N CYS K 743 -15.72 -11.10 0.80
CA CYS K 743 -14.83 -12.27 0.92
C CYS K 743 -15.45 -13.55 0.39
N GLY K 744 -16.75 -13.53 0.07
CA GLY K 744 -17.40 -14.77 -0.33
C GLY K 744 -17.32 -15.78 0.80
N ASP K 745 -16.82 -16.97 0.50
CA ASP K 745 -16.68 -18.01 1.49
C ASP K 745 -15.22 -18.24 1.87
N SER K 746 -14.37 -17.26 1.61
CA SER K 746 -12.95 -17.36 1.92
C SER K 746 -12.65 -17.03 3.37
N THR K 747 -12.05 -17.99 4.07
CA THR K 747 -11.67 -17.80 5.46
C THR K 747 -10.48 -16.86 5.57
N GLU K 748 -9.57 -16.96 4.61
CA GLU K 748 -8.36 -16.14 4.62
C GLU K 748 -8.70 -14.65 4.50
N CYS K 749 -9.65 -14.33 3.60
CA CYS K 749 -10.14 -12.97 3.43
C CYS K 749 -10.89 -12.52 4.67
N SER K 750 -11.75 -13.38 5.19
CA SER K 750 -12.55 -13.04 6.35
C SER K 750 -11.67 -12.63 7.52
N ASN K 751 -10.58 -13.35 7.73
CA ASN K 751 -9.66 -13.04 8.82
C ASN K 751 -8.99 -11.69 8.62
N LEU K 752 -8.72 -11.33 7.37
CA LEU K 752 -8.12 -10.03 7.07
C LEU K 752 -9.16 -8.93 7.21
N LEU K 753 -10.41 -9.25 6.91
CA LEU K 753 -11.49 -8.28 6.99
C LEU K 753 -11.67 -7.82 8.44
N LEU K 754 -11.41 -8.73 9.38
CA LEU K 754 -11.53 -8.42 10.81
C LEU K 754 -10.55 -7.34 11.26
N GLN K 755 -9.50 -7.12 10.49
CA GLN K 755 -8.48 -6.13 10.85
C GLN K 755 -9.02 -4.73 10.69
N TYR K 756 -10.17 -4.61 10.03
CA TYR K 756 -10.77 -3.32 9.76
C TYR K 756 -11.79 -2.94 10.81
N GLY K 757 -11.92 -3.77 11.84
CA GLY K 757 -12.84 -3.48 12.93
C GLY K 757 -14.27 -3.84 12.58
N SER K 758 -15.19 -2.94 12.89
CA SER K 758 -16.61 -3.21 12.79
C SER K 758 -17.28 -2.52 11.62
N PHE K 759 -16.52 -2.18 10.58
CA PHE K 759 -17.11 -1.54 9.41
C PHE K 759 -18.31 -2.32 8.86
N CYS K 760 -18.18 -3.65 8.79
CA CYS K 760 -19.25 -4.52 8.30
C CYS K 760 -20.47 -4.49 9.20
N THR K 761 -20.26 -4.31 10.50
CA THR K 761 -21.38 -4.23 11.42
C THR K 761 -22.16 -2.96 11.17
N GLN K 762 -21.44 -1.86 10.95
CA GLN K 762 -22.06 -0.57 10.67
C GLN K 762 -22.85 -0.63 9.38
N LEU K 763 -22.31 -1.29 8.38
CA LEU K 763 -22.95 -1.38 7.06
C LEU K 763 -24.18 -2.27 7.11
N ASN K 764 -24.07 -3.39 7.82
CA ASN K 764 -25.21 -4.30 7.95
C ASN K 764 -26.31 -3.60 8.75
N ARG K 765 -25.90 -2.83 9.74
CA ARG K 765 -26.81 -2.11 10.60
C ARG K 765 -27.54 -0.99 9.86
N ALA K 766 -26.79 -0.25 9.04
CA ALA K 766 -27.37 0.85 8.28
C ALA K 766 -28.43 0.36 7.33
N LEU K 767 -28.17 -0.76 6.66
CA LEU K 767 -29.13 -1.31 5.72
C LEU K 767 -30.34 -1.88 6.44
N THR K 768 -30.11 -2.45 7.62
CA THR K 768 -31.21 -2.96 8.43
C THR K 768 -32.12 -1.81 8.85
N GLY K 769 -31.51 -0.70 9.25
CA GLY K 769 -32.26 0.46 9.67
C GLY K 769 -33.16 0.97 8.54
N ILE K 770 -32.63 0.97 7.33
CA ILE K 770 -33.42 1.37 6.17
C ILE K 770 -34.58 0.41 5.96
N ALA K 771 -34.29 -0.89 6.00
CA ALA K 771 -35.32 -1.88 5.77
C ALA K 771 -36.48 -1.73 6.74
N VAL K 772 -36.17 -1.44 8.00
CA VAL K 772 -37.21 -1.24 9.00
C VAL K 772 -38.03 0.01 8.67
N GLU K 773 -37.35 1.09 8.30
CA GLU K 773 -38.02 2.33 7.95
C GLU K 773 -39.05 2.13 6.85
N GLN K 774 -38.74 1.26 5.89
CA GLN K 774 -39.62 1.08 4.75
C GLN K 774 -40.98 0.52 5.15
N ASP K 775 -41.03 -0.26 6.22
CA ASP K 775 -42.30 -0.78 6.69
C ASP K 775 -43.02 0.29 7.48
N LYS K 776 -42.25 1.10 8.19
CA LYS K 776 -42.81 2.23 8.92
C LYS K 776 -43.45 3.21 7.96
N ASN K 777 -42.78 3.44 6.83
CA ASN K 777 -43.30 4.37 5.83
C ASN K 777 -44.64 3.90 5.30
N THR K 778 -44.74 2.61 4.99
CA THR K 778 -45.98 2.05 4.48
C THR K 778 -47.08 2.15 5.52
N GLN K 779 -46.75 1.83 6.76
CA GLN K 779 -47.73 1.86 7.83
C GLN K 779 -48.26 3.27 8.05
N GLU K 780 -47.38 4.26 8.04
CA GLU K 780 -47.78 5.64 8.29
C GLU K 780 -48.75 6.16 7.24
N VAL K 781 -48.59 5.71 6.01
CA VAL K 781 -49.45 6.17 4.93
C VAL K 781 -50.78 5.43 4.89
N PHE K 782 -50.75 4.11 4.98
CA PHE K 782 -51.95 3.33 4.74
C PHE K 782 -52.72 2.93 5.99
N ALA K 783 -52.02 2.64 7.08
CA ALA K 783 -52.69 2.15 8.28
C ALA K 783 -53.16 3.31 9.14
N GLN K 784 -54.03 4.14 8.59
CA GLN K 784 -54.54 5.31 9.30
C GLN K 784 -55.96 5.09 9.81
N VAL K 785 -56.50 3.91 9.56
CA VAL K 785 -57.85 3.62 9.99
C VAL K 785 -57.85 2.41 10.91
N LYS K 786 -58.52 2.54 12.05
CA LYS K 786 -58.54 1.48 13.05
C LYS K 786 -59.41 0.30 12.63
N GLN K 787 -60.49 0.59 11.92
CA GLN K 787 -61.41 -0.44 11.47
C GLN K 787 -61.33 -0.64 9.98
N ILE K 788 -61.67 -1.84 9.54
CA ILE K 788 -61.74 -2.11 8.12
C ILE K 788 -63.17 -1.95 7.65
N TYR K 789 -63.44 -0.81 7.03
CA TYR K 789 -64.78 -0.45 6.66
C TYR K 789 -65.19 -1.11 5.36
N LYS K 790 -66.44 -1.52 5.30
CA LYS K 790 -66.98 -2.15 4.10
C LYS K 790 -68.09 -1.31 3.50
N THR K 791 -68.17 -1.29 2.17
CA THR K 791 -69.25 -0.63 1.48
C THR K 791 -70.49 -1.52 1.53
N PRO K 792 -71.68 -0.95 1.36
CA PRO K 792 -72.95 -1.66 1.28
C PRO K 792 -73.01 -2.50 0.00
N PRO K 793 -73.78 -3.60 0.02
CA PRO K 793 -74.15 -4.44 -1.11
C PRO K 793 -74.78 -3.63 -2.24
N ILE K 794 -75.54 -2.59 -1.89
CA ILE K 794 -76.18 -1.77 -2.91
C ILE K 794 -75.51 -0.41 -3.00
N LYS K 795 -74.84 -0.17 -4.12
CA LYS K 795 -74.05 1.04 -4.30
C LYS K 795 -74.90 2.20 -4.78
N ASP K 796 -75.80 2.67 -3.92
CA ASP K 796 -76.62 3.83 -4.25
C ASP K 796 -76.09 5.09 -3.58
N PHE K 797 -75.36 5.88 -4.35
CA PHE K 797 -74.74 7.07 -3.80
C PHE K 797 -75.28 8.32 -4.48
N GLY K 798 -76.50 8.21 -5.00
CA GLY K 798 -77.19 9.35 -5.59
C GLY K 798 -76.71 9.67 -6.99
N GLY K 799 -76.22 8.65 -7.70
CA GLY K 799 -75.75 8.83 -9.07
C GLY K 799 -74.24 8.83 -9.17
N PHE K 800 -73.57 8.87 -8.02
CA PHE K 800 -72.11 8.85 -8.01
C PHE K 800 -71.58 7.42 -8.11
N ASN K 801 -70.83 7.16 -9.18
CA ASN K 801 -70.32 5.83 -9.51
C ASN K 801 -68.86 5.69 -9.10
N PHE K 802 -68.60 4.80 -8.13
CA PHE K 802 -67.26 4.59 -7.59
C PHE K 802 -66.68 3.24 -8.00
N SER K 803 -67.24 2.64 -9.04
CA SER K 803 -66.84 1.29 -9.42
C SER K 803 -65.40 1.17 -9.86
N GLN K 804 -64.78 2.29 -10.23
CA GLN K 804 -63.41 2.26 -10.72
C GLN K 804 -62.39 2.45 -9.61
N ILE K 805 -62.85 2.84 -8.44
CA ILE K 805 -61.95 3.06 -7.32
C ILE K 805 -62.18 2.02 -6.22
N LEU K 806 -63.36 1.40 -6.22
CA LEU K 806 -63.65 0.33 -5.27
C LEU K 806 -63.13 -1.01 -5.82
N PRO K 807 -62.78 -1.95 -4.94
CA PRO K 807 -62.29 -3.28 -5.26
C PRO K 807 -63.20 -4.02 -6.21
N ASP K 808 -62.61 -4.67 -7.21
CA ASP K 808 -63.34 -5.49 -8.17
C ASP K 808 -63.42 -6.93 -7.67
N PRO K 809 -64.59 -7.39 -7.24
CA PRO K 809 -64.83 -8.65 -6.56
C PRO K 809 -64.60 -9.86 -7.46
N SER K 810 -64.51 -9.63 -8.77
CA SER K 810 -64.33 -10.72 -9.71
C SER K 810 -62.86 -11.13 -9.82
N LYS K 811 -61.97 -10.31 -9.27
CA LYS K 811 -60.54 -10.59 -9.35
C LYS K 811 -59.99 -11.01 -7.98
N PRO K 812 -59.24 -12.11 -7.91
CA PRO K 812 -58.59 -12.67 -6.73
C PRO K 812 -57.78 -11.64 -5.94
N SER K 813 -57.21 -10.66 -6.65
CA SER K 813 -56.38 -9.64 -6.02
C SER K 813 -57.20 -8.61 -5.26
N LYS K 814 -58.50 -8.57 -5.51
CA LYS K 814 -59.39 -7.62 -4.88
C LYS K 814 -58.93 -6.19 -5.03
N ARG K 815 -58.46 -5.84 -6.23
CA ARG K 815 -58.03 -4.49 -6.53
C ARG K 815 -59.11 -3.77 -7.32
N SER K 816 -59.12 -2.45 -7.23
CA SER K 816 -60.02 -1.67 -8.07
C SER K 816 -59.51 -1.72 -9.51
N PRO K 817 -60.34 -1.46 -10.50
CA PRO K 817 -59.99 -1.31 -11.90
C PRO K 817 -58.82 -0.35 -12.10
N ILE K 818 -58.78 0.73 -11.35
CA ILE K 818 -57.65 1.66 -11.43
C ILE K 818 -56.41 1.11 -10.76
N GLU K 819 -56.56 0.51 -9.57
CA GLU K 819 -55.42 -0.09 -8.91
C GLU K 819 -54.81 -1.19 -9.75
N ASP K 820 -55.66 -1.96 -10.42
CA ASP K 820 -55.20 -3.04 -11.28
C ASP K 820 -54.34 -2.48 -12.40
N LEU K 821 -54.78 -1.38 -12.98
CA LEU K 821 -54.02 -0.68 -14.01
C LEU K 821 -52.68 -0.17 -13.48
N LEU K 822 -52.70 0.41 -12.28
CA LEU K 822 -51.48 0.98 -11.71
C LEU K 822 -50.42 -0.10 -11.49
N PHE K 823 -50.84 -1.26 -11.01
CA PHE K 823 -49.93 -2.37 -10.76
C PHE K 823 -49.42 -2.98 -12.05
N ASN K 824 -50.26 -2.97 -13.09
CA ASN K 824 -49.84 -3.50 -14.39
C ASN K 824 -48.80 -2.60 -15.05
N LYS K 825 -48.90 -1.30 -14.82
CA LYS K 825 -47.95 -0.34 -15.39
C LYS K 825 -46.57 -0.42 -14.73
N VAL K 826 -46.54 -0.57 -13.40
CA VAL K 826 -45.29 -0.69 -12.63
C VAL K 826 -45.38 -1.91 -11.72
N PHE K 855 -27.02 -13.96 -5.12
CA PHE K 855 -25.80 -14.62 -5.60
C PHE K 855 -24.55 -14.16 -4.85
N ASN K 856 -24.52 -12.90 -4.44
CA ASN K 856 -23.30 -12.31 -3.87
C ASN K 856 -23.56 -11.77 -2.47
N GLY K 857 -24.43 -12.43 -1.72
CA GLY K 857 -24.77 -11.97 -0.38
C GLY K 857 -25.82 -10.87 -0.44
N LEU K 858 -26.36 -10.67 -1.63
CA LEU K 858 -27.36 -9.63 -1.89
C LEU K 858 -28.76 -10.22 -1.95
N THR K 859 -29.58 -9.89 -0.96
CA THR K 859 -30.94 -10.43 -0.91
C THR K 859 -31.96 -9.31 -0.75
N VAL K 860 -33.22 -9.64 -1.00
CA VAL K 860 -34.31 -8.68 -0.82
C VAL K 860 -35.35 -9.22 0.14
N LEU K 861 -35.66 -8.42 1.16
CA LEU K 861 -36.64 -8.81 2.16
C LEU K 861 -38.03 -8.37 1.72
N PRO K 862 -39.05 -9.17 1.98
CA PRO K 862 -40.44 -8.88 1.71
C PRO K 862 -40.95 -7.82 2.68
N PRO K 863 -41.84 -6.94 2.21
CA PRO K 863 -42.62 -5.99 3.00
C PRO K 863 -43.46 -6.71 4.02
N LEU K 864 -43.67 -6.07 5.16
CA LEU K 864 -44.54 -6.64 6.18
C LEU K 864 -45.98 -6.70 5.68
N LEU K 865 -46.42 -5.63 5.04
CA LEU K 865 -47.75 -5.59 4.47
C LEU K 865 -47.72 -5.95 3.00
N THR K 866 -48.41 -7.02 2.64
CA THR K 866 -48.45 -7.47 1.27
C THR K 866 -49.35 -6.55 0.46
N ASP K 867 -49.27 -6.66 -0.86
CA ASP K 867 -50.10 -5.83 -1.72
C ASP K 867 -51.57 -5.99 -1.38
N GLU K 868 -51.95 -7.21 -1.03
CA GLU K 868 -53.32 -7.49 -0.64
C GLU K 868 -53.72 -6.71 0.61
N MET K 869 -52.82 -6.63 1.58
CA MET K 869 -53.11 -5.94 2.83
C MET K 869 -53.16 -4.43 2.62
N ILE K 870 -52.32 -3.93 1.75
CA ILE K 870 -52.34 -2.52 1.42
C ILE K 870 -53.63 -2.17 0.71
N ALA K 871 -54.06 -3.06 -0.20
CA ALA K 871 -55.33 -2.90 -0.89
C ALA K 871 -56.49 -2.89 0.10
N GLN K 872 -56.42 -3.73 1.12
CA GLN K 872 -57.47 -3.76 2.14
C GLN K 872 -57.54 -2.46 2.92
N TYR K 873 -56.37 -1.91 3.27
CA TYR K 873 -56.36 -0.63 3.97
C TYR K 873 -56.97 0.45 3.09
N THR K 874 -56.63 0.43 1.81
CA THR K 874 -57.13 1.42 0.88
C THR K 874 -58.64 1.32 0.75
N SER K 875 -59.16 0.10 0.63
CA SER K 875 -60.59 -0.10 0.49
C SER K 875 -61.33 0.34 1.73
N ALA K 876 -60.71 0.18 2.89
CA ALA K 876 -61.31 0.62 4.15
C ALA K 876 -61.42 2.13 4.17
N LEU K 877 -60.38 2.79 3.71
CA LEU K 877 -60.36 4.24 3.66
C LEU K 877 -61.39 4.75 2.66
N LEU K 878 -61.54 4.04 1.55
CA LEU K 878 -62.53 4.41 0.55
C LEU K 878 -63.94 4.21 1.08
N ALA K 879 -64.17 3.08 1.75
CA ALA K 879 -65.48 2.79 2.28
C ALA K 879 -65.88 3.83 3.31
N GLY K 880 -64.93 4.21 4.16
CA GLY K 880 -65.18 5.23 5.16
C GLY K 880 -65.50 6.56 4.51
N THR K 881 -64.66 6.97 3.56
CA THR K 881 -64.83 8.24 2.88
C THR K 881 -66.18 8.34 2.22
N ILE K 882 -66.62 7.26 1.59
CA ILE K 882 -67.87 7.25 0.86
C ILE K 882 -69.10 7.18 1.76
N THR K 883 -69.06 6.33 2.79
CA THR K 883 -70.26 6.11 3.59
C THR K 883 -70.39 7.00 4.82
N SER K 884 -69.28 7.51 5.34
CA SER K 884 -69.31 8.30 6.57
C SER K 884 -68.52 9.60 6.48
N GLY K 885 -68.21 10.03 5.27
CA GLY K 885 -67.49 11.27 5.08
C GLY K 885 -66.16 11.27 5.81
N TRP K 886 -65.91 12.34 6.55
CA TRP K 886 -64.66 12.47 7.29
C TRP K 886 -64.82 12.12 8.76
N THR K 887 -66.00 11.70 9.18
CA THR K 887 -66.25 11.52 10.59
C THR K 887 -65.46 10.36 11.16
N PHE K 888 -65.22 9.35 10.32
CA PHE K 888 -64.49 8.17 10.74
C PHE K 888 -63.01 8.48 10.95
N GLY K 889 -62.57 9.63 10.45
CA GLY K 889 -61.19 10.04 10.59
C GLY K 889 -61.00 10.88 11.86
N ALA K 890 -62.09 11.12 12.58
CA ALA K 890 -62.03 11.92 13.80
C ALA K 890 -62.48 11.09 15.00
N GLY K 891 -63.58 10.37 14.83
CA GLY K 891 -64.11 9.52 15.88
C GLY K 891 -64.68 8.25 15.27
N PRO K 892 -65.93 7.91 15.57
CA PRO K 892 -66.69 6.80 15.01
C PRO K 892 -67.14 7.15 13.61
N ALA K 893 -67.42 6.13 12.80
CA ALA K 893 -67.95 6.37 11.47
C ALA K 893 -69.43 6.67 11.53
N LEU K 894 -69.79 7.89 11.15
CA LEU K 894 -71.19 8.32 11.17
C LEU K 894 -71.76 8.31 9.77
N GLN K 895 -72.68 7.40 9.51
CA GLN K 895 -73.21 7.29 8.16
C GLN K 895 -73.89 8.58 7.72
N ILE K 896 -73.79 8.87 6.44
CA ILE K 896 -74.43 10.02 5.83
C ILE K 896 -74.66 9.71 4.35
N PRO K 897 -75.81 10.09 3.78
CA PRO K 897 -76.11 9.96 2.36
C PRO K 897 -75.01 10.65 1.58
N PHE K 898 -74.53 10.01 0.51
CA PHE K 898 -73.40 10.59 -0.20
C PHE K 898 -73.68 12.01 -0.72
N PRO K 899 -74.82 12.27 -1.36
CA PRO K 899 -75.21 13.58 -1.87
C PRO K 899 -75.16 14.63 -0.77
N MET K 900 -75.51 14.23 0.45
CA MET K 900 -75.50 15.15 1.58
C MET K 900 -74.08 15.43 2.01
N GLN K 901 -73.24 14.42 1.92
CA GLN K 901 -71.83 14.56 2.20
C GLN K 901 -71.18 15.52 1.21
N MET K 902 -71.54 15.37 -0.05
CA MET K 902 -71.01 16.24 -1.09
C MET K 902 -71.50 17.67 -0.88
N ALA K 903 -72.72 17.80 -0.39
CA ALA K 903 -73.29 19.12 -0.10
C ALA K 903 -72.47 19.82 0.98
N TYR K 904 -72.01 19.06 1.97
CA TYR K 904 -71.21 19.63 3.04
C TYR K 904 -69.85 20.06 2.50
N ARG K 905 -69.34 19.27 1.56
CA ARG K 905 -68.06 19.58 0.92
C ARG K 905 -68.17 20.81 0.04
N PHE K 906 -69.35 21.05 -0.53
CA PHE K 906 -69.59 22.28 -1.27
C PHE K 906 -69.59 23.47 -0.34
N ASN K 907 -70.24 23.33 0.82
CA ASN K 907 -70.23 24.42 1.80
C ASN K 907 -68.80 24.74 2.21
N GLY K 908 -67.97 23.70 2.30
CA GLY K 908 -66.59 23.84 2.72
C GLY K 908 -65.74 24.64 1.74
N ILE K 909 -66.23 24.87 0.53
CA ILE K 909 -65.49 25.63 -0.45
C ILE K 909 -66.17 26.95 -0.78
N GLY K 910 -67.14 27.34 0.04
CA GLY K 910 -67.82 28.61 -0.13
C GLY K 910 -68.91 28.55 -1.19
N VAL K 911 -69.50 27.38 -1.39
CA VAL K 911 -70.60 27.22 -2.33
C VAL K 911 -71.80 26.66 -1.59
N THR K 912 -72.95 27.29 -1.75
CA THR K 912 -74.11 26.88 -0.97
C THR K 912 -74.60 25.49 -1.35
N GLN K 913 -75.18 24.80 -0.37
CA GLN K 913 -75.54 23.39 -0.52
C GLN K 913 -76.61 23.14 -1.57
N ASN K 914 -77.42 24.15 -1.85
CA ASN K 914 -78.48 23.99 -2.83
C ASN K 914 -77.91 23.83 -4.23
N VAL K 915 -76.66 24.28 -4.41
CA VAL K 915 -76.02 24.16 -5.72
C VAL K 915 -75.77 22.69 -6.01
N LEU K 916 -75.36 21.96 -4.98
CA LEU K 916 -75.11 20.53 -5.10
C LEU K 916 -76.39 19.80 -5.44
N TYR K 917 -77.46 20.10 -4.72
CA TYR K 917 -78.71 19.38 -4.88
C TYR K 917 -79.39 19.72 -6.20
N GLU K 918 -79.40 20.99 -6.56
CA GLU K 918 -80.05 21.43 -7.78
C GLU K 918 -79.36 20.86 -9.01
N ASN K 919 -78.04 20.71 -8.91
CA ASN K 919 -77.26 20.19 -10.02
C ASN K 919 -76.75 18.79 -9.72
N GLN K 920 -77.40 18.08 -8.81
CA GLN K 920 -76.90 16.77 -8.39
C GLN K 920 -76.65 15.83 -9.57
N LYS K 921 -77.57 15.81 -10.53
CA LYS K 921 -77.40 14.92 -11.68
C LYS K 921 -76.19 15.31 -12.50
N LEU K 922 -76.04 16.60 -12.76
CA LEU K 922 -74.91 17.11 -13.53
C LEU K 922 -73.60 16.81 -12.83
N ILE K 923 -73.57 17.05 -11.53
CA ILE K 923 -72.35 16.87 -10.75
C ILE K 923 -71.93 15.41 -10.73
N ALA K 924 -72.90 14.53 -10.53
CA ALA K 924 -72.61 13.11 -10.54
C ALA K 924 -72.07 12.68 -11.89
N ASN K 925 -72.61 13.26 -12.97
CA ASN K 925 -72.16 12.92 -14.31
C ASN K 925 -70.76 13.44 -14.58
N GLN K 926 -70.48 14.67 -14.13
CA GLN K 926 -69.15 15.24 -14.30
C GLN K 926 -68.13 14.43 -13.52
N PHE K 927 -68.54 14.00 -12.33
CA PHE K 927 -67.68 13.18 -11.49
C PHE K 927 -67.38 11.84 -12.15
N ASN K 928 -68.43 11.16 -12.61
CA ASN K 928 -68.28 9.85 -13.20
C ASN K 928 -67.42 9.91 -14.45
N SER K 929 -67.59 10.98 -15.22
CA SER K 929 -66.81 11.17 -16.42
C SER K 929 -65.34 11.37 -16.09
N ALA K 930 -65.08 12.21 -15.09
CA ALA K 930 -63.72 12.51 -14.69
C ALA K 930 -62.99 11.25 -14.22
N ILE K 931 -63.68 10.39 -13.49
CA ILE K 931 -63.07 9.15 -13.04
C ILE K 931 -62.73 8.25 -14.23
N GLY K 932 -63.64 8.17 -15.19
CA GLY K 932 -63.39 7.40 -16.40
C GLY K 932 -62.16 7.92 -17.12
N LYS K 933 -62.00 9.25 -17.14
CA LYS K 933 -60.84 9.87 -17.77
C LYS K 933 -59.54 9.48 -17.08
N ILE K 934 -59.59 9.29 -15.76
CA ILE K 934 -58.40 8.90 -15.03
C ILE K 934 -57.85 7.58 -15.52
N GLN K 935 -58.72 6.60 -15.66
CA GLN K 935 -58.28 5.28 -16.10
C GLN K 935 -57.71 5.34 -17.52
N ASP K 936 -58.36 6.12 -18.38
CA ASP K 936 -57.89 6.26 -19.75
C ASP K 936 -56.57 7.02 -19.82
N SER K 937 -56.43 8.04 -18.99
CA SER K 937 -55.22 8.85 -18.97
C SER K 937 -54.03 8.03 -18.54
N LEU K 938 -54.20 7.23 -17.49
CA LEU K 938 -53.12 6.39 -17.00
C LEU K 938 -52.77 5.32 -18.03
N SER K 939 -53.79 4.70 -18.61
CA SER K 939 -53.58 3.63 -19.57
C SER K 939 -52.80 4.11 -20.78
N SER K 940 -53.12 5.32 -21.25
CA SER K 940 -52.52 5.87 -22.46
C SER K 940 -51.27 6.70 -22.18
N THR K 941 -50.83 6.75 -20.92
CA THR K 941 -49.67 7.56 -20.57
C THR K 941 -48.65 6.74 -19.76
N PRO K 942 -47.75 6.02 -20.44
CA PRO K 942 -46.75 5.12 -19.86
C PRO K 942 -45.85 5.82 -18.84
N SER K 943 -45.70 7.13 -18.99
CA SER K 943 -44.84 7.92 -18.12
C SER K 943 -45.55 8.39 -16.86
N ALA K 944 -46.84 8.09 -16.76
CA ALA K 944 -47.65 8.60 -15.66
C ALA K 944 -47.10 8.18 -14.31
N LEU K 945 -46.55 6.98 -14.23
CA LEU K 945 -46.06 6.46 -12.97
C LEU K 945 -44.54 6.52 -12.90
N GLY K 946 -43.96 7.43 -13.67
CA GLY K 946 -42.52 7.60 -13.70
C GLY K 946 -41.96 7.84 -12.30
N LYS K 947 -42.71 8.52 -11.45
CA LYS K 947 -42.25 8.79 -10.10
C LYS K 947 -41.99 7.51 -9.30
N LEU K 948 -42.76 6.47 -9.57
CA LEU K 948 -42.56 5.21 -8.86
C LEU K 948 -41.50 4.38 -9.56
N GLN K 949 -41.48 4.45 -10.88
CA GLN K 949 -40.53 3.70 -11.68
C GLN K 949 -39.12 4.21 -11.45
N ASP K 950 -38.98 5.51 -11.24
CA ASP K 950 -37.68 6.12 -10.99
C ASP K 950 -37.04 5.56 -9.73
N VAL K 951 -37.86 5.29 -8.73
CA VAL K 951 -37.36 4.75 -7.48
C VAL K 951 -36.85 3.33 -7.70
N VAL K 952 -37.64 2.56 -8.44
CA VAL K 952 -37.26 1.19 -8.78
C VAL K 952 -35.97 1.18 -9.58
N ASN K 953 -35.86 2.08 -10.54
CA ASN K 953 -34.70 2.14 -11.42
C ASN K 953 -33.44 2.54 -10.66
N GLN K 954 -33.57 3.49 -9.73
CA GLN K 954 -32.42 3.94 -8.98
C GLN K 954 -31.85 2.85 -8.08
N ASN K 955 -32.73 2.06 -7.49
CA ASN K 955 -32.28 1.01 -6.59
C ASN K 955 -31.72 -0.16 -7.37
N ALA K 956 -32.34 -0.48 -8.50
CA ALA K 956 -31.84 -1.55 -9.34
C ALA K 956 -30.48 -1.19 -9.89
N GLN K 957 -30.32 0.08 -10.24
CA GLN K 957 -29.06 0.58 -10.76
C GLN K 957 -27.98 0.53 -9.69
N ALA K 958 -28.34 0.90 -8.46
CA ALA K 958 -27.40 0.88 -7.36
C ALA K 958 -26.91 -0.53 -7.07
N LEU K 959 -27.81 -1.50 -7.12
CA LEU K 959 -27.43 -2.88 -6.89
C LEU K 959 -26.57 -3.42 -8.02
N ASN K 960 -26.91 -3.06 -9.25
CA ASN K 960 -26.14 -3.54 -10.38
C ASN K 960 -24.73 -3.01 -10.33
N THR K 961 -24.59 -1.75 -9.92
CA THR K 961 -23.27 -1.15 -9.80
C THR K 961 -22.46 -1.84 -8.71
N LEU K 962 -23.11 -2.09 -7.57
CA LEU K 962 -22.45 -2.74 -6.46
C LEU K 962 -21.92 -4.11 -6.88
N VAL K 963 -22.74 -4.86 -7.61
CA VAL K 963 -22.34 -6.18 -8.08
C VAL K 963 -21.19 -6.11 -9.08
N LYS K 964 -21.28 -5.17 -10.02
CA LYS K 964 -20.24 -5.02 -11.03
C LYS K 964 -18.88 -4.72 -10.41
N GLN K 965 -18.86 -4.03 -9.28
CA GLN K 965 -17.61 -3.67 -8.63
C GLN K 965 -16.82 -4.90 -8.19
N LEU K 966 -17.48 -6.06 -8.09
CA LEU K 966 -16.80 -7.27 -7.70
C LEU K 966 -15.88 -7.77 -8.81
N SER K 967 -16.06 -7.23 -10.01
CA SER K 967 -15.27 -7.63 -11.16
C SER K 967 -14.03 -6.75 -11.31
N SER K 968 -13.89 -5.77 -10.43
CA SER K 968 -12.75 -4.87 -10.48
C SER K 968 -11.55 -5.46 -9.74
N ASN K 969 -10.36 -5.14 -10.21
CA ASN K 969 -9.14 -5.65 -9.60
C ASN K 969 -8.70 -4.80 -8.43
N PHE K 970 -8.93 -3.49 -8.52
CA PHE K 970 -8.49 -2.56 -7.50
C PHE K 970 -6.98 -2.64 -7.26
N GLY K 971 -6.24 -3.04 -8.29
CA GLY K 971 -4.80 -3.13 -8.22
C GLY K 971 -4.32 -4.55 -8.01
N ALA K 972 -5.24 -5.45 -7.70
CA ALA K 972 -4.91 -6.85 -7.48
C ALA K 972 -4.63 -7.54 -8.81
N ILE K 973 -3.92 -8.66 -8.75
CA ILE K 973 -3.65 -9.47 -9.93
C ILE K 973 -4.91 -10.05 -10.54
N SER K 974 -5.96 -10.14 -9.73
CA SER K 974 -7.22 -10.71 -10.19
C SER K 974 -8.38 -10.18 -9.37
N SER K 975 -9.54 -10.05 -10.01
CA SER K 975 -10.77 -9.67 -9.33
C SER K 975 -11.40 -10.87 -8.63
N VAL K 976 -10.87 -12.05 -8.94
CA VAL K 976 -11.42 -13.28 -8.39
C VAL K 976 -10.59 -13.76 -7.21
N LEU K 977 -11.24 -13.81 -6.06
CA LEU K 977 -10.57 -14.15 -4.81
C LEU K 977 -10.03 -15.57 -4.84
N ASN K 978 -10.77 -16.48 -5.47
CA ASN K 978 -10.37 -17.87 -5.56
C ASN K 978 -9.13 -18.06 -6.42
N ASP K 979 -8.95 -17.21 -7.43
CA ASP K 979 -7.80 -17.31 -8.30
C ASP K 979 -6.54 -16.89 -7.56
N ILE K 980 -6.67 -15.87 -6.73
CA ILE K 980 -5.56 -15.40 -5.91
C ILE K 980 -5.13 -16.48 -4.94
N LEU K 981 -6.10 -17.10 -4.28
CA LEU K 981 -5.83 -18.12 -3.29
C LEU K 981 -5.25 -19.40 -3.89
N SER K 982 -5.66 -19.74 -5.11
CA SER K 982 -5.16 -20.95 -5.76
C SER K 982 -3.73 -20.76 -6.26
N ARG K 983 -3.35 -19.53 -6.54
CA ARG K 983 -2.00 -19.26 -7.06
C ARG K 983 -0.99 -18.92 -5.99
N LEU K 984 -1.36 -18.06 -5.05
CA LEU K 984 -0.38 -17.52 -4.11
C LEU K 984 -0.46 -18.14 -2.72
N ASP K 985 0.67 -18.15 -2.03
CA ASP K 985 0.75 -18.51 -0.62
C ASP K 985 0.33 -17.30 0.20
N PRO K 986 -0.15 -17.50 1.45
CA PRO K 986 -0.65 -16.47 2.34
C PRO K 986 0.19 -15.17 2.41
N PRO K 987 1.52 -15.22 2.51
CA PRO K 987 2.39 -14.05 2.61
C PRO K 987 2.26 -13.13 1.39
N GLU K 988 1.84 -13.68 0.26
CA GLU K 988 1.66 -12.89 -0.95
C GLU K 988 0.20 -12.71 -1.28
N ALA K 989 -0.62 -13.71 -0.93
CA ALA K 989 -2.04 -13.67 -1.18
C ALA K 989 -2.64 -12.54 -0.37
N GLU K 990 -2.14 -12.35 0.85
CA GLU K 990 -2.63 -11.31 1.74
C GLU K 990 -2.59 -9.95 1.09
N VAL K 991 -1.53 -9.68 0.34
CA VAL K 991 -1.38 -8.39 -0.29
C VAL K 991 -2.44 -8.19 -1.37
N GLN K 992 -2.63 -9.21 -2.19
CA GLN K 992 -3.61 -9.14 -3.27
C GLN K 992 -5.04 -9.10 -2.73
N ILE K 993 -5.26 -9.82 -1.63
CA ILE K 993 -6.57 -9.87 -1.00
C ILE K 993 -6.88 -8.54 -0.34
N ASP K 994 -5.89 -7.96 0.33
CA ASP K 994 -6.06 -6.68 1.00
C ASP K 994 -6.52 -5.62 0.00
N ARG K 995 -5.98 -5.69 -1.23
CA ARG K 995 -6.38 -4.74 -2.26
C ARG K 995 -7.84 -4.93 -2.64
N LEU K 996 -8.29 -6.17 -2.73
CA LEU K 996 -9.68 -6.43 -3.03
C LEU K 996 -10.59 -6.03 -1.88
N ILE K 997 -10.14 -6.24 -0.65
CA ILE K 997 -10.95 -5.87 0.51
C ILE K 997 -11.13 -4.37 0.56
N THR K 998 -10.06 -3.62 0.35
CA THR K 998 -10.16 -2.17 0.40
C THR K 998 -11.13 -1.68 -0.67
N GLY K 999 -11.00 -2.19 -1.88
CA GLY K 999 -11.85 -1.77 -2.99
C GLY K 999 -13.30 -2.17 -2.79
N ARG K 1000 -13.53 -3.40 -2.35
CA ARG K 1000 -14.88 -3.90 -2.19
C ARG K 1000 -15.57 -3.29 -0.97
N LEU K 1001 -14.81 -3.05 0.08
CA LEU K 1001 -15.34 -2.42 1.26
C LEU K 1001 -15.74 -0.99 0.93
N GLN K 1002 -14.88 -0.30 0.19
CA GLN K 1002 -15.16 1.06 -0.27
C GLN K 1002 -16.41 1.09 -1.15
N SER K 1003 -16.54 0.09 -2.02
CA SER K 1003 -17.69 0.01 -2.91
C SER K 1003 -18.97 -0.18 -2.13
N LEU K 1004 -18.91 -1.02 -1.10
CA LEU K 1004 -20.08 -1.27 -0.28
C LEU K 1004 -20.44 -0.05 0.56
N GLN K 1005 -19.44 0.66 1.07
CA GLN K 1005 -19.70 1.88 1.82
C GLN K 1005 -20.37 2.92 0.95
N THR K 1006 -19.95 3.00 -0.31
CA THR K 1006 -20.54 3.93 -1.25
C THR K 1006 -22.02 3.60 -1.44
N TYR K 1007 -22.31 2.32 -1.66
CA TYR K 1007 -23.67 1.87 -1.84
C TYR K 1007 -24.55 2.23 -0.65
N VAL K 1008 -24.09 1.90 0.55
CA VAL K 1008 -24.88 2.13 1.74
C VAL K 1008 -25.14 3.62 1.96
N THR K 1009 -24.12 4.45 1.75
CA THR K 1009 -24.28 5.88 1.92
C THR K 1009 -25.37 6.41 1.00
N GLN K 1010 -25.35 5.97 -0.26
CA GLN K 1010 -26.35 6.40 -1.23
C GLN K 1010 -27.74 5.92 -0.84
N GLN K 1011 -27.83 4.73 -0.25
CA GLN K 1011 -29.12 4.20 0.16
C GLN K 1011 -29.69 4.96 1.35
N LEU K 1012 -28.81 5.44 2.23
CA LEU K 1012 -29.25 6.22 3.37
C LEU K 1012 -29.79 7.56 2.94
N ILE K 1013 -29.10 8.19 2.00
CA ILE K 1013 -29.54 9.48 1.47
C ILE K 1013 -30.82 9.31 0.70
N ARG K 1014 -30.90 8.28 -0.13
CA ARG K 1014 -32.09 7.99 -0.89
C ARG K 1014 -33.24 7.61 0.01
N ALA K 1015 -32.96 6.88 1.08
CA ALA K 1015 -33.98 6.49 2.03
C ALA K 1015 -34.60 7.73 2.66
N ALA K 1016 -33.78 8.74 2.92
CA ALA K 1016 -34.27 9.98 3.51
C ALA K 1016 -35.27 10.65 2.58
N GLU K 1017 -35.01 10.60 1.28
CA GLU K 1017 -35.91 11.19 0.31
C GLU K 1017 -37.24 10.44 0.28
N ILE K 1018 -37.16 9.11 0.33
CA ILE K 1018 -38.37 8.29 0.36
C ILE K 1018 -39.16 8.54 1.62
N ARG K 1019 -38.46 8.68 2.74
CA ARG K 1019 -39.12 8.95 4.01
C ARG K 1019 -39.89 10.25 3.94
N ALA K 1020 -39.27 11.28 3.37
CA ALA K 1020 -39.92 12.57 3.22
C ALA K 1020 -41.16 12.46 2.36
N SER K 1021 -41.07 11.68 1.29
CA SER K 1021 -42.20 11.45 0.41
C SER K 1021 -43.32 10.71 1.12
N ALA K 1022 -42.94 9.70 1.91
CA ALA K 1022 -43.91 8.93 2.68
C ALA K 1022 -44.60 9.81 3.70
N ASN K 1023 -43.86 10.73 4.30
CA ASN K 1023 -44.43 11.65 5.28
C ASN K 1023 -45.42 12.59 4.61
N LEU K 1024 -45.10 13.01 3.40
CA LEU K 1024 -46.01 13.85 2.63
C LEU K 1024 -47.26 13.08 2.27
N ALA K 1025 -47.08 11.82 1.86
CA ALA K 1025 -48.19 10.97 1.49
C ALA K 1025 -49.10 10.73 2.69
N ALA K 1026 -48.49 10.54 3.86
CA ALA K 1026 -49.25 10.32 5.07
C ALA K 1026 -50.05 11.56 5.45
N THR K 1027 -49.45 12.73 5.24
CA THR K 1027 -50.14 13.97 5.53
C THR K 1027 -51.33 14.15 4.60
N LYS K 1028 -51.14 13.84 3.33
CA LYS K 1028 -52.22 13.92 2.36
C LYS K 1028 -53.31 12.92 2.65
N MET K 1029 -52.93 11.74 3.10
CA MET K 1029 -53.93 10.75 3.47
C MET K 1029 -54.82 11.32 4.56
N SER K 1030 -54.21 11.96 5.55
CA SER K 1030 -54.99 12.53 6.64
C SER K 1030 -55.81 13.75 6.23
N GLU K 1031 -55.22 14.64 5.45
CA GLU K 1031 -55.85 15.92 5.16
C GLU K 1031 -56.68 15.97 3.87
N CYS K 1032 -56.37 15.11 2.91
CA CYS K 1032 -57.06 15.07 1.62
C CYS K 1032 -58.12 13.99 1.59
N VAL K 1033 -57.84 12.88 2.28
CA VAL K 1033 -58.75 11.74 2.27
C VAL K 1033 -59.61 11.67 3.53
N LEU K 1034 -58.99 11.81 4.70
CA LEU K 1034 -59.73 11.72 5.95
C LEU K 1034 -60.33 13.07 6.36
N GLY K 1035 -60.30 14.02 5.43
CA GLY K 1035 -60.88 15.33 5.66
C GLY K 1035 -60.88 16.16 4.39
N GLN K 1036 -61.30 17.41 4.52
CA GLN K 1036 -61.32 18.34 3.40
C GLN K 1036 -60.32 19.44 3.66
N SER K 1037 -59.40 19.63 2.73
CA SER K 1037 -58.31 20.58 2.92
C SER K 1037 -58.66 21.97 2.41
N LYS K 1038 -58.15 22.98 3.11
CA LYS K 1038 -58.26 24.36 2.68
C LYS K 1038 -56.91 24.89 2.26
N ARG K 1039 -55.95 23.98 2.10
CA ARG K 1039 -54.61 24.34 1.68
C ARG K 1039 -54.53 24.30 0.16
N VAL K 1040 -54.19 25.44 -0.43
CA VAL K 1040 -54.17 25.58 -1.88
C VAL K 1040 -53.12 24.68 -2.50
N ASP K 1041 -53.52 23.97 -3.55
CA ASP K 1041 -52.66 23.06 -4.31
C ASP K 1041 -52.14 21.90 -3.47
N PHE K 1042 -52.69 21.71 -2.28
CA PHE K 1042 -52.27 20.58 -1.46
C PHE K 1042 -52.97 19.28 -1.88
N CYS K 1043 -54.25 19.39 -2.25
CA CYS K 1043 -55.06 18.24 -2.62
C CYS K 1043 -55.62 18.44 -4.03
N GLY K 1044 -54.74 18.71 -4.98
CA GLY K 1044 -55.14 18.94 -6.35
C GLY K 1044 -55.31 20.42 -6.66
N LYS K 1045 -55.42 20.75 -7.94
CA LYS K 1045 -55.58 22.13 -8.37
C LYS K 1045 -57.05 22.47 -8.53
N GLY K 1046 -57.51 23.44 -7.75
CA GLY K 1046 -58.92 23.80 -7.69
C GLY K 1046 -59.36 23.83 -6.24
N TYR K 1047 -60.67 23.84 -6.00
CA TYR K 1047 -61.15 23.84 -4.63
C TYR K 1047 -61.40 22.42 -4.18
N HIS K 1048 -60.62 21.95 -3.24
CA HIS K 1048 -60.69 20.55 -2.84
C HIS K 1048 -62.04 20.18 -2.30
N LEU K 1049 -62.62 19.10 -2.83
CA LEU K 1049 -63.84 18.54 -2.31
C LEU K 1049 -63.53 17.30 -1.49
N MET K 1050 -62.81 16.36 -2.12
CA MET K 1050 -62.47 15.10 -1.49
C MET K 1050 -61.39 14.38 -2.27
N SER K 1051 -60.80 13.36 -1.68
CA SER K 1051 -59.82 12.55 -2.39
C SER K 1051 -60.03 11.07 -2.14
N PHE K 1052 -59.59 10.27 -3.09
CA PHE K 1052 -59.65 8.83 -2.96
C PHE K 1052 -58.27 8.22 -3.18
N PRO K 1053 -57.73 7.48 -2.22
CA PRO K 1053 -56.45 6.79 -2.29
C PRO K 1053 -56.56 5.57 -3.16
N GLN K 1054 -55.48 5.23 -3.84
CA GLN K 1054 -55.35 4.00 -4.60
C GLN K 1054 -53.98 3.38 -4.33
N SER K 1055 -53.95 2.08 -4.12
CA SER K 1055 -52.67 1.41 -3.89
C SER K 1055 -51.85 1.34 -5.17
N ALA K 1056 -50.54 1.50 -5.04
CA ALA K 1056 -49.64 1.38 -6.18
C ALA K 1056 -48.35 0.70 -5.73
N PRO K 1057 -47.57 0.14 -6.66
CA PRO K 1057 -46.28 -0.48 -6.41
C PRO K 1057 -45.36 0.46 -5.66
N HIS K 1058 -45.06 0.11 -4.42
CA HIS K 1058 -44.17 0.88 -3.55
C HIS K 1058 -44.61 2.34 -3.42
N GLY K 1059 -45.90 2.59 -3.48
CA GLY K 1059 -46.37 3.96 -3.39
C GLY K 1059 -47.88 4.07 -3.33
N VAL K 1060 -48.36 5.31 -3.32
CA VAL K 1060 -49.78 5.59 -3.23
C VAL K 1060 -50.18 6.59 -4.30
N VAL K 1061 -51.37 6.40 -4.84
CA VAL K 1061 -51.90 7.33 -5.81
C VAL K 1061 -53.17 8.00 -5.29
N PHE K 1062 -53.20 9.31 -5.31
CA PHE K 1062 -54.34 10.04 -4.83
C PHE K 1062 -55.15 10.63 -5.97
N LEU K 1063 -56.43 10.31 -5.99
CA LEU K 1063 -57.33 10.92 -6.96
C LEU K 1063 -58.04 12.08 -6.28
N HIS K 1064 -57.66 13.28 -6.68
CA HIS K 1064 -58.15 14.48 -6.03
C HIS K 1064 -59.33 15.04 -6.76
N VAL K 1065 -60.46 15.14 -6.08
CA VAL K 1065 -61.68 15.65 -6.67
C VAL K 1065 -61.82 17.11 -6.30
N THR K 1066 -61.78 17.98 -7.29
CA THR K 1066 -61.81 19.40 -7.02
C THR K 1066 -62.93 20.10 -7.77
N TYR K 1067 -63.42 21.18 -7.18
CA TYR K 1067 -64.40 22.04 -7.79
C TYR K 1067 -63.69 23.15 -8.55
N VAL K 1068 -63.95 23.24 -9.84
CA VAL K 1068 -63.30 24.24 -10.67
C VAL K 1068 -64.34 25.16 -11.30
N PRO K 1069 -64.32 26.44 -10.96
CA PRO K 1069 -65.19 27.48 -11.49
C PRO K 1069 -65.12 27.52 -13.00
N ALA K 1070 -66.26 27.76 -13.64
CA ALA K 1070 -66.30 27.79 -15.10
C ALA K 1070 -67.32 28.79 -15.61
N GLN K 1071 -67.09 29.25 -16.84
CA GLN K 1071 -68.05 30.11 -17.52
C GLN K 1071 -68.39 31.36 -16.72
N GLU K 1072 -67.38 32.11 -16.34
CA GLU K 1072 -67.59 33.37 -15.63
C GLU K 1072 -68.06 34.45 -16.58
N LYS K 1073 -68.73 35.46 -16.03
CA LYS K 1073 -69.10 36.62 -16.81
C LYS K 1073 -68.91 37.91 -16.01
N ASN K 1074 -68.80 39.03 -16.72
CA ASN K 1074 -68.57 40.34 -16.11
C ASN K 1074 -69.82 40.90 -15.46
N PHE K 1075 -69.65 41.45 -14.25
CA PHE K 1075 -70.69 42.22 -13.55
C PHE K 1075 -70.10 43.49 -12.99
N THR K 1076 -70.94 44.50 -12.81
CA THR K 1076 -70.51 45.70 -12.12
C THR K 1076 -70.73 45.52 -10.63
N THR K 1077 -69.75 45.84 -9.82
CA THR K 1077 -69.85 45.58 -8.40
C THR K 1077 -69.71 46.84 -7.56
N ALA K 1078 -70.07 46.71 -6.28
CA ALA K 1078 -69.95 47.79 -5.33
C ALA K 1078 -69.67 47.23 -3.94
N PRO K 1079 -68.87 47.92 -3.13
CA PRO K 1079 -68.51 47.58 -1.78
C PRO K 1079 -69.68 47.66 -0.82
N ALA K 1080 -70.68 48.47 -1.17
CA ALA K 1080 -71.83 48.67 -0.31
C ALA K 1080 -73.00 49.27 -1.07
N ILE K 1081 -74.19 49.12 -0.51
CA ILE K 1081 -75.38 49.78 -1.02
C ILE K 1081 -75.83 50.87 -0.06
N CYS K 1082 -76.14 52.05 -0.61
CA CYS K 1082 -76.64 53.17 0.18
C CYS K 1082 -78.17 53.18 0.15
N HIS K 1083 -78.77 53.11 1.33
CA HIS K 1083 -80.22 53.09 1.44
C HIS K 1083 -80.67 53.73 2.75
N ASP K 1084 -81.54 54.73 2.64
CA ASP K 1084 -82.03 55.47 3.78
C ASP K 1084 -80.89 56.05 4.62
N GLY K 1085 -79.82 56.46 3.95
CA GLY K 1085 -78.69 57.10 4.61
C GLY K 1085 -77.73 56.11 5.26
N LYS K 1086 -78.03 54.82 5.15
CA LYS K 1086 -77.24 53.78 5.79
C LYS K 1086 -76.40 53.01 4.77
N ALA K 1087 -75.23 52.55 5.21
CA ALA K 1087 -74.37 51.73 4.37
C ALA K 1087 -74.60 50.26 4.62
N HIS K 1088 -75.09 49.55 3.60
CA HIS K 1088 -75.40 48.14 3.71
C HIS K 1088 -74.33 47.29 3.03
N PHE K 1089 -73.82 46.30 3.76
CA PHE K 1089 -72.80 45.40 3.27
C PHE K 1089 -73.39 44.00 3.18
N PRO K 1090 -72.97 43.17 2.24
CA PRO K 1090 -73.44 41.83 2.04
C PRO K 1090 -72.98 40.94 3.18
N ARG K 1091 -73.86 40.10 3.69
CA ARG K 1091 -73.50 39.24 4.81
C ARG K 1091 -72.59 38.09 4.40
N GLU K 1092 -72.81 37.57 3.20
CA GLU K 1092 -72.04 36.42 2.73
C GLU K 1092 -71.43 36.64 1.36
N GLY K 1093 -72.18 37.30 0.48
CA GLY K 1093 -71.82 37.38 -0.92
C GLY K 1093 -71.29 38.74 -1.33
N VAL K 1094 -71.50 39.08 -2.60
CA VAL K 1094 -71.03 40.32 -3.18
C VAL K 1094 -72.14 41.00 -3.97
N PHE K 1095 -72.18 42.33 -3.90
CA PHE K 1095 -73.18 43.08 -4.65
C PHE K 1095 -72.78 43.22 -6.10
N VAL K 1096 -73.66 42.80 -7.00
CA VAL K 1096 -73.38 42.86 -8.43
C VAL K 1096 -74.56 43.43 -9.21
N SER K 1097 -74.26 44.05 -10.34
CA SER K 1097 -75.28 44.55 -11.23
C SER K 1097 -75.17 43.94 -12.61
N ASN K 1098 -76.34 43.62 -13.19
CA ASN K 1098 -76.42 43.09 -14.55
C ASN K 1098 -76.61 44.22 -15.58
N GLY K 1099 -76.46 45.48 -15.13
CA GLY K 1099 -76.57 46.66 -15.97
C GLY K 1099 -77.78 47.49 -15.63
N THR K 1100 -78.80 46.87 -15.04
CA THR K 1100 -80.00 47.61 -14.66
C THR K 1100 -80.41 47.40 -13.21
N HIS K 1101 -80.15 46.20 -12.69
CA HIS K 1101 -80.56 45.87 -11.34
C HIS K 1101 -79.43 45.31 -10.50
N TRP K 1102 -79.43 45.66 -9.21
CA TRP K 1102 -78.45 45.17 -8.27
C TRP K 1102 -78.95 43.95 -7.51
N PHE K 1103 -78.07 42.97 -7.38
CA PHE K 1103 -78.34 41.72 -6.70
C PHE K 1103 -77.21 41.39 -5.75
N VAL K 1104 -77.46 40.52 -4.79
CA VAL K 1104 -76.40 40.00 -3.96
C VAL K 1104 -76.25 38.51 -4.22
N THR K 1105 -75.02 38.07 -4.43
CA THR K 1105 -74.81 36.67 -4.77
C THR K 1105 -73.59 36.08 -4.11
N GLN K 1106 -73.60 34.77 -3.91
CA GLN K 1106 -72.44 34.06 -3.42
C GLN K 1106 -71.27 34.23 -4.38
N ARG K 1107 -70.09 34.44 -3.82
CA ARG K 1107 -68.92 34.84 -4.58
C ARG K 1107 -68.40 33.78 -5.56
N ASN K 1108 -68.63 32.51 -5.25
CA ASN K 1108 -68.06 31.44 -6.06
C ASN K 1108 -69.03 30.84 -7.07
N PHE K 1109 -70.23 31.39 -7.15
CA PHE K 1109 -71.23 30.84 -8.05
C PHE K 1109 -72.37 31.80 -8.27
N TYR K 1110 -72.57 32.24 -9.50
CA TYR K 1110 -73.56 33.26 -9.77
C TYR K 1110 -74.96 32.79 -9.45
N GLU K 1111 -75.59 33.51 -8.56
CA GLU K 1111 -76.93 33.20 -8.07
C GLU K 1111 -77.57 34.46 -7.50
N PRO K 1112 -78.08 35.34 -8.37
CA PRO K 1112 -78.46 36.71 -8.10
C PRO K 1112 -79.73 36.82 -7.27
N GLN K 1113 -79.56 37.09 -5.99
CA GLN K 1113 -80.71 37.23 -5.10
C GLN K 1113 -81.08 38.69 -4.94
N ILE K 1114 -82.33 38.93 -4.58
CA ILE K 1114 -82.77 40.29 -4.28
C ILE K 1114 -82.06 40.77 -3.02
N ILE K 1115 -81.59 42.01 -3.04
CA ILE K 1115 -80.93 42.59 -1.88
C ILE K 1115 -81.96 42.95 -0.83
N THR K 1116 -81.83 42.32 0.34
CA THR K 1116 -82.79 42.51 1.41
C THR K 1116 -82.07 42.74 2.72
N THR K 1117 -82.81 43.11 3.75
CA THR K 1117 -82.23 43.31 5.07
C THR K 1117 -81.80 41.99 5.71
N ASP K 1118 -82.22 40.88 5.13
CA ASP K 1118 -81.87 39.57 5.66
C ASP K 1118 -80.59 39.00 5.07
N ASN K 1119 -80.01 39.69 4.09
CA ASN K 1119 -78.76 39.21 3.50
C ASN K 1119 -77.71 40.32 3.45
N THR K 1120 -77.98 41.40 4.16
CA THR K 1120 -77.04 42.50 4.32
C THR K 1120 -77.00 42.92 5.78
N PHE K 1121 -76.01 43.74 6.13
CA PHE K 1121 -75.95 44.32 7.46
C PHE K 1121 -75.54 45.78 7.36
N VAL K 1122 -75.90 46.57 8.35
CA VAL K 1122 -75.61 47.99 8.32
C VAL K 1122 -74.45 48.37 9.22
N SER K 1123 -73.55 49.18 8.68
CA SER K 1123 -72.48 49.73 9.48
C SER K 1123 -72.06 51.10 8.98
N GLY K 1124 -72.41 52.13 9.73
CA GLY K 1124 -72.06 53.49 9.35
C GLY K 1124 -73.00 54.06 8.31
N ASN K 1125 -72.73 55.29 7.89
CA ASN K 1125 -73.53 55.99 6.90
C ASN K 1125 -72.90 55.91 5.52
N CYS K 1126 -73.55 56.54 4.53
CA CYS K 1126 -73.15 56.45 3.12
C CYS K 1126 -71.99 57.38 2.75
N ASP K 1127 -71.51 58.16 3.70
CA ASP K 1127 -70.49 59.16 3.41
C ASP K 1127 -69.08 58.66 3.72
N VAL K 1128 -68.95 57.38 4.06
CA VAL K 1128 -67.66 56.82 4.43
C VAL K 1128 -67.10 55.88 3.36
N VAL K 1129 -67.96 55.01 2.82
CA VAL K 1129 -67.51 53.98 1.91
C VAL K 1129 -67.25 54.52 0.50
N ILE K 1130 -66.04 54.26 0.01
CA ILE K 1130 -65.65 54.72 -1.31
C ILE K 1130 -66.21 53.80 -2.38
N GLY K 1131 -66.99 54.35 -3.29
CA GLY K 1131 -67.57 53.55 -4.37
C GLY K 1131 -68.95 53.03 -4.03
N ILE K 1132 -69.51 53.49 -2.92
CA ILE K 1132 -70.86 53.07 -2.53
C ILE K 1132 -71.88 53.52 -3.56
N VAL K 1133 -72.85 52.66 -3.85
CA VAL K 1133 -73.85 53.01 -4.86
C VAL K 1133 -75.26 53.05 -4.25
N ASN K 1134 -76.13 53.85 -4.85
CA ASN K 1134 -77.53 53.98 -4.41
C ASN K 1134 -78.39 52.84 -4.95
N ASN K 1135 -79.12 52.17 -4.07
CA ASN K 1135 -80.09 51.14 -4.44
C ASN K 1135 -81.13 50.97 -3.36
N THR K 1136 -82.08 50.08 -3.60
CA THR K 1136 -83.08 49.76 -2.61
C THR K 1136 -82.71 48.49 -1.87
N VAL K 1137 -82.93 48.49 -0.56
CA VAL K 1137 -82.76 47.28 0.23
C VAL K 1137 -84.12 46.85 0.75
N TYR K 1138 -84.59 45.71 0.27
CA TYR K 1138 -85.94 45.27 0.57
C TYR K 1138 -86.11 44.74 1.99
N ASP K 1139 -87.17 45.19 2.64
CA ASP K 1139 -87.52 44.74 3.98
C ASP K 1139 -88.77 43.84 3.93
N PRO K 1140 -88.62 42.53 4.15
CA PRO K 1140 -89.66 41.51 4.13
C PRO K 1140 -90.83 41.84 5.07
N LEU K 1141 -90.60 42.71 6.04
CA LEU K 1141 -91.64 43.08 6.99
C LEU K 1141 -92.50 44.23 6.48
N GLN K 1142 -91.97 45.01 5.54
CA GLN K 1142 -92.66 46.21 5.06
C GLN K 1142 -94.07 45.95 4.51
N PRO K 1143 -94.31 44.85 3.78
CA PRO K 1143 -95.59 44.44 3.25
C PRO K 1143 -96.63 44.13 4.32
N GLU K 1144 -96.18 43.91 5.57
CA GLU K 1144 -97.05 43.55 6.69
C GLU K 1144 -96.90 44.56 7.82
N ILE L 1 48.98 -10.42 39.24
CA ILE L 1 48.59 -11.83 39.36
C ILE L 1 49.82 -12.73 39.25
N VAL L 2 49.75 -13.90 39.89
CA VAL L 2 50.78 -14.93 39.78
C VAL L 2 50.21 -16.20 39.17
N MET L 3 50.83 -16.66 38.09
CA MET L 3 50.45 -17.91 37.46
C MET L 3 51.50 -18.97 37.76
N MET L 4 51.12 -20.01 38.49
CA MET L 4 52.08 -21.00 38.95
C MET L 4 51.83 -22.37 38.34
N GLN L 5 52.79 -22.86 37.58
CA GLN L 5 52.64 -24.17 36.94
C GLN L 5 53.29 -25.27 37.74
N SER L 6 52.80 -26.49 37.55
CA SER L 6 53.34 -27.65 38.25
C SER L 6 53.07 -28.94 37.46
N PRO L 7 54.00 -29.89 37.52
CA PRO L 7 55.32 -29.85 38.13
C PRO L 7 56.29 -29.05 37.28
N GLY L 8 57.36 -28.54 37.90
CA GLY L 8 58.38 -27.82 37.14
C GLY L 8 58.94 -28.70 36.03
N THR L 9 59.09 -29.98 36.32
CA THR L 9 59.56 -30.94 35.34
C THR L 9 58.64 -32.15 35.31
N LEU L 10 58.24 -32.55 34.11
CA LEU L 10 57.37 -33.70 33.91
C LEU L 10 58.09 -34.73 33.05
N SER L 11 58.23 -35.93 33.57
CA SER L 11 58.97 -36.97 32.84
C SER L 11 58.17 -38.26 32.73
N LEU L 12 57.87 -38.65 31.51
CA LEU L 12 57.20 -39.93 31.24
C LEU L 12 57.43 -40.38 29.80
N SER L 13 57.15 -41.65 29.54
CA SER L 13 57.41 -42.24 28.24
C SER L 13 56.48 -41.71 27.15
N PRO L 14 56.96 -41.64 25.90
CA PRO L 14 56.20 -41.43 24.70
C PRO L 14 55.10 -42.47 24.58
N GLY L 15 53.93 -42.05 24.12
CA GLY L 15 52.79 -42.94 23.98
C GLY L 15 51.88 -42.87 25.20
N GLU L 16 52.37 -42.30 26.29
CA GLU L 16 51.59 -42.17 27.51
C GLU L 16 50.91 -40.82 27.59
N ARG L 17 50.11 -40.63 28.63
CA ARG L 17 49.40 -39.37 28.83
C ARG L 17 50.10 -38.48 29.83
N ALA L 18 50.08 -37.17 29.58
CA ALA L 18 50.65 -36.21 30.53
C ALA L 18 49.62 -35.16 30.92
N THR L 19 49.64 -34.76 32.19
CA THR L 19 48.80 -33.68 32.65
C THR L 19 49.63 -32.56 33.22
N LEU L 20 49.39 -31.36 32.71
CA LEU L 20 50.11 -30.16 33.16
C LEU L 20 49.15 -29.23 33.87
N SER L 21 49.53 -28.74 35.04
CA SER L 21 48.63 -27.89 35.82
C SER L 21 49.13 -26.46 35.91
N CYS L 22 48.18 -25.52 35.96
CA CYS L 22 48.46 -24.10 36.19
C CYS L 22 47.46 -23.52 37.19
N ARG L 23 47.99 -23.00 38.29
CA ARG L 23 47.16 -22.43 39.34
C ARG L 23 47.28 -20.93 39.37
N ALA L 24 46.16 -20.26 39.63
CA ALA L 24 46.17 -18.80 39.69
C ALA L 24 46.02 -18.33 41.14
N SER L 25 46.68 -17.23 41.46
CA SER L 25 46.56 -16.59 42.76
C SER L 25 45.17 -15.98 42.96
N GLN L 26 44.44 -15.81 41.86
CA GLN L 26 43.09 -15.28 41.89
C GLN L 26 42.30 -15.88 40.74
N SER L 27 40.98 -15.81 40.81
CA SER L 27 40.15 -16.40 39.77
C SER L 27 40.45 -15.79 38.40
N VAL L 28 40.52 -16.64 37.39
CA VAL L 28 40.75 -16.23 36.02
C VAL L 28 39.62 -16.71 35.13
N SER L 29 39.07 -15.81 34.33
CA SER L 29 38.02 -16.18 33.40
C SER L 29 38.56 -17.24 32.47
N SER L 30 37.75 -18.24 32.14
CA SER L 30 38.20 -19.30 31.26
C SER L 30 38.58 -18.74 29.90
N SER L 31 37.89 -17.67 29.52
CA SER L 31 38.12 -17.03 28.24
C SER L 31 39.50 -16.38 28.14
N TYR L 32 40.14 -16.17 29.29
CA TYR L 32 41.41 -15.46 29.34
C TYR L 32 42.59 -16.38 29.65
N LEU L 33 42.38 -17.69 29.60
CA LEU L 33 43.46 -18.63 29.90
C LEU L 33 43.93 -19.35 28.65
N ALA L 34 45.23 -19.31 28.39
CA ALA L 34 45.79 -19.95 27.20
C ALA L 34 47.02 -20.79 27.53
N TRP L 35 47.30 -21.77 26.69
CA TRP L 35 48.50 -22.60 26.82
C TRP L 35 49.38 -22.49 25.58
N TYR L 36 50.69 -22.43 25.84
CA TYR L 36 51.67 -22.31 24.72
C TYR L 36 52.71 -23.43 24.77
N GLN L 37 53.20 -23.85 23.61
CA GLN L 37 54.26 -24.84 23.49
C GLN L 37 55.51 -24.20 22.89
N GLN L 38 56.65 -24.39 23.55
CA GLN L 38 57.89 -23.87 23.04
C GLN L 38 58.95 -24.95 22.89
N LYS L 39 59.26 -25.30 21.65
CA LYS L 39 60.32 -26.26 21.40
C LYS L 39 61.65 -25.52 21.49
N PRO L 40 62.73 -26.18 21.92
CA PRO L 40 64.06 -25.62 22.01
C PRO L 40 64.48 -24.94 20.72
N GLY L 41 64.90 -23.69 20.83
CA GLY L 41 65.37 -22.92 19.69
C GLY L 41 64.23 -22.30 18.87
N GLN L 42 62.99 -22.48 19.31
CA GLN L 42 61.85 -21.99 18.55
C GLN L 42 60.98 -21.02 19.36
N ALA L 43 60.23 -20.18 18.65
CA ALA L 43 59.26 -19.30 19.29
C ALA L 43 58.10 -20.13 19.81
N PRO L 44 57.42 -19.68 20.88
CA PRO L 44 56.21 -20.27 21.42
C PRO L 44 55.11 -20.30 20.38
N ARG L 45 54.29 -21.33 20.41
CA ARG L 45 53.11 -21.39 19.57
C ARG L 45 51.88 -21.65 20.42
N LEU L 46 50.74 -21.11 20.00
CA LEU L 46 49.51 -21.29 20.74
C LEU L 46 48.94 -22.68 20.57
N LEU L 47 48.60 -23.32 21.68
CA LEU L 47 47.94 -24.62 21.63
C LEU L 47 46.48 -24.50 22.02
N ILE L 48 46.24 -23.93 23.19
CA ILE L 48 44.89 -23.82 23.72
C ILE L 48 44.57 -22.37 24.09
N TYR L 49 43.38 -21.93 23.74
CA TYR L 49 42.91 -20.62 24.16
C TYR L 49 41.51 -20.73 24.70
N GLY L 50 41.12 -19.80 25.55
CA GLY L 50 39.79 -19.85 26.12
C GLY L 50 39.66 -21.08 27.02
N ALA L 51 40.75 -21.44 27.67
CA ALA L 51 40.86 -22.61 28.55
C ALA L 51 40.85 -23.94 27.80
N SER L 52 39.94 -24.10 26.84
CA SER L 52 39.74 -25.41 26.23
C SER L 52 39.82 -25.47 24.71
N SER L 53 39.83 -24.34 24.03
CA SER L 53 39.74 -24.35 22.57
C SER L 53 41.10 -24.55 21.91
N ARG L 54 41.19 -25.48 20.97
CA ARG L 54 42.43 -25.71 20.24
C ARG L 54 42.66 -24.63 19.20
N ALA L 55 43.92 -24.23 19.07
CA ALA L 55 44.34 -23.31 18.03
C ALA L 55 44.40 -24.05 16.70
N THR L 56 44.26 -23.31 15.61
CA THR L 56 44.32 -23.92 14.28
C THR L 56 45.67 -24.57 14.05
N GLY L 57 45.66 -25.81 13.58
CA GLY L 57 46.88 -26.55 13.28
C GLY L 57 47.30 -27.46 14.43
N ILE L 58 46.58 -27.39 15.54
CA ILE L 58 46.90 -28.20 16.71
C ILE L 58 46.15 -29.53 16.69
N PRO L 59 46.87 -30.65 16.83
CA PRO L 59 46.35 -32.01 16.91
C PRO L 59 45.32 -32.16 18.03
N ASP L 60 44.37 -33.06 17.82
CA ASP L 60 43.30 -33.29 18.78
C ASP L 60 43.78 -34.11 19.97
N ARG L 61 45.07 -34.38 20.00
CA ARG L 61 45.70 -35.04 21.13
C ARG L 61 45.85 -34.05 22.27
N PHE L 62 45.72 -32.76 21.95
CA PHE L 62 45.83 -31.71 22.94
C PHE L 62 44.45 -31.21 23.36
N SER L 63 44.24 -31.07 24.65
CA SER L 63 43.00 -30.51 25.15
C SER L 63 43.24 -29.75 26.44
N GLY L 64 42.38 -28.78 26.71
CA GLY L 64 42.49 -28.04 27.95
C GLY L 64 41.17 -28.02 28.68
N SER L 65 41.22 -27.71 29.97
CA SER L 65 40.01 -27.61 30.78
C SER L 65 40.31 -26.85 32.05
N GLY L 66 39.25 -26.47 32.76
CA GLY L 66 39.42 -25.84 34.05
C GLY L 66 38.69 -24.51 34.15
N SER L 67 38.73 -23.93 35.34
CA SER L 67 38.04 -22.69 35.63
C SER L 67 38.58 -22.09 36.91
N GLY L 68 38.22 -20.84 37.19
CA GLY L 68 38.59 -20.25 38.47
C GLY L 68 40.11 -20.16 38.60
N THR L 69 40.65 -20.88 39.58
CA THR L 69 42.07 -20.84 39.85
C THR L 69 42.79 -22.13 39.50
N ASP L 70 42.12 -23.04 38.81
CA ASP L 70 42.73 -24.33 38.50
C ASP L 70 42.49 -24.77 37.05
N PHE L 71 43.54 -24.70 36.24
CA PHE L 71 43.46 -25.07 34.84
C PHE L 71 44.48 -26.14 34.50
N THR L 72 44.15 -27.00 33.54
CA THR L 72 45.08 -28.04 33.12
C THR L 72 45.18 -28.15 31.61
N LEU L 73 46.33 -28.68 31.17
CA LEU L 73 46.56 -29.06 29.79
C LEU L 73 46.84 -30.56 29.73
N THR L 74 46.14 -31.26 28.86
CA THR L 74 46.31 -32.70 28.76
C THR L 74 46.78 -33.12 27.38
N ILE L 75 47.78 -33.99 27.37
CA ILE L 75 48.24 -34.61 26.12
C ILE L 75 47.89 -36.09 26.18
N SER L 76 46.91 -36.51 25.40
CA SER L 76 46.38 -37.87 25.53
C SER L 76 47.42 -38.92 25.19
N ARG L 77 48.23 -38.62 24.19
CA ARG L 77 49.34 -39.49 23.78
C ARG L 77 50.52 -38.63 23.41
N LEU L 78 51.65 -38.85 24.07
CA LEU L 78 52.81 -38.02 23.79
C LEU L 78 53.63 -38.55 22.63
N GLU L 79 53.94 -37.65 21.72
CA GLU L 79 54.84 -37.93 20.61
C GLU L 79 56.18 -37.26 20.91
N PRO L 80 57.27 -37.67 20.26
CA PRO L 80 58.60 -37.12 20.42
C PRO L 80 58.61 -35.58 20.34
N GLU L 81 57.71 -35.01 19.56
CA GLU L 81 57.66 -33.57 19.36
C GLU L 81 56.94 -32.84 20.51
N ASP L 82 56.38 -33.61 21.43
CA ASP L 82 55.63 -33.02 22.54
C ASP L 82 56.50 -32.82 23.77
N PHE L 83 57.75 -33.23 23.68
CA PHE L 83 58.64 -33.11 24.82
C PHE L 83 59.33 -31.75 24.83
N ALA L 84 58.53 -30.72 25.09
CA ALA L 84 58.94 -29.34 25.03
C ALA L 84 58.50 -28.59 26.28
N VAL L 85 58.74 -27.28 26.31
CA VAL L 85 58.32 -26.47 27.43
C VAL L 85 56.93 -25.90 27.20
N TYR L 86 56.07 -26.03 28.20
CA TYR L 86 54.72 -25.50 28.08
C TYR L 86 54.49 -24.37 29.05
N TYR L 87 53.73 -23.38 28.61
CA TYR L 87 53.42 -22.23 29.44
C TYR L 87 51.92 -22.04 29.54
N CYS L 88 51.45 -21.53 30.68
CA CYS L 88 50.10 -21.02 30.80
C CYS L 88 50.14 -19.49 30.75
N GLN L 89 49.13 -18.89 30.15
CA GLN L 89 49.09 -17.44 30.04
C GLN L 89 47.72 -16.91 30.41
N GLN L 90 47.70 -15.82 31.13
CA GLN L 90 46.47 -15.20 31.59
C GLN L 90 46.37 -13.76 31.13
N TYR L 91 45.16 -13.34 30.81
CA TYR L 91 44.90 -11.93 30.58
C TYR L 91 44.02 -11.34 31.67
N GLY L 92 44.34 -10.13 32.08
CA GLY L 92 43.48 -9.37 32.97
C GLY L 92 44.15 -8.06 33.36
N SER L 93 43.37 -7.12 33.89
CA SER L 93 43.90 -5.83 34.29
C SER L 93 44.74 -5.20 33.18
N SER L 94 44.26 -5.35 31.94
CA SER L 94 44.94 -4.84 30.76
C SER L 94 46.41 -5.26 30.70
N ALA L 95 46.68 -6.50 31.10
CA ALA L 95 48.03 -7.03 31.07
C ALA L 95 48.04 -8.52 30.78
N TRP L 96 49.14 -8.98 30.22
CA TRP L 96 49.30 -10.40 29.90
C TRP L 96 50.40 -10.99 30.75
N THR L 97 50.08 -12.07 31.45
CA THR L 97 51.02 -12.71 32.36
C THR L 97 51.25 -14.17 32.02
N PHE L 98 52.50 -14.60 32.02
CA PHE L 98 52.85 -15.98 31.74
C PHE L 98 53.30 -16.68 33.01
N GLY L 99 53.10 -18.00 33.06
CA GLY L 99 53.63 -18.80 34.15
C GLY L 99 55.12 -19.03 33.93
N GLN L 100 55.77 -19.74 34.85
CA GLN L 100 57.20 -19.93 34.76
C GLN L 100 57.56 -20.96 33.69
N GLY L 101 56.58 -21.78 33.33
CA GLY L 101 56.76 -22.81 32.33
C GLY L 101 57.17 -24.14 32.95
N THR L 102 56.79 -25.24 32.30
CA THR L 102 57.21 -26.56 32.74
C THR L 102 57.76 -27.36 31.57
N LYS L 103 58.74 -28.21 31.85
CA LYS L 103 59.39 -28.97 30.79
C LYS L 103 58.91 -30.42 30.76
N VAL L 104 58.46 -30.89 29.59
CA VAL L 104 57.98 -32.26 29.38
C VAL L 104 59.10 -33.12 28.78
N VAL M 1 49.63 -16.48 7.71
CA VAL M 1 50.13 -15.44 8.59
C VAL M 1 51.59 -15.69 8.92
N GLN M 2 52.44 -14.70 8.64
CA GLN M 2 53.88 -14.76 8.92
C GLN M 2 54.33 -13.51 9.65
N LEU M 3 55.25 -13.69 10.58
CA LEU M 3 55.89 -12.58 11.26
C LEU M 3 57.40 -12.75 11.18
N VAL M 4 58.07 -11.82 10.53
CA VAL M 4 59.51 -11.93 10.29
C VAL M 4 60.29 -10.81 10.95
N GLN M 5 61.13 -11.17 11.90
CA GLN M 5 61.88 -10.21 12.68
C GLN M 5 63.30 -10.03 12.15
N SER M 6 63.93 -8.94 12.57
CA SER M 6 65.31 -8.64 12.23
C SER M 6 66.27 -9.62 12.87
N GLY M 7 67.55 -9.53 12.50
CA GLY M 7 68.55 -10.44 13.04
C GLY M 7 69.00 -10.02 14.43
N ALA M 8 69.89 -10.81 15.03
CA ALA M 8 70.36 -10.59 16.39
C ALA M 8 71.23 -9.33 16.47
N GLU M 9 71.23 -8.71 17.64
CA GLU M 9 71.99 -7.50 17.87
C GLU M 9 72.86 -7.60 19.12
N VAL M 10 74.00 -6.93 19.11
CA VAL M 10 74.86 -6.84 20.28
C VAL M 10 75.09 -5.37 20.64
N LYS M 11 74.72 -5.00 21.86
CA LYS M 11 74.77 -3.62 22.30
C LYS M 11 75.50 -3.47 23.63
N LYS M 12 76.10 -2.32 23.84
CA LYS M 12 76.70 -2.02 25.15
C LYS M 12 75.63 -1.43 26.06
N PRO M 13 75.78 -1.57 27.38
CA PRO M 13 74.94 -0.97 28.40
C PRO M 13 74.82 0.53 28.16
N GLY M 14 73.59 1.03 28.21
CA GLY M 14 73.31 2.44 27.98
C GLY M 14 72.87 2.70 26.54
N ALA M 15 73.10 1.72 25.67
CA ALA M 15 72.73 1.83 24.26
C ALA M 15 71.27 1.52 24.06
N SER M 16 70.76 1.82 22.86
CA SER M 16 69.38 1.48 22.51
C SER M 16 69.35 0.50 21.35
N VAL M 17 68.35 -0.37 21.35
CA VAL M 17 68.16 -1.34 20.27
C VAL M 17 66.77 -1.22 19.67
N LYS M 18 66.68 -1.29 18.35
CA LYS M 18 65.39 -1.28 17.69
C LYS M 18 65.16 -2.58 16.93
N VAL M 19 64.17 -3.35 17.37
CA VAL M 19 63.87 -4.62 16.75
C VAL M 19 62.62 -4.50 15.89
N SER M 20 62.74 -4.87 14.62
CA SER M 20 61.62 -4.78 13.70
C SER M 20 60.89 -6.12 13.56
N CYS M 21 59.65 -6.06 13.09
CA CYS M 21 58.83 -7.23 12.80
C CYS M 21 57.91 -6.98 11.61
N LYS M 22 58.23 -7.59 10.49
CA LYS M 22 57.42 -7.42 9.28
C LYS M 22 56.32 -8.46 9.25
N ALA M 23 55.09 -8.00 9.08
CA ALA M 23 53.94 -8.88 9.08
C ALA M 23 53.39 -9.08 7.68
N SER M 24 52.85 -10.26 7.42
CA SER M 24 52.19 -10.53 6.15
C SER M 24 51.15 -11.62 6.29
N GLY M 25 50.24 -11.70 5.32
CA GLY M 25 49.23 -12.75 5.29
C GLY M 25 47.93 -12.34 5.96
N TYR M 26 47.87 -11.09 6.42
CA TYR M 26 46.67 -10.60 7.09
C TYR M 26 46.60 -9.08 7.05
N THR M 27 45.44 -8.53 7.38
CA THR M 27 45.29 -7.08 7.47
C THR M 27 46.07 -6.57 8.66
N PHE M 28 47.15 -5.85 8.39
CA PHE M 28 48.10 -5.44 9.42
C PHE M 28 47.43 -4.66 10.53
N THR M 29 46.56 -3.74 10.16
CA THR M 29 45.94 -2.83 11.12
C THR M 29 44.76 -3.47 11.83
N GLY M 30 44.46 -4.71 11.48
CA GLY M 30 43.33 -5.41 12.07
C GLY M 30 43.71 -6.09 13.38
N TYR M 31 44.99 -6.06 13.71
CA TYR M 31 45.50 -6.73 14.90
C TYR M 31 46.44 -5.86 15.71
N TYR M 32 46.57 -6.18 16.99
CA TYR M 32 47.56 -5.55 17.84
C TYR M 32 48.88 -6.29 17.70
N MET M 33 49.97 -5.56 17.74
CA MET M 33 51.27 -6.21 17.72
C MET M 33 51.92 -6.12 19.08
N HIS M 34 52.13 -7.26 19.69
CA HIS M 34 52.70 -7.34 21.03
C HIS M 34 54.15 -7.73 20.98
N TRP M 35 54.90 -7.31 21.98
CA TRP M 35 56.26 -7.78 22.13
C TRP M 35 56.42 -8.54 23.44
N VAL M 36 57.09 -9.67 23.36
CA VAL M 36 57.32 -10.55 24.50
C VAL M 36 58.80 -10.88 24.63
N ARG M 37 59.34 -10.73 25.82
CA ARG M 37 60.76 -10.96 26.06
C ARG M 37 61.00 -12.29 26.77
N GLN M 38 62.09 -12.96 26.41
CA GLN M 38 62.48 -14.18 27.11
C GLN M 38 63.97 -14.21 27.43
N ALA M 39 64.31 -13.85 28.67
CA ALA M 39 65.70 -13.89 29.10
C ALA M 39 66.16 -15.36 29.16
N PRO M 40 67.45 -15.64 28.97
CA PRO M 40 68.03 -16.96 29.00
C PRO M 40 67.65 -17.70 30.28
N GLY M 41 67.07 -18.89 30.12
CA GLY M 41 66.70 -19.72 31.27
C GLY M 41 65.40 -19.28 31.92
N GLN M 42 64.77 -18.23 31.38
CA GLN M 42 63.55 -17.69 31.96
C GLN M 42 62.33 -17.96 31.11
N GLY M 43 61.16 -17.55 31.61
CA GLY M 43 59.92 -17.72 30.89
C GLY M 43 59.62 -16.48 30.04
N LEU M 44 58.38 -16.35 29.61
CA LEU M 44 57.98 -15.28 28.72
C LEU M 44 57.46 -14.07 29.51
N GLU M 45 57.88 -12.88 29.11
CA GLU M 45 57.44 -11.65 29.76
C GLU M 45 56.84 -10.68 28.76
N TRP M 46 55.60 -10.26 29.00
CA TRP M 46 54.94 -9.32 28.12
C TRP M 46 55.48 -7.91 28.32
N MET M 47 55.80 -7.22 27.21
CA MET M 47 56.37 -5.88 27.28
C MET M 47 55.35 -4.78 27.02
N GLY M 48 54.46 -5.03 26.08
CA GLY M 48 53.54 -4.00 25.62
C GLY M 48 53.00 -4.31 24.24
N TRP M 49 52.18 -3.41 23.71
CA TRP M 49 51.63 -3.56 22.37
C TRP M 49 51.46 -2.23 21.66
N ILE M 50 51.39 -2.31 20.34
CA ILE M 50 51.04 -1.18 19.51
C ILE M 50 49.88 -1.52 18.59
N ASN M 51 48.99 -0.54 18.37
CA ASN M 51 47.86 -0.69 17.48
C ASN M 51 48.08 0.14 16.20
N PRO M 52 48.59 -0.46 15.13
CA PRO M 52 49.09 0.16 13.91
C PRO M 52 48.13 1.16 13.28
N ILE M 53 46.84 0.97 13.49
CA ILE M 53 45.83 1.85 12.90
C ILE M 53 45.94 3.28 13.44
N SER M 54 46.37 3.40 14.69
CA SER M 54 46.47 4.70 15.34
C SER M 54 47.85 4.90 15.93
N SER M 55 48.61 3.82 16.00
CA SER M 55 49.90 3.78 16.68
C SER M 55 49.76 4.08 18.17
N GLY M 56 48.60 3.77 18.73
CA GLY M 56 48.41 3.83 20.16
C GLY M 56 49.17 2.68 20.80
N THR M 57 49.70 2.90 21.99
CA THR M 57 50.46 1.85 22.66
C THR M 57 50.08 1.67 24.11
N SER M 58 50.53 0.56 24.67
CA SER M 58 50.44 0.30 26.10
C SER M 58 51.64 -0.53 26.52
N TYR M 59 52.21 -0.21 27.67
CA TYR M 59 53.41 -0.88 28.11
C TYR M 59 53.26 -1.46 29.51
N ALA M 60 53.97 -2.55 29.77
CA ALA M 60 54.07 -3.08 31.11
C ALA M 60 54.83 -2.09 31.97
N GLN M 61 54.45 -1.99 33.24
CA GLN M 61 55.10 -1.05 34.17
C GLN M 61 56.60 -1.32 34.27
N THR M 62 57.00 -2.55 33.96
CA THR M 62 58.39 -2.96 34.00
C THR M 62 59.23 -2.24 32.95
N PHE M 63 58.65 -2.01 31.77
CA PHE M 63 59.39 -1.43 30.66
C PHE M 63 58.96 0.01 30.38
N GLN M 64 57.81 0.40 30.93
CA GLN M 64 57.28 1.72 30.68
C GLN M 64 58.30 2.77 31.05
N GLY M 65 58.57 3.68 30.12
CA GLY M 65 59.56 4.73 30.33
C GLY M 65 60.88 4.40 29.64
N ARG M 66 61.07 3.14 29.26
CA ARG M 66 62.27 2.73 28.56
C ARG M 66 61.97 2.26 27.15
N VAL M 67 60.78 1.70 26.95
CA VAL M 67 60.44 1.13 25.64
C VAL M 67 59.45 2.00 24.88
N THR M 68 59.73 2.21 23.60
CA THR M 68 58.83 2.91 22.71
C THR M 68 58.51 2.04 21.51
N MET M 69 57.22 1.86 21.24
CA MET M 69 56.80 1.08 20.10
C MET M 69 56.23 1.95 19.01
N THR M 70 56.62 1.67 17.78
CA THR M 70 56.14 2.41 16.62
C THR M 70 55.77 1.43 15.52
N SER M 71 55.13 1.92 14.46
CA SER M 71 54.82 1.06 13.33
C SER M 71 54.68 1.87 12.06
N ASP M 72 54.78 1.19 10.93
CA ASP M 72 54.57 1.80 9.64
C ASP M 72 53.73 0.90 8.76
N THR M 73 52.48 1.27 8.55
CA THR M 73 51.53 0.42 7.87
C THR M 73 51.85 0.26 6.39
N SER M 74 52.62 1.19 5.84
CA SER M 74 52.92 1.17 4.41
C SER M 74 53.83 0.01 4.06
N ILE M 75 54.54 -0.50 5.06
CA ILE M 75 55.43 -1.64 4.89
C ILE M 75 55.07 -2.72 5.88
N THR M 76 53.85 -2.64 6.42
CA THR M 76 53.36 -3.55 7.44
C THR M 76 54.45 -4.02 8.39
N THR M 77 55.14 -3.08 9.01
CA THR M 77 56.21 -3.41 9.94
C THR M 77 56.04 -2.73 11.29
N ALA M 78 56.22 -3.49 12.35
CA ALA M 78 56.20 -2.97 13.70
C ALA M 78 57.61 -2.86 14.25
N TYR M 79 57.83 -1.89 15.13
CA TYR M 79 59.14 -1.71 15.74
C TYR M 79 59.05 -1.60 17.24
N MET M 80 60.05 -2.15 17.92
CA MET M 80 60.18 -1.99 19.37
C MET M 80 61.57 -1.48 19.72
N GLU M 81 61.62 -0.28 20.28
CA GLU M 81 62.90 0.32 20.64
C GLU M 81 63.08 0.38 22.15
N LEU M 82 64.06 -0.35 22.65
CA LEU M 82 64.30 -0.39 24.09
C LEU M 82 65.57 0.39 24.43
N SER M 83 65.39 1.49 25.16
CA SER M 83 66.50 2.37 25.48
C SER M 83 67.12 2.06 26.83
N ARG M 84 68.28 2.66 27.09
CA ARG M 84 68.97 2.50 28.37
C ARG M 84 69.16 1.03 28.70
N LEU M 85 69.65 0.26 27.73
CA LEU M 85 69.83 -1.17 27.91
C LEU M 85 70.76 -1.50 29.06
N ARG M 86 70.36 -2.50 29.84
CA ARG M 86 71.16 -2.99 30.96
C ARG M 86 71.56 -4.43 30.71
N SER M 87 72.52 -4.93 31.48
CA SER M 87 73.01 -6.29 31.26
C SER M 87 71.91 -7.33 31.44
N ASP M 88 70.89 -7.00 32.24
CA ASP M 88 69.81 -7.94 32.51
C ASP M 88 68.72 -7.84 31.46
N ASP M 89 68.96 -7.08 30.41
CA ASP M 89 68.05 -7.02 29.28
C ASP M 89 68.46 -7.99 28.19
N THR M 90 69.50 -8.78 28.45
CA THR M 90 69.87 -9.80 27.49
C THR M 90 68.74 -10.81 27.39
N ALA M 91 68.16 -10.93 26.20
CA ALA M 91 66.98 -11.75 26.03
C ALA M 91 66.65 -11.95 24.57
N VAL M 92 65.80 -12.93 24.31
CA VAL M 92 65.23 -13.10 22.99
C VAL M 92 63.89 -12.37 22.92
N TYR M 93 63.78 -11.47 21.96
CA TYR M 93 62.57 -10.66 21.81
C TYR M 93 61.70 -11.17 20.69
N TYR M 94 60.44 -11.41 21.00
CA TYR M 94 59.49 -11.89 20.02
C TYR M 94 58.44 -10.83 19.73
N CYS M 95 57.96 -10.80 18.50
CA CYS M 95 56.74 -10.08 18.16
C CYS M 95 55.62 -11.11 18.06
N ALA M 96 54.43 -10.72 18.49
CA ALA M 96 53.31 -11.65 18.46
C ALA M 96 52.02 -10.93 18.13
N ARG M 97 51.14 -11.63 17.43
CA ARG M 97 49.89 -11.05 17.00
C ARG M 97 48.75 -11.45 17.93
N ALA M 98 47.86 -10.50 18.20
CA ALA M 98 46.65 -10.74 18.97
C ALA M 98 45.54 -9.83 18.47
N ALA M 99 44.29 -10.25 18.66
CA ALA M 99 43.16 -9.44 18.23
C ALA M 99 43.12 -8.16 19.04
N PRO M 100 42.47 -7.12 18.52
CA PRO M 100 42.20 -5.87 19.19
C PRO M 100 41.18 -6.06 20.29
N PHE M 101 41.10 -5.10 21.20
CA PHE M 101 40.22 -5.20 22.35
C PHE M 101 38.74 -5.25 22.02
N TYR M 102 38.40 -4.98 20.77
CA TYR M 102 36.99 -4.99 20.40
C TYR M 102 36.56 -6.34 19.85
N ASP M 103 37.46 -7.31 19.87
CA ASP M 103 37.11 -8.64 19.40
C ASP M 103 36.12 -9.30 20.35
N PHE M 104 34.98 -9.69 19.79
CA PHE M 104 33.88 -10.24 20.57
C PHE M 104 34.27 -11.48 21.35
N TRP M 105 35.06 -12.34 20.74
CA TRP M 105 35.41 -13.61 21.36
C TRP M 105 36.77 -13.59 22.05
N SER M 106 37.15 -12.41 22.52
CA SER M 106 38.32 -12.24 23.36
C SER M 106 39.61 -12.77 22.75
N GLY M 107 39.80 -12.50 21.46
CA GLY M 107 41.01 -12.93 20.77
C GLY M 107 42.21 -12.09 21.19
N TYR M 108 41.95 -11.07 22.00
CA TYR M 108 43.00 -10.17 22.48
C TYR M 108 43.66 -10.74 23.72
N SER M 109 43.04 -11.74 24.31
CA SER M 109 43.50 -12.29 25.58
C SER M 109 44.68 -13.21 25.40
N TYR M 110 44.99 -13.54 24.15
CA TYR M 110 46.07 -14.46 23.84
C TYR M 110 46.77 -14.09 22.54
N PHE M 111 47.93 -14.67 22.32
CA PHE M 111 48.74 -14.40 21.14
C PHE M 111 48.71 -15.61 20.22
N ASP M 112 48.15 -15.45 19.02
CA ASP M 112 47.97 -16.61 18.15
C ASP M 112 49.12 -16.83 17.18
N TYR M 113 49.87 -15.78 16.88
CA TYR M 113 51.02 -15.91 15.98
C TYR M 113 52.26 -15.26 16.54
N TRP M 114 53.40 -15.91 16.36
CA TRP M 114 54.67 -15.42 16.86
C TRP M 114 55.71 -15.39 15.74
N GLY M 115 56.60 -14.40 15.79
CA GLY M 115 57.71 -14.35 14.87
C GLY M 115 58.88 -15.13 15.44
N GLN M 116 59.98 -15.20 14.69
CA GLN M 116 61.16 -15.89 15.20
C GLN M 116 61.82 -14.97 16.20
N GLY M 117 62.33 -15.53 17.27
CA GLY M 117 62.90 -14.70 18.32
C GLY M 117 64.15 -13.99 17.83
N THR M 118 64.33 -12.76 18.30
CA THR M 118 65.52 -11.98 17.97
C THR M 118 66.36 -11.77 19.22
N LEU M 119 67.56 -12.32 19.22
CA LEU M 119 68.42 -12.23 20.38
C LEU M 119 69.11 -10.88 20.46
N VAL M 120 68.98 -10.24 21.62
CA VAL M 120 69.71 -9.01 21.90
C VAL M 120 70.63 -9.23 23.09
N THR M 121 71.92 -9.01 22.88
CA THR M 121 72.92 -9.21 23.92
C THR M 121 73.40 -7.87 24.46
N VAL M 122 73.44 -7.73 25.80
CA VAL M 122 73.86 -6.49 26.44
C VAL M 122 74.89 -6.79 27.53
N GLU N 1 -6.90 -18.01 -93.64
CA GLU N 1 -5.59 -18.17 -94.28
C GLU N 1 -4.48 -17.60 -93.38
N VAL N 2 -3.60 -18.49 -92.89
CA VAL N 2 -2.49 -18.13 -92.02
C VAL N 2 -1.23 -17.87 -92.83
N GLN N 3 -0.62 -16.71 -92.60
CA GLN N 3 0.59 -16.34 -93.32
C GLN N 3 1.69 -15.84 -92.39
N LEU N 4 2.92 -16.17 -92.75
CA LEU N 4 4.11 -15.65 -92.10
C LEU N 4 5.08 -15.14 -93.15
N VAL N 5 5.50 -13.89 -93.02
CA VAL N 5 6.34 -13.29 -94.05
C VAL N 5 7.68 -12.81 -93.51
N GLU N 6 8.75 -13.52 -93.88
CA GLU N 6 10.08 -13.13 -93.47
C GLU N 6 10.61 -11.99 -94.32
N SER N 7 11.44 -11.15 -93.72
CA SER N 7 12.11 -10.09 -94.45
C SER N 7 13.38 -9.67 -93.72
N GLY N 8 14.21 -8.87 -94.38
CA GLY N 8 15.42 -8.36 -93.75
C GLY N 8 16.63 -9.24 -94.03
N GLY N 9 16.51 -10.17 -94.98
CA GLY N 9 17.62 -11.03 -95.34
C GLY N 9 18.56 -10.28 -96.26
N GLY N 10 19.53 -10.99 -96.84
CA GLY N 10 20.49 -10.34 -97.71
C GLY N 10 21.92 -10.79 -97.44
N LEU N 11 22.86 -10.12 -98.11
CA LEU N 11 24.28 -10.44 -98.01
C LEU N 11 25.01 -9.48 -97.07
N VAL N 12 25.68 -10.03 -96.08
CA VAL N 12 26.42 -9.25 -95.11
C VAL N 12 27.84 -9.78 -94.94
N ASN N 13 28.72 -8.96 -94.36
CA ASN N 13 30.07 -9.40 -94.06
C ASN N 13 30.11 -10.16 -92.74
N PRO N 14 31.06 -11.07 -92.56
CA PRO N 14 31.41 -11.71 -91.31
C PRO N 14 31.78 -10.67 -90.27
N GLY N 15 31.36 -10.92 -89.03
CA GLY N 15 31.68 -10.01 -87.94
C GLY N 15 30.65 -8.88 -87.83
N GLY N 16 29.71 -8.84 -88.75
CA GLY N 16 28.70 -7.80 -88.75
C GLY N 16 27.44 -8.24 -88.01
N SER N 17 26.32 -7.64 -88.36
CA SER N 17 25.05 -7.95 -87.72
C SER N 17 23.90 -7.77 -88.71
N LEU N 18 22.79 -8.44 -88.44
CA LEU N 18 21.62 -8.35 -89.31
C LEU N 18 20.34 -8.61 -88.52
N ARG N 19 19.33 -7.76 -88.74
CA ARG N 19 18.03 -7.96 -88.10
C ARG N 19 17.03 -8.55 -89.08
N LEU N 20 16.44 -9.68 -88.71
CA LEU N 20 15.40 -10.29 -89.51
C LEU N 20 14.04 -10.00 -88.92
N SER N 21 13.03 -9.94 -89.77
CA SER N 21 11.66 -9.72 -89.33
C SER N 21 10.75 -10.82 -89.86
N CYS N 22 9.62 -11.04 -89.18
CA CYS N 22 8.56 -11.93 -89.63
C CYS N 22 7.19 -11.35 -89.29
N ALA N 23 6.48 -10.93 -90.34
CA ALA N 23 5.14 -10.38 -90.15
C ALA N 23 4.14 -11.52 -90.05
N ALA N 24 3.11 -11.34 -89.23
CA ALA N 24 2.11 -12.39 -89.07
C ALA N 24 0.71 -11.89 -89.37
N SER N 25 -0.09 -12.77 -89.98
CA SER N 25 -1.50 -12.48 -90.20
C SER N 25 -2.31 -13.76 -90.32
N GLY N 26 -3.63 -13.64 -90.13
CA GLY N 26 -4.54 -14.76 -90.31
C GLY N 26 -4.83 -15.49 -88.99
N PHE N 27 -4.15 -15.07 -87.93
CA PHE N 27 -4.33 -15.69 -86.62
C PHE N 27 -3.99 -14.69 -85.54
N THR N 28 -4.32 -15.03 -84.29
CA THR N 28 -3.98 -14.14 -83.20
C THR N 28 -2.52 -14.33 -82.81
N PHE N 29 -1.70 -13.36 -83.17
CA PHE N 29 -0.26 -13.40 -82.97
C PHE N 29 0.07 -13.64 -81.51
N SER N 30 -0.63 -12.92 -80.64
CA SER N 30 -0.36 -12.92 -79.21
C SER N 30 -0.75 -14.22 -78.52
N ASP N 31 -1.36 -15.15 -79.25
CA ASP N 31 -1.75 -16.42 -78.64
C ASP N 31 -0.76 -17.54 -78.93
N TYR N 32 0.22 -17.29 -79.78
CA TYR N 32 1.11 -18.37 -80.21
C TYR N 32 2.59 -18.07 -80.03
N THR N 33 3.33 -19.15 -79.76
CA THR N 33 4.79 -19.14 -79.73
C THR N 33 5.32 -19.24 -81.15
N ILE N 34 6.34 -18.45 -81.46
CA ILE N 34 6.91 -18.47 -82.81
C ILE N 34 8.40 -18.78 -82.77
N HIS N 35 8.80 -19.73 -83.61
CA HIS N 35 10.17 -20.21 -83.64
C HIS N 35 10.91 -19.78 -84.90
N TRP N 36 12.22 -19.67 -84.79
CA TRP N 36 13.07 -19.53 -85.95
C TRP N 36 13.86 -20.81 -86.19
N VAL N 37 13.87 -21.24 -87.44
CA VAL N 37 14.59 -22.44 -87.87
C VAL N 37 15.42 -22.07 -89.09
N ARG N 38 16.66 -22.55 -89.14
CA ARG N 38 17.49 -22.21 -90.28
C ARG N 38 17.95 -23.43 -91.04
N GLN N 39 18.10 -23.29 -92.35
CA GLN N 39 18.56 -24.38 -93.19
C GLN N 39 19.74 -23.99 -94.05
N ALA N 40 20.92 -24.49 -93.72
CA ALA N 40 22.10 -24.20 -94.51
C ALA N 40 21.94 -24.86 -95.87
N PRO N 41 22.49 -24.29 -96.95
CA PRO N 41 22.45 -24.83 -98.29
C PRO N 41 22.94 -26.27 -98.31
N GLY N 42 22.10 -27.16 -98.83
CA GLY N 42 22.46 -28.57 -98.95
C GLY N 42 22.30 -29.34 -97.65
N LYS N 43 21.81 -28.67 -96.61
CA LYS N 43 21.67 -29.29 -95.30
C LYS N 43 20.22 -29.38 -94.86
N GLY N 44 20.00 -29.96 -93.69
CA GLY N 44 18.67 -30.12 -93.14
C GLY N 44 18.28 -28.94 -92.27
N LEU N 45 17.22 -29.12 -91.49
CA LEU N 45 16.70 -28.05 -90.66
C LEU N 45 17.40 -28.01 -89.32
N GLU N 46 17.71 -26.80 -88.84
CA GLU N 46 18.28 -26.63 -87.50
C GLU N 46 17.51 -25.58 -86.73
N TRP N 47 17.06 -25.94 -85.53
CA TRP N 47 16.30 -25.02 -84.71
C TRP N 47 17.22 -23.93 -84.17
N VAL N 48 16.78 -22.68 -84.23
CA VAL N 48 17.61 -21.56 -83.81
C VAL N 48 17.18 -20.98 -82.47
N SER N 49 15.92 -20.56 -82.39
CA SER N 49 15.43 -19.91 -81.19
C SER N 49 13.92 -19.88 -81.16
N SER N 50 13.36 -19.53 -80.01
CA SER N 50 11.92 -19.39 -79.88
C SER N 50 11.55 -18.34 -78.86
N ILE N 51 10.42 -17.68 -79.09
CA ILE N 51 9.89 -16.74 -78.12
C ILE N 51 8.42 -17.02 -77.86
N SER N 52 8.06 -17.17 -76.59
CA SER N 52 6.69 -17.49 -76.21
C SER N 52 5.77 -16.28 -76.36
N SER N 53 4.47 -16.52 -76.28
CA SER N 53 3.48 -15.48 -76.53
C SER N 53 3.63 -14.28 -75.60
N SER N 54 4.04 -14.54 -74.36
CA SER N 54 4.23 -13.47 -73.38
C SER N 54 5.63 -12.89 -73.42
N SER N 55 6.49 -13.48 -74.24
CA SER N 55 7.90 -13.12 -74.34
C SER N 55 8.67 -13.42 -73.05
N ASN N 56 8.02 -14.08 -72.11
CA ASN N 56 8.69 -14.41 -70.84
C ASN N 56 9.58 -15.63 -70.99
N TYR N 57 9.22 -16.53 -71.90
CA TYR N 57 10.00 -17.74 -72.09
C TYR N 57 10.71 -17.73 -73.42
N ILE N 58 12.03 -17.57 -73.37
CA ILE N 58 12.85 -17.49 -74.58
C ILE N 58 13.94 -18.54 -74.56
N TYR N 59 14.09 -19.23 -75.68
CA TYR N 59 15.09 -20.28 -75.79
C TYR N 59 15.99 -20.06 -76.99
N TYR N 60 17.25 -20.45 -76.86
CA TYR N 60 18.19 -20.37 -77.97
C TYR N 60 18.97 -21.67 -78.11
N ALA N 61 19.29 -22.03 -79.34
CA ALA N 61 20.21 -23.12 -79.59
C ALA N 61 21.58 -22.72 -79.08
N ASP N 62 22.35 -23.69 -78.60
CA ASP N 62 23.66 -23.41 -78.05
C ASP N 62 24.57 -22.74 -79.06
N SER N 63 24.37 -23.08 -80.32
CA SER N 63 25.18 -22.56 -81.41
C SER N 63 24.97 -21.07 -81.67
N VAL N 64 23.85 -20.52 -81.19
CA VAL N 64 23.57 -19.10 -81.39
C VAL N 64 23.37 -18.37 -80.07
N LYS N 65 23.22 -19.13 -78.99
CA LYS N 65 23.00 -18.54 -77.69
C LYS N 65 24.14 -17.61 -77.32
N GLY N 66 23.80 -16.40 -76.90
CA GLY N 66 24.80 -15.41 -76.53
C GLY N 66 25.08 -14.42 -77.65
N ARG N 67 24.63 -14.74 -78.87
CA ARG N 67 24.83 -13.87 -80.01
C ARG N 67 23.52 -13.35 -80.55
N PHE N 68 22.49 -14.21 -80.55
CA PHE N 68 21.20 -13.84 -81.09
C PHE N 68 20.27 -13.31 -79.99
N THR N 69 19.46 -12.32 -80.35
CA THR N 69 18.41 -11.83 -79.46
C THR N 69 17.06 -11.83 -80.15
N ILE N 70 16.06 -12.43 -79.52
CA ILE N 70 14.74 -12.50 -80.13
C ILE N 70 13.73 -11.67 -79.34
N SER N 71 12.90 -10.93 -80.06
CA SER N 71 11.88 -10.11 -79.42
C SER N 71 10.65 -9.98 -80.31
N ARG N 72 9.49 -9.75 -79.72
CA ARG N 72 8.26 -9.64 -80.48
C ARG N 72 7.42 -8.46 -80.03
N ASP N 73 6.65 -7.92 -80.96
CA ASP N 73 5.69 -6.86 -80.66
C ASP N 73 4.27 -7.36 -80.94
N ASN N 74 3.52 -7.60 -79.88
CA ASN N 74 2.21 -8.20 -80.02
C ASN N 74 1.15 -7.20 -80.48
N ALA N 75 1.53 -5.93 -80.53
CA ALA N 75 0.62 -4.90 -80.99
C ALA N 75 0.72 -4.74 -82.51
N LYS N 76 1.94 -4.97 -83.01
CA LYS N 76 2.22 -4.82 -84.43
C LYS N 76 2.10 -6.14 -85.17
N ASN N 77 1.87 -7.22 -84.44
CA ASN N 77 1.86 -8.56 -85.01
C ASN N 77 3.14 -8.82 -85.79
N SER N 78 4.27 -8.52 -85.16
CA SER N 78 5.56 -8.65 -85.82
C SER N 78 6.66 -9.18 -84.92
N LEU N 79 7.39 -10.18 -85.42
CA LEU N 79 8.50 -10.81 -84.71
C LEU N 79 9.84 -10.38 -85.29
N SER N 80 10.82 -10.09 -84.43
CA SER N 80 12.16 -9.75 -84.91
C SER N 80 13.24 -10.64 -84.30
N LEU N 81 14.29 -10.88 -85.08
CA LEU N 81 15.47 -11.62 -84.61
C LEU N 81 16.74 -10.85 -84.93
N GLN N 82 17.48 -10.48 -83.90
CA GLN N 82 18.72 -9.72 -84.07
C GLN N 82 19.92 -10.64 -83.98
N MET N 83 20.67 -10.75 -85.06
CA MET N 83 21.85 -11.61 -85.10
C MET N 83 23.13 -10.79 -85.06
N ASN N 84 23.84 -10.85 -83.94
CA ASN N 84 25.07 -10.08 -83.78
C ASN N 84 26.28 -10.99 -83.93
N SER N 85 27.43 -10.40 -84.26
CA SER N 85 28.66 -11.17 -84.37
C SER N 85 28.45 -12.45 -85.17
N LEU N 86 27.88 -12.29 -86.36
CA LEU N 86 27.59 -13.43 -87.22
C LEU N 86 28.81 -13.88 -88.00
N ARG N 87 28.79 -15.12 -88.44
CA ARG N 87 29.93 -15.73 -89.13
C ARG N 87 29.52 -16.46 -90.40
N ALA N 88 30.50 -16.89 -91.18
CA ALA N 88 30.23 -17.62 -92.42
C ALA N 88 29.40 -18.87 -92.15
N GLU N 89 29.60 -19.47 -90.98
CA GLU N 89 28.89 -20.67 -90.58
C GLU N 89 27.39 -20.46 -90.40
N ASP N 90 26.97 -19.20 -90.35
CA ASP N 90 25.57 -18.88 -90.12
C ASP N 90 24.80 -18.71 -91.41
N THR N 91 25.44 -18.97 -92.55
CA THR N 91 24.72 -18.88 -93.82
C THR N 91 23.62 -19.93 -93.89
N ALA N 92 22.41 -19.48 -94.10
CA ALA N 92 21.25 -20.37 -94.11
C ALA N 92 20.00 -19.63 -94.55
N VAL N 93 18.98 -20.38 -94.91
CA VAL N 93 17.65 -19.79 -95.08
C VAL N 93 16.94 -19.80 -93.74
N TYR N 94 16.54 -18.62 -93.29
CA TYR N 94 15.89 -18.48 -92.00
C TYR N 94 14.38 -18.43 -92.14
N TYR N 95 13.72 -19.39 -91.52
CA TYR N 95 12.28 -19.48 -91.53
C TYR N 95 11.73 -19.09 -90.17
N CYS N 96 10.57 -18.44 -90.16
CA CYS N 96 9.77 -18.31 -88.95
C CYS N 96 8.63 -19.30 -89.03
N ALA N 97 8.27 -19.91 -87.90
CA ALA N 97 7.21 -20.89 -87.90
C ALA N 97 6.33 -20.78 -86.68
N ARG N 98 5.05 -21.04 -86.88
CA ARG N 98 4.06 -20.97 -85.82
C ARG N 98 3.93 -22.29 -85.09
N ASP N 99 4.15 -22.24 -83.79
CA ASP N 99 4.04 -23.40 -82.92
C ASP N 99 2.58 -23.85 -82.89
N GLY N 100 2.35 -25.10 -83.23
CA GLY N 100 1.00 -25.63 -83.32
C GLY N 100 0.40 -25.88 -81.95
N ASN N 101 1.23 -25.83 -80.92
CA ASN N 101 0.77 -26.07 -79.57
C ASN N 101 0.27 -24.77 -78.95
N ALA N 102 -1.06 -24.61 -78.91
CA ALA N 102 -1.66 -23.39 -78.42
C ALA N 102 -1.74 -23.39 -76.91
N TYR N 103 -1.31 -24.47 -76.29
CA TYR N 103 -1.41 -24.62 -74.85
C TYR N 103 -0.06 -24.98 -74.25
N LYS N 104 0.81 -23.97 -74.18
CA LYS N 104 2.18 -24.18 -73.74
C LYS N 104 2.23 -24.24 -72.23
N TRP N 105 1.09 -23.95 -71.61
CA TRP N 105 0.97 -24.04 -70.17
C TRP N 105 0.70 -25.47 -69.73
N LEU N 106 0.43 -26.34 -70.70
CA LEU N 106 0.15 -27.73 -70.41
C LEU N 106 1.38 -28.57 -70.73
N LEU N 107 1.92 -28.38 -71.93
CA LEU N 107 3.13 -29.10 -72.35
C LEU N 107 4.08 -28.16 -73.08
N ALA N 108 4.81 -27.35 -72.32
CA ALA N 108 5.65 -26.32 -72.92
C ALA N 108 6.69 -26.94 -73.85
N GLU N 109 7.18 -28.12 -73.48
CA GLU N 109 8.23 -28.80 -74.23
C GLU N 109 7.72 -29.46 -75.52
N ASN N 110 6.41 -29.55 -75.69
CA ASN N 110 5.86 -30.21 -76.86
C ASN N 110 5.73 -29.24 -78.03
N VAL N 111 6.65 -29.32 -78.98
CA VAL N 111 6.72 -28.36 -80.07
C VAL N 111 6.50 -28.98 -81.44
N ARG N 112 5.58 -28.39 -82.19
CA ARG N 112 5.34 -28.75 -83.58
C ARG N 112 5.15 -27.47 -84.38
N PHE N 113 5.43 -27.52 -85.67
CA PHE N 113 5.37 -26.31 -86.48
C PHE N 113 4.29 -26.40 -87.55
N ASP N 114 3.13 -25.84 -87.26
CA ASP N 114 1.98 -25.97 -88.15
C ASP N 114 2.12 -25.11 -89.38
N TYR N 115 2.67 -23.91 -89.21
CA TYR N 115 2.79 -22.99 -90.34
C TYR N 115 4.20 -22.46 -90.47
N TRP N 116 4.67 -22.40 -91.70
CA TRP N 116 6.00 -21.88 -92.00
C TRP N 116 5.91 -20.73 -92.99
N GLY N 117 6.81 -19.77 -92.85
CA GLY N 117 6.91 -18.71 -93.84
C GLY N 117 7.72 -19.20 -95.04
N GLN N 118 7.92 -18.34 -96.02
CA GLN N 118 8.67 -18.71 -97.21
C GLN N 118 10.15 -18.90 -96.90
N GLY N 119 10.66 -18.09 -95.98
CA GLY N 119 12.06 -18.16 -95.58
C GLY N 119 12.88 -17.08 -96.28
N THR N 120 13.80 -16.47 -95.52
CA THR N 120 14.65 -15.43 -96.08
C THR N 120 16.11 -15.85 -96.01
N LEU N 121 16.83 -15.71 -97.11
CA LEU N 121 18.22 -16.16 -97.16
C LEU N 121 19.17 -15.13 -96.58
N VAL N 122 20.02 -15.61 -95.66
CA VAL N 122 21.08 -14.79 -95.11
C VAL N 122 22.43 -15.37 -95.47
N THR N 123 23.25 -14.58 -96.15
CA THR N 123 24.57 -15.04 -96.58
C THR N 123 25.65 -14.21 -95.92
N VAL N 124 26.62 -14.90 -95.32
CA VAL N 124 27.70 -14.21 -94.64
C VAL N 124 29.03 -14.49 -95.33
N SER N 125 29.51 -13.52 -96.09
CA SER N 125 30.70 -13.72 -96.92
C SER N 125 31.21 -12.38 -97.46
N SER N 126 32.39 -12.39 -98.07
CA SER N 126 32.97 -11.20 -98.69
C SER N 126 33.99 -11.60 -99.74
N VAL O 1 19.43 -37.44 -83.28
CA VAL O 1 18.42 -38.17 -84.04
C VAL O 1 19.01 -38.64 -85.37
N THR O 2 19.06 -39.96 -85.56
CA THR O 2 19.62 -40.59 -86.75
C THR O 2 18.52 -41.02 -87.72
N GLN O 3 18.69 -40.64 -88.99
CA GLN O 3 17.77 -41.03 -90.04
C GLN O 3 18.54 -41.66 -91.20
N PRO O 4 17.91 -42.53 -91.98
CA PRO O 4 18.37 -43.05 -93.26
C PRO O 4 18.65 -41.90 -94.22
N ALA O 5 19.67 -42.05 -95.04
CA ALA O 5 19.98 -41.01 -96.02
C ALA O 5 18.85 -40.89 -97.03
N SER O 6 18.27 -42.02 -97.40
CA SER O 6 17.19 -42.04 -98.37
C SER O 6 16.40 -43.34 -98.29
N VAL O 7 15.18 -43.29 -98.82
CA VAL O 7 14.34 -44.48 -98.98
C VAL O 7 13.72 -44.50 -100.36
N SER O 8 13.36 -45.68 -100.83
CA SER O 8 12.75 -45.80 -102.15
C SER O 8 11.88 -47.05 -102.24
N GLY O 9 11.08 -47.11 -103.30
CA GLY O 9 10.23 -48.27 -103.56
C GLY O 9 9.26 -47.98 -104.70
N SER O 10 8.56 -49.01 -105.14
CA SER O 10 7.60 -48.85 -106.23
C SER O 10 6.40 -48.05 -105.77
N PRO O 11 5.73 -47.34 -106.68
CA PRO O 11 4.46 -46.69 -106.48
C PRO O 11 3.43 -47.67 -105.95
N GLY O 12 2.64 -47.24 -104.98
CA GLY O 12 1.61 -48.08 -104.38
C GLY O 12 2.12 -48.84 -103.15
N GLN O 13 3.44 -48.83 -102.93
CA GLN O 13 4.04 -49.56 -101.81
C GLN O 13 4.13 -48.72 -100.55
N SER O 14 4.28 -49.40 -99.42
CA SER O 14 4.41 -48.74 -98.13
C SER O 14 5.87 -48.61 -97.70
N ILE O 15 6.32 -47.38 -97.51
CA ILE O 15 7.70 -47.12 -97.12
C ILE O 15 7.79 -46.58 -95.71
N THR O 16 8.68 -47.16 -94.91
CA THR O 16 8.85 -46.72 -93.52
C THR O 16 10.16 -45.99 -93.32
N ILE O 17 10.07 -44.77 -92.81
CA ILE O 17 11.25 -43.97 -92.48
C ILE O 17 11.41 -43.93 -90.97
N SER O 18 12.59 -44.29 -90.48
CA SER O 18 12.80 -44.37 -89.04
C SER O 18 13.72 -43.27 -88.51
N CYS O 19 13.49 -42.89 -87.25
CA CYS O 19 14.31 -41.92 -86.53
C CYS O 19 14.76 -42.48 -85.18
N THR O 20 16.04 -42.78 -85.07
CA THR O 20 16.56 -43.37 -83.85
C THR O 20 17.23 -42.34 -82.97
N GLY O 21 16.74 -42.21 -81.75
CA GLY O 21 17.33 -41.30 -80.78
C GLY O 21 17.66 -42.05 -79.50
N THR O 22 17.51 -41.37 -78.37
CA THR O 22 17.77 -41.96 -77.06
C THR O 22 16.61 -41.69 -76.11
N SER O 23 16.78 -42.09 -74.86
CA SER O 23 15.70 -41.98 -73.88
C SER O 23 15.32 -40.53 -73.59
N SER O 24 16.31 -39.64 -73.71
CA SER O 24 16.12 -38.21 -73.45
C SER O 24 15.52 -37.48 -74.64
N ASP O 25 15.34 -38.19 -75.76
CA ASP O 25 14.90 -37.55 -76.99
C ASP O 25 13.62 -38.17 -77.52
N VAL O 26 13.65 -39.48 -77.75
CA VAL O 26 12.53 -40.18 -78.36
C VAL O 26 11.80 -41.05 -77.35
N GLY O 27 12.56 -41.74 -76.51
CA GLY O 27 12.00 -42.72 -75.59
C GLY O 27 10.95 -42.12 -74.65
N GLY O 28 11.36 -41.17 -73.82
CA GLY O 28 10.49 -40.63 -72.78
C GLY O 28 9.68 -39.41 -73.22
N TYR O 29 9.85 -38.99 -74.48
CA TYR O 29 9.17 -37.80 -74.96
C TYR O 29 8.41 -38.05 -76.26
N ASN O 30 7.13 -38.40 -76.14
CA ASN O 30 6.31 -38.72 -77.29
C ASN O 30 5.82 -37.46 -77.98
N TYR O 31 6.75 -36.61 -78.38
CA TYR O 31 6.45 -35.35 -79.04
C TYR O 31 7.07 -35.33 -80.43
N VAL O 32 7.28 -36.50 -80.98
CA VAL O 32 7.95 -36.62 -82.27
C VAL O 32 7.05 -36.14 -83.40
N SER O 33 7.60 -35.30 -84.26
CA SER O 33 6.85 -34.80 -85.39
C SER O 33 7.62 -35.00 -86.69
N TRP O 34 6.88 -35.05 -87.79
CA TRP O 34 7.48 -35.24 -89.11
C TRP O 34 7.11 -34.11 -90.05
N TYR O 35 8.08 -33.69 -90.87
CA TYR O 35 7.85 -32.63 -91.84
C TYR O 35 8.22 -33.06 -93.25
N GLN O 36 7.47 -32.58 -94.22
CA GLN O 36 7.74 -32.84 -95.63
C GLN O 36 8.23 -31.59 -96.34
N GLN O 37 9.44 -31.65 -96.88
CA GLN O 37 9.98 -30.49 -97.59
C GLN O 37 10.20 -30.75 -99.06
N HIS O 38 9.55 -29.95 -99.90
CA HIS O 38 9.76 -30.01 -101.33
C HIS O 38 10.87 -29.03 -101.69
N PRO O 39 11.64 -29.30 -102.74
CA PRO O 39 12.72 -28.46 -103.23
C PRO O 39 12.27 -27.03 -103.44
N GLY O 40 12.97 -26.10 -102.81
CA GLY O 40 12.70 -24.67 -102.97
C GLY O 40 11.54 -24.18 -102.10
N LYS O 41 10.96 -25.08 -101.30
CA LYS O 41 9.80 -24.73 -100.50
C LYS O 41 10.05 -24.92 -99.00
N ALA O 42 9.29 -24.19 -98.18
CA ALA O 42 9.30 -24.41 -96.75
C ALA O 42 8.65 -25.75 -96.44
N PRO O 43 9.09 -26.44 -95.39
CA PRO O 43 8.57 -27.71 -94.92
C PRO O 43 7.18 -27.55 -94.33
N LYS O 44 6.39 -28.61 -94.37
CA LYS O 44 5.08 -28.62 -93.74
C LYS O 44 4.91 -29.80 -92.81
N LEU O 45 4.11 -29.61 -91.77
CA LEU O 45 3.87 -30.66 -90.78
C LEU O 45 2.98 -31.76 -91.34
N MET O 46 3.44 -33.01 -91.18
CA MET O 46 2.68 -34.16 -91.65
C MET O 46 2.12 -34.96 -90.48
N ILE O 47 2.94 -35.13 -89.45
CA ILE O 47 2.58 -35.89 -88.25
C ILE O 47 3.12 -35.19 -87.01
N TYR O 48 2.36 -35.25 -85.92
CA TYR O 48 2.81 -34.71 -84.65
C TYR O 48 2.38 -35.60 -83.48
N ASP O 49 3.01 -35.44 -82.34
CA ASP O 49 2.70 -36.28 -81.19
C ASP O 49 2.78 -37.75 -81.59
N VAL O 50 3.81 -38.09 -82.36
CA VAL O 50 4.09 -39.43 -82.83
C VAL O 50 3.15 -39.91 -83.94
N SER O 51 1.85 -39.88 -83.70
CA SER O 51 0.92 -40.48 -84.66
C SER O 51 -0.25 -39.57 -85.08
N ASP O 52 -0.33 -38.37 -84.55
CA ASP O 52 -1.47 -37.50 -84.87
C ASP O 52 -1.28 -36.76 -86.19
N ARG O 53 -2.34 -36.73 -86.98
CA ARG O 53 -2.29 -36.10 -88.30
C ARG O 53 -3.05 -34.76 -88.30
N PRO O 54 -2.43 -33.68 -88.79
CA PRO O 54 -3.01 -32.37 -89.04
C PRO O 54 -4.10 -32.45 -90.10
N SER O 55 -5.10 -31.58 -90.00
CA SER O 55 -6.10 -31.51 -91.03
C SER O 55 -5.47 -31.03 -92.33
N GLY O 56 -5.90 -31.61 -93.44
CA GLY O 56 -5.37 -31.25 -94.76
C GLY O 56 -4.32 -32.25 -95.22
N VAL O 57 -3.85 -33.09 -94.30
CA VAL O 57 -2.87 -34.12 -94.61
C VAL O 57 -3.60 -35.42 -94.94
N SER O 58 -3.18 -36.07 -96.02
CA SER O 58 -3.84 -37.30 -96.45
C SER O 58 -3.64 -38.43 -95.45
N ASN O 59 -4.61 -39.35 -95.43
CA ASN O 59 -4.63 -40.43 -94.45
C ASN O 59 -3.66 -41.54 -94.78
N ARG O 60 -2.88 -41.34 -95.83
CA ARG O 60 -1.85 -42.29 -96.20
C ARG O 60 -0.61 -42.14 -95.33
N PHE O 61 -0.58 -41.06 -94.56
CA PHE O 61 0.55 -40.79 -93.67
C PHE O 61 0.20 -41.09 -92.23
N SER O 62 0.94 -42.00 -91.61
CA SER O 62 0.73 -42.33 -90.21
C SER O 62 2.06 -42.61 -89.53
N GLY O 63 2.20 -42.16 -88.29
CA GLY O 63 3.43 -42.39 -87.56
C GLY O 63 3.25 -43.40 -86.44
N SER O 64 4.36 -43.82 -85.86
CA SER O 64 4.36 -44.76 -84.74
C SER O 64 5.66 -44.65 -83.97
N LYS O 65 5.72 -45.27 -82.79
CA LYS O 65 6.93 -45.27 -82.00
C LYS O 65 7.12 -46.57 -81.24
N SER O 66 8.35 -47.07 -81.25
CA SER O 66 8.71 -48.27 -80.50
C SER O 66 10.07 -48.10 -79.83
N GLY O 67 10.07 -48.04 -78.51
CA GLY O 67 11.31 -47.82 -77.77
C GLY O 67 11.87 -46.44 -78.08
N ASN O 68 13.12 -46.39 -78.52
CA ASN O 68 13.79 -45.13 -78.82
C ASN O 68 13.78 -44.81 -80.30
N THR O 69 13.02 -45.57 -81.09
CA THR O 69 12.95 -45.31 -82.51
C THR O 69 11.52 -45.00 -82.96
N ALA O 70 11.36 -43.85 -83.59
CA ALA O 70 10.07 -43.44 -84.14
C ALA O 70 10.05 -43.72 -85.63
N SER O 71 8.88 -43.80 -86.22
CA SER O 71 8.83 -44.02 -87.66
C SER O 71 7.62 -43.40 -88.33
N LEU O 72 7.77 -43.14 -89.62
CA LEU O 72 6.68 -42.66 -90.46
C LEU O 72 6.43 -43.63 -91.58
N THR O 73 5.19 -44.09 -91.70
CA THR O 73 4.84 -45.01 -92.76
C THR O 73 3.98 -44.31 -93.80
N ILE O 74 4.41 -44.37 -95.05
CA ILE O 74 3.67 -43.74 -96.13
C ILE O 74 3.07 -44.80 -97.04
N SER O 75 1.77 -44.98 -96.95
CA SER O 75 1.08 -46.03 -97.71
C SER O 75 0.65 -45.52 -99.06
N GLY O 76 0.57 -46.40 -100.04
CA GLY O 76 0.07 -46.03 -101.35
C GLY O 76 0.99 -45.00 -102.00
N LEU O 77 2.29 -45.19 -101.84
CA LEU O 77 3.27 -44.22 -102.33
C LEU O 77 2.85 -43.61 -103.66
N GLN O 78 2.84 -42.28 -103.70
CA GLN O 78 2.53 -41.53 -104.91
C GLN O 78 3.78 -40.82 -105.42
N ALA O 79 3.79 -40.49 -106.71
CA ALA O 79 4.91 -39.75 -107.29
C ALA O 79 5.10 -38.41 -106.60
N GLU O 80 4.01 -37.79 -106.19
CA GLU O 80 4.04 -36.48 -105.56
C GLU O 80 4.60 -36.52 -104.15
N ASP O 81 4.83 -37.72 -103.63
CA ASP O 81 5.34 -37.86 -102.27
C ASP O 81 6.83 -37.56 -102.17
N GLU O 82 7.54 -37.67 -103.30
CA GLU O 82 8.98 -37.50 -103.23
C GLU O 82 9.32 -36.17 -102.56
N ALA O 83 10.12 -36.25 -101.52
CA ALA O 83 10.45 -35.10 -100.69
C ALA O 83 11.50 -35.45 -99.65
N ASP O 84 12.04 -34.45 -98.98
CA ASP O 84 12.92 -34.69 -97.84
C ASP O 84 12.13 -34.66 -96.55
N TYR O 85 12.09 -35.79 -95.85
CA TYR O 85 11.32 -35.90 -94.62
C TYR O 85 12.20 -35.77 -93.39
N TYR O 86 11.80 -34.91 -92.47
CA TYR O 86 12.59 -34.68 -91.27
C TYR O 86 11.80 -35.02 -90.02
N CYS O 87 12.50 -35.54 -89.01
CA CYS O 87 11.95 -35.65 -87.66
C CYS O 87 12.28 -34.43 -86.84
N SER O 88 11.47 -34.17 -85.83
CA SER O 88 11.78 -33.17 -84.82
C SER O 88 11.30 -33.65 -83.47
N SER O 89 12.11 -33.43 -82.45
CA SER O 89 11.77 -33.87 -81.10
C SER O 89 12.38 -32.98 -80.03
N TYR O 90 11.84 -33.07 -78.83
CA TYR O 90 12.37 -32.34 -77.69
C TYR O 90 13.47 -33.15 -77.02
N THR O 91 14.60 -32.50 -76.77
CA THR O 91 15.71 -33.18 -76.12
C THR O 91 15.97 -32.59 -74.74
N SER O 92 16.06 -33.47 -73.76
CA SER O 92 16.34 -33.07 -72.38
C SER O 92 17.83 -33.08 -72.10
N SER O 93 18.37 -31.91 -71.81
CA SER O 93 19.80 -31.77 -71.53
C SER O 93 20.01 -30.67 -70.50
N SER O 94 21.25 -30.18 -70.41
CA SER O 94 21.57 -29.13 -69.45
C SER O 94 20.78 -27.86 -69.77
N THR O 95 20.50 -27.68 -71.05
CA THR O 95 19.64 -26.60 -71.52
C THR O 95 18.61 -27.19 -72.49
N PRO O 96 17.32 -27.10 -72.19
CA PRO O 96 16.24 -27.70 -72.93
C PRO O 96 16.16 -27.11 -74.33
N ASN O 97 16.08 -27.97 -75.34
CA ASN O 97 16.05 -27.50 -76.71
C ASN O 97 15.35 -28.50 -77.62
N TRP O 98 15.23 -28.14 -78.89
CA TRP O 98 14.59 -29.00 -79.86
C TRP O 98 15.51 -29.25 -81.03
N VAL O 99 15.46 -30.46 -81.56
CA VAL O 99 16.37 -30.86 -82.62
C VAL O 99 15.64 -31.49 -83.78
N PHE O 100 16.29 -31.49 -84.94
CA PHE O 100 15.78 -32.16 -86.13
C PHE O 100 16.65 -33.34 -86.49
N GLY O 101 16.08 -34.30 -87.20
CA GLY O 101 16.85 -35.43 -87.70
C GLY O 101 17.63 -35.04 -88.94
N GLY O 102 18.48 -35.94 -89.41
CA GLY O 102 19.31 -35.65 -90.58
C GLY O 102 18.48 -35.35 -91.82
N GLY O 103 17.37 -36.05 -91.96
CA GLY O 103 16.49 -35.88 -93.10
C GLY O 103 16.63 -37.03 -94.08
N THR O 104 15.51 -37.66 -94.42
CA THR O 104 15.50 -38.81 -95.31
C THR O 104 14.94 -38.42 -96.67
N LYS O 105 15.71 -38.64 -97.72
CA LYS O 105 15.23 -38.32 -99.05
C LYS O 105 14.39 -39.46 -99.61
N LEU O 106 13.12 -39.17 -99.89
CA LEU O 106 12.23 -40.15 -100.48
C LEU O 106 12.18 -39.98 -101.98
N THR O 107 12.61 -41.02 -102.71
CA THR O 107 12.67 -41.00 -104.17
C THR O 107 11.62 -41.93 -104.76
C1 NAG P . 16.66 -35.36 -21.30
C2 NAG P . 17.22 -36.80 -21.42
C3 NAG P . 16.22 -37.66 -22.20
C4 NAG P . 14.88 -37.65 -21.44
C5 NAG P . 14.40 -36.20 -21.34
C6 NAG P . 13.09 -36.09 -20.58
C7 NAG P . 19.63 -36.76 -21.50
C8 NAG P . 20.94 -36.72 -22.22
N2 NAG P . 18.49 -36.78 -22.17
O3 NAG P . 16.71 -39.00 -22.32
O4 NAG P . 13.94 -38.46 -22.17
O5 NAG P . 15.39 -35.39 -20.63
O6 NAG P . 13.13 -36.81 -19.36
O7 NAG P . 19.61 -36.79 -20.26
C1 NAG P . 13.13 -39.33 -21.26
C2 NAG P . 12.18 -40.23 -22.11
C3 NAG P . 11.32 -41.05 -21.13
C4 NAG P . 12.23 -41.89 -20.21
C5 NAG P . 13.18 -40.93 -19.46
C6 NAG P . 14.13 -41.67 -18.55
C7 NAG P . 11.59 -39.12 -24.18
C8 NAG P . 10.70 -38.24 -25.00
N2 NAG P . 11.30 -39.37 -22.91
O3 NAG P . 10.46 -41.90 -21.88
O4 NAG P . 11.41 -42.57 -19.26
O5 NAG P . 13.96 -40.14 -20.41
O6 NAG P . 15.10 -42.39 -19.28
O7 NAG P . 12.61 -39.61 -24.71
C1 BMA P . 11.41 -44.06 -19.44
C2 BMA P . 10.92 -44.73 -18.12
C3 BMA P . 10.97 -46.26 -18.31
C4 BMA P . 10.08 -46.64 -19.52
C5 BMA P . 10.60 -45.90 -20.78
C6 BMA P . 9.73 -46.19 -21.99
O2 BMA P . 9.59 -44.30 -17.82
O3 BMA P . 10.49 -46.90 -17.12
O4 BMA P . 10.12 -48.05 -19.71
O5 BMA P . 10.59 -44.46 -20.55
O6 BMA P . 10.42 -45.92 -23.20
C1 FUC P . 12.58 -36.02 -18.23
C2 FUC P . 12.28 -36.96 -17.03
C3 FUC P . 13.61 -37.54 -16.54
C4 FUC P . 14.55 -36.39 -16.15
C5 FUC P . 14.77 -35.50 -17.38
C6 FUC P . 15.68 -34.32 -17.09
O2 FUC P . 11.41 -38.01 -17.44
O3 FUC P . 13.36 -38.39 -15.41
O4 FUC P . 13.98 -35.63 -15.08
O5 FUC P . 13.49 -34.98 -17.86
C1 NAG Q . -72.03 12.13 28.30
C2 NAG Q . -73.23 11.97 29.28
C3 NAG Q . -72.75 12.34 30.69
C4 NAG Q . -71.58 11.41 31.09
C5 NAG Q . -70.45 11.57 30.05
C6 NAG Q . -69.28 10.66 30.34
C7 NAG Q . -75.32 12.46 28.17
C8 NAG Q . -76.40 13.41 27.73
N2 NAG Q . -74.29 12.90 28.86
O3 NAG Q . -73.83 12.20 31.62
O4 NAG Q . -71.10 11.80 32.38
O5 NAG Q . -70.96 11.25 28.71
O6 NAG Q . -68.25 10.80 29.36
O7 NAG Q . -75.42 11.26 27.88
C1 NAG Q . -70.99 10.66 33.33
C2 NAG Q . -70.11 11.08 34.54
C3 NAG Q . -69.99 9.86 35.49
C4 NAG Q . -71.40 9.44 35.93
C5 NAG Q . -72.23 9.08 34.69
C6 NAG Q . -73.66 8.70 35.06
C7 NAG Q . -68.32 12.68 34.18
C8 NAG Q . -66.95 13.05 33.68
N2 NAG Q . -68.77 11.44 34.05
O3 NAG Q . -69.21 10.23 36.63
O4 NAG Q . -71.30 8.31 36.80
O5 NAG Q . -72.30 10.22 33.79
O6 NAG Q . -74.31 8.03 33.99
O7 NAG Q . -69.02 13.55 34.72
C1 NAG R . -55.71 20.25 40.57
C2 NAG R . -56.28 20.60 41.98
C3 NAG R . -55.23 20.20 43.04
C4 NAG R . -54.95 18.69 42.92
C5 NAG R . -54.44 18.39 41.50
C6 NAG R . -54.23 16.91 41.27
C7 NAG R . -57.74 22.53 42.07
C8 NAG R . -57.98 24.00 42.15
N2 NAG R . -56.51 22.06 42.06
O3 NAG R . -55.73 20.52 44.35
O4 NAG R . -53.95 18.32 43.88
O5 NAG R . -55.43 18.84 40.51
O6 NAG R . -53.62 16.66 40.00
O7 NAG R . -58.71 21.76 42.03
C1 NAG R . -54.39 17.22 44.79
C2 NAG R . -53.13 16.51 45.39
C3 NAG R . -53.62 15.38 46.31
C4 NAG R . -54.52 15.98 47.41
C5 NAG R . -55.72 16.69 46.75
C6 NAG R . -56.61 17.36 47.79
C7 NAG R . -51.27 16.56 43.82
C8 NAG R . -50.48 15.96 42.72
N2 NAG R . -52.34 15.93 44.30
O3 NAG R . -52.49 14.73 46.90
O4 NAG R . -54.98 14.93 48.26
O5 NAG R . -55.23 17.73 45.84
O6 NAG R . -57.89 17.66 47.24
O7 NAG R . -50.94 17.65 44.30
C1 NAG S . 3.02 -44.95 63.44
C2 NAG S . 4.04 -43.85 62.99
C3 NAG S . 4.75 -44.35 61.70
C4 NAG S . 5.46 -45.68 61.99
C5 NAG S . 4.42 -46.70 62.48
C6 NAG S . 5.04 -48.03 62.84
C7 NAG S . 3.65 -41.47 63.23
C8 NAG S . 2.88 -40.23 62.91
N2 NAG S . 3.30 -42.63 62.69
O3 NAG S . 5.70 -43.36 61.29
O4 NAG S . 6.03 -46.17 60.76
O5 NAG S . 3.73 -46.19 63.68
O6 NAG S . 6.06 -47.89 63.82
O7 NAG S . 4.63 -41.41 63.98
C1 NAG S . 7.53 -46.23 60.79
C2 NAG S . 8.01 -47.17 59.65
C3 NAG S . 9.55 -47.26 59.72
C4 NAG S . 10.13 -45.84 59.58
C5 NAG S . 9.58 -44.95 60.71
C6 NAG S . 10.09 -43.53 60.60
C7 NAG S . 6.51 -48.98 59.05
C8 NAG S . 5.92 -50.34 59.27
N2 NAG S . 7.44 -48.51 59.87
O3 NAG S . 10.03 -48.10 58.66
O4 NAG S . 11.56 -45.91 59.65
O5 NAG S . 8.12 -44.93 60.66
O6 NAG S . 9.83 -42.79 61.79
O7 NAG S . 6.10 -48.29 58.09
C1 NAG T . 2.55 -53.89 33.97
C2 NAG T . 3.87 -54.74 33.88
C3 NAG T . 4.60 -54.36 32.59
C4 NAG T . 3.70 -54.64 31.39
C5 NAG T . 2.43 -53.81 31.56
C6 NAG T . 1.45 -54.04 30.41
C7 NAG T . 4.65 -55.11 36.16
C8 NAG T . 5.47 -56.36 36.26
N2 NAG T . 4.72 -54.44 35.01
O3 NAG T . 5.81 -55.13 32.49
O4 NAG T . 4.37 -54.26 30.19
O5 NAG T . 1.75 -54.15 32.80
O6 NAG T . 1.11 -55.42 30.30
O7 NAG T . 3.96 -54.72 37.10
C1 NAG T . 4.43 -55.37 29.19
C2 NAG T . 5.09 -54.83 27.87
C3 NAG T . 5.10 -55.99 26.85
C4 NAG T . 5.89 -57.18 27.45
C5 NAG T . 5.20 -57.63 28.76
C6 NAG T . 5.94 -58.77 29.42
C7 NAG T . 4.83 -52.60 27.00
C8 NAG T . 3.99 -51.47 26.46
N2 NAG T . 4.27 -53.74 27.35
O3 NAG T . 5.73 -55.54 25.65
O4 NAG T . 5.90 -58.25 26.51
O5 NAG T . 5.16 -56.51 29.70
O6 NAG T . 5.14 -59.39 30.42
O7 NAG T . 6.05 -52.44 27.12
C1 FUC T . -0.32 -55.58 29.89
C2 FUC T . -0.58 -57.08 29.54
C3 FUC T . -0.40 -57.91 30.83
C4 FUC T . -1.36 -57.39 31.91
C5 FUC T . -1.05 -55.90 32.18
C6 FUC T . -1.97 -55.30 33.21
O2 FUC T . 0.33 -57.51 28.55
O3 FUC T . -0.67 -59.29 30.54
O4 FUC T . -2.72 -57.55 31.48
O5 FUC T . -1.19 -55.13 30.94
C1 NAG U . 31.16 -16.82 26.96
C2 NAG U . 32.50 -16.81 27.78
C3 NAG U . 32.17 -16.80 29.27
C4 NAG U . 31.33 -15.55 29.59
C5 NAG U . 30.05 -15.62 28.75
C6 NAG U . 29.17 -14.41 28.97
C7 NAG U . 34.21 -17.97 26.56
C8 NAG U . 35.01 -19.19 26.20
N2 NAG U . 33.26 -18.02 27.46
O3 NAG U . 33.38 -16.79 30.04
O4 NAG U . 31.02 -15.55 30.98
O5 NAG U . 30.38 -15.66 27.32
O6 NAG U . 29.90 -13.19 28.88
O7 NAG U . 34.45 -16.90 25.99
C1 NAG U . 31.18 -14.19 31.59
C2 NAG U . 30.90 -14.26 33.11
C3 NAG U . 31.00 -12.82 33.68
C4 NAG U . 32.39 -12.24 33.37
C5 NAG U . 32.61 -12.26 31.84
C6 NAG U . 33.96 -11.73 31.45
C7 NAG U . 29.35 -16.05 33.62
C8 NAG U . 27.97 -16.56 33.85
N2 NAG U . 29.55 -14.77 33.35
O3 NAG U . 30.78 -12.86 35.08
O4 NAG U . 32.42 -10.87 33.82
O5 NAG U . 32.48 -13.62 31.33
O6 NAG U . 35.01 -12.61 31.82
O7 NAG U . 30.31 -16.83 33.70
C1 BMA U . 33.36 -10.66 34.96
C2 BMA U . 33.69 -9.13 35.06
C3 BMA U . 34.69 -8.94 36.23
C4 BMA U . 34.05 -9.47 37.52
C5 BMA U . 33.71 -10.98 37.35
C6 BMA U . 33.03 -11.54 38.57
O2 BMA U . 32.50 -8.39 35.29
O3 BMA U . 34.99 -7.55 36.36
O4 BMA U . 34.97 -9.30 38.60
O5 BMA U . 32.81 -11.14 36.20
O6 BMA U . 33.13 -12.96 38.60
C1 FUC U . 29.20 -12.18 28.05
C2 FUC U . 29.82 -10.78 28.30
C3 FUC U . 31.28 -10.82 27.80
C4 FUC U . 31.29 -11.19 26.31
C5 FUC U . 30.63 -12.58 26.16
C6 FUC U . 30.58 -13.03 24.71
O2 FUC U . 29.79 -10.48 29.70
O3 FUC U . 31.87 -9.52 28.00
O4 FUC U . 30.59 -10.21 25.55
O5 FUC U . 29.26 -12.53 26.66
C1 NAG V . -55.19 53.67 14.50
C2 NAG V . -55.77 55.09 14.75
C3 NAG V . -55.39 55.99 13.56
C4 NAG V . -53.85 56.04 13.43
C5 NAG V . -53.33 54.60 13.24
C6 NAG V . -51.82 54.55 13.15
C7 NAG V . -57.84 54.96 16.00
C8 NAG V . -59.34 54.83 16.08
N2 NAG V . -57.24 54.97 14.82
O3 NAG V . -55.91 57.31 13.77
O4 NAG V . -53.50 56.83 12.28
O5 NAG V . -53.75 53.76 14.37
O6 NAG V . -51.35 53.21 13.00
O7 NAG V . -57.18 55.06 17.04
C1 NAG V . -52.49 57.88 12.60
C2 NAG V . -51.88 58.42 11.27
C3 NAG V . -50.82 59.48 11.62
C4 NAG V . -51.49 60.60 12.43
C5 NAG V . -52.11 60.00 13.71
C6 NAG V . -52.83 61.05 14.52
C7 NAG V . -51.69 56.90 9.38
C8 NAG V . -51.03 55.76 8.66
N2 NAG V . -51.24 57.30 10.55
O3 NAG V . -50.27 60.01 10.41
O4 NAG V . -50.51 61.58 12.77
O5 NAG V . -53.08 58.97 13.36
O6 NAG V . -53.08 60.60 15.85
O7 NAG V . -52.67 57.46 8.86
C1 NAG W . -46.17 54.75 -5.51
C2 NAG W . -46.54 56.13 -6.15
C3 NAG W . -45.30 56.66 -6.91
C4 NAG W . -44.13 56.82 -5.91
C5 NAG W . -43.85 55.44 -5.28
C6 NAG W . -42.77 55.52 -4.22
C7 NAG W . -48.85 56.38 -6.83
C8 NAG W . -49.97 56.18 -7.80
N2 NAG W . -47.64 55.94 -7.11
O3 NAG W . -45.62 57.92 -7.51
O4 NAG W . -42.97 57.27 -6.62
O5 NAG W . -45.05 54.93 -4.62
O6 NAG W . -42.40 54.23 -3.76
O7 NAG W . -49.06 56.98 -5.76
C1 NAG W . -42.40 58.54 -6.06
C2 NAG W . -40.90 58.66 -6.47
C3 NAG W . -40.34 59.96 -5.86
C4 NAG W . -41.18 61.16 -6.36
C5 NAG W . -42.65 60.95 -5.94
C6 NAG W . -43.54 62.06 -6.45
C7 NAG W . -39.87 56.47 -6.70
C8 NAG W . -39.12 55.31 -6.15
N2 NAG W . -40.15 57.51 -5.94
O3 NAG W . -38.97 60.12 -6.26
O4 NAG W . -40.67 62.35 -5.78
O5 NAG W . -43.15 59.68 -6.49
O6 NAG W . -44.78 62.10 -5.75
O7 NAG W . -40.25 56.45 -7.88
C1 NAG X . 43.84 64.28 0.12
C2 NAG X . 43.79 63.16 -0.96
C3 NAG X . 44.38 61.86 -0.36
C4 NAG X . 45.82 62.13 0.10
C5 NAG X . 45.82 63.27 1.12
C6 NAG X . 47.22 63.63 1.58
C7 NAG X . 41.99 62.94 -2.58
C8 NAG X . 40.55 62.70 -2.92
N2 NAG X . 42.38 62.93 -1.31
O3 NAG X . 44.35 60.84 -1.34
O4 NAG X . 46.32 60.94 0.74
O5 NAG X . 45.21 64.48 0.54
O6 NAG X . 48.06 63.98 0.49
O7 NAG X . 42.81 63.13 -3.48
C1 NAG X . 47.47 60.31 0.01
C2 NAG X . 48.21 59.35 0.98
C3 NAG X . 49.41 58.74 0.23
C4 NAG X . 48.88 57.99 -1.01
C5 NAG X . 48.12 58.99 -1.91
C6 NAG X . 47.53 58.30 -3.13
C7 NAG X . 48.17 59.97 3.33
C8 NAG X . 48.68 60.76 4.50
N2 NAG X . 48.71 60.13 2.13
O3 NAG X . 50.10 57.82 1.09
O4 NAG X . 49.98 57.43 -1.73
O5 NAG X . 47.02 59.60 -1.16
O6 NAG X . 47.09 59.24 -4.10
O7 NAG X . 47.25 59.16 3.51
C1 NAG Y . 43.63 41.53 20.89
C2 NAG Y . 45.13 41.07 20.86
C3 NAG Y . 45.17 39.55 20.83
C4 NAG Y . 44.46 39.00 22.08
C5 NAG Y . 43.01 39.50 22.05
C6 NAG Y . 42.24 39.02 23.26
C7 NAG Y . 46.39 42.77 19.62
C8 NAG Y . 47.82 42.79 20.06
N2 NAG Y . 45.78 41.58 19.67
O3 NAG Y . 46.54 39.10 20.82
O4 NAG Y . 44.47 37.57 22.04
O5 NAG Y . 42.98 40.96 22.04
O6 NAG Y . 42.86 39.43 24.47
O7 NAG Y . 45.81 43.78 19.25
C1 NAG Y . 45.05 36.97 23.27
C2 NAG Y . 44.93 35.42 23.20
C3 NAG Y . 45.49 34.82 24.49
C4 NAG Y . 46.96 35.27 24.66
C5 NAG Y . 47.00 36.82 24.70
C6 NAG Y . 48.41 37.34 24.83
C7 NAG Y . 43.10 34.21 22.14
C8 NAG Y . 41.65 33.85 22.03
N2 NAG Y . 43.50 35.05 23.08
O3 NAG Y . 45.42 33.39 24.43
O4 NAG Y . 47.48 34.73 25.87
O5 NAG Y . 46.42 37.36 23.47
O6 NAG Y . 48.42 38.71 25.19
O7 NAG Y . 43.92 33.72 21.35
C1 FUC Y . 41.84 39.77 25.50
C2 FUC Y . 42.56 39.96 26.88
C3 FUC Y . 43.48 41.19 26.77
C4 FUC Y . 42.65 42.42 26.37
C5 FUC Y . 41.96 42.13 25.02
C6 FUC Y . 41.09 43.28 24.56
O2 FUC Y . 43.32 38.80 27.20
O3 FUC Y . 44.13 41.41 28.02
O4 FUC Y . 41.68 42.70 27.37
O5 FUC Y . 41.11 40.94 25.14
C1 NAG Z . 39.02 13.26 -16.82
C2 NAG Z . 40.15 13.34 -17.89
C3 NAG Z . 40.20 14.78 -18.45
C4 NAG Z . 38.82 15.11 -19.06
C5 NAG Z . 37.77 14.98 -17.96
C6 NAG Z . 36.37 15.27 -18.48
C7 NAG Z . 41.93 11.82 -17.35
C8 NAG Z . 43.24 11.47 -16.72
N2 NAG Z . 41.44 13.05 -17.27
O3 NAG Z . 41.22 14.88 -19.44
O4 NAG Z . 38.86 16.44 -19.59
O5 NAG Z . 37.76 13.62 -17.41
O6 NAG Z . 36.10 14.55 -19.67
O7 NAG Z . 41.29 10.95 -17.97
C1 NAG Z . 38.21 16.55 -20.92
C2 NAG Z . 38.35 18.00 -21.46
C3 NAG Z . 37.59 18.07 -22.80
C4 NAG Z . 38.17 17.03 -23.78
C5 NAG Z . 38.04 15.63 -23.14
C6 NAG Z . 38.61 14.54 -24.03
C7 NAG Z . 38.48 19.58 -19.63
C8 NAG Z . 37.85 20.53 -18.66
N2 NAG Z . 37.73 18.93 -20.51
O3 NAG Z . 37.73 19.38 -23.34
O4 NAG Z . 37.39 17.05 -24.99
O5 NAG Z . 38.74 15.59 -21.86
O6 NAG Z . 40.03 14.62 -24.11
O7 NAG Z . 39.71 19.41 -19.61
C1 BMA Z . 38.15 17.55 -26.17
C2 BMA Z . 37.42 17.11 -27.47
C3 BMA Z . 38.25 17.61 -28.68
C4 BMA Z . 38.39 19.14 -28.60
C5 BMA Z . 39.08 19.51 -27.27
C6 BMA Z . 39.19 21.02 -27.10
O2 BMA Z . 36.11 17.65 -27.51
O3 BMA Z . 37.59 17.23 -29.90
O4 BMA Z . 39.15 19.60 -29.71
O5 BMA Z . 38.30 18.99 -26.14
O6 BMA Z . 40.20 21.36 -26.15
C1 FUC Z . 34.76 13.90 -19.64
C2 FUC Z . 34.36 13.48 -21.08
C3 FUC Z . 35.35 12.41 -21.56
C4 FUC Z . 35.32 11.22 -20.58
C5 FUC Z . 35.70 11.73 -19.18
C6 FUC Z . 35.69 10.63 -18.14
O2 FUC Z . 34.41 14.61 -21.96
O3 FUC Z . 34.98 11.98 -22.88
O4 FUC Z . 34.01 10.64 -20.56
O5 FUC Z . 34.77 12.78 -18.76
C1 NAG AA . -72.65 23.76 -17.14
C2 NAG AA . -73.96 23.89 -17.98
C3 NAG AA . -74.49 22.47 -18.24
C4 NAG AA . -73.42 21.66 -19.01
C5 NAG AA . -72.14 21.62 -18.15
C6 NAG AA . -71.02 20.87 -18.84
C7 NAG AA . -75.15 25.92 -17.43
C8 NAG AA . -76.14 26.69 -16.62
N2 NAG AA . -74.94 24.63 -17.18
O3 NAG AA . -75.69 22.55 -19.02
O4 NAG AA . -73.90 20.31 -19.19
O5 NAG AA . -71.68 22.98 -17.87
O6 NAG AA . -69.83 20.86 -18.05
O7 NAG AA . -74.52 26.49 -18.33
C1 NAG AA . -73.80 19.85 -20.62
C2 NAG AA . -73.95 18.31 -20.66
C3 NAG AA . -73.80 17.86 -22.13
C4 NAG AA . -74.87 18.57 -22.97
C5 NAG AA . -74.68 20.10 -22.85
C6 NAG AA . -75.74 20.85 -23.63
C7 NAG AA . -73.18 16.99 -18.77
C8 NAG AA . -72.09 16.37 -17.95
N2 NAG AA . -72.89 17.70 -19.86
O3 NAG AA . -73.97 16.45 -22.22
O4 NAG AA . -74.73 18.17 -24.34
O5 NAG AA . -74.78 20.50 -21.44
O6 NAG AA . -75.37 22.22 -23.81
O7 NAG AA . -74.36 16.85 -18.42
C1 NAG BA . -70.62 2.29 -12.91
C2 NAG BA . -71.92 1.56 -13.39
C3 NAG BA . -71.51 0.23 -14.05
C4 NAG BA . -70.56 0.51 -15.24
C5 NAG BA . -69.32 1.27 -14.70
C6 NAG BA . -68.38 1.67 -15.82
C7 NAG BA . -73.91 1.97 -12.08
C8 NAG BA . -74.78 1.69 -10.90
N2 NAG BA . -72.78 1.30 -12.24
O3 NAG BA . -72.68 -0.46 -14.50
O4 NAG BA . -70.15 -0.73 -15.81
O5 NAG BA . -69.75 2.50 -14.03
O6 NAG BA . -67.19 2.23 -15.31
O7 NAG BA . -74.25 2.83 -12.90
C1 NAG BA . -70.44 -0.83 -17.27
C2 NAG BA . -69.50 -1.89 -17.93
C3 NAG BA . -69.82 -1.95 -19.43
C4 NAG BA . -71.31 -2.30 -19.62
C5 NAG BA . -72.18 -1.22 -18.93
C6 NAG BA . -73.66 -1.54 -19.03
C7 NAG BA . -67.36 -2.00 -16.78
C8 NAG BA . -65.94 -1.57 -16.60
N2 NAG BA . -68.10 -1.48 -17.75
O3 NAG BA . -69.00 -2.94 -20.06
O4 NAG BA . -71.61 -2.34 -21.01
O5 NAG BA . -71.82 -1.16 -17.51
O6 NAG BA . -74.45 -0.40 -18.75
O7 NAG BA . -67.86 -2.83 -16.00
C1 NAG CA . -9.84 -35.92 -68.32
C2 NAG CA . -9.36 -36.54 -66.97
C3 NAG CA . -7.96 -35.96 -66.63
C4 NAG CA . -6.99 -36.29 -67.77
C5 NAG CA . -7.55 -35.71 -69.09
C6 NAG CA . -6.67 -36.04 -70.27
C7 NAG CA . -10.84 -37.06 -65.12
C8 NAG CA . -11.81 -36.65 -64.05
N2 NAG CA . -10.31 -36.15 -65.92
O3 NAG CA . -7.50 -36.54 -65.41
O4 NAG CA . -5.72 -35.67 -67.49
O5 NAG CA . -8.89 -36.23 -69.36
O6 NAG CA . -6.49 -37.44 -70.43
O7 NAG CA . -10.54 -38.25 -65.24
C1 NAG CA . -4.61 -36.64 -67.28
C2 NAG CA . -3.25 -35.91 -67.43
C3 NAG CA . -2.13 -36.94 -67.25
C4 NAG CA . -2.26 -37.58 -65.85
C5 NAG CA . -3.65 -38.26 -65.74
C6 NAG CA . -3.86 -38.86 -64.36
C7 NAG CA . -3.24 -34.04 -68.98
C8 NAG CA . -3.16 -33.47 -70.37
N2 NAG CA . -3.18 -35.35 -68.79
O3 NAG CA . -0.86 -36.29 -67.37
O4 NAG CA . -1.23 -38.54 -65.67
O5 NAG CA . -4.70 -37.27 -65.98
O6 NAG CA . -4.99 -39.73 -64.35
O7 NAG CA . -3.35 -33.27 -68.02
C1 NAG DA . 8.88 -12.30 -61.92
C2 NAG DA . 10.27 -12.89 -62.35
C3 NAG DA . 11.29 -12.55 -61.26
C4 NAG DA . 11.37 -11.02 -61.10
C5 NAG DA . 9.97 -10.52 -60.72
C6 NAG DA . 9.95 -9.01 -60.56
C7 NAG DA . 9.84 -14.95 -63.62
C8 NAG DA . 10.96 -15.22 -64.57
N2 NAG DA . 10.18 -14.34 -62.48
O3 NAG DA . 12.58 -13.07 -61.64
O4 NAG DA . 12.30 -10.71 -60.08
O5 NAG DA . 9.00 -10.89 -61.74
O6 NAG DA . 10.38 -8.37 -61.75
O7 NAG DA . 8.68 -15.26 -63.86
C1 NAG DA . 13.36 -9.75 -60.53
C2 NAG DA . 14.27 -9.38 -59.32
C3 NAG DA . 15.32 -8.37 -59.81
C4 NAG DA . 16.13 -9.00 -60.96
C5 NAG DA . 15.16 -9.37 -62.10
C6 NAG DA . 15.88 -10.04 -63.25
C7 NAG DA . 13.51 -9.16 -57.02
C8 NAG DA . 12.66 -8.50 -55.97
N2 NAG DA . 13.44 -8.74 -58.29
O3 NAG DA . 16.19 -8.03 -58.72
O4 NAG DA . 17.10 -8.07 -61.43
O5 NAG DA . 14.14 -10.30 -61.60
O6 NAG DA . 15.06 -10.09 -64.42
O7 NAG DA . 14.28 -10.07 -56.71
C1 FUC DA . 9.61 -7.11 -61.98
C2 FUC DA . 10.28 -6.30 -63.13
C3 FUC DA . 10.13 -7.12 -64.42
C4 FUC DA . 8.64 -7.40 -64.69
C5 FUC DA . 8.06 -8.17 -63.48
C6 FUC DA . 6.59 -8.46 -63.63
O2 FUC DA . 11.65 -6.07 -62.84
O3 FUC DA . 10.70 -6.39 -65.52
O4 FUC DA . 7.94 -6.16 -64.88
O5 FUC DA . 8.24 -7.38 -62.26
C1 NAG EA . -11.08 -38.19 -23.29
C2 NAG EA . -12.28 -39.20 -23.34
C3 NAG EA . -12.96 -39.08 -24.72
C4 NAG EA . -13.44 -37.63 -24.91
C5 NAG EA . -12.23 -36.68 -24.81
C6 NAG EA . -12.64 -35.23 -24.94
C7 NAG EA . -11.83 -41.18 -22.01
C8 NAG EA . -11.30 -42.56 -21.85
N2 NAG EA . -11.75 -40.56 -23.19
O3 NAG EA . -14.08 -39.97 -24.78
O4 NAG EA . -14.05 -37.50 -26.18
O5 NAG EA . -11.56 -36.85 -23.52
O6 NAG EA . -11.57 -34.43 -25.42
O7 NAG EA . -12.33 -40.60 -21.04
C1 NAG FA . -40.05 -8.36 34.16
C2 NAG FA . -40.45 -6.85 34.02
C3 NAG FA . -40.89 -6.33 35.40
C4 NAG FA . -42.08 -7.17 35.89
C5 NAG FA . -41.64 -8.65 35.98
C6 NAG FA . -42.79 -9.55 36.43
C7 NAG FA . -39.12 -5.82 32.28
C8 NAG FA . -37.93 -5.05 31.80
N2 NAG FA . -39.28 -6.08 33.57
O3 NAG FA . -41.28 -4.95 35.29
O4 NAG FA . -42.48 -6.70 37.18
O5 NAG FA . -41.18 -9.11 34.67
O6 NAG FA . -42.30 -10.83 36.81
O7 NAG FA . -39.97 -6.21 31.45
C1 NAG GA . -39.42 -25.67 -1.39
C2 NAG GA . -40.29 -24.67 -2.22
C3 NAG GA . -41.55 -25.42 -2.71
C4 NAG GA . -41.12 -26.62 -3.56
C5 NAG GA . -40.23 -27.55 -2.70
C6 NAG GA . -39.73 -28.74 -3.50
C7 NAG GA . -40.00 -22.44 -1.34
C8 NAG GA . -40.38 -21.30 -0.45
N2 NAG GA . -40.70 -23.56 -1.36
O3 NAG GA . -42.36 -24.54 -3.50
O4 NAG GA . -42.27 -27.32 -4.01
O5 NAG GA . -39.06 -26.81 -2.21
O6 NAG GA . -39.16 -29.72 -2.66
O7 NAG GA . -39.00 -22.33 -2.07
C1 NAG HA . -56.11 -24.00 9.75
C2 NAG HA . -55.60 -25.30 10.47
C3 NAG HA . -55.35 -26.38 9.39
C4 NAG HA . -56.66 -26.63 8.62
C5 NAG HA . -57.13 -25.31 8.00
C6 NAG HA . -58.43 -25.47 7.22
C7 NAG HA . -54.30 -24.69 12.45
C8 NAG HA . -53.18 -25.33 13.23
N2 NAG HA . -54.36 -25.04 11.17
O3 NAG HA . -54.92 -27.59 10.03
O4 NAG HA . -56.43 -27.62 7.62
O5 NAG HA . -57.30 -24.29 9.00
O6 NAG HA . -58.70 -24.36 6.39
O7 NAG HA . -55.08 -23.92 12.97
C1 NAG IA . -83.88 6.04 -1.35
C2 NAG IA . -84.69 7.26 -1.91
C3 NAG IA . -86.18 6.86 -1.94
C4 NAG IA . -86.34 5.63 -2.84
C5 NAG IA . -85.48 4.47 -2.27
C6 NAG IA . -85.56 3.23 -3.13
C7 NAG IA . -83.59 9.32 -1.25
C8 NAG IA . -83.38 10.47 -0.31
N2 NAG IA . -84.51 8.40 -0.99
O3 NAG IA . -86.95 7.96 -2.47
O4 NAG IA . -87.72 5.25 -2.88
O5 NAG IA . -84.08 4.89 -2.19
O6 NAG IA . -85.15 2.08 -2.41
O7 NAG IA . -82.88 9.23 -2.27
C1 NAG JA . -78.42 2.25 12.82
C2 NAG JA . -77.55 1.90 14.09
C3 NAG JA . -76.64 0.71 13.75
C4 NAG JA . -77.50 -0.48 13.33
C5 NAG JA . -78.33 -0.08 12.09
C6 NAG JA . -79.25 -1.20 11.63
C7 NAG JA . -76.76 3.64 15.57
C8 NAG JA . -75.86 4.82 15.86
N2 NAG JA . -76.70 3.05 14.39
O3 NAG JA . -75.86 0.36 14.91
O4 NAG JA . -76.66 -1.59 13.01
O5 NAG JA . -79.16 1.08 12.42
O6 NAG JA . -79.74 -0.95 10.32
O7 NAG JA . -77.54 3.25 16.45
C1 NAG KA . -89.97 13.44 18.45
C2 NAG KA . -90.70 12.35 19.31
C3 NAG KA . -92.04 12.94 19.79
C4 NAG KA . -91.77 14.22 20.61
C5 NAG KA . -91.02 15.23 19.72
C6 NAG KA . -90.69 16.50 20.49
C7 NAG KA . -90.35 10.04 18.69
C8 NAG KA . -90.63 8.86 17.81
N2 NAG KA . -90.97 11.19 18.46
O3 NAG KA . -92.72 11.97 20.60
O4 NAG KA . -93.00 14.77 21.05
O5 NAG KA . -89.77 14.63 19.24
O6 NAG KA . -89.86 16.23 21.61
O7 NAG KA . -89.53 9.94 19.62
C1 NAG LA . -95.58 17.01 -0.93
C2 NAG LA . -95.66 15.69 -1.75
C3 NAG LA . -96.12 16.03 -3.18
C4 NAG LA . -97.50 16.73 -3.11
C5 NAG LA . -97.35 18.01 -2.25
C6 NAG LA . -98.68 18.73 -2.11
C7 NAG LA . -93.95 14.15 -0.97
C8 NAG LA . -92.59 13.55 -1.04
N2 NAG LA . -94.31 15.10 -1.82
O3 NAG LA . -96.24 14.82 -3.95
O4 NAG LA . -97.91 17.06 -4.42
O5 NAG LA . -96.88 17.66 -0.92
O6 NAG LA . -98.48 20.05 -1.61
O7 NAG LA . -94.75 13.74 -0.12
C1 NAG MA . 7.77 -34.71 47.32
C2 NAG MA . 8.45 -35.73 48.30
C3 NAG MA . 9.79 -35.14 48.78
C4 NAG MA . 10.69 -34.88 47.56
C5 NAG MA . 9.96 -33.91 46.61
C6 NAG MA . 10.79 -33.63 45.37
C7 NAG MA . 7.03 -37.09 49.74
C8 NAG MA . 6.16 -37.26 50.94
N2 NAG MA . 7.58 -35.90 49.48
O3 NAG MA . 10.44 -36.06 49.66
O4 NAG MA . 11.92 -34.30 47.99
O5 NAG MA . 8.67 -34.47 46.20
O6 NAG MA . 10.82 -34.76 44.50
O7 NAG MA . 7.25 -38.05 49.00
C1 NAG NA . -17.04 -4.89 45.00
C2 NAG NA . -17.66 -5.99 45.92
C3 NAG NA . -18.21 -5.31 47.18
C4 NAG NA . -17.06 -4.58 47.90
C5 NAG NA . -16.46 -3.53 46.93
C6 NAG NA . -15.27 -2.81 47.54
C7 NAG NA . -18.67 -7.89 44.80
C8 NAG NA . -19.80 -8.53 44.05
N2 NAG NA . -18.76 -6.63 45.19
O3 NAG NA . -18.77 -6.30 48.06
O4 NAG NA . -17.56 -3.94 49.07
O5 NAG NA . -15.98 -4.20 45.71
O6 NAG NA . -15.71 -1.77 48.41
O7 NAG NA . -17.65 -8.55 45.06
C1 NAG OA . 3.13 -34.75 18.68
C2 NAG OA . 3.21 -34.01 17.30
C3 NAG OA . 2.21 -34.68 16.34
C4 NAG OA . 2.58 -36.17 16.19
C5 NAG OA . 2.53 -36.83 17.60
C6 NAG OA . 2.93 -38.29 17.53
C7 NAG OA . 3.74 -31.65 17.56
C8 NAG OA . 3.34 -30.23 17.76
N2 NAG OA . 2.82 -32.61 17.49
O3 NAG OA . 2.28 -34.04 15.06
O4 NAG OA . 1.66 -36.80 15.32
O5 NAG OA . 3.45 -36.15 18.50
O6 NAG OA . 2.63 -38.96 18.75
O7 NAG OA . 4.94 -31.94 17.47
C1 NAG PA . 19.88 -38.09 27.01
C2 NAG PA . 20.08 -39.63 26.81
C3 NAG PA . 21.31 -39.85 25.89
C4 NAG PA . 21.07 -39.13 24.56
C5 NAG PA . 20.84 -37.62 24.83
C6 NAG PA . 20.54 -36.86 23.56
C7 NAG PA . 19.71 -41.36 28.47
C8 NAG PA . 20.00 -41.99 29.81
N2 NAG PA . 20.35 -40.25 28.12
O3 NAG PA . 21.50 -41.24 25.66
O4 NAG PA . 22.20 -39.31 23.72
O5 NAG PA . 19.70 -37.46 25.73
O6 NAG PA . 20.67 -35.46 23.76
O7 NAG PA . 18.88 -41.88 27.72
C1 NAG QA . -23.71 -37.85 26.27
C2 NAG QA . -22.98 -39.23 26.49
C3 NAG QA . -24.04 -40.29 26.82
C4 NAG QA . -24.82 -39.85 28.08
C5 NAG QA . -25.47 -38.48 27.81
C6 NAG QA . -26.20 -37.97 29.04
C7 NAG QA . -20.99 -39.33 25.12
C8 NAG QA . -20.25 -39.75 23.88
N2 NAG QA . -22.27 -39.63 25.28
O3 NAG QA . -23.41 -41.55 27.05
O4 NAG QA . -25.82 -40.82 28.38
O5 NAG QA . -24.45 -37.50 27.45
O6 NAG QA . -25.32 -37.83 30.15
O7 NAG QA . -20.38 -38.72 26.00
C1 NAG RA . 12.32 -5.28 44.09
C2 NAG RA . 12.09 -4.53 45.45
C3 NAG RA . 11.24 -5.43 46.37
C4 NAG RA . 9.91 -5.74 45.67
C5 NAG RA . 10.19 -6.44 44.33
C6 NAG RA . 8.92 -6.73 43.56
C7 NAG RA . 13.96 -3.10 45.99
C8 NAG RA . 15.29 -2.85 46.64
N2 NAG RA . 13.39 -4.29 46.08
O3 NAG RA . 11.00 -4.76 47.61
O4 NAG RA . 9.13 -6.59 46.51
O5 NAG RA . 11.04 -5.59 43.49
O6 NAG RA . 9.08 -7.84 42.68
O7 NAG RA . 13.41 -2.18 45.37
C1 NAG SA . -17.26 49.43 10.00
C2 NAG SA . -18.57 49.10 9.19
C3 NAG SA . -18.96 50.35 8.38
C4 NAG SA . -19.18 51.53 9.35
C5 NAG SA . -17.88 51.78 10.15
C6 NAG SA . -18.05 52.89 11.16
C7 NAG SA . -18.60 46.75 8.62
C8 NAG SA . -18.33 45.62 7.69
N2 NAG SA . -18.30 47.99 8.28
O3 NAG SA . -20.16 50.09 7.66
O4 NAG SA . -19.54 52.69 8.61
O5 NAG SA . -17.50 50.55 10.87
O6 NAG SA . -16.78 53.33 11.64
O7 NAG SA . -19.12 46.53 9.72
C1 NAG TA . -12.38 23.08 39.10
C2 NAG TA . -13.83 22.52 39.23
C3 NAG TA . -14.35 22.86 40.64
C4 NAG TA . -13.42 22.24 41.69
C5 NAG TA . -11.99 22.81 41.48
C6 NAG TA . -11.01 22.19 42.46
C7 NAG TA . -14.90 22.58 37.06
C8 NAG TA . -15.75 23.23 36.01
N2 NAG TA . -14.68 23.16 38.23
O3 NAG TA . -15.68 22.32 40.80
O4 NAG TA . -13.89 22.55 42.99
O5 NAG TA . -11.53 22.51 40.13
O6 NAG TA . -9.78 22.92 42.46
O7 NAG TA . -14.38 21.48 36.82
C1 NAG UA . -23.53 39.73 41.08
C2 NAG UA . -22.17 40.45 41.40
C3 NAG UA . -21.49 39.69 42.56
C4 NAG UA . -22.43 39.68 43.77
C5 NAG UA . -23.76 39.03 43.36
C6 NAG UA . -24.76 39.00 44.52
C7 NAG UA . -21.23 41.40 39.35
C8 NAG UA . -19.84 41.73 38.86
N2 NAG UA . -21.30 40.42 40.24
O3 NAG UA . -20.26 40.34 42.90
O4 NAG UA . -21.82 38.97 44.84
O5 NAG UA . -24.36 39.70 42.24
O6 NAG UA . -25.84 38.12 44.26
O7 NAG UA . -22.21 42.01 38.95
C1 NAG VA . -65.63 35.18 39.10
C2 NAG VA . -67.13 34.77 38.91
C3 NAG VA . -67.97 35.50 39.97
C4 NAG VA . -67.45 35.12 41.37
C5 NAG VA . -65.96 35.51 41.48
C6 NAG VA . -65.38 35.12 42.82
C7 NAG VA . -67.53 34.31 36.57
C8 NAG VA . -67.96 34.72 35.19
N2 NAG VA . -67.56 35.18 37.57
O3 NAG VA . -69.34 35.13 39.84
O4 NAG VA . -68.22 35.81 42.36
O5 NAG VA . -65.19 34.84 40.43
O6 NAG VA . -64.18 35.85 43.08
O7 NAG VA . -67.15 33.14 36.76
C1 NAG WA . -56.41 45.80 32.23
C2 NAG WA . -55.30 46.58 31.42
C3 NAG WA . -53.92 46.18 31.97
C4 NAG WA . -53.86 46.52 33.48
C5 NAG WA . -54.97 45.73 34.20
C6 NAG WA . -55.00 46.03 35.68
C7 NAG WA . -55.57 47.06 29.06
C8 NAG WA . -55.63 46.60 27.64
N2 NAG WA . -55.37 46.17 30.02
O3 NAG WA . -52.91 46.91 31.27
O4 NAG WA . -52.58 46.13 33.98
O5 NAG WA . -56.27 46.09 33.63
O6 NAG WA . -55.77 45.07 36.39
O7 NAG WA . -55.72 48.26 29.33
C1 NAG XA . -71.09 53.01 27.42
C2 NAG XA . -70.75 54.34 28.15
C3 NAG XA . -72.02 55.22 28.20
C4 NAG XA . -72.50 55.47 26.75
C5 NAG XA . -72.78 54.12 26.08
C6 NAG XA . -73.22 54.30 24.63
C7 NAG XA . -69.10 54.25 29.93
C8 NAG XA . -68.70 53.92 31.34
N2 NAG XA . -70.35 54.03 29.53
O3 NAG XA . -71.73 56.46 28.84
O4 NAG XA . -73.67 56.26 26.78
O5 NAG XA . -71.57 53.30 26.09
O6 NAG XA . -72.22 54.96 23.86
O7 NAG XA . -68.25 54.70 29.14
C1 NAG YA . -81.27 38.06 37.03
C2 NAG YA . -80.63 37.72 38.41
C3 NAG YA . -81.47 36.61 39.09
C4 NAG YA . -82.92 37.12 39.25
C5 NAG YA . -83.49 37.47 37.86
C6 NAG YA . -84.90 38.01 37.94
C7 NAG YA . -78.22 38.01 38.27
C8 NAG YA . -76.85 37.48 38.03
N2 NAG YA . -79.27 37.20 38.18
O3 NAG YA . -80.92 36.32 40.38
O4 NAG YA . -83.70 36.10 39.86
O5 NAG YA . -82.65 38.49 37.22
O6 NAG YA . -85.52 38.01 36.67
O7 NAG YA . -78.38 39.20 38.56
C1 NAG ZA . 37.51 45.75 -1.88
C2 NAG ZA . 38.86 46.55 -1.97
C3 NAG ZA . 39.55 46.21 -3.30
C4 NAG ZA . 39.81 44.69 -3.35
C5 NAG ZA . 38.46 43.96 -3.23
C6 NAG ZA . 38.64 42.45 -3.25
C7 NAG ZA . 38.99 48.76 -0.96
C8 NAG ZA . 38.69 50.22 -0.98
N2 NAG ZA . 38.57 47.99 -1.96
O3 NAG ZA . 40.80 46.90 -3.38
O4 NAG ZA . 40.41 44.36 -4.59
O5 NAG ZA . 37.79 44.33 -1.97
O6 NAG ZA . 39.23 41.97 -2.04
O7 NAG ZA . 39.64 48.27 -0.02
C1 NAG AB . -0.58 47.43 -9.41
C2 NAG AB . -0.14 48.79 -8.75
C3 NAG AB . -0.74 49.95 -9.56
C4 NAG AB . -0.23 49.85 -11.01
C5 NAG AB . -0.66 48.49 -11.59
C6 NAG AB . -0.15 48.29 -13.01
C7 NAG AB . 0.15 48.77 -6.33
C8 NAG AB . -0.40 48.79 -4.94
N2 NAG AB . -0.67 48.82 -7.38
O3 NAG AB . -0.34 51.19 -8.98
O4 NAG AB . -0.78 50.92 -11.77
O5 NAG AB . -0.12 47.40 -10.77
O6 NAG AB . -0.98 48.97 -13.95
O7 NAG AB . 1.38 48.69 -6.51
C1 NAG BB . 28.60 23.35 14.24
C2 NAG BB . 27.90 21.95 14.35
C3 NAG BB . 27.43 21.75 15.80
C4 NAG BB . 28.64 21.83 16.74
C5 NAG BB . 29.31 23.21 16.57
C6 NAG BB . 30.54 23.35 17.44
C7 NAG BB . 26.81 21.35 12.27
C8 NAG BB . 25.62 21.33 11.37
N2 NAG BB . 26.74 21.94 13.45
O3 NAG BB . 26.81 20.45 15.92
O4 NAG BB . 28.21 21.65 18.09
O5 NAG BB . 29.71 23.40 15.18
O6 NAG BB . 31.00 24.70 17.48
O7 NAG BB . 27.86 20.79 11.91
C1 NAG CB . 44.66 23.77 4.11
C2 NAG CB . 45.77 23.89 5.20
C3 NAG CB . 46.64 22.60 5.17
C4 NAG CB . 45.73 21.39 5.42
C5 NAG CB . 44.63 21.35 4.33
C6 NAG CB . 43.67 20.19 4.54
C7 NAG CB . 46.95 25.91 5.82
C8 NAG CB . 47.82 27.09 5.48
N2 NAG CB . 46.62 25.04 4.88
O3 NAG CB . 47.64 22.68 6.19
O4 NAG CB . 46.51 20.20 5.37
O5 NAG CB . 43.87 22.59 4.36
O6 NAG CB . 42.88 19.96 3.39
O7 NAG CB . 46.53 25.78 6.97
C1 NAG DB . 12.44 42.75 26.53
C2 NAG DB . 13.91 42.96 27.02
C3 NAG DB . 13.89 43.99 28.16
C4 NAG DB . 13.28 45.31 27.64
C5 NAG DB . 11.86 45.02 27.13
C6 NAG DB . 11.23 46.27 26.54
C7 NAG DB . 15.17 40.91 26.73
C8 NAG DB . 15.75 39.62 27.26
N2 NAG DB . 14.46 41.70 27.52
O3 NAG DB . 15.22 44.22 28.63
O4 NAG DB . 13.23 46.26 28.70
O5 NAG DB . 11.90 44.00 26.08
O6 NAG DB . 11.99 46.79 25.46
O7 NAG DB . 15.39 41.23 25.56
C1 NAG EB . 21.01 33.52 -23.65
C2 NAG EB . 20.61 34.59 -24.73
C3 NAG EB . 20.75 35.99 -24.09
C4 NAG EB . 19.85 36.07 -22.85
C5 NAG EB . 20.25 34.97 -21.86
C6 NAG EB . 19.36 34.95 -20.63
C7 NAG EB . 21.14 33.84 -26.97
C8 NAG EB . 22.08 33.72 -28.14
N2 NAG EB . 21.53 34.48 -25.87
O3 NAG EB . 20.37 36.98 -25.06
O4 NAG EB . 19.99 37.34 -22.25
O5 NAG EB . 20.15 33.65 -22.50
O6 NAG EB . 20.03 34.40 -19.51
O7 NAG EB . 20.03 33.33 -27.04
C1 NAG FB . -42.98 3.86 -31.29
C2 NAG FB . -43.88 3.85 -30.00
C3 NAG FB . -45.14 3.01 -30.31
C4 NAG FB . -45.88 3.65 -31.50
C5 NAG FB . -44.93 3.68 -32.72
C6 NAG FB . -45.60 4.33 -33.92
C7 NAG FB . -42.48 3.97 -28.03
C8 NAG FB . -41.71 3.33 -26.91
N2 NAG FB . -43.14 3.22 -28.92
O3 NAG FB . -45.99 3.01 -29.16
O4 NAG FB . -47.04 2.89 -31.79
O5 NAG FB . -43.72 4.43 -32.40
O6 NAG FB . -44.86 4.06 -35.11
O7 NAG FB . -42.50 5.20 -28.14
C1 NAG GB . -16.57 33.21 -28.93
C2 NAG GB . -17.23 34.13 -27.85
C3 NAG GB . -17.57 35.49 -28.49
C4 NAG GB . -16.28 36.11 -29.03
C5 NAG GB . -15.64 35.16 -30.06
C6 NAG GB . -14.34 35.70 -30.60
C7 NAG GB . -18.47 32.74 -26.30
C8 NAG GB . -19.73 32.07 -25.83
N2 NAG GB . -18.47 33.49 -27.39
O3 NAG GB . -18.16 36.35 -27.52
O4 NAG GB . -16.58 37.36 -29.65
O5 NAG GB . -15.38 33.86 -29.44
O6 NAG GB . -13.91 34.96 -31.74
O7 NAG GB . -17.43 32.57 -25.66
C1 NAG HB . -35.22 35.74 -36.08
C2 NAG HB . -34.63 35.23 -37.44
C3 NAG HB . -33.42 36.09 -37.80
C4 NAG HB . -33.86 37.57 -37.90
C5 NAG HB . -34.49 37.97 -36.56
C6 NAG HB . -34.98 39.43 -36.58
C7 NAG HB . -34.96 32.80 -37.62
C8 NAG HB . -34.25 31.68 -38.32
N2 NAG HB . -34.20 33.84 -37.30
O3 NAG HB . -32.88 35.67 -39.05
O4 NAG HB . -32.74 38.38 -38.21
O5 NAG HB . -35.59 37.12 -36.20
O6 NAG HB . -35.25 39.91 -35.27
O7 NAG HB . -36.15 32.75 -37.36
C1 NAG IB . -63.46 54.20 -10.42
C2 NAG IB . -64.33 54.82 -9.27
C3 NAG IB . -65.22 55.92 -9.87
C4 NAG IB . -64.31 56.99 -10.53
C5 NAG IB . -63.46 56.31 -11.63
C6 NAG IB . -62.52 57.29 -12.30
C7 NAG IB . -64.78 53.12 -7.60
C8 NAG IB . -65.62 52.02 -7.03
N2 NAG IB . -65.17 53.76 -8.70
O3 NAG IB . -66.00 56.52 -8.84
O4 NAG IB . -65.13 58.00 -11.10
O5 NAG IB . -62.66 55.24 -11.04
O6 NAG IB . -62.07 56.78 -13.54
O7 NAG IB . -63.70 53.40 -7.06
C1 NAG JB . -64.98 41.47 -19.40
C2 NAG JB . -64.83 40.09 -20.14
C3 NAG JB . -63.45 40.04 -20.82
C4 NAG JB . -63.33 41.22 -21.82
C5 NAG JB . -63.49 42.53 -21.03
C6 NAG JB . -63.43 43.74 -21.94
C7 NAG JB . -65.79 38.07 -19.20
C8 NAG JB . -65.81 37.00 -18.16
N2 NAG JB . -64.88 39.02 -19.14
O3 NAG JB . -63.32 38.80 -21.52
O4 NAG JB . -62.05 41.16 -22.44
O5 NAG JB . -64.79 42.54 -20.36
O6 NAG JB . -63.23 44.94 -21.20
O7 NAG JB . -66.63 38.06 -20.12
C1 NAG KB . -81.36 42.17 -14.75
C2 NAG KB . -81.84 42.30 -16.24
C3 NAG KB . -83.33 42.69 -16.24
C4 NAG KB . -84.13 41.60 -15.48
C5 NAG KB . -83.58 41.50 -14.04
C6 NAG KB . -84.30 40.42 -13.26
C7 NAG KB . -80.22 43.11 -17.86
C8 NAG KB . -79.45 44.21 -18.50
N2 NAG KB . -81.08 43.38 -16.89
O3 NAG KB . -83.81 42.80 -17.58
O4 NAG KB . -85.50 41.96 -15.46
O5 NAG KB . -82.16 41.18 -14.08
O6 NAG KB . -84.15 39.14 -13.86
O7 NAG KB . -80.05 41.94 -18.24
C1 NAG LB . -77.20 58.76 -3.50
C2 NAG LB . -76.24 59.75 -4.24
C3 NAG LB . -76.00 60.98 -3.35
C4 NAG LB . -77.36 61.65 -3.06
C5 NAG LB . -78.27 60.62 -2.34
C6 NAG LB . -79.64 61.20 -2.06
C7 NAG LB . -74.69 58.47 -5.62
C8 NAG LB . -73.39 57.77 -5.83
N2 NAG LB . -74.95 59.07 -4.46
O3 NAG LB . -75.16 61.91 -4.05
O4 NAG LB . -77.15 62.78 -2.22
O5 NAG LB . -78.45 59.44 -3.19
O6 NAG LB . -80.35 60.39 -1.12
O7 NAG LB . -75.53 58.48 -6.53
C1 NAG MB . -2.76 -30.10 -50.89
C2 NAG MB . -2.32 -30.99 -52.11
C3 NAG MB . -1.84 -32.35 -51.57
C4 NAG MB . -0.68 -32.13 -50.60
C5 NAG MB . -1.16 -31.22 -49.45
C6 NAG MB . -0.05 -30.94 -48.46
C7 NAG MB . -3.47 -30.74 -54.23
C8 NAG MB . -4.64 -30.98 -55.12
N2 NAG MB . -3.47 -31.21 -53.00
O3 NAG MB . -1.40 -33.17 -52.67
O4 NAG MB . -0.26 -33.38 -50.07
O5 NAG MB . -1.65 -29.94 -49.99
O6 NAG MB . 0.93 -30.06 -49.00
O7 NAG MB . -2.49 -30.10 -54.66
C1 NAG NB . -33.21 -19.77 -29.07
C2 NAG NB . -33.65 -19.74 -30.57
C3 NAG NB . -35.00 -20.46 -30.71
C4 NAG NB . -34.84 -21.91 -30.19
C5 NAG NB . -34.38 -21.87 -28.72
C6 NAG NB . -34.15 -23.26 -28.17
C7 NAG NB . -32.96 -17.81 -31.86
C8 NAG NB . -33.10 -16.37 -32.27
N2 NAG NB . -33.79 -18.34 -30.98
O3 NAG NB . -35.41 -20.47 -32.08
O4 NAG NB . -36.10 -22.58 -30.31
O5 NAG NB . -33.12 -21.14 -28.62
O6 NAG NB . -35.39 -23.86 -27.78
O7 NAG NB . -32.04 -18.48 -32.35
C1 NAG OB . 8.45 -6.62 -38.10
C2 NAG OB . 8.88 -5.87 -36.78
C3 NAG OB . 8.94 -4.35 -37.09
C4 NAG OB . 9.96 -4.12 -38.22
C5 NAG OB . 9.51 -4.91 -39.47
C6 NAG OB . 10.49 -4.76 -40.62
C7 NAG OB . 8.07 -6.99 -34.79
C8 NAG OB . 7.04 -7.23 -33.75
N2 NAG OB . 7.86 -6.10 -35.76
O3 NAG OB . 9.36 -3.65 -35.92
O4 NAG OB . 10.02 -2.73 -38.53
O5 NAG OB . 9.42 -6.33 -39.13
O6 NAG OB . 9.95 -5.27 -41.82
O7 NAG OB . 9.13 -7.63 -34.77
C1 NAG PB . 17.98 -22.65 -41.72
C2 NAG PB . 18.93 -22.25 -42.89
C3 NAG PB . 20.39 -22.34 -42.40
C4 NAG PB . 20.57 -21.40 -41.19
C5 NAG PB . 19.58 -21.84 -40.07
C6 NAG PB . 19.67 -20.92 -38.87
C7 NAG PB . 18.58 -22.76 -45.24
C8 NAG PB . 18.40 -23.73 -46.36
N2 NAG PB . 18.73 -23.20 -43.99
O3 NAG PB . 21.27 -21.94 -43.45
O4 NAG PB . 21.91 -21.50 -40.71
O5 NAG PB . 18.22 -21.78 -40.59
O6 NAG PB . 19.03 -21.50 -37.74
O7 NAG PB . 18.60 -21.54 -45.48
C1 NAG QB . -13.67 6.29 -49.58
C2 NAG QB . -12.63 5.99 -50.73
C3 NAG QB . -13.10 6.73 -52.01
C4 NAG QB . -14.51 6.22 -52.39
C5 NAG QB . -15.46 6.49 -51.21
C6 NAG QB . -16.85 5.96 -51.49
C7 NAG QB . -10.42 5.70 -49.78
C8 NAG QB . -9.07 6.21 -49.40
N2 NAG QB . -11.31 6.50 -50.35
O3 NAG QB . -12.18 6.46 -53.08
O4 NAG QB . -14.96 6.91 -53.54
O5 NAG QB . -14.97 5.83 -49.99
O6 NAG QB . -16.84 4.55 -51.73
O7 NAG QB . -10.71 4.51 -49.55
#